data_2KMN
#
_entry.id   2KMN
#
loop_
_entity.id
_entity.type
_entity.pdbx_description
1 polymer 'Peptide deformylase'
2 non-polymer 'ZINC ION'
3 non-polymer ACTINONIN
#
_entity_poly.entity_id   1
_entity_poly.type   'polypeptide(L)'
_entity_poly.pdbx_seq_one_letter_code
;SVLQVLHIPDERLRKVAKPVEEVNAEIQRIVDDMFETMYAEEGIGLAATQVDIHQRIIVIDVSENRDERLVLINPELLEK
SGETGIEEGCLSIPEQRALVPRAEKVKIRALDRDGKPFELEADGLLAICIQHEMDHLVGKLFMDYLS
;
_entity_poly.pdbx_strand_id   A
#
loop_
_chem_comp.id
_chem_comp.type
_chem_comp.name
_chem_comp.formula
BB2 non-polymer ACTINONIN 'C19 H35 N3 O5'
ZN non-polymer 'ZINC ION' 'Zn 2'
#
# COMPACT_ATOMS: atom_id res chain seq x y z
N SER A 1 -9.43 13.96 -7.86
CA SER A 1 -8.31 14.51 -7.04
C SER A 1 -7.11 13.56 -7.03
N VAL A 2 -6.83 12.97 -8.18
CA VAL A 2 -5.71 12.04 -8.32
C VAL A 2 -4.39 12.77 -8.56
N LEU A 3 -3.36 12.39 -7.83
CA LEU A 3 -2.06 13.01 -7.98
C LEU A 3 -1.34 12.41 -9.19
N GLN A 4 -0.01 12.32 -9.15
CA GLN A 4 0.74 11.76 -10.28
C GLN A 4 1.09 10.30 -10.02
N VAL A 5 0.37 9.40 -10.69
CA VAL A 5 0.58 7.98 -10.53
C VAL A 5 1.65 7.43 -11.47
N LEU A 6 2.64 6.76 -10.88
CA LEU A 6 3.74 6.17 -11.64
C LEU A 6 3.35 4.78 -12.14
N HIS A 7 3.82 4.40 -13.33
CA HIS A 7 3.48 3.10 -13.89
C HIS A 7 4.69 2.25 -14.22
N ILE A 8 4.54 0.95 -14.02
CA ILE A 8 5.59 -0.01 -14.32
C ILE A 8 5.83 -0.05 -15.84
N PRO A 9 7.10 0.00 -16.31
CA PRO A 9 8.29 0.10 -15.46
C PRO A 9 8.49 1.52 -14.94
N ASP A 10 8.96 1.60 -13.71
CA ASP A 10 9.22 2.89 -13.07
C ASP A 10 10.15 2.68 -11.89
N GLU A 11 11.24 3.43 -11.85
CA GLU A 11 12.20 3.28 -10.78
C GLU A 11 11.54 3.52 -9.43
N ARG A 12 10.76 4.59 -9.34
CA ARG A 12 10.07 4.90 -8.10
C ARG A 12 9.15 3.81 -7.61
N LEU A 13 8.58 2.96 -8.48
CA LEU A 13 7.73 1.88 -7.99
C LEU A 13 8.60 0.78 -7.45
N ARG A 14 9.78 0.68 -8.04
CA ARG A 14 10.78 -0.30 -7.65
C ARG A 14 11.74 0.35 -6.67
N LYS A 15 11.40 1.58 -6.23
CA LYS A 15 12.25 2.32 -5.30
C LYS A 15 11.87 2.01 -3.86
N VAL A 16 12.85 2.04 -2.98
CA VAL A 16 12.58 1.78 -1.59
C VAL A 16 12.06 3.05 -0.93
N ALA A 17 10.94 2.94 -0.24
CA ALA A 17 10.35 4.08 0.43
C ALA A 17 10.89 4.19 1.84
N LYS A 18 11.05 5.41 2.31
CA LYS A 18 11.56 5.62 3.66
C LYS A 18 10.42 6.10 4.57
N PRO A 19 10.24 5.48 5.75
CA PRO A 19 9.19 5.88 6.68
C PRO A 19 9.62 7.11 7.48
N VAL A 20 8.94 8.22 7.27
CA VAL A 20 9.32 9.48 7.92
C VAL A 20 9.08 9.47 9.41
N GLU A 21 10.00 10.16 10.07
CA GLU A 21 10.00 10.30 11.51
C GLU A 21 8.78 11.04 12.04
N GLU A 22 8.11 11.83 11.20
CA GLU A 22 6.95 12.58 11.66
C GLU A 22 6.05 12.96 10.49
N VAL A 23 4.73 12.96 10.72
CA VAL A 23 3.77 13.28 9.66
C VAL A 23 3.63 14.77 9.39
N ASN A 24 4.18 15.20 8.27
CA ASN A 24 4.14 16.61 7.88
C ASN A 24 2.94 16.92 6.99
N ALA A 25 2.50 18.18 7.02
CA ALA A 25 1.35 18.62 6.21
C ALA A 25 1.57 18.28 4.74
N GLU A 26 2.83 18.17 4.36
CA GLU A 26 3.18 17.79 3.00
C GLU A 26 2.89 16.31 2.84
N ILE A 27 3.28 15.56 3.87
CA ILE A 27 3.05 14.12 3.93
C ILE A 27 1.54 13.84 3.97
N GLN A 28 0.79 14.71 4.67
CA GLN A 28 -0.65 14.53 4.78
C GLN A 28 -1.31 14.71 3.43
N ARG A 29 -0.86 15.70 2.64
CA ARG A 29 -1.42 15.93 1.33
C ARG A 29 -1.17 14.70 0.46
N ILE A 30 0.01 14.11 0.63
CA ILE A 30 0.40 12.93 -0.12
C ILE A 30 -0.60 11.79 0.06
N VAL A 31 -0.95 11.47 1.31
CA VAL A 31 -1.91 10.41 1.59
C VAL A 31 -3.30 10.77 1.10
N ASP A 32 -3.69 12.02 1.35
CA ASP A 32 -4.99 12.50 0.97
C ASP A 32 -5.24 12.33 -0.52
N ASP A 33 -4.24 12.58 -1.31
CA ASP A 33 -4.32 12.38 -2.74
C ASP A 33 -4.19 10.90 -3.07
N MET A 34 -3.45 10.15 -2.23
CA MET A 34 -3.24 8.73 -2.47
C MET A 34 -4.57 8.01 -2.48
N PHE A 35 -5.45 8.31 -1.51
CA PHE A 35 -6.76 7.70 -1.49
C PHE A 35 -7.57 8.27 -2.64
N GLU A 36 -7.53 9.59 -2.78
CA GLU A 36 -8.26 10.28 -3.83
C GLU A 36 -7.95 9.62 -5.18
N THR A 37 -6.68 9.31 -5.36
CA THR A 37 -6.31 8.63 -6.59
C THR A 37 -6.88 7.21 -6.55
N MET A 38 -6.42 6.43 -5.57
CA MET A 38 -6.70 5.03 -5.47
C MET A 38 -8.12 4.76 -5.70
N TYR A 39 -8.94 5.60 -5.16
CA TYR A 39 -10.39 5.45 -5.38
C TYR A 39 -10.74 5.77 -6.80
N ALA A 40 -10.13 6.83 -7.30
CA ALA A 40 -10.35 7.26 -8.67
C ALA A 40 -9.92 6.16 -9.62
N GLU A 41 -9.01 5.32 -9.11
CA GLU A 41 -8.52 4.17 -9.86
C GLU A 41 -9.41 3.00 -9.56
N GLU A 42 -10.27 3.17 -8.55
CA GLU A 42 -11.15 2.14 -8.07
C GLU A 42 -10.34 0.98 -7.51
N GLY A 43 -9.12 1.32 -7.07
CA GLY A 43 -8.21 0.37 -6.47
C GLY A 43 -8.56 0.14 -5.01
N ILE A 44 -8.40 -1.09 -4.51
CA ILE A 44 -8.74 -1.39 -3.13
C ILE A 44 -7.65 -0.93 -2.15
N GLY A 45 -6.59 -0.33 -2.70
CA GLY A 45 -5.47 0.13 -1.90
C GLY A 45 -4.39 0.74 -2.78
N LEU A 46 -3.76 1.83 -2.37
CA LEU A 46 -2.71 2.45 -3.17
C LEU A 46 -1.44 2.64 -2.33
N ALA A 47 -0.28 2.30 -2.87
CA ALA A 47 0.98 2.44 -2.12
C ALA A 47 1.79 3.66 -2.60
N ALA A 48 2.29 4.46 -1.65
CA ALA A 48 3.05 5.69 -1.92
C ALA A 48 3.82 5.73 -3.24
N THR A 49 4.70 4.77 -3.46
CA THR A 49 5.51 4.71 -4.65
C THR A 49 4.68 4.76 -5.92
N GLN A 50 3.53 4.15 -5.82
CA GLN A 50 2.61 4.07 -6.93
C GLN A 50 2.15 5.45 -7.34
N VAL A 51 1.91 6.30 -6.35
CA VAL A 51 1.46 7.65 -6.62
C VAL A 51 2.60 8.67 -6.72
N ASP A 52 3.82 8.17 -6.92
CA ASP A 52 5.00 9.01 -7.12
C ASP A 52 5.61 9.56 -5.83
N ILE A 53 5.41 8.90 -4.69
CA ILE A 53 6.03 9.41 -3.46
C ILE A 53 6.98 8.39 -2.88
N HIS A 54 8.28 8.69 -3.00
CA HIS A 54 9.33 7.80 -2.50
C HIS A 54 9.44 7.91 -0.98
N GLN A 55 8.33 7.57 -0.33
CA GLN A 55 8.21 7.57 1.12
C GLN A 55 7.25 6.45 1.48
N ARG A 56 7.60 5.60 2.45
CA ARG A 56 6.74 4.45 2.82
C ARG A 56 5.40 4.89 3.42
N ILE A 57 4.51 5.33 2.55
CA ILE A 57 3.18 5.76 2.92
C ILE A 57 2.16 4.85 2.24
N ILE A 58 1.27 4.24 3.01
CA ILE A 58 0.30 3.30 2.42
C ILE A 58 -1.14 3.70 2.71
N VAL A 59 -2.00 3.51 1.72
CA VAL A 59 -3.40 3.83 1.85
C VAL A 59 -4.20 2.59 1.46
N ILE A 60 -5.19 2.22 2.27
CA ILE A 60 -5.97 1.02 1.99
C ILE A 60 -7.42 1.34 1.69
N ASP A 61 -8.04 0.43 0.95
CA ASP A 61 -9.41 0.56 0.50
C ASP A 61 -10.08 -0.81 0.47
N VAL A 62 -9.67 -1.68 1.38
CA VAL A 62 -10.23 -3.03 1.48
C VAL A 62 -11.43 -3.08 2.40
N SER A 63 -12.62 -3.22 1.80
CA SER A 63 -13.90 -3.25 2.54
C SER A 63 -13.94 -4.33 3.61
N GLU A 64 -13.10 -4.16 4.62
CA GLU A 64 -13.05 -5.08 5.76
C GLU A 64 -14.25 -4.85 6.69
N ASN A 65 -15.16 -4.00 6.25
CA ASN A 65 -16.36 -3.68 7.00
C ASN A 65 -17.41 -3.02 6.08
N ARG A 66 -18.09 -1.99 6.59
CA ARG A 66 -19.13 -1.31 5.83
C ARG A 66 -18.55 -0.38 4.77
N ASP A 67 -17.75 0.58 5.20
CA ASP A 67 -17.16 1.54 4.27
C ASP A 67 -15.63 1.43 4.22
N GLU A 68 -15.09 1.46 3.00
CA GLU A 68 -13.65 1.41 2.79
C GLU A 68 -13.03 2.77 3.04
N ARG A 69 -11.97 2.80 3.87
CA ARG A 69 -11.29 4.05 4.19
C ARG A 69 -10.12 3.81 5.15
N LEU A 70 -9.12 3.06 4.69
CA LEU A 70 -7.96 2.77 5.52
C LEU A 70 -6.76 3.60 5.11
N VAL A 71 -6.08 4.19 6.09
CA VAL A 71 -4.88 4.99 5.85
C VAL A 71 -3.80 4.64 6.86
N LEU A 72 -2.58 4.44 6.40
CA LEU A 72 -1.45 4.15 7.27
C LEU A 72 -0.21 4.88 6.76
N ILE A 73 0.61 5.40 7.67
CA ILE A 73 1.80 6.12 7.26
C ILE A 73 3.04 5.42 7.84
N ASN A 74 4.05 5.22 6.98
CA ASN A 74 5.31 4.57 7.39
C ASN A 74 5.09 3.20 8.06
N PRO A 75 4.11 2.38 7.61
CA PRO A 75 3.82 1.05 8.21
C PRO A 75 5.02 0.10 8.22
N GLU A 76 5.08 -0.76 9.24
CA GLU A 76 6.15 -1.74 9.36
C GLU A 76 5.54 -3.08 9.75
N LEU A 77 6.11 -4.17 9.24
CA LEU A 77 5.57 -5.50 9.55
C LEU A 77 6.02 -5.99 10.92
N LEU A 78 5.08 -6.60 11.64
CA LEU A 78 5.34 -7.12 12.97
C LEU A 78 5.25 -8.65 12.98
N GLU A 79 4.28 -9.19 12.25
CA GLU A 79 4.09 -10.64 12.19
C GLU A 79 3.29 -11.06 10.97
N LYS A 80 3.65 -12.22 10.43
CA LYS A 80 2.98 -12.78 9.28
C LYS A 80 2.80 -14.29 9.48
N SER A 81 1.74 -14.85 8.91
CA SER A 81 1.46 -16.28 9.05
C SER A 81 0.54 -16.79 7.95
N GLY A 82 0.71 -18.05 7.58
CA GLY A 82 -0.10 -18.64 6.52
C GLY A 82 0.35 -18.19 5.15
N GLU A 83 0.17 -19.04 4.16
CA GLU A 83 0.59 -18.70 2.81
C GLU A 83 -0.57 -18.64 1.83
N THR A 84 -0.81 -17.42 1.35
CA THR A 84 -1.84 -17.12 0.41
C THR A 84 -1.37 -16.70 -0.94
N GLY A 85 -2.30 -16.84 -1.86
CA GLY A 85 -2.07 -16.46 -3.23
C GLY A 85 -3.37 -16.03 -3.89
N ILE A 86 -3.44 -14.78 -4.34
CA ILE A 86 -4.66 -14.27 -4.97
C ILE A 86 -4.33 -13.24 -6.04
N GLU A 87 -5.04 -13.29 -7.15
CA GLU A 87 -4.75 -12.40 -8.27
C GLU A 87 -5.15 -10.96 -7.96
N GLU A 88 -4.25 -10.10 -8.36
CA GLU A 88 -4.40 -8.67 -8.15
C GLU A 88 -3.62 -7.85 -9.16
N GLY A 89 -3.97 -6.59 -9.31
CA GLY A 89 -3.26 -5.73 -10.24
C GLY A 89 -2.68 -4.56 -9.52
N CYS A 90 -1.76 -3.86 -10.16
CA CYS A 90 -1.10 -2.75 -9.53
C CYS A 90 -1.34 -1.45 -10.29
N LEU A 91 -1.57 -0.40 -9.52
CA LEU A 91 -1.82 0.94 -10.08
C LEU A 91 -0.73 1.28 -11.11
N SER A 92 0.44 0.69 -10.93
CA SER A 92 1.57 0.90 -11.83
C SER A 92 1.40 0.07 -13.10
N ILE A 93 0.86 -1.12 -12.95
CA ILE A 93 0.62 -2.02 -14.06
C ILE A 93 -0.72 -1.68 -14.71
N PRO A 94 -0.87 -1.92 -16.03
CA PRO A 94 -2.12 -1.61 -16.75
C PRO A 94 -3.28 -2.57 -16.42
N GLU A 95 -3.53 -2.80 -15.12
CA GLU A 95 -4.62 -3.67 -14.67
C GLU A 95 -4.30 -5.15 -14.90
N GLN A 96 -3.04 -5.45 -15.14
CA GLN A 96 -2.64 -6.82 -15.34
C GLN A 96 -2.53 -7.52 -13.99
N ARG A 97 -3.65 -8.10 -13.54
CA ARG A 97 -3.68 -8.78 -12.25
C ARG A 97 -3.20 -10.23 -12.35
N ALA A 98 -2.31 -10.58 -11.43
CA ALA A 98 -1.72 -11.90 -11.35
C ALA A 98 -1.73 -12.39 -9.91
N LEU A 99 -1.75 -13.71 -9.71
CA LEU A 99 -1.80 -14.26 -8.37
C LEU A 99 -0.44 -14.18 -7.69
N VAL A 100 -0.41 -13.40 -6.61
CA VAL A 100 0.83 -13.22 -5.84
C VAL A 100 0.77 -13.87 -4.46
N PRO A 101 1.85 -14.57 -4.04
CA PRO A 101 1.91 -15.23 -2.74
C PRO A 101 2.34 -14.27 -1.61
N ARG A 102 1.52 -14.23 -0.57
CA ARG A 102 1.76 -13.41 0.61
C ARG A 102 1.23 -14.14 1.83
N ALA A 103 1.58 -13.70 3.04
CA ALA A 103 1.12 -14.39 4.23
C ALA A 103 -0.38 -14.24 4.40
N GLU A 104 -1.00 -15.20 5.09
CA GLU A 104 -2.45 -15.23 5.25
C GLU A 104 -2.90 -14.15 6.23
N LYS A 105 -2.14 -13.98 7.31
CA LYS A 105 -2.45 -12.95 8.27
C LYS A 105 -1.15 -12.30 8.74
N VAL A 106 -1.21 -11.00 8.90
CA VAL A 106 -0.05 -10.21 9.32
C VAL A 106 -0.45 -8.96 10.11
N LYS A 107 0.28 -8.71 11.20
CA LYS A 107 0.02 -7.55 12.06
C LYS A 107 1.13 -6.52 11.85
N ILE A 108 0.75 -5.28 11.55
CA ILE A 108 1.74 -4.26 11.26
C ILE A 108 1.46 -2.91 11.95
N ARG A 109 2.54 -2.13 12.11
CA ARG A 109 2.45 -0.84 12.77
C ARG A 109 2.49 0.28 11.75
N ALA A 110 1.65 1.27 11.98
CA ALA A 110 1.50 2.40 11.06
C ALA A 110 0.85 3.57 11.76
N LEU A 111 0.84 4.72 11.11
CA LEU A 111 0.18 5.88 11.66
C LEU A 111 -0.93 6.30 10.73
N ASP A 112 -1.96 6.92 11.27
CA ASP A 112 -3.11 7.28 10.45
C ASP A 112 -2.89 8.61 9.75
N ARG A 113 -3.71 8.87 8.72
CA ARG A 113 -3.62 10.12 7.96
C ARG A 113 -3.70 11.33 8.88
N ASP A 114 -4.18 11.10 10.11
CA ASP A 114 -4.31 12.16 11.09
C ASP A 114 -2.97 12.45 11.75
N GLY A 115 -2.09 11.44 11.83
CA GLY A 115 -0.78 11.65 12.43
C GLY A 115 -0.62 10.96 13.77
N LYS A 116 -1.23 9.79 13.93
CA LYS A 116 -1.11 9.04 15.18
C LYS A 116 -0.68 7.59 14.91
N PRO A 117 0.61 7.24 15.15
CA PRO A 117 1.12 5.89 14.86
C PRO A 117 0.65 4.79 15.83
N PHE A 118 -0.11 3.85 15.28
CA PHE A 118 -0.67 2.74 16.05
C PHE A 118 -0.37 1.42 15.37
N GLU A 119 -0.58 0.32 16.09
CA GLU A 119 -0.32 -0.99 15.52
C GLU A 119 -1.64 -1.69 15.23
N LEU A 120 -1.78 -2.22 14.01
CA LEU A 120 -3.01 -2.89 13.62
C LEU A 120 -2.75 -4.29 13.08
N GLU A 121 -3.63 -5.21 13.44
CA GLU A 121 -3.52 -6.59 13.01
C GLU A 121 -4.34 -6.81 11.74
N ALA A 122 -3.69 -7.28 10.69
CA ALA A 122 -4.40 -7.51 9.43
C ALA A 122 -4.43 -8.99 9.06
N ASP A 123 -5.59 -9.46 8.63
CA ASP A 123 -5.78 -10.85 8.21
C ASP A 123 -6.40 -10.86 6.82
N GLY A 124 -6.37 -11.97 6.08
CA GLY A 124 -7.02 -11.97 4.78
C GLY A 124 -6.66 -10.83 3.86
N LEU A 125 -7.69 -10.34 3.18
CA LEU A 125 -7.54 -9.25 2.23
C LEU A 125 -6.88 -8.04 2.86
N LEU A 126 -7.07 -7.84 4.17
CA LEU A 126 -6.46 -6.70 4.84
C LEU A 126 -4.95 -6.94 4.96
N ALA A 127 -4.63 -8.10 5.52
CA ALA A 127 -3.26 -8.49 5.73
C ALA A 127 -2.50 -8.57 4.40
N ILE A 128 -3.16 -9.08 3.37
CA ILE A 128 -2.53 -9.19 2.06
C ILE A 128 -2.22 -7.83 1.45
N CYS A 129 -3.25 -6.99 1.34
CA CYS A 129 -3.09 -5.66 0.77
C CYS A 129 -2.10 -4.79 1.54
N ILE A 130 -2.27 -4.71 2.84
CA ILE A 130 -1.40 -3.89 3.67
C ILE A 130 0.06 -4.34 3.54
N GLN A 131 0.29 -5.65 3.58
CA GLN A 131 1.64 -6.17 3.42
C GLN A 131 2.15 -5.88 2.00
N HIS A 132 1.26 -5.98 1.03
CA HIS A 132 1.60 -5.71 -0.37
C HIS A 132 2.11 -4.27 -0.52
N GLU A 133 1.39 -3.31 0.05
CA GLU A 133 1.79 -1.90 -0.04
C GLU A 133 3.16 -1.71 0.59
N MET A 134 3.43 -2.42 1.68
CA MET A 134 4.73 -2.35 2.34
C MET A 134 5.81 -2.76 1.33
N ASP A 135 5.52 -3.82 0.63
CA ASP A 135 6.44 -4.33 -0.38
C ASP A 135 6.56 -3.37 -1.56
N HIS A 136 5.43 -2.92 -2.08
CA HIS A 136 5.39 -2.03 -3.22
C HIS A 136 6.16 -0.75 -2.95
N LEU A 137 5.83 -0.10 -1.85
CA LEU A 137 6.51 1.14 -1.53
C LEU A 137 8.00 0.92 -1.23
N VAL A 138 8.38 -0.28 -0.73
CA VAL A 138 9.81 -0.61 -0.52
C VAL A 138 10.44 -1.06 -1.86
N GLY A 139 9.80 -0.60 -2.92
CA GLY A 139 10.27 -0.82 -4.25
C GLY A 139 10.18 -2.24 -4.68
N LYS A 140 9.75 -3.10 -3.77
CA LYS A 140 9.62 -4.46 -4.14
C LYS A 140 8.23 -4.63 -4.71
N LEU A 141 8.10 -5.45 -5.73
CA LEU A 141 6.83 -5.65 -6.37
C LEU A 141 6.59 -7.14 -6.61
N PHE A 142 5.33 -7.56 -6.63
CA PHE A 142 4.97 -8.97 -6.83
C PHE A 142 5.59 -9.55 -8.10
N MET A 143 5.65 -8.75 -9.16
CA MET A 143 6.23 -9.19 -10.44
C MET A 143 7.63 -9.77 -10.24
N ASP A 144 8.28 -9.30 -9.18
CA ASP A 144 9.61 -9.74 -8.80
C ASP A 144 9.66 -11.25 -8.59
N TYR A 145 8.50 -11.86 -8.35
CA TYR A 145 8.44 -13.29 -8.10
C TYR A 145 7.53 -14.01 -9.09
N LEU A 146 7.00 -13.29 -10.08
CA LEU A 146 6.12 -13.89 -11.09
C LEU A 146 6.93 -14.50 -12.23
N SER A 147 6.44 -15.60 -12.78
CA SER A 147 7.11 -16.27 -13.89
C SER A 147 6.25 -17.41 -14.44
ZN ZN B . 0.60 -2.78 -6.23
C5 BB2 C . -2.58 -3.85 -5.72
C3 BB2 C . -1.67 -2.62 -5.75
O4 BB2 C . -1.53 -1.98 -6.80
N1 BB2 C . -1.05 -2.31 -4.63
O2 BB2 C . -0.17 -1.23 -4.65
C6 BB2 C . -3.85 -3.69 -4.82
C12 BB2 C . -5.03 -3.14 -5.59
O13 BB2 C . -5.93 -2.52 -5.00
C7 BB2 C . -3.65 -2.86 -3.56
C8 BB2 C . -4.04 -3.62 -2.30
C9 BB2 C . -4.60 -2.69 -1.23
C10 BB2 C . -3.53 -1.80 -0.63
C11 BB2 C . -4.05 -0.98 0.54
N14 BB2 C . -5.24 -3.72 -6.77
C15 BB2 C . -6.32 -3.26 -7.62
C16 BB2 C . -5.85 -2.13 -8.56
C18 BB2 C . -7.02 -1.49 -9.30
C17 BB2 C . -5.09 -1.07 -7.76
C19 BB2 C . -6.90 -4.40 -8.46
O20 BB2 C . -6.32 -4.69 -9.50
N21 BB2 C . -7.56 -5.39 -7.79
C22 BB2 C . -7.46 -5.55 -6.32
C23 BB2 C . -8.92 -5.76 -8.21
C24 BB2 C . -9.40 -6.64 -7.11
C25 BB2 C . -8.84 -6.03 -5.88
C26 BB2 C . -6.41 -6.64 -6.13
O27 BB2 C . -6.72 -7.78 -6.93
H51 BB2 C . -2.88 -4.06 -6.73
H52 BB2 C . -1.98 -4.67 -5.38
HN1 BB2 C . -1.19 -2.84 -3.82
HO2 BB2 C . 0.50 -1.34 -3.98
H6 BB2 C . -4.11 -4.70 -4.53
H71 BB2 C . -4.25 -1.97 -3.62
H72 BB2 C . -2.62 -2.58 -3.46
H81 BB2 C . -3.17 -4.12 -1.90
H82 BB2 C . -4.80 -4.35 -2.55
H91 BB2 C . -5.04 -3.28 -0.44
H92 BB2 C . -5.38 -2.08 -1.67
H101 BB2 C . -3.18 -1.11 -1.39
H102 BB2 C . -2.71 -2.40 -0.29
H111 BB2 C . -3.80 -1.48 1.46
H112 BB2 C . -5.12 -0.87 0.45
H113 BB2 C . -3.58 -0.01 0.52
H14 BB2 C . -4.55 -4.29 -7.15
H15 BB2 C . -7.09 -2.85 -6.98
H16 BB2 C . -5.17 -2.55 -9.29
H181 BB2 C . -6.92 -0.41 -9.27
H182 BB2 C . -7.94 -1.77 -8.81
H183 BB2 C . -7.02 -1.82 -10.32
H171 BB2 C . -4.03 -1.17 -7.95
H172 BB2 C . -5.28 -1.20 -6.72
H173 BB2 C . -5.42 -0.09 -8.07
H22 BB2 C . -7.17 -4.64 -5.82
H231 BB2 C . -9.54 -4.88 -8.28
H232 BB2 C . -8.91 -6.29 -9.15
H241 BB2 C . -10.48 -6.64 -7.06
H242 BB2 C . -9.02 -7.64 -7.22
H251 BB2 C . -9.43 -5.19 -5.56
H252 BB2 C . -8.75 -6.74 -5.08
H261 BB2 C . -5.45 -6.26 -6.44
H262 BB2 C . -6.37 -6.94 -5.09
H27 BB2 C . -6.23 -8.54 -6.62
N SER A 1 -9.11 14.33 -6.47
CA SER A 1 -8.00 14.72 -7.38
C SER A 1 -6.88 13.68 -7.35
N VAL A 2 -6.50 13.20 -8.52
CA VAL A 2 -5.44 12.20 -8.63
C VAL A 2 -4.07 12.87 -8.76
N LEU A 3 -3.10 12.37 -8.00
CA LEU A 3 -1.75 12.92 -8.06
C LEU A 3 -1.03 12.37 -9.29
N GLN A 4 0.27 12.11 -9.19
CA GLN A 4 1.00 11.57 -10.33
C GLN A 4 1.34 10.09 -10.11
N VAL A 5 0.60 9.23 -10.80
CA VAL A 5 0.79 7.79 -10.64
C VAL A 5 1.86 7.25 -11.60
N LEU A 6 2.85 6.59 -11.00
CA LEU A 6 3.94 5.99 -11.74
C LEU A 6 3.58 4.59 -12.20
N HIS A 7 3.92 4.25 -13.44
CA HIS A 7 3.60 2.92 -13.96
C HIS A 7 4.84 2.08 -14.16
N ILE A 8 4.68 0.77 -14.02
CA ILE A 8 5.75 -0.19 -14.21
C ILE A 8 6.36 -0.04 -15.62
N PRO A 9 7.68 -0.25 -15.79
CA PRO A 9 8.61 -0.60 -14.72
C PRO A 9 9.28 0.61 -14.08
N ASP A 10 8.47 1.58 -13.66
CA ASP A 10 8.97 2.80 -13.03
C ASP A 10 9.89 2.46 -11.86
N GLU A 11 11.03 3.15 -11.79
CA GLU A 11 12.01 2.91 -10.72
C GLU A 11 11.40 3.17 -9.35
N ARG A 12 10.68 4.27 -9.22
CA ARG A 12 10.04 4.63 -7.96
C ARG A 12 9.06 3.58 -7.46
N LEU A 13 8.50 2.72 -8.34
CA LEU A 13 7.61 1.68 -7.89
C LEU A 13 8.43 0.60 -7.21
N ARG A 14 9.63 0.45 -7.73
CA ARG A 14 10.58 -0.50 -7.22
C ARG A 14 11.58 0.19 -6.29
N LYS A 15 11.27 1.44 -5.94
CA LYS A 15 12.12 2.22 -5.06
C LYS A 15 11.76 1.95 -3.61
N VAL A 16 12.75 2.01 -2.74
CA VAL A 16 12.52 1.78 -1.33
C VAL A 16 12.00 3.06 -0.69
N ALA A 17 10.79 2.99 -0.16
CA ALA A 17 10.16 4.13 0.48
C ALA A 17 10.75 4.33 1.87
N LYS A 18 10.85 5.59 2.30
CA LYS A 18 11.37 5.89 3.62
C LYS A 18 10.22 6.26 4.57
N PRO A 19 10.12 5.61 5.75
CA PRO A 19 9.06 5.90 6.72
C PRO A 19 9.37 7.18 7.50
N VAL A 20 8.54 8.21 7.33
CA VAL A 20 8.80 9.50 7.93
C VAL A 20 8.68 9.48 9.44
N GLU A 21 9.55 10.28 10.04
CA GLU A 21 9.62 10.44 11.47
C GLU A 21 8.40 11.13 12.05
N GLU A 22 7.74 11.96 11.23
CA GLU A 22 6.58 12.70 11.72
C GLU A 22 5.63 13.06 10.57
N VAL A 23 4.33 13.06 10.85
CA VAL A 23 3.35 13.35 9.81
C VAL A 23 3.19 14.85 9.54
N ASN A 24 3.76 15.30 8.44
CA ASN A 24 3.72 16.72 8.08
C ASN A 24 2.54 17.04 7.16
N ALA A 25 2.10 18.30 7.17
CA ALA A 25 0.99 18.75 6.34
C ALA A 25 1.25 18.45 4.87
N GLU A 26 2.53 18.37 4.51
CA GLU A 26 2.92 18.03 3.16
C GLU A 26 2.70 16.53 2.98
N ILE A 27 3.06 15.81 4.04
CA ILE A 27 2.91 14.37 4.09
C ILE A 27 1.43 13.99 4.10
N GLN A 28 0.58 14.82 4.75
CA GLN A 28 -0.84 14.56 4.81
C GLN A 28 -1.48 14.77 3.45
N ARG A 29 -1.03 15.79 2.71
CA ARG A 29 -1.57 16.05 1.39
C ARG A 29 -1.25 14.88 0.47
N ILE A 30 -0.03 14.35 0.64
CA ILE A 30 0.43 13.21 -0.14
C ILE A 30 -0.51 12.02 0.01
N VAL A 31 -0.86 11.69 1.26
CA VAL A 31 -1.75 10.57 1.54
C VAL A 31 -3.16 10.88 1.05
N ASP A 32 -3.59 12.12 1.27
CA ASP A 32 -4.90 12.56 0.87
C ASP A 32 -5.17 12.32 -0.61
N ASP A 33 -4.19 12.63 -1.43
CA ASP A 33 -4.29 12.39 -2.85
C ASP A 33 -4.08 10.92 -3.16
N MET A 34 -3.30 10.22 -2.31
CA MET A 34 -3.01 8.82 -2.55
C MET A 34 -4.30 8.01 -2.57
N PHE A 35 -5.18 8.25 -1.60
CA PHE A 35 -6.46 7.58 -1.59
C PHE A 35 -7.30 8.12 -2.74
N GLU A 36 -7.30 9.44 -2.88
CA GLU A 36 -8.07 10.10 -3.94
C GLU A 36 -7.71 9.46 -5.28
N THR A 37 -6.43 9.16 -5.42
CA THR A 37 -6.00 8.50 -6.63
C THR A 37 -6.56 7.08 -6.62
N MET A 38 -6.13 6.30 -5.63
CA MET A 38 -6.40 4.88 -5.55
C MET A 38 -7.79 4.62 -5.86
N TYR A 39 -8.64 5.45 -5.36
CA TYR A 39 -10.08 5.29 -5.65
C TYR A 39 -10.36 5.63 -7.09
N ALA A 40 -9.74 6.69 -7.55
CA ALA A 40 -9.89 7.14 -8.93
C ALA A 40 -9.40 6.05 -9.86
N GLU A 41 -8.51 5.22 -9.34
CA GLU A 41 -7.98 4.09 -10.08
C GLU A 41 -8.89 2.90 -9.84
N GLU A 42 -9.78 3.05 -8.86
CA GLU A 42 -10.67 2.02 -8.43
C GLU A 42 -9.87 0.85 -7.84
N GLY A 43 -8.69 1.21 -7.33
CA GLY A 43 -7.80 0.26 -6.70
C GLY A 43 -8.20 0.01 -5.26
N ILE A 44 -8.06 -1.23 -4.79
CA ILE A 44 -8.44 -1.58 -3.44
C ILE A 44 -7.39 -1.17 -2.41
N GLY A 45 -6.31 -0.58 -2.89
CA GLY A 45 -5.22 -0.14 -2.03
C GLY A 45 -4.09 0.48 -2.84
N LEU A 46 -3.52 1.64 -2.42
CA LEU A 46 -2.46 2.26 -3.18
C LEU A 46 -1.20 2.50 -2.32
N ALA A 47 -0.03 2.15 -2.84
CA ALA A 47 1.22 2.36 -2.13
C ALA A 47 1.94 3.61 -2.63
N ALA A 48 2.39 4.45 -1.70
CA ALA A 48 3.08 5.72 -1.99
C ALA A 48 3.91 5.71 -3.28
N THR A 49 4.82 4.75 -3.40
CA THR A 49 5.70 4.65 -4.54
C THR A 49 4.92 4.65 -5.84
N GLN A 50 3.78 4.02 -5.79
CA GLN A 50 2.90 3.92 -6.95
C GLN A 50 2.42 5.29 -7.35
N VAL A 51 2.07 6.09 -6.36
CA VAL A 51 1.59 7.44 -6.61
C VAL A 51 2.73 8.45 -6.78
N ASP A 52 3.94 7.92 -7.02
CA ASP A 52 5.12 8.74 -7.28
C ASP A 52 5.66 9.41 -6.03
N ILE A 53 5.49 8.80 -4.86
CA ILE A 53 6.05 9.39 -3.66
C ILE A 53 7.01 8.42 -2.98
N HIS A 54 8.29 8.76 -3.05
CA HIS A 54 9.35 7.94 -2.47
C HIS A 54 9.39 8.11 -0.95
N GLN A 55 8.28 7.71 -0.34
CA GLN A 55 8.10 7.77 1.11
C GLN A 55 7.10 6.68 1.50
N ARG A 56 7.40 5.89 2.54
CA ARG A 56 6.54 4.78 2.97
C ARG A 56 5.14 5.20 3.45
N ILE A 57 4.33 5.67 2.52
CA ILE A 57 2.98 6.09 2.80
C ILE A 57 2.02 5.12 2.13
N ILE A 58 1.12 4.49 2.88
CA ILE A 58 0.22 3.50 2.28
C ILE A 58 -1.25 3.76 2.59
N VAL A 59 -2.10 3.48 1.61
CA VAL A 59 -3.54 3.64 1.74
C VAL A 59 -4.26 2.36 1.37
N ILE A 60 -5.26 1.98 2.13
CA ILE A 60 -5.98 0.74 1.86
C ILE A 60 -7.43 1.04 1.50
N ASP A 61 -7.99 0.14 0.69
CA ASP A 61 -9.36 0.28 0.20
C ASP A 61 -10.11 -1.06 0.29
N VAL A 62 -9.65 -1.92 1.20
CA VAL A 62 -10.27 -3.23 1.40
C VAL A 62 -11.30 -3.20 2.53
N SER A 63 -12.57 -3.39 2.18
CA SER A 63 -13.71 -3.34 3.11
C SER A 63 -13.43 -3.95 4.49
N GLU A 64 -12.79 -3.14 5.34
CA GLU A 64 -12.45 -3.54 6.71
C GLU A 64 -13.67 -3.59 7.63
N ASN A 65 -14.70 -2.83 7.27
CA ASN A 65 -15.96 -2.81 8.00
C ASN A 65 -17.02 -2.11 7.14
N ARG A 66 -17.89 -1.31 7.75
CA ARG A 66 -18.88 -0.56 6.98
C ARG A 66 -18.24 0.72 6.48
N ASP A 67 -16.98 0.60 6.08
CA ASP A 67 -16.20 1.72 5.56
C ASP A 67 -15.02 1.20 4.76
N GLU A 68 -14.89 1.68 3.53
CA GLU A 68 -13.81 1.24 2.66
C GLU A 68 -12.80 2.35 2.40
N ARG A 69 -12.17 2.82 3.47
CA ARG A 69 -11.21 3.89 3.35
C ARG A 69 -10.16 3.79 4.46
N LEU A 70 -9.04 3.17 4.13
CA LEU A 70 -7.95 2.98 5.08
C LEU A 70 -6.73 3.82 4.73
N VAL A 71 -6.12 4.42 5.75
CA VAL A 71 -4.92 5.22 5.57
C VAL A 71 -3.89 4.84 6.63
N LEU A 72 -2.66 4.62 6.20
CA LEU A 72 -1.57 4.30 7.11
C LEU A 72 -0.29 4.99 6.65
N ILE A 73 0.53 5.46 7.58
CA ILE A 73 1.77 6.13 7.24
C ILE A 73 2.96 5.40 7.86
N ASN A 74 4.02 5.24 7.06
CA ASN A 74 5.25 4.54 7.49
C ASN A 74 5.00 3.23 8.24
N PRO A 75 4.01 2.40 7.80
CA PRO A 75 3.70 1.10 8.46
C PRO A 75 4.90 0.17 8.53
N GLU A 76 4.94 -0.70 9.55
CA GLU A 76 6.01 -1.65 9.71
C GLU A 76 5.42 -3.02 10.07
N LEU A 77 6.03 -4.08 9.57
CA LEU A 77 5.53 -5.42 9.83
C LEU A 77 5.97 -5.94 11.20
N LEU A 78 5.01 -6.50 11.93
CA LEU A 78 5.26 -7.03 13.26
C LEU A 78 5.21 -8.56 13.27
N GLU A 79 4.20 -9.13 12.60
CA GLU A 79 4.06 -10.58 12.54
C GLU A 79 3.34 -11.02 11.26
N LYS A 80 3.73 -12.18 10.76
CA LYS A 80 3.14 -12.74 9.55
C LYS A 80 3.12 -14.27 9.63
N SER A 81 2.07 -14.88 9.07
CA SER A 81 1.94 -16.32 9.10
C SER A 81 0.98 -16.83 8.01
N GLY A 82 1.19 -18.06 7.55
CA GLY A 82 0.35 -18.61 6.51
C GLY A 82 0.75 -18.13 5.14
N GLU A 83 0.35 -18.84 4.08
CA GLU A 83 0.73 -18.41 2.73
C GLU A 83 -0.42 -18.51 1.73
N THR A 84 -0.85 -17.34 1.28
CA THR A 84 -1.89 -17.16 0.31
C THR A 84 -1.42 -16.78 -1.05
N GLY A 85 -2.32 -17.00 -1.98
CA GLY A 85 -2.08 -16.65 -3.36
C GLY A 85 -3.36 -16.21 -4.02
N ILE A 86 -3.43 -14.94 -4.44
CA ILE A 86 -4.63 -14.41 -5.07
C ILE A 86 -4.28 -13.35 -6.11
N GLU A 87 -4.96 -13.40 -7.25
CA GLU A 87 -4.66 -12.50 -8.34
C GLU A 87 -5.10 -11.07 -8.04
N GLU A 88 -4.20 -10.18 -8.41
CA GLU A 88 -4.37 -8.75 -8.21
C GLU A 88 -3.55 -7.96 -9.21
N GLY A 89 -3.89 -6.69 -9.39
CA GLY A 89 -3.14 -5.87 -10.32
C GLY A 89 -2.57 -4.70 -9.58
N CYS A 90 -1.60 -4.02 -10.17
CA CYS A 90 -0.98 -2.90 -9.50
C CYS A 90 -1.19 -1.62 -10.26
N LEU A 91 -1.43 -0.56 -9.50
CA LEU A 91 -1.65 0.78 -10.06
C LEU A 91 -0.60 1.11 -11.12
N SER A 92 0.57 0.49 -10.98
CA SER A 92 1.68 0.71 -11.91
C SER A 92 1.48 -0.11 -13.18
N ILE A 93 0.92 -1.30 -13.02
CA ILE A 93 0.66 -2.20 -14.14
C ILE A 93 -0.68 -1.85 -14.80
N PRO A 94 -0.82 -2.06 -16.12
CA PRO A 94 -2.06 -1.73 -16.83
C PRO A 94 -3.21 -2.70 -16.54
N GLU A 95 -3.49 -2.94 -15.25
CA GLU A 95 -4.58 -3.84 -14.84
C GLU A 95 -4.23 -5.31 -15.03
N GLN A 96 -2.95 -5.58 -15.24
CA GLN A 96 -2.51 -6.95 -15.41
C GLN A 96 -2.42 -7.62 -14.04
N ARG A 97 -3.53 -8.21 -13.60
CA ARG A 97 -3.57 -8.87 -12.30
C ARG A 97 -3.06 -10.31 -12.37
N ALA A 98 -2.18 -10.64 -11.42
CA ALA A 98 -1.57 -11.96 -11.32
C ALA A 98 -1.60 -12.41 -9.87
N LEU A 99 -1.55 -13.72 -9.63
CA LEU A 99 -1.62 -14.24 -8.28
C LEU A 99 -0.28 -14.07 -7.54
N VAL A 100 -0.32 -13.22 -6.51
CA VAL A 100 0.87 -12.95 -5.69
C VAL A 100 0.81 -13.66 -4.33
N PRO A 101 1.91 -14.33 -3.93
CA PRO A 101 1.96 -15.05 -2.65
C PRO A 101 2.35 -14.12 -1.49
N ARG A 102 1.54 -14.14 -0.44
CA ARG A 102 1.75 -13.36 0.76
C ARG A 102 1.30 -14.15 1.98
N ALA A 103 1.65 -13.72 3.18
CA ALA A 103 1.27 -14.44 4.38
C ALA A 103 -0.24 -14.33 4.60
N GLU A 104 -0.81 -15.31 5.32
CA GLU A 104 -2.25 -15.38 5.52
C GLU A 104 -2.71 -14.30 6.50
N LYS A 105 -1.96 -14.08 7.57
CA LYS A 105 -2.29 -13.05 8.51
C LYS A 105 -1.01 -12.34 8.97
N VAL A 106 -1.12 -11.03 9.11
CA VAL A 106 0.01 -10.19 9.50
C VAL A 106 -0.42 -9.00 10.34
N LYS A 107 0.33 -8.71 11.40
CA LYS A 107 0.03 -7.57 12.26
C LYS A 107 1.06 -6.49 12.02
N ILE A 108 0.60 -5.27 11.71
CA ILE A 108 1.54 -4.19 11.40
C ILE A 108 1.20 -2.85 12.05
N ARG A 109 2.24 -2.06 12.29
CA ARG A 109 2.11 -0.75 12.93
C ARG A 109 2.20 0.37 11.90
N ALA A 110 1.33 1.36 12.07
CA ALA A 110 1.25 2.48 11.15
C ALA A 110 0.58 3.66 11.79
N LEU A 111 0.65 4.82 11.14
CA LEU A 111 0.00 6.01 11.66
C LEU A 111 -1.07 6.43 10.67
N ASP A 112 -2.10 7.07 11.18
CA ASP A 112 -3.23 7.44 10.32
C ASP A 112 -2.98 8.78 9.63
N ARG A 113 -3.78 9.06 8.59
CA ARG A 113 -3.67 10.31 7.84
C ARG A 113 -3.70 11.52 8.77
N ASP A 114 -4.22 11.32 9.97
CA ASP A 114 -4.32 12.39 10.96
C ASP A 114 -2.99 12.64 11.65
N GLY A 115 -2.13 11.62 11.71
CA GLY A 115 -0.84 11.78 12.35
C GLY A 115 -0.74 11.12 13.71
N LYS A 116 -1.38 9.96 13.84
CA LYS A 116 -1.34 9.22 15.11
C LYS A 116 -0.93 7.76 14.86
N PRO A 117 0.35 7.40 15.15
CA PRO A 117 0.85 6.02 14.90
C PRO A 117 0.32 4.94 15.85
N PHE A 118 -0.44 4.02 15.29
CA PHE A 118 -1.05 2.93 16.04
C PHE A 118 -0.70 1.60 15.43
N GLU A 119 -0.96 0.51 16.16
CA GLU A 119 -0.66 -0.81 15.65
C GLU A 119 -1.95 -1.52 15.28
N LEU A 120 -1.98 -2.07 14.07
CA LEU A 120 -3.16 -2.76 13.59
C LEU A 120 -2.84 -4.16 13.12
N GLU A 121 -3.64 -5.12 13.54
CA GLU A 121 -3.45 -6.50 13.14
C GLU A 121 -4.34 -6.83 11.94
N ALA A 122 -3.73 -7.31 10.87
CA ALA A 122 -4.49 -7.63 9.66
C ALA A 122 -4.42 -9.12 9.32
N ASP A 123 -5.58 -9.67 8.94
CA ASP A 123 -5.68 -11.09 8.54
C ASP A 123 -6.38 -11.13 7.19
N GLY A 124 -6.31 -12.24 6.42
CA GLY A 124 -7.01 -12.27 5.15
C GLY A 124 -6.76 -11.12 4.23
N LEU A 125 -7.84 -10.65 3.61
CA LEU A 125 -7.78 -9.53 2.68
C LEU A 125 -7.10 -8.32 3.29
N LEU A 126 -7.25 -8.14 4.60
CA LEU A 126 -6.63 -7.01 5.28
C LEU A 126 -5.12 -7.23 5.34
N ALA A 127 -4.76 -8.38 5.86
CA ALA A 127 -3.38 -8.77 6.00
C ALA A 127 -2.66 -8.80 4.66
N ILE A 128 -3.34 -9.28 3.63
CA ILE A 128 -2.73 -9.38 2.31
C ILE A 128 -2.48 -8.00 1.68
N CYS A 129 -3.52 -7.19 1.56
CA CYS A 129 -3.37 -5.86 0.95
C CYS A 129 -2.34 -5.01 1.69
N ILE A 130 -2.49 -4.93 3.01
CA ILE A 130 -1.59 -4.13 3.82
C ILE A 130 -0.13 -4.61 3.66
N GLN A 131 0.08 -5.92 3.70
CA GLN A 131 1.42 -6.47 3.53
C GLN A 131 1.93 -6.22 2.10
N HIS A 132 1.04 -6.37 1.12
CA HIS A 132 1.40 -6.14 -0.28
C HIS A 132 1.94 -4.73 -0.45
N GLU A 133 1.22 -3.78 0.12
CA GLU A 133 1.61 -2.38 0.03
C GLU A 133 2.98 -2.14 0.68
N MET A 134 3.24 -2.80 1.81
CA MET A 134 4.54 -2.63 2.49
C MET A 134 5.69 -3.01 1.55
N ASP A 135 5.58 -4.18 0.95
CA ASP A 135 6.58 -4.64 0.02
C ASP A 135 6.60 -3.74 -1.20
N HIS A 136 5.43 -3.39 -1.75
CA HIS A 136 5.36 -2.54 -2.92
C HIS A 136 6.07 -1.22 -2.69
N LEU A 137 5.71 -0.56 -1.59
CA LEU A 137 6.31 0.74 -1.27
C LEU A 137 7.83 0.63 -1.13
N VAL A 138 8.33 -0.52 -0.66
CA VAL A 138 9.78 -0.73 -0.57
C VAL A 138 10.31 -1.25 -1.94
N GLY A 139 9.53 -0.94 -2.95
CA GLY A 139 9.84 -1.25 -4.32
C GLY A 139 10.10 -2.70 -4.53
N LYS A 140 9.35 -3.52 -3.84
CA LYS A 140 9.53 -4.92 -3.98
C LYS A 140 8.19 -5.64 -4.11
N LEU A 141 7.82 -6.10 -5.30
CA LEU A 141 6.57 -6.80 -5.48
C LEU A 141 6.83 -8.14 -6.17
N PHE A 142 6.01 -9.14 -5.87
CA PHE A 142 6.18 -10.47 -6.48
C PHE A 142 5.98 -10.41 -7.99
N MET A 143 5.05 -9.58 -8.43
CA MET A 143 4.74 -9.40 -9.84
C MET A 143 5.99 -9.03 -10.65
N ASP A 144 6.96 -8.43 -9.96
CA ASP A 144 8.20 -7.98 -10.59
C ASP A 144 8.85 -9.07 -11.43
N TYR A 145 8.57 -10.33 -11.12
CA TYR A 145 9.18 -11.43 -11.83
C TYR A 145 8.13 -12.41 -12.29
N LEU A 146 7.05 -11.89 -12.89
CA LEU A 146 5.98 -12.74 -13.40
C LEU A 146 6.23 -13.12 -14.87
N SER A 147 5.97 -14.37 -15.21
CA SER A 147 6.16 -14.85 -16.57
C SER A 147 5.12 -14.24 -17.51
ZN ZN B . 0.64 -3.11 -6.11
C5 BB2 C . -2.41 -4.08 -5.79
C3 BB2 C . -1.54 -2.84 -5.80
O4 BB2 C . -1.38 -2.19 -6.83
N1 BB2 C . -0.97 -2.50 -4.66
O2 BB2 C . -0.10 -1.42 -4.66
C6 BB2 C . -3.67 -4.00 -4.89
C12 BB2 C . -4.84 -3.35 -5.61
O13 BB2 C . -5.69 -2.72 -4.98
C7 BB2 C . -3.48 -3.29 -3.54
C8 BB2 C . -4.11 -4.06 -2.39
C9 BB2 C . -4.69 -3.14 -1.34
C10 BB2 C . -3.62 -2.53 -0.46
C11 BB2 C . -4.17 -1.51 0.51
N14 BB2 C . -5.11 -3.89 -6.79
C15 BB2 C . -6.17 -3.36 -7.62
C16 BB2 C . -5.65 -2.21 -8.51
C18 BB2 C . -6.80 -1.51 -9.24
C17 BB2 C . -4.86 -1.21 -7.69
C19 BB2 C . -6.79 -4.45 -8.50
O20 BB2 C . -6.21 -4.72 -9.56
N21 BB2 C . -7.48 -5.44 -7.88
C22 BB2 C . -7.44 -5.61 -6.41
C23 BB2 C . -8.83 -5.81 -8.36
C24 BB2 C . -9.42 -6.60 -7.23
C25 BB2 C . -8.88 -5.96 -6.01
C26 BB2 C . -6.49 -6.80 -6.21
O27 BB2 C . -6.92 -7.93 -6.95
H51 BB2 C . -2.71 -4.25 -6.81
H52 BB2 C . -1.79 -4.91 -5.49
HN1 BB2 C . -1.13 -3.02 -3.84
HO2 BB2 C . 0.19 -1.22 -5.55
H6 BB2 C . -3.95 -5.03 -4.70
H71 BB2 C . -3.92 -2.31 -3.58
H72 BB2 C . -2.42 -3.20 -3.35
H81 BB2 C . -3.36 -4.69 -1.93
H82 BB2 C . -4.91 -4.68 -2.78
H91 BB2 C . -5.38 -3.71 -0.72
H92 BB2 C . -5.24 -2.35 -1.83
H101 BB2 C . -2.90 -2.04 -1.08
H102 BB2 C . -3.14 -3.31 0.11
H111 BB2 C . -3.98 -1.82 1.52
H112 BB2 C . -5.24 -1.41 0.36
H113 BB2 C . -3.69 -0.55 0.34
H14 BB2 C . -4.44 -4.47 -7.20
H15 BB2 C . -6.94 -2.96 -6.97
H16 BB2 C . -4.98 -2.63 -9.26
H181 BB2 C . -6.63 -0.44 -9.25
H182 BB2 C . -7.73 -1.73 -8.73
H183 BB2 C . -6.85 -1.87 -10.26
H171 BB2 C . -3.81 -1.35 -7.87
H172 BB2 C . -5.08 -1.35 -6.65
H173 BB2 C . -5.15 -0.20 -7.98
H22 BB2 C . -7.08 -4.74 -5.90
H231 BB2 C . -9.42 -4.92 -8.54
H232 BB2 C . -8.77 -6.41 -9.24
H241 BB2 C . -10.50 -6.50 -7.23
H242 BB2 C . -9.12 -7.62 -7.28
H251 BB2 C . -9.41 -5.07 -5.76
H252 BB2 C . -8.87 -6.64 -5.17
H261 BB2 C . -5.50 -6.53 -6.53
H262 BB2 C . -6.46 -7.06 -5.15
H27 BB2 C . -6.32 -8.67 -6.79
N SER A 1 -8.91 14.39 -5.01
CA SER A 1 -8.15 14.64 -6.27
C SER A 1 -7.03 13.63 -6.46
N VAL A 2 -6.85 13.17 -7.69
CA VAL A 2 -5.82 12.18 -8.00
C VAL A 2 -4.48 12.89 -8.23
N LEU A 3 -3.42 12.39 -7.59
CA LEU A 3 -2.11 12.99 -7.75
C LEU A 3 -1.43 12.45 -9.01
N GLN A 4 -0.10 12.35 -9.01
CA GLN A 4 0.62 11.86 -10.19
C GLN A 4 1.05 10.41 -9.97
N VAL A 5 0.37 9.50 -10.66
CA VAL A 5 0.66 8.08 -10.54
C VAL A 5 1.72 7.65 -11.54
N LEU A 6 2.76 6.99 -11.03
CA LEU A 6 3.85 6.50 -11.84
C LEU A 6 3.49 5.14 -12.44
N HIS A 7 3.88 4.89 -13.67
CA HIS A 7 3.56 3.63 -14.33
C HIS A 7 4.80 2.80 -14.59
N ILE A 8 4.65 1.48 -14.49
CA ILE A 8 5.73 0.55 -14.75
C ILE A 8 6.31 0.77 -16.17
N PRO A 9 7.64 0.55 -16.35
CA PRO A 9 8.56 0.11 -15.31
C PRO A 9 9.27 1.25 -14.60
N ASP A 10 8.50 2.22 -14.11
CA ASP A 10 9.06 3.36 -13.40
C ASP A 10 9.92 2.90 -12.22
N GLU A 11 11.10 3.48 -12.09
CA GLU A 11 12.03 3.11 -11.02
C GLU A 11 11.39 3.32 -9.64
N ARG A 12 10.68 4.42 -9.48
CA ARG A 12 10.05 4.73 -8.21
C ARG A 12 9.08 3.67 -7.72
N LEU A 13 8.49 2.84 -8.59
CA LEU A 13 7.61 1.78 -8.12
C LEU A 13 8.45 0.67 -7.55
N ARG A 14 9.63 0.51 -8.16
CA ARG A 14 10.61 -0.47 -7.75
C ARG A 14 11.59 0.18 -6.77
N LYS A 15 11.28 1.40 -6.35
CA LYS A 15 12.12 2.14 -5.42
C LYS A 15 11.72 1.86 -3.98
N VAL A 16 12.70 1.90 -3.09
CA VAL A 16 12.42 1.66 -1.68
C VAL A 16 11.92 2.94 -1.02
N ALA A 17 10.76 2.86 -0.40
CA ALA A 17 10.16 4.00 0.27
C ALA A 17 10.78 4.18 1.65
N LYS A 18 10.87 5.42 2.12
CA LYS A 18 11.44 5.67 3.43
C LYS A 18 10.35 6.11 4.41
N PRO A 19 10.29 5.50 5.61
CA PRO A 19 9.29 5.88 6.62
C PRO A 19 9.70 7.14 7.36
N VAL A 20 8.95 8.21 7.18
CA VAL A 20 9.29 9.51 7.75
C VAL A 20 9.19 9.55 9.27
N GLU A 21 10.11 10.31 9.83
CA GLU A 21 10.19 10.50 11.26
C GLU A 21 8.95 11.15 11.84
N GLU A 22 8.23 11.95 11.04
CA GLU A 22 7.03 12.62 11.53
C GLU A 22 6.10 12.97 10.37
N VAL A 23 4.80 13.05 10.65
CA VAL A 23 3.83 13.34 9.59
C VAL A 23 3.74 14.83 9.26
N ASN A 24 4.34 15.19 8.14
CA ASN A 24 4.38 16.58 7.69
C ASN A 24 3.14 16.96 6.88
N ALA A 25 2.79 18.26 6.89
CA ALA A 25 1.64 18.77 6.15
C ALA A 25 1.75 18.37 4.67
N GLU A 26 2.99 18.30 4.21
CA GLU A 26 3.26 17.89 2.83
C GLU A 26 2.96 16.40 2.75
N ILE A 27 3.32 15.71 3.81
CA ILE A 27 3.11 14.28 3.95
C ILE A 27 1.62 13.96 4.01
N GLN A 28 0.85 14.82 4.69
CA GLN A 28 -0.59 14.63 4.83
C GLN A 28 -1.29 14.80 3.49
N ARG A 29 -0.85 15.79 2.70
CA ARG A 29 -1.45 16.00 1.40
C ARG A 29 -1.20 14.79 0.52
N ILE A 30 0.01 14.24 0.65
CA ILE A 30 0.42 13.08 -0.11
C ILE A 30 -0.55 11.91 0.10
N VAL A 31 -0.84 11.58 1.35
CA VAL A 31 -1.74 10.48 1.67
C VAL A 31 -3.17 10.78 1.21
N ASP A 32 -3.59 12.02 1.43
CA ASP A 32 -4.91 12.44 1.06
C ASP A 32 -5.21 12.23 -0.41
N ASP A 33 -4.25 12.55 -1.25
CA ASP A 33 -4.39 12.31 -2.67
C ASP A 33 -4.19 10.85 -2.99
N MET A 34 -3.37 10.14 -2.19
CA MET A 34 -3.10 8.74 -2.46
C MET A 34 -4.39 7.93 -2.44
N PHE A 35 -5.22 8.14 -1.42
CA PHE A 35 -6.50 7.46 -1.36
C PHE A 35 -7.40 8.02 -2.44
N GLU A 36 -7.41 9.35 -2.59
CA GLU A 36 -8.23 9.99 -3.60
C GLU A 36 -7.95 9.36 -4.95
N THR A 37 -6.67 9.12 -5.20
CA THR A 37 -6.30 8.48 -6.46
C THR A 37 -6.78 7.04 -6.43
N MET A 38 -6.27 6.25 -5.48
CA MET A 38 -6.49 4.83 -5.41
C MET A 38 -7.91 4.53 -5.60
N TYR A 39 -8.74 5.33 -5.01
CA TYR A 39 -10.20 5.15 -5.19
C TYR A 39 -10.60 5.51 -6.60
N ALA A 40 -10.01 6.58 -7.10
CA ALA A 40 -10.27 7.05 -8.44
C ALA A 40 -9.85 6.00 -9.44
N GLU A 41 -8.94 5.15 -8.98
CA GLU A 41 -8.45 4.03 -9.77
C GLU A 41 -9.34 2.84 -9.49
N GLU A 42 -10.16 2.97 -8.45
CA GLU A 42 -11.03 1.94 -7.98
C GLU A 42 -10.20 0.76 -7.48
N GLY A 43 -8.99 1.11 -7.01
CA GLY A 43 -8.06 0.16 -6.44
C GLY A 43 -8.36 -0.08 -4.98
N ILE A 44 -8.22 -1.32 -4.51
CA ILE A 44 -8.52 -1.63 -3.12
C ILE A 44 -7.37 -1.23 -2.19
N GLY A 45 -6.34 -0.63 -2.76
CA GLY A 45 -5.19 -0.21 -1.99
C GLY A 45 -4.10 0.40 -2.86
N LEU A 46 -3.52 1.56 -2.49
CA LEU A 46 -2.47 2.14 -3.30
C LEU A 46 -1.21 2.42 -2.47
N ALA A 47 -0.03 2.08 -2.99
CA ALA A 47 1.21 2.32 -2.28
C ALA A 47 1.89 3.61 -2.76
N ALA A 48 2.36 4.43 -1.80
CA ALA A 48 3.03 5.71 -2.07
C ALA A 48 3.82 5.76 -3.38
N THR A 49 4.74 4.82 -3.54
CA THR A 49 5.61 4.77 -4.71
C THR A 49 4.83 4.80 -6.01
N GLN A 50 3.69 4.15 -5.98
CA GLN A 50 2.82 4.08 -7.14
C GLN A 50 2.32 5.45 -7.50
N VAL A 51 1.97 6.23 -6.49
CA VAL A 51 1.46 7.57 -6.71
C VAL A 51 2.57 8.60 -6.85
N ASP A 52 3.80 8.13 -7.11
CA ASP A 52 4.96 8.98 -7.34
C ASP A 52 5.57 9.56 -6.08
N ILE A 53 5.41 8.90 -4.93
CA ILE A 53 6.03 9.43 -3.72
C ILE A 53 7.00 8.42 -3.10
N HIS A 54 8.28 8.74 -3.20
CA HIS A 54 9.34 7.88 -2.66
C HIS A 54 9.43 8.00 -1.14
N GLN A 55 8.31 7.66 -0.51
CA GLN A 55 8.17 7.68 0.94
C GLN A 55 7.18 6.59 1.33
N ARG A 56 7.51 5.79 2.36
CA ARG A 56 6.66 4.68 2.80
C ARG A 56 5.28 5.10 3.33
N ILE A 57 4.45 5.60 2.43
CA ILE A 57 3.10 6.03 2.75
C ILE A 57 2.13 5.07 2.07
N ILE A 58 1.24 4.44 2.83
CA ILE A 58 0.32 3.48 2.23
C ILE A 58 -1.14 3.76 2.55
N VAL A 59 -2.01 3.43 1.59
CA VAL A 59 -3.43 3.61 1.73
C VAL A 59 -4.14 2.31 1.39
N ILE A 60 -5.14 1.96 2.16
CA ILE A 60 -5.88 0.73 1.93
C ILE A 60 -7.32 1.06 1.56
N ASP A 61 -7.91 0.17 0.79
CA ASP A 61 -9.28 0.32 0.31
C ASP A 61 -10.00 -1.01 0.36
N VAL A 62 -9.80 -1.71 1.46
CA VAL A 62 -10.44 -3.02 1.67
C VAL A 62 -11.79 -2.81 2.35
N SER A 63 -12.39 -3.87 2.85
CA SER A 63 -13.65 -3.79 3.57
C SER A 63 -13.41 -3.71 5.07
N GLU A 64 -13.27 -2.51 5.62
CA GLU A 64 -13.04 -2.37 7.06
C GLU A 64 -14.23 -2.94 7.83
N ASN A 65 -15.42 -2.75 7.27
CA ASN A 65 -16.65 -3.26 7.85
C ASN A 65 -17.74 -3.28 6.77
N ARG A 66 -18.12 -2.09 6.32
CA ARG A 66 -19.11 -1.91 5.28
C ARG A 66 -18.58 -0.95 4.22
N ASP A 67 -17.86 0.06 4.67
CA ASP A 67 -17.28 1.07 3.78
C ASP A 67 -15.75 0.98 3.78
N GLU A 68 -15.17 0.90 2.58
CA GLU A 68 -13.72 0.84 2.42
C GLU A 68 -13.11 2.21 2.70
N ARG A 69 -12.01 2.24 3.48
CA ARG A 69 -11.35 3.52 3.80
C ARG A 69 -10.21 3.37 4.81
N LEU A 70 -9.12 2.73 4.41
CA LEU A 70 -7.98 2.54 5.31
C LEU A 70 -6.79 3.41 4.90
N VAL A 71 -6.14 4.03 5.89
CA VAL A 71 -4.97 4.87 5.64
C VAL A 71 -3.88 4.56 6.67
N LEU A 72 -2.63 4.43 6.23
CA LEU A 72 -1.52 4.19 7.15
C LEU A 72 -0.27 4.93 6.66
N ILE A 73 0.57 5.38 7.59
CA ILE A 73 1.80 6.06 7.21
C ILE A 73 3.02 5.33 7.81
N ASN A 74 4.08 5.16 7.00
CA ASN A 74 5.31 4.50 7.44
C ASN A 74 5.04 3.13 8.11
N PRO A 75 4.07 2.32 7.62
CA PRO A 75 3.73 1.00 8.20
C PRO A 75 4.89 0.01 8.26
N GLU A 76 4.89 -0.85 9.29
CA GLU A 76 5.91 -1.88 9.45
C GLU A 76 5.26 -3.19 9.85
N LEU A 77 5.76 -4.29 9.31
CA LEU A 77 5.21 -5.61 9.61
C LEU A 77 5.76 -6.15 10.92
N LEU A 78 4.86 -6.69 11.74
CA LEU A 78 5.22 -7.23 13.04
C LEU A 78 5.10 -8.76 13.08
N GLU A 79 4.03 -9.29 12.52
CA GLU A 79 3.82 -10.75 12.51
C GLU A 79 3.08 -11.21 11.26
N LYS A 80 3.37 -12.43 10.84
CA LYS A 80 2.75 -13.02 9.65
C LYS A 80 2.59 -14.52 9.81
N SER A 81 1.49 -15.07 9.29
CA SER A 81 1.22 -16.50 9.38
C SER A 81 0.29 -16.97 8.26
N GLY A 82 0.50 -18.21 7.81
CA GLY A 82 -0.32 -18.75 6.74
C GLY A 82 0.16 -18.29 5.37
N GLU A 83 -0.01 -19.15 4.36
CA GLU A 83 0.44 -18.81 3.02
C GLU A 83 -0.71 -18.69 2.03
N THR A 84 -0.90 -17.47 1.55
CA THR A 84 -1.92 -17.12 0.59
C THR A 84 -1.42 -16.64 -0.72
N GLY A 85 -2.33 -16.71 -1.66
CA GLY A 85 -2.08 -16.26 -3.00
C GLY A 85 -3.35 -15.76 -3.67
N ILE A 86 -3.38 -14.48 -4.07
CA ILE A 86 -4.54 -13.89 -4.70
C ILE A 86 -4.16 -12.85 -5.75
N GLU A 87 -4.82 -12.89 -6.89
CA GLU A 87 -4.49 -11.98 -7.98
C GLU A 87 -4.92 -10.55 -7.71
N GLU A 88 -4.05 -9.65 -8.14
CA GLU A 88 -4.25 -8.22 -7.99
C GLU A 88 -3.51 -7.44 -9.05
N GLY A 89 -3.88 -6.17 -9.22
CA GLY A 89 -3.23 -5.34 -10.19
C GLY A 89 -2.62 -4.15 -9.48
N CYS A 90 -1.78 -3.40 -10.18
CA CYS A 90 -1.11 -2.28 -9.55
C CYS A 90 -1.56 -0.95 -10.13
N LEU A 91 -1.73 0.03 -9.26
CA LEU A 91 -2.15 1.37 -9.68
C LEU A 91 -1.22 1.92 -10.76
N SER A 92 -0.06 1.30 -10.90
CA SER A 92 0.93 1.69 -11.89
C SER A 92 0.91 0.71 -13.08
N ILE A 93 0.60 -0.55 -12.77
CA ILE A 93 0.54 -1.60 -13.78
C ILE A 93 -0.84 -1.59 -14.44
N PRO A 94 -0.97 -2.01 -15.72
CA PRO A 94 -2.26 -2.04 -16.42
C PRO A 94 -3.23 -3.01 -15.74
N GLU A 95 -4.10 -3.62 -16.53
CA GLU A 95 -5.07 -4.57 -15.99
C GLU A 95 -4.41 -5.93 -15.74
N GLN A 96 -3.09 -5.95 -15.78
CA GLN A 96 -2.35 -7.18 -15.59
C GLN A 96 -2.23 -7.56 -14.12
N ARG A 97 -3.28 -8.19 -13.58
CA ARG A 97 -3.26 -8.62 -12.19
C ARG A 97 -2.63 -10.01 -12.09
N ALA A 98 -1.73 -10.17 -11.13
CA ALA A 98 -1.02 -11.43 -10.92
C ALA A 98 -1.19 -11.89 -9.48
N LEU A 99 -1.26 -13.20 -9.29
CA LEU A 99 -1.47 -13.74 -7.95
C LEU A 99 -0.18 -13.66 -7.14
N VAL A 100 -0.23 -12.84 -6.11
CA VAL A 100 0.92 -12.63 -5.22
C VAL A 100 0.77 -13.41 -3.91
N PRO A 101 1.79 -14.20 -3.53
CA PRO A 101 1.75 -14.96 -2.28
C PRO A 101 2.15 -14.10 -1.08
N ARG A 102 1.29 -14.09 -0.08
CA ARG A 102 1.50 -13.36 1.15
C ARG A 102 0.93 -14.13 2.32
N ALA A 103 1.27 -13.75 3.54
CA ALA A 103 0.79 -14.47 4.71
C ALA A 103 -0.71 -14.30 4.86
N GLU A 104 -1.36 -15.25 5.53
CA GLU A 104 -2.80 -15.25 5.67
C GLU A 104 -3.24 -14.16 6.65
N LYS A 105 -2.50 -14.00 7.74
CA LYS A 105 -2.77 -12.96 8.68
C LYS A 105 -1.47 -12.35 9.18
N VAL A 106 -1.48 -11.04 9.33
CA VAL A 106 -0.31 -10.30 9.77
C VAL A 106 -0.68 -9.03 10.54
N LYS A 107 0.10 -8.74 11.59
CA LYS A 107 -0.14 -7.55 12.40
C LYS A 107 0.96 -6.53 12.12
N ILE A 108 0.55 -5.32 11.77
CA ILE A 108 1.53 -4.29 11.41
C ILE A 108 1.24 -2.92 12.03
N ARG A 109 2.32 -2.14 12.21
CA ARG A 109 2.21 -0.82 12.84
C ARG A 109 2.30 0.30 11.79
N ALA A 110 1.48 1.32 12.00
CA ALA A 110 1.39 2.44 11.09
C ALA A 110 0.76 3.63 11.77
N LEU A 111 0.80 4.78 11.13
CA LEU A 111 0.17 5.95 11.66
C LEU A 111 -0.93 6.37 10.72
N ASP A 112 -1.97 6.97 11.25
CA ASP A 112 -3.12 7.34 10.42
C ASP A 112 -2.90 8.68 9.74
N ARG A 113 -3.71 8.94 8.72
CA ARG A 113 -3.63 10.20 7.97
C ARG A 113 -3.72 11.40 8.92
N ASP A 114 -4.19 11.16 10.13
CA ASP A 114 -4.31 12.21 11.14
C ASP A 114 -2.96 12.50 11.79
N GLY A 115 -2.08 11.50 11.84
CA GLY A 115 -0.77 11.70 12.43
C GLY A 115 -0.60 11.02 13.78
N LYS A 116 -1.21 9.86 13.94
CA LYS A 116 -1.09 9.11 15.19
C LYS A 116 -0.67 7.66 14.92
N PRO A 117 0.63 7.31 15.15
CA PRO A 117 1.11 5.94 14.87
C PRO A 117 0.61 4.87 15.82
N PHE A 118 -0.19 3.96 15.28
CA PHE A 118 -0.79 2.88 16.05
C PHE A 118 -0.49 1.54 15.41
N GLU A 119 -0.78 0.47 16.13
CA GLU A 119 -0.54 -0.86 15.59
C GLU A 119 -1.86 -1.51 15.23
N LEU A 120 -1.93 -2.02 14.01
CA LEU A 120 -3.15 -2.64 13.53
C LEU A 120 -2.91 -4.08 13.08
N GLU A 121 -3.78 -4.96 13.52
CA GLU A 121 -3.67 -6.36 13.16
C GLU A 121 -4.52 -6.63 11.91
N ALA A 122 -3.90 -7.15 10.86
CA ALA A 122 -4.63 -7.43 9.63
C ALA A 122 -4.66 -8.91 9.29
N ASP A 123 -5.84 -9.41 8.94
CA ASP A 123 -6.04 -10.81 8.55
C ASP A 123 -6.76 -10.82 7.21
N GLY A 124 -6.74 -11.92 6.42
CA GLY A 124 -7.48 -11.90 5.17
C GLY A 124 -7.15 -10.76 4.25
N LEU A 125 -8.19 -10.19 3.66
CA LEU A 125 -8.05 -9.09 2.73
C LEU A 125 -7.25 -7.93 3.34
N LEU A 126 -7.38 -7.75 4.65
CA LEU A 126 -6.65 -6.68 5.32
C LEU A 126 -5.18 -7.02 5.36
N ALA A 127 -4.88 -8.21 5.85
CA ALA A 127 -3.52 -8.70 5.97
C ALA A 127 -2.82 -8.79 4.61
N ILE A 128 -3.51 -9.36 3.64
CA ILE A 128 -2.93 -9.55 2.31
C ILE A 128 -2.63 -8.21 1.64
N CYS A 129 -3.65 -7.37 1.50
CA CYS A 129 -3.48 -6.08 0.84
C CYS A 129 -2.43 -5.20 1.52
N ILE A 130 -2.52 -5.09 2.83
CA ILE A 130 -1.59 -4.27 3.58
C ILE A 130 -0.14 -4.75 3.37
N GLN A 131 0.07 -6.06 3.38
CA GLN A 131 1.40 -6.61 3.16
C GLN A 131 1.89 -6.29 1.75
N HIS A 132 0.96 -6.34 0.78
CA HIS A 132 1.29 -6.05 -0.61
C HIS A 132 1.84 -4.63 -0.74
N GLU A 133 1.17 -3.70 -0.08
CA GLU A 133 1.58 -2.29 -0.10
C GLU A 133 2.97 -2.13 0.47
N MET A 134 3.27 -2.81 1.57
CA MET A 134 4.59 -2.71 2.18
C MET A 134 5.68 -3.12 1.20
N ASP A 135 5.47 -4.26 0.56
CA ASP A 135 6.43 -4.76 -0.42
C ASP A 135 6.50 -3.80 -1.62
N HIS A 136 5.34 -3.39 -2.13
CA HIS A 136 5.29 -2.50 -3.27
C HIS A 136 6.02 -1.20 -2.99
N LEU A 137 5.67 -0.56 -1.88
CA LEU A 137 6.29 0.73 -1.55
C LEU A 137 7.82 0.60 -1.38
N VAL A 138 8.31 -0.55 -0.92
CA VAL A 138 9.76 -0.79 -0.78
C VAL A 138 10.34 -1.22 -2.15
N GLY A 139 9.65 -0.80 -3.16
CA GLY A 139 10.03 -1.00 -4.53
C GLY A 139 10.15 -2.44 -4.91
N LYS A 140 9.77 -3.32 -4.00
CA LYS A 140 9.84 -4.69 -4.31
C LYS A 140 8.49 -5.11 -4.84
N LEU A 141 8.42 -5.89 -5.90
CA LEU A 141 7.17 -6.32 -6.43
C LEU A 141 7.30 -7.78 -6.89
N PHE A 142 6.27 -8.59 -6.68
CA PHE A 142 6.32 -9.99 -7.07
C PHE A 142 6.49 -10.18 -8.59
N MET A 143 5.97 -9.24 -9.37
CA MET A 143 6.08 -9.32 -10.83
C MET A 143 7.56 -9.41 -11.23
N ASP A 144 8.40 -8.82 -10.40
CA ASP A 144 9.85 -8.82 -10.58
C ASP A 144 10.39 -10.24 -10.59
N TYR A 145 9.64 -11.16 -9.98
CA TYR A 145 10.07 -12.55 -9.90
C TYR A 145 9.11 -13.49 -10.64
N LEU A 146 8.24 -12.94 -11.48
CA LEU A 146 7.31 -13.76 -12.25
C LEU A 146 7.91 -14.15 -13.60
N SER A 147 7.62 -15.37 -14.05
CA SER A 147 8.13 -15.85 -15.32
C SER A 147 7.52 -17.21 -15.68
ZN ZN B . 0.93 -3.29 -6.63
C5 BB2 C . -3.05 -1.98 -6.06
C3 BB2 C . -1.55 -2.03 -5.93
O4 BB2 C . -0.84 -1.82 -6.91
N1 BB2 C . -1.04 -2.27 -4.73
O2 BB2 C . 0.35 -2.32 -4.60
C6 BB2 C . -3.81 -3.11 -5.35
C12 BB2 C . -5.23 -3.17 -5.87
O13 BB2 C . -6.18 -3.41 -5.12
C7 BB2 C . -3.86 -2.96 -3.83
C8 BB2 C . -3.15 -4.07 -3.08
C9 BB2 C . -3.65 -4.18 -1.66
C10 BB2 C . -3.34 -2.92 -0.86
C11 BB2 C . -4.49 -2.47 0.00
N14 BB2 C . -5.31 -3.29 -7.19
C15 BB2 C . -6.55 -3.04 -7.89
C16 BB2 C . -6.37 -1.88 -8.88
C18 BB2 C . -7.71 -1.44 -9.46
C17 BB2 C . -5.70 -0.69 -8.20
C19 BB2 C . -7.02 -4.28 -8.67
O20 BB2 C . -6.36 -4.62 -9.65
N21 BB2 C . -7.66 -5.25 -7.96
C22 BB2 C . -7.65 -5.29 -6.49
C23 BB2 C . -9.00 -5.69 -8.41
C24 BB2 C . -9.46 -6.58 -7.31
C25 BB2 C . -8.99 -5.89 -6.08
C26 BB2 C . -6.49 -6.24 -6.17
O27 BB2 C . -6.66 -7.47 -6.86
H51 BB2 C . -3.37 -1.02 -5.70
H52 BB2 C . -3.27 -2.02 -7.12
HN1 BB2 C . -1.63 -2.40 -3.96
HO2 BB2 C . 0.73 -1.45 -4.68
H6 BB2 C . -3.31 -4.04 -5.59
H71 BB2 C . -4.88 -2.93 -3.50
H72 BB2 C . -3.37 -2.02 -3.56
H81 BB2 C . -2.10 -3.88 -3.07
H82 BB2 C . -3.33 -5.02 -3.59
H91 BB2 C . -3.18 -5.02 -1.18
H92 BB2 C . -4.72 -4.31 -1.68
H101 BB2 C . -3.10 -2.12 -1.55
H102 BB2 C . -2.50 -3.11 -0.23
H111 BB2 C . -4.12 -1.94 0.85
H112 BB2 C . -5.05 -3.32 0.33
H113 BB2 C . -5.14 -1.82 -0.56
H14 BB2 C . -4.55 -3.66 -7.67
H15 BB2 C . -7.29 -2.77 -7.17
H16 BB2 C . -5.74 -2.21 -9.70
H181 BB2 C . -7.74 -0.36 -9.52
H182 BB2 C . -8.51 -1.79 -8.83
H183 BB2 C . -7.83 -1.85 -10.46
H171 BB2 C . -4.63 -0.71 -8.41
H172 BB2 C . -5.85 -0.75 -7.14
H173 BB2 C . -6.11 0.24 -8.59
H22 BB2 C . -7.49 -4.33 -6.05
H231 BB2 C . -9.65 -4.83 -8.50
H232 BB2 C . -8.94 -6.22 -9.35
H241 BB2 C . -10.53 -6.65 -7.31
H242 BB2 C . -9.00 -7.56 -7.39
H251 BB2 C . -9.67 -5.11 -5.79
H252 BB2 C . -8.86 -6.59 -5.27
H261 BB2 C . -5.56 -5.79 -6.47
H262 BB2 C . -6.47 -6.44 -5.11
H27 BB2 C . -6.09 -8.15 -6.47
N SER A 1 -9.23 14.56 -7.07
CA SER A 1 -7.96 14.98 -6.41
C SER A 1 -6.89 13.90 -6.51
N VAL A 2 -6.81 13.28 -7.68
CA VAL A 2 -5.84 12.21 -7.91
C VAL A 2 -4.48 12.80 -8.31
N LEU A 3 -3.42 12.31 -7.69
CA LEU A 3 -2.08 12.79 -7.99
C LEU A 3 -1.49 12.05 -9.19
N GLN A 4 -0.22 12.29 -9.49
CA GLN A 4 0.44 11.65 -10.62
C GLN A 4 0.87 10.22 -10.26
N VAL A 5 0.20 9.25 -10.87
CA VAL A 5 0.48 7.85 -10.61
C VAL A 5 1.56 7.30 -11.55
N LEU A 6 2.54 6.62 -10.95
CA LEU A 6 3.63 6.02 -11.71
C LEU A 6 3.25 4.62 -12.21
N HIS A 7 3.77 4.24 -13.37
CA HIS A 7 3.44 2.93 -13.94
C HIS A 7 4.68 2.08 -14.19
N ILE A 8 4.54 0.78 -13.99
CA ILE A 8 5.61 -0.18 -14.25
C ILE A 8 5.88 -0.25 -15.76
N PRO A 9 7.16 -0.26 -16.19
CA PRO A 9 8.34 -0.20 -15.32
C PRO A 9 8.61 1.22 -14.85
N ASP A 10 9.07 1.34 -13.62
CA ASP A 10 9.38 2.64 -13.04
C ASP A 10 10.24 2.45 -11.81
N GLU A 11 11.35 3.17 -11.76
CA GLU A 11 12.28 3.05 -10.63
C GLU A 11 11.56 3.35 -9.32
N ARG A 12 10.78 4.42 -9.32
CA ARG A 12 10.05 4.82 -8.12
C ARG A 12 9.10 3.73 -7.63
N LEU A 13 8.56 2.85 -8.48
CA LEU A 13 7.70 1.79 -8.01
C LEU A 13 8.57 0.71 -7.39
N ARG A 14 9.76 0.59 -7.97
CA ARG A 14 10.74 -0.36 -7.51
C ARG A 14 11.67 0.31 -6.52
N LYS A 15 11.27 1.52 -6.08
CA LYS A 15 12.07 2.28 -5.14
C LYS A 15 11.70 1.94 -3.71
N VAL A 16 12.66 2.01 -2.82
CA VAL A 16 12.42 1.73 -1.42
C VAL A 16 11.84 2.98 -0.77
N ALA A 17 10.73 2.83 -0.07
CA ALA A 17 10.11 3.96 0.60
C ALA A 17 10.70 4.15 1.98
N LYS A 18 10.87 5.39 2.41
CA LYS A 18 11.41 5.67 3.73
C LYS A 18 10.29 6.15 4.65
N PRO A 19 10.15 5.56 5.85
CA PRO A 19 9.10 5.97 6.79
C PRO A 19 9.52 7.22 7.56
N VAL A 20 8.82 8.32 7.31
CA VAL A 20 9.18 9.60 7.92
C VAL A 20 8.92 9.65 9.40
N GLU A 21 9.84 10.36 10.06
CA GLU A 21 9.81 10.54 11.49
C GLU A 21 8.55 11.25 11.96
N GLU A 22 7.90 12.01 11.07
CA GLU A 22 6.70 12.73 11.45
C GLU A 22 5.91 13.15 10.22
N VAL A 23 4.59 13.03 10.31
CA VAL A 23 3.71 13.39 9.20
C VAL A 23 3.49 14.90 9.10
N ASN A 24 3.88 15.52 7.99
CA ASN A 24 3.73 16.97 7.84
C ASN A 24 2.55 17.29 6.92
N ALA A 25 2.36 18.58 6.65
CA ALA A 25 1.28 19.02 5.76
C ALA A 25 1.56 18.59 4.32
N GLU A 26 2.84 18.41 4.02
CA GLU A 26 3.25 17.94 2.71
C GLU A 26 2.95 16.46 2.62
N ILE A 27 3.27 15.78 3.71
CA ILE A 27 3.04 14.35 3.84
C ILE A 27 1.53 14.05 3.83
N GLN A 28 0.74 14.89 4.51
CA GLN A 28 -0.69 14.70 4.56
C GLN A 28 -1.32 14.85 3.18
N ARG A 29 -0.85 15.84 2.41
CA ARG A 29 -1.39 16.05 1.07
C ARG A 29 -1.10 14.81 0.23
N ILE A 30 0.08 14.25 0.45
CA ILE A 30 0.50 13.05 -0.27
C ILE A 30 -0.48 11.88 -0.06
N VAL A 31 -0.84 11.61 1.19
CA VAL A 31 -1.77 10.54 1.52
C VAL A 31 -3.17 10.85 1.02
N ASP A 32 -3.58 12.10 1.20
CA ASP A 32 -4.89 12.55 0.80
C ASP A 32 -5.18 12.24 -0.66
N ASP A 33 -4.22 12.53 -1.51
CA ASP A 33 -4.29 12.24 -2.91
C ASP A 33 -4.08 10.76 -3.18
N MET A 34 -3.31 10.09 -2.30
CA MET A 34 -3.03 8.68 -2.50
C MET A 34 -4.33 7.86 -2.49
N PHE A 35 -5.20 8.09 -1.50
CA PHE A 35 -6.46 7.39 -1.45
C PHE A 35 -7.35 7.91 -2.57
N GLU A 36 -7.43 9.25 -2.68
CA GLU A 36 -8.25 9.89 -3.70
C GLU A 36 -7.92 9.28 -5.06
N THR A 37 -6.64 9.07 -5.26
CA THR A 37 -6.22 8.44 -6.49
C THR A 37 -6.66 6.97 -6.48
N MET A 38 -6.17 6.19 -5.50
CA MET A 38 -6.35 4.76 -5.45
C MET A 38 -7.75 4.41 -5.69
N TYR A 39 -8.62 5.19 -5.15
CA TYR A 39 -10.06 4.97 -5.39
C TYR A 39 -10.42 5.32 -6.81
N ALA A 40 -9.87 6.42 -7.28
CA ALA A 40 -10.09 6.86 -8.64
C ALA A 40 -9.58 5.79 -9.60
N GLU A 41 -8.62 5.01 -9.09
CA GLU A 41 -8.05 3.89 -9.83
C GLU A 41 -8.90 2.66 -9.58
N GLU A 42 -9.81 2.80 -8.61
CA GLU A 42 -10.67 1.73 -8.18
C GLU A 42 -9.84 0.59 -7.57
N GLY A 43 -8.65 0.99 -7.11
CA GLY A 43 -7.74 0.08 -6.46
C GLY A 43 -8.16 -0.15 -5.02
N ILE A 44 -8.04 -1.37 -4.54
CA ILE A 44 -8.45 -1.69 -3.17
C ILE A 44 -7.41 -1.23 -2.15
N GLY A 45 -6.33 -0.67 -2.66
CA GLY A 45 -5.23 -0.19 -1.83
C GLY A 45 -4.11 0.37 -2.70
N LEU A 46 -3.51 1.53 -2.35
CA LEU A 46 -2.43 2.06 -3.17
C LEU A 46 -1.19 2.38 -2.31
N ALA A 47 -0.01 2.00 -2.78
CA ALA A 47 1.22 2.27 -2.07
C ALA A 47 1.93 3.53 -2.58
N ALA A 48 2.39 4.39 -1.66
CA ALA A 48 3.08 5.64 -1.98
C ALA A 48 3.91 5.63 -3.25
N THR A 49 4.81 4.68 -3.38
CA THR A 49 5.68 4.58 -4.55
C THR A 49 4.88 4.58 -5.83
N GLN A 50 3.72 3.96 -5.74
CA GLN A 50 2.81 3.86 -6.87
C GLN A 50 2.33 5.24 -7.24
N VAL A 51 2.02 6.05 -6.24
CA VAL A 51 1.54 7.39 -6.47
C VAL A 51 2.70 8.38 -6.67
N ASP A 52 3.89 7.83 -6.93
CA ASP A 52 5.08 8.64 -7.22
C ASP A 52 5.69 9.29 -5.99
N ILE A 53 5.56 8.68 -4.82
CA ILE A 53 6.18 9.28 -3.63
C ILE A 53 7.12 8.28 -2.96
N HIS A 54 8.42 8.58 -3.04
CA HIS A 54 9.44 7.71 -2.45
C HIS A 54 9.47 7.88 -0.94
N GLN A 55 8.35 7.53 -0.32
CA GLN A 55 8.18 7.59 1.12
C GLN A 55 7.15 6.52 1.50
N ARG A 56 7.43 5.76 2.57
CA ARG A 56 6.55 4.66 2.99
C ARG A 56 5.16 5.13 3.47
N ILE A 57 4.35 5.58 2.52
CA ILE A 57 3.00 6.02 2.80
C ILE A 57 2.04 5.03 2.16
N ILE A 58 1.15 4.44 2.94
CA ILE A 58 0.24 3.43 2.36
C ILE A 58 -1.22 3.74 2.64
N VAL A 59 -2.07 3.42 1.67
CA VAL A 59 -3.50 3.62 1.80
C VAL A 59 -4.21 2.32 1.48
N ILE A 60 -5.22 1.99 2.27
CA ILE A 60 -5.96 0.76 2.04
C ILE A 60 -7.39 1.10 1.66
N ASP A 61 -7.96 0.21 0.88
CA ASP A 61 -9.31 0.38 0.37
C ASP A 61 -10.08 -0.94 0.44
N VAL A 62 -9.69 -1.78 1.40
CA VAL A 62 -10.33 -3.07 1.61
C VAL A 62 -11.38 -2.96 2.71
N SER A 63 -12.65 -3.09 2.33
CA SER A 63 -13.81 -2.95 3.24
C SER A 63 -13.58 -3.55 4.63
N GLU A 64 -12.89 -2.78 5.47
CA GLU A 64 -12.59 -3.17 6.84
C GLU A 64 -13.85 -3.17 7.71
N ASN A 65 -14.87 -2.48 7.25
CA ASN A 65 -16.15 -2.42 7.95
C ASN A 65 -17.25 -1.89 7.02
N ARG A 66 -18.04 -0.93 7.50
CA ARG A 66 -19.12 -0.37 6.70
C ARG A 66 -18.59 0.56 5.64
N ASP A 67 -17.87 1.58 6.06
CA ASP A 67 -17.30 2.55 5.15
C ASP A 67 -15.85 2.21 4.79
N GLU A 68 -15.57 2.13 3.49
CA GLU A 68 -14.22 1.84 3.02
C GLU A 68 -13.38 3.12 3.01
N ARG A 69 -12.22 3.08 3.67
CA ARG A 69 -11.33 4.23 3.75
C ARG A 69 -10.20 3.99 4.75
N LEU A 70 -9.21 3.18 4.37
CA LEU A 70 -8.10 2.88 5.26
C LEU A 70 -6.85 3.68 4.88
N VAL A 71 -6.22 4.30 5.86
CA VAL A 71 -5.00 5.06 5.64
C VAL A 71 -3.95 4.75 6.71
N LEU A 72 -2.72 4.52 6.29
CA LEU A 72 -1.61 4.25 7.20
C LEU A 72 -0.35 4.96 6.71
N ILE A 73 0.46 5.48 7.63
CA ILE A 73 1.68 6.16 7.25
C ILE A 73 2.90 5.47 7.88
N ASN A 74 3.91 5.24 7.05
CA ASN A 74 5.16 4.61 7.49
C ASN A 74 4.94 3.24 8.19
N PRO A 75 3.96 2.41 7.71
CA PRO A 75 3.67 1.07 8.32
C PRO A 75 4.87 0.14 8.36
N GLU A 76 4.90 -0.75 9.36
CA GLU A 76 5.98 -1.72 9.51
C GLU A 76 5.38 -3.06 9.90
N LEU A 77 5.95 -4.15 9.40
CA LEU A 77 5.43 -5.49 9.70
C LEU A 77 5.92 -5.99 11.06
N LEU A 78 4.98 -6.55 11.82
CA LEU A 78 5.26 -7.08 13.14
C LEU A 78 5.19 -8.61 13.16
N GLU A 79 4.21 -9.18 12.46
CA GLU A 79 4.04 -10.62 12.41
C GLU A 79 3.30 -11.08 11.16
N LYS A 80 3.55 -12.32 10.76
CA LYS A 80 2.92 -12.92 9.59
C LYS A 80 2.73 -14.41 9.80
N SER A 81 1.70 -14.98 9.17
CA SER A 81 1.41 -16.41 9.32
C SER A 81 0.54 -16.93 8.17
N GLY A 82 0.75 -18.18 7.78
CA GLY A 82 -0.03 -18.76 6.70
C GLY A 82 0.43 -18.25 5.35
N GLU A 83 0.08 -18.94 4.27
CA GLU A 83 0.50 -18.48 2.95
C GLU A 83 -0.61 -18.55 1.90
N THR A 84 -1.02 -17.38 1.46
CA THR A 84 -2.03 -17.17 0.45
C THR A 84 -1.53 -16.75 -0.88
N GLY A 85 -2.40 -16.93 -1.84
CA GLY A 85 -2.12 -16.55 -3.20
C GLY A 85 -3.39 -16.12 -3.93
N ILE A 86 -3.45 -14.86 -4.38
CA ILE A 86 -4.64 -14.37 -5.08
C ILE A 86 -4.27 -13.32 -6.12
N GLU A 87 -4.94 -13.38 -7.27
CA GLU A 87 -4.62 -12.48 -8.37
C GLU A 87 -5.04 -11.03 -8.09
N GLU A 88 -4.12 -10.17 -8.43
CA GLU A 88 -4.28 -8.72 -8.23
C GLU A 88 -3.46 -7.92 -9.23
N GLY A 89 -3.83 -6.65 -9.40
CA GLY A 89 -3.11 -5.81 -10.33
C GLY A 89 -2.54 -4.62 -9.61
N CYS A 90 -1.60 -3.92 -10.23
CA CYS A 90 -0.97 -2.80 -9.56
C CYS A 90 -1.29 -1.47 -10.23
N LEU A 91 -1.49 -0.47 -9.39
CA LEU A 91 -1.79 0.90 -9.83
C LEU A 91 -0.80 1.36 -10.89
N SER A 92 0.39 0.79 -10.83
CA SER A 92 1.45 1.10 -11.78
C SER A 92 1.31 0.23 -13.03
N ILE A 93 0.79 -0.97 -12.85
CA ILE A 93 0.59 -1.91 -13.93
C ILE A 93 -0.76 -1.62 -14.59
N PRO A 94 -0.88 -1.85 -15.92
CA PRO A 94 -2.12 -1.57 -16.65
C PRO A 94 -3.24 -2.59 -16.43
N GLU A 95 -3.55 -2.92 -15.17
CA GLU A 95 -4.63 -3.86 -14.83
C GLU A 95 -4.22 -5.32 -15.04
N GLN A 96 -2.93 -5.55 -15.24
CA GLN A 96 -2.45 -6.91 -15.42
C GLN A 96 -2.34 -7.59 -14.06
N ARG A 97 -3.45 -8.21 -13.62
CA ARG A 97 -3.47 -8.87 -12.32
C ARG A 97 -2.96 -10.31 -12.39
N ALA A 98 -2.07 -10.62 -11.44
CA ALA A 98 -1.46 -11.94 -11.32
C ALA A 98 -1.51 -12.40 -9.86
N LEU A 99 -1.49 -13.70 -9.63
CA LEU A 99 -1.58 -14.22 -8.27
C LEU A 99 -0.26 -14.08 -7.51
N VAL A 100 -0.30 -13.20 -6.50
CA VAL A 100 0.87 -12.94 -5.66
C VAL A 100 0.81 -13.69 -4.32
N PRO A 101 1.93 -14.36 -3.93
CA PRO A 101 1.99 -15.11 -2.67
C PRO A 101 2.40 -14.23 -1.48
N ARG A 102 1.58 -14.27 -0.44
CA ARG A 102 1.79 -13.51 0.79
C ARG A 102 1.29 -14.31 1.98
N ALA A 103 1.63 -13.88 3.19
CA ALA A 103 1.19 -14.58 4.39
C ALA A 103 -0.32 -14.43 4.57
N GLU A 104 -0.92 -15.38 5.29
CA GLU A 104 -2.37 -15.40 5.46
C GLU A 104 -2.82 -14.29 6.41
N LYS A 105 -2.09 -14.09 7.50
CA LYS A 105 -2.41 -13.04 8.43
C LYS A 105 -1.11 -12.38 8.94
N VAL A 106 -1.19 -11.08 9.09
CA VAL A 106 -0.04 -10.27 9.55
C VAL A 106 -0.47 -9.03 10.33
N LYS A 107 0.26 -8.75 11.42
CA LYS A 107 -0.04 -7.58 12.26
C LYS A 107 1.04 -6.53 12.05
N ILE A 108 0.64 -5.31 11.71
CA ILE A 108 1.62 -4.27 11.41
C ILE A 108 1.31 -2.90 12.04
N ARG A 109 2.38 -2.12 12.24
CA ARG A 109 2.25 -0.80 12.87
C ARG A 109 2.29 0.31 11.83
N ALA A 110 1.42 1.28 12.02
CA ALA A 110 1.27 2.40 11.09
C ALA A 110 0.60 3.59 11.77
N LEU A 111 0.60 4.73 11.10
CA LEU A 111 -0.07 5.90 11.64
C LEU A 111 -1.16 6.33 10.68
N ASP A 112 -2.17 7.01 11.20
CA ASP A 112 -3.28 7.41 10.36
C ASP A 112 -3.03 8.78 9.72
N ARG A 113 -3.79 9.07 8.67
CA ARG A 113 -3.66 10.35 7.96
C ARG A 113 -3.79 11.52 8.93
N ASP A 114 -4.31 11.24 10.12
CA ASP A 114 -4.48 12.26 11.14
C ASP A 114 -3.15 12.56 11.84
N GLY A 115 -2.27 11.56 11.92
CA GLY A 115 -0.99 11.76 12.57
C GLY A 115 -0.87 11.04 13.89
N LYS A 116 -1.50 9.87 13.99
CA LYS A 116 -1.43 9.07 15.22
C LYS A 116 -1.02 7.63 14.92
N PRO A 117 0.26 7.26 15.18
CA PRO A 117 0.77 5.90 14.89
C PRO A 117 0.26 4.80 15.84
N PHE A 118 -0.48 3.85 15.26
CA PHE A 118 -1.06 2.75 16.01
C PHE A 118 -0.71 1.43 15.36
N GLU A 119 -0.94 0.34 16.08
CA GLU A 119 -0.64 -1.00 15.57
C GLU A 119 -1.93 -1.72 15.25
N LEU A 120 -2.01 -2.32 14.06
CA LEU A 120 -3.22 -3.03 13.65
C LEU A 120 -2.91 -4.43 13.16
N GLU A 121 -3.77 -5.36 13.50
CA GLU A 121 -3.63 -6.74 13.08
C GLU A 121 -4.44 -6.98 11.82
N ALA A 122 -3.79 -7.46 10.76
CA ALA A 122 -4.48 -7.70 9.50
C ALA A 122 -4.49 -9.17 9.13
N ASP A 123 -5.64 -9.67 8.72
CA ASP A 123 -5.81 -11.06 8.29
C ASP A 123 -6.42 -11.08 6.90
N GLY A 124 -6.35 -12.19 6.15
CA GLY A 124 -7.00 -12.23 4.84
C GLY A 124 -6.72 -11.05 3.95
N LEU A 125 -7.81 -10.53 3.37
CA LEU A 125 -7.75 -9.41 2.45
C LEU A 125 -7.03 -8.22 3.06
N LEU A 126 -7.21 -8.00 4.36
CA LEU A 126 -6.56 -6.89 5.03
C LEU A 126 -5.07 -7.16 5.13
N ALA A 127 -4.76 -8.33 5.65
CA ALA A 127 -3.39 -8.77 5.84
C ALA A 127 -2.63 -8.80 4.52
N ILE A 128 -3.29 -9.26 3.46
CA ILE A 128 -2.65 -9.36 2.16
C ILE A 128 -2.34 -7.99 1.58
N CYS A 129 -3.35 -7.14 1.43
CA CYS A 129 -3.17 -5.80 0.87
C CYS A 129 -2.14 -4.98 1.64
N ILE A 130 -2.31 -4.92 2.95
CA ILE A 130 -1.41 -4.14 3.79
C ILE A 130 0.03 -4.65 3.66
N GLN A 131 0.21 -5.97 3.66
CA GLN A 131 1.55 -6.54 3.50
C GLN A 131 2.08 -6.29 2.09
N HIS A 132 1.21 -6.42 1.08
CA HIS A 132 1.59 -6.18 -0.32
C HIS A 132 2.10 -4.75 -0.47
N GLU A 133 1.35 -3.82 0.08
CA GLU A 133 1.70 -2.40 0.00
C GLU A 133 3.07 -2.16 0.61
N MET A 134 3.34 -2.78 1.76
CA MET A 134 4.66 -2.62 2.40
C MET A 134 5.76 -3.04 1.43
N ASP A 135 5.56 -4.19 0.82
CA ASP A 135 6.52 -4.72 -0.14
C ASP A 135 6.63 -3.78 -1.34
N HIS A 136 5.49 -3.37 -1.89
CA HIS A 136 5.45 -2.50 -3.04
C HIS A 136 6.18 -1.18 -2.78
N LEU A 137 5.80 -0.54 -1.69
CA LEU A 137 6.41 0.75 -1.34
C LEU A 137 7.94 0.62 -1.17
N VAL A 138 8.41 -0.53 -0.70
CA VAL A 138 9.86 -0.77 -0.56
C VAL A 138 10.44 -1.27 -1.91
N GLY A 139 9.73 -0.90 -2.96
CA GLY A 139 10.12 -1.19 -4.31
C GLY A 139 10.32 -2.63 -4.56
N LYS A 140 9.59 -3.45 -3.84
CA LYS A 140 9.71 -4.86 -4.03
C LYS A 140 8.32 -5.46 -4.28
N LEU A 141 8.01 -5.91 -5.48
CA LEU A 141 6.73 -6.50 -5.77
C LEU A 141 6.96 -7.89 -6.41
N PHE A 142 6.10 -8.86 -6.13
CA PHE A 142 6.27 -10.20 -6.71
C PHE A 142 6.16 -10.18 -8.24
N MET A 143 5.32 -9.28 -8.75
CA MET A 143 5.11 -9.14 -10.19
C MET A 143 6.41 -8.78 -10.90
N ASP A 144 7.30 -8.13 -10.16
CA ASP A 144 8.59 -7.70 -10.68
C ASP A 144 9.36 -8.82 -11.34
N TYR A 145 9.12 -10.06 -10.93
CA TYR A 145 9.83 -11.18 -11.47
C TYR A 145 8.86 -12.25 -11.96
N LEU A 146 7.80 -11.84 -12.66
CA LEU A 146 6.84 -12.79 -13.20
C LEU A 146 7.20 -13.19 -14.62
N SER A 147 6.99 -14.46 -14.96
CA SER A 147 7.29 -14.95 -16.30
C SER A 147 6.82 -16.40 -16.46
ZN ZN B . 0.76 -3.23 -6.30
C5 BB2 C . -2.31 -4.16 -5.84
C3 BB2 C . -1.40 -2.95 -5.86
O4 BB2 C . -1.29 -2.27 -6.89
N1 BB2 C . -0.74 -2.66 -4.76
O2 BB2 C . 0.14 -1.58 -4.77
C6 BB2 C . -3.55 -4.01 -4.92
C12 BB2 C . -4.72 -3.35 -5.63
O13 BB2 C . -5.55 -2.69 -4.99
C7 BB2 C . -3.31 -3.29 -3.60
C8 BB2 C . -3.86 -4.06 -2.42
C9 BB2 C . -4.59 -3.15 -1.46
C10 BB2 C . -3.63 -2.39 -0.56
C11 BB2 C . -4.34 -1.72 0.60
N14 BB2 C . -5.04 -3.92 -6.79
C15 BB2 C . -6.13 -3.40 -7.59
C16 BB2 C . -5.64 -2.27 -8.54
C18 BB2 C . -6.81 -1.62 -9.27
C17 BB2 C . -4.86 -1.23 -7.75
C19 BB2 C . -6.78 -4.51 -8.43
O20 BB2 C . -6.25 -4.80 -9.50
N21 BB2 C . -7.44 -5.49 -7.75
C22 BB2 C . -7.34 -5.63 -6.28
C23 BB2 C . -8.79 -5.88 -8.17
C24 BB2 C . -9.34 -6.63 -7.01
C25 BB2 C . -8.76 -5.97 -5.82
C26 BB2 C . -6.38 -6.82 -6.09
O27 BB2 C . -6.87 -7.98 -6.76
H51 BB2 C . -2.63 -4.34 -6.85
H52 BB2 C . -1.71 -4.99 -5.52
HN1 BB2 C . -0.86 -3.21 -3.95
HO2 BB2 C . 0.16 -1.14 -3.93
H6 BB2 C . -3.86 -5.02 -4.69
H71 BB2 C . -3.77 -2.32 -3.63
H72 BB2 C . -2.24 -3.17 -3.46
H81 BB2 C . -3.04 -4.53 -1.89
H82 BB2 C . -4.54 -4.80 -2.77
H91 BB2 C . -5.25 -3.73 -0.84
H92 BB2 C . -5.17 -2.44 -2.03
H101 BB2 C . -3.14 -1.63 -1.13
H102 BB2 C . -2.91 -3.08 -0.16
H111 BB2 C . -3.62 -1.46 1.35
H112 BB2 C . -5.07 -2.41 1.02
H113 BB2 C . -4.84 -0.83 0.26
H14 BB2 C . -4.39 -4.50 -7.22
H15 BB2 C . -6.86 -2.98 -6.92
H16 BB2 C . -4.98 -2.71 -9.27
H181 BB2 C . -6.70 -0.55 -9.24
H182 BB2 C . -7.73 -1.91 -8.78
H183 BB2 C . -6.82 -1.97 -10.29
H171 BB2 C . -3.81 -1.32 -7.97
H172 BB2 C . -5.03 -1.37 -6.69
H173 BB2 C . -5.20 -0.25 -8.04
H22 BB2 C . -6.96 -4.74 -5.79
H231 BB2 C . -9.41 -5.00 -8.36
H232 BB2 C . -8.77 -6.50 -9.05
H241 BB2 C . -10.42 -6.57 -6.97
H242 BB2 C . -9.04 -7.68 -7.04
H251 BB2 C . -9.29 -5.07 -5.58
H252 BB2 C . -8.72 -6.63 -4.97
H261 BB2 C . -5.42 -6.55 -6.49
H262 BB2 C . -6.29 -7.03 -5.04
H27 BB2 C . -6.20 -8.66 -6.76
N SER A 1 -8.12 15.62 -6.40
CA SER A 1 -8.11 14.53 -5.39
C SER A 1 -7.09 13.46 -5.74
N VAL A 2 -7.10 13.03 -7.00
CA VAL A 2 -6.18 12.00 -7.47
C VAL A 2 -4.84 12.63 -7.86
N LEU A 3 -3.76 12.11 -7.30
CA LEU A 3 -2.43 12.64 -7.60
C LEU A 3 -1.84 11.94 -8.83
N GLN A 4 -0.58 12.23 -9.15
CA GLN A 4 0.07 11.63 -10.30
C GLN A 4 0.57 10.23 -9.98
N VAL A 5 -0.07 9.22 -10.56
CA VAL A 5 0.30 7.83 -10.31
C VAL A 5 1.35 7.34 -11.31
N LEU A 6 2.39 6.71 -10.77
CA LEU A 6 3.48 6.19 -11.59
C LEU A 6 3.13 4.80 -12.14
N HIS A 7 3.55 4.53 -13.38
CA HIS A 7 3.25 3.25 -13.99
C HIS A 7 4.52 2.49 -14.36
N ILE A 8 4.45 1.17 -14.24
CA ILE A 8 5.57 0.31 -14.58
C ILE A 8 6.06 0.57 -16.02
N PRO A 9 7.38 0.44 -16.28
CA PRO A 9 8.40 0.06 -15.31
C PRO A 9 9.04 1.25 -14.61
N ASP A 10 8.21 2.15 -14.10
CA ASP A 10 8.70 3.34 -13.40
C ASP A 10 9.66 2.96 -12.28
N GLU A 11 10.81 3.63 -12.25
CA GLU A 11 11.83 3.35 -11.23
C GLU A 11 11.29 3.55 -9.83
N ARG A 12 10.52 4.61 -9.64
CA ARG A 12 9.95 4.92 -8.34
C ARG A 12 9.03 3.83 -7.80
N LEU A 13 8.44 2.97 -8.63
CA LEU A 13 7.61 1.89 -8.14
C LEU A 13 8.52 0.82 -7.58
N ARG A 14 9.68 0.71 -8.20
CA ARG A 14 10.69 -0.22 -7.80
C ARG A 14 11.63 0.45 -6.81
N LYS A 15 11.32 1.71 -6.48
CA LYS A 15 12.11 2.48 -5.55
C LYS A 15 11.69 2.16 -4.12
N VAL A 16 12.63 2.27 -3.20
CA VAL A 16 12.34 2.00 -1.81
C VAL A 16 11.72 3.22 -1.15
N ALA A 17 10.68 3.00 -0.36
CA ALA A 17 10.02 4.08 0.35
C ALA A 17 10.66 4.26 1.71
N LYS A 18 10.85 5.49 2.13
CA LYS A 18 11.45 5.75 3.43
C LYS A 18 10.39 6.19 4.44
N PRO A 19 10.34 5.55 5.63
CA PRO A 19 9.36 5.92 6.65
C PRO A 19 9.81 7.20 7.37
N VAL A 20 9.03 8.26 7.20
CA VAL A 20 9.39 9.56 7.76
C VAL A 20 9.30 9.61 9.27
N GLU A 21 10.23 10.37 9.83
CA GLU A 21 10.34 10.56 11.26
C GLU A 21 9.10 11.23 11.84
N GLU A 22 8.39 12.00 11.02
CA GLU A 22 7.19 12.70 11.50
C GLU A 22 6.29 13.07 10.33
N VAL A 23 4.98 13.02 10.54
CA VAL A 23 4.04 13.31 9.47
C VAL A 23 3.85 14.80 9.24
N ASN A 24 4.40 15.28 8.14
CA ASN A 24 4.32 16.68 7.76
C ASN A 24 3.06 16.98 6.95
N ALA A 25 2.59 18.23 7.02
CA ALA A 25 1.39 18.64 6.28
C ALA A 25 1.55 18.32 4.80
N GLU A 26 2.79 18.30 4.34
CA GLU A 26 3.08 17.96 2.95
C GLU A 26 2.85 16.47 2.79
N ILE A 27 3.27 15.73 3.80
CA ILE A 27 3.10 14.28 3.83
C ILE A 27 1.61 13.93 3.82
N GLN A 28 0.84 14.59 4.69
CA GLN A 28 -0.59 14.36 4.77
C GLN A 28 -1.27 14.63 3.43
N ARG A 29 -0.83 15.68 2.74
CA ARG A 29 -1.39 16.00 1.43
C ARG A 29 -1.18 14.82 0.51
N ILE A 30 0.00 14.23 0.61
CA ILE A 30 0.37 13.07 -0.17
C ILE A 30 -0.61 11.90 0.05
N VAL A 31 -0.87 11.56 1.30
CA VAL A 31 -1.77 10.47 1.65
C VAL A 31 -3.20 10.77 1.25
N ASP A 32 -3.63 12.00 1.51
CA ASP A 32 -4.96 12.43 1.20
C ASP A 32 -5.30 12.18 -0.26
N ASP A 33 -4.36 12.50 -1.12
CA ASP A 33 -4.51 12.25 -2.54
C ASP A 33 -4.35 10.77 -2.85
N MET A 34 -3.52 10.08 -2.06
CA MET A 34 -3.26 8.67 -2.31
C MET A 34 -4.55 7.85 -2.24
N PHE A 35 -5.35 8.05 -1.19
CA PHE A 35 -6.62 7.35 -1.10
C PHE A 35 -7.54 7.89 -2.18
N GLU A 36 -7.54 9.21 -2.32
CA GLU A 36 -8.37 9.86 -3.32
C GLU A 36 -8.14 9.20 -4.67
N THR A 37 -6.87 8.94 -4.95
CA THR A 37 -6.55 8.27 -6.20
C THR A 37 -7.00 6.81 -6.11
N MET A 38 -6.41 6.06 -5.16
CA MET A 38 -6.57 4.62 -5.07
C MET A 38 -7.97 4.27 -5.22
N TYR A 39 -8.79 5.00 -4.56
CA TYR A 39 -10.24 4.77 -4.65
C TYR A 39 -10.78 5.16 -6.00
N ALA A 40 -10.28 6.27 -6.52
CA ALA A 40 -10.69 6.74 -7.83
C ALA A 40 -10.32 5.68 -8.86
N GLU A 41 -9.28 4.92 -8.52
CA GLU A 41 -8.82 3.81 -9.34
C GLU A 41 -9.63 2.58 -9.01
N GLU A 42 -10.39 2.67 -7.93
CA GLU A 42 -11.18 1.58 -7.41
C GLU A 42 -10.26 0.45 -6.96
N GLY A 43 -9.06 0.86 -6.55
CA GLY A 43 -8.05 -0.05 -6.05
C GLY A 43 -8.26 -0.33 -4.57
N ILE A 44 -8.00 -1.57 -4.12
CA ILE A 44 -8.22 -1.91 -2.72
C ILE A 44 -7.08 -1.41 -1.82
N GLY A 45 -6.10 -0.78 -2.43
CA GLY A 45 -4.96 -0.27 -1.68
C GLY A 45 -3.91 0.35 -2.59
N LEU A 46 -3.36 1.52 -2.22
CA LEU A 46 -2.36 2.15 -3.05
C LEU A 46 -1.08 2.45 -2.24
N ALA A 47 0.09 2.10 -2.80
CA ALA A 47 1.35 2.36 -2.13
C ALA A 47 2.00 3.65 -2.64
N ALA A 48 2.47 4.50 -1.72
CA ALA A 48 3.10 5.78 -2.04
C ALA A 48 3.92 5.78 -3.33
N THR A 49 4.84 4.83 -3.44
CA THR A 49 5.71 4.74 -4.60
C THR A 49 4.89 4.70 -5.88
N GLN A 50 3.77 4.02 -5.77
CA GLN A 50 2.84 3.89 -6.87
C GLN A 50 2.22 5.23 -7.19
N VAL A 51 1.94 6.01 -6.15
CA VAL A 51 1.36 7.33 -6.33
C VAL A 51 2.42 8.39 -6.61
N ASP A 52 3.65 7.93 -6.88
CA ASP A 52 4.76 8.81 -7.24
C ASP A 52 5.42 9.49 -6.05
N ILE A 53 5.43 8.86 -4.89
CA ILE A 53 6.10 9.47 -3.74
C ILE A 53 7.09 8.50 -3.11
N HIS A 54 8.37 8.82 -3.19
CA HIS A 54 9.41 7.97 -2.63
C HIS A 54 9.47 8.10 -1.11
N GLN A 55 8.38 7.67 -0.48
CA GLN A 55 8.21 7.70 0.96
C GLN A 55 7.21 6.63 1.36
N ARG A 56 7.52 5.85 2.41
CA ARG A 56 6.65 4.76 2.89
C ARG A 56 5.27 5.21 3.38
N ILE A 57 4.45 5.66 2.45
CA ILE A 57 3.10 6.10 2.75
C ILE A 57 2.12 5.14 2.09
N ILE A 58 1.24 4.53 2.85
CA ILE A 58 0.30 3.56 2.25
C ILE A 58 -1.15 3.80 2.66
N VAL A 59 -2.06 3.50 1.74
CA VAL A 59 -3.48 3.65 1.97
C VAL A 59 -4.19 2.35 1.63
N ILE A 60 -5.14 1.95 2.45
CA ILE A 60 -5.85 0.71 2.20
C ILE A 60 -7.32 0.92 1.89
N ASP A 61 -7.80 0.07 1.00
CA ASP A 61 -9.18 0.08 0.57
C ASP A 61 -9.74 -1.32 0.83
N VAL A 62 -9.51 -1.72 2.07
CA VAL A 62 -9.92 -2.99 2.63
C VAL A 62 -10.66 -2.66 3.91
N SER A 63 -11.86 -2.17 3.67
CA SER A 63 -12.78 -1.83 4.74
C SER A 63 -13.69 -2.98 4.99
N GLU A 64 -14.09 -3.57 3.89
CA GLU A 64 -15.00 -4.69 3.92
C GLU A 64 -16.21 -4.36 4.81
N ASN A 65 -16.97 -3.37 4.38
CA ASN A 65 -18.18 -2.95 5.10
C ASN A 65 -19.02 -2.03 4.20
N ARG A 66 -19.46 -0.89 4.73
CA ARG A 66 -20.25 0.06 3.96
C ARG A 66 -19.38 0.89 3.03
N ASP A 67 -18.49 1.65 3.64
CA ASP A 67 -17.57 2.51 2.89
C ASP A 67 -16.11 2.25 3.27
N GLU A 68 -15.23 2.21 2.26
CA GLU A 68 -13.81 1.97 2.49
C GLU A 68 -13.05 3.27 2.75
N ARG A 69 -12.03 3.20 3.61
CA ARG A 69 -11.22 4.38 3.94
C ARG A 69 -10.05 4.04 4.88
N LEU A 70 -9.08 3.25 4.41
CA LEU A 70 -7.93 2.91 5.25
C LEU A 70 -6.69 3.75 4.90
N VAL A 71 -6.08 4.34 5.93
CA VAL A 71 -4.89 5.17 5.76
C VAL A 71 -3.82 4.81 6.79
N LEU A 72 -2.59 4.61 6.32
CA LEU A 72 -1.45 4.31 7.21
C LEU A 72 -0.19 5.01 6.72
N ILE A 73 0.66 5.48 7.62
CA ILE A 73 1.89 6.15 7.23
C ILE A 73 3.10 5.43 7.83
N ASN A 74 4.15 5.24 7.01
CA ASN A 74 5.38 4.57 7.46
C ASN A 74 5.12 3.20 8.13
N PRO A 75 4.13 2.40 7.65
CA PRO A 75 3.80 1.08 8.24
C PRO A 75 4.99 0.12 8.29
N GLU A 76 4.98 -0.80 9.28
CA GLU A 76 6.03 -1.78 9.42
C GLU A 76 5.42 -3.12 9.79
N LEU A 77 6.00 -4.23 9.32
CA LEU A 77 5.45 -5.56 9.62
C LEU A 77 5.89 -6.01 11.01
N LEU A 78 4.95 -6.60 11.75
CA LEU A 78 5.21 -7.09 13.08
C LEU A 78 5.11 -8.61 13.16
N GLU A 79 4.17 -9.17 12.40
CA GLU A 79 3.98 -10.62 12.39
C GLU A 79 3.22 -11.08 11.16
N LYS A 80 3.56 -12.29 10.71
CA LYS A 80 2.91 -12.90 9.56
C LYS A 80 2.70 -14.39 9.81
N SER A 81 1.66 -14.96 9.22
CA SER A 81 1.35 -16.38 9.40
C SER A 81 0.49 -16.91 8.25
N GLY A 82 0.68 -18.18 7.90
CA GLY A 82 -0.08 -18.78 6.83
C GLY A 82 0.38 -18.29 5.47
N GLU A 83 -0.01 -18.97 4.40
CA GLU A 83 0.42 -18.55 3.07
C GLU A 83 -0.71 -18.67 2.02
N THR A 84 -1.13 -17.51 1.54
CA THR A 84 -2.16 -17.36 0.54
C THR A 84 -1.67 -17.06 -0.84
N GLY A 85 -2.55 -17.35 -1.77
CA GLY A 85 -2.27 -17.10 -3.17
C GLY A 85 -3.48 -16.55 -3.91
N ILE A 86 -3.45 -15.25 -4.20
CA ILE A 86 -4.56 -14.58 -4.89
C ILE A 86 -4.10 -13.43 -5.80
N GLU A 87 -4.75 -13.34 -6.97
CA GLU A 87 -4.44 -12.34 -7.98
C GLU A 87 -4.92 -10.95 -7.59
N GLU A 88 -4.10 -9.99 -7.97
CA GLU A 88 -4.38 -8.58 -7.77
C GLU A 88 -3.69 -7.80 -8.86
N GLY A 89 -4.00 -6.52 -8.96
CA GLY A 89 -3.36 -5.72 -9.98
C GLY A 89 -2.57 -4.62 -9.33
N CYS A 90 -1.72 -4.01 -10.11
CA CYS A 90 -0.88 -2.95 -9.59
C CYS A 90 -1.16 -1.67 -10.32
N LEU A 91 -1.38 -0.60 -9.57
CA LEU A 91 -1.66 0.69 -10.19
C LEU A 91 -0.52 1.10 -11.12
N SER A 92 0.60 0.40 -11.01
CA SER A 92 1.74 0.63 -11.86
C SER A 92 1.56 -0.13 -13.18
N ILE A 93 0.97 -1.32 -13.06
CA ILE A 93 0.70 -2.17 -14.20
C ILE A 93 -0.65 -1.80 -14.82
N PRO A 94 -0.83 -1.98 -16.14
CA PRO A 94 -2.09 -1.62 -16.83
C PRO A 94 -3.25 -2.59 -16.58
N GLU A 95 -3.50 -2.94 -15.31
CA GLU A 95 -4.60 -3.83 -14.92
C GLU A 95 -4.23 -5.30 -15.06
N GLN A 96 -2.95 -5.58 -15.31
CA GLN A 96 -2.52 -6.95 -15.43
C GLN A 96 -2.36 -7.55 -14.04
N ARG A 97 -3.45 -8.12 -13.52
CA ARG A 97 -3.42 -8.70 -12.18
C ARG A 97 -2.88 -10.12 -12.20
N ALA A 98 -1.97 -10.38 -11.25
CA ALA A 98 -1.33 -11.68 -11.11
C ALA A 98 -1.37 -12.12 -9.65
N LEU A 99 -1.39 -13.43 -9.43
CA LEU A 99 -1.44 -13.98 -8.08
C LEU A 99 -0.09 -13.87 -7.41
N VAL A 100 -0.08 -13.44 -6.14
CA VAL A 100 1.17 -13.30 -5.40
C VAL A 100 1.07 -13.99 -4.05
N PRO A 101 2.14 -14.67 -3.59
CA PRO A 101 2.11 -15.37 -2.32
C PRO A 101 2.52 -14.49 -1.12
N ARG A 102 1.59 -14.43 -0.18
CA ARG A 102 1.74 -13.67 1.06
C ARG A 102 1.10 -14.42 2.22
N ALA A 103 1.41 -14.01 3.45
CA ALA A 103 0.88 -14.67 4.62
C ALA A 103 -0.61 -14.41 4.74
N GLU A 104 -1.31 -15.33 5.40
CA GLU A 104 -2.76 -15.23 5.51
C GLU A 104 -3.16 -14.12 6.47
N LYS A 105 -2.45 -14.01 7.60
CA LYS A 105 -2.72 -12.95 8.54
C LYS A 105 -1.41 -12.39 9.09
N VAL A 106 -1.36 -11.08 9.20
CA VAL A 106 -0.18 -10.37 9.68
C VAL A 106 -0.55 -9.11 10.46
N LYS A 107 0.20 -8.83 11.54
CA LYS A 107 -0.06 -7.64 12.34
C LYS A 107 1.04 -6.62 12.08
N ILE A 108 0.64 -5.41 11.71
CA ILE A 108 1.61 -4.36 11.38
C ILE A 108 1.32 -3.04 12.12
N ARG A 109 2.32 -2.16 12.19
CA ARG A 109 2.17 -0.88 12.85
C ARG A 109 2.25 0.25 11.83
N ALA A 110 1.37 1.23 11.99
CA ALA A 110 1.32 2.37 11.07
C ALA A 110 0.70 3.56 11.74
N LEU A 111 0.82 4.73 11.10
CA LEU A 111 0.21 5.92 11.63
C LEU A 111 -0.88 6.38 10.70
N ASP A 112 -1.86 7.06 11.24
CA ASP A 112 -3.00 7.50 10.44
C ASP A 112 -2.74 8.85 9.79
N ARG A 113 -3.56 9.17 8.80
CA ARG A 113 -3.46 10.43 8.06
C ARG A 113 -3.42 11.63 9.02
N ASP A 114 -3.93 11.43 10.24
CA ASP A 114 -3.97 12.48 11.25
C ASP A 114 -2.63 12.67 11.93
N GLY A 115 -1.77 11.66 11.88
CA GLY A 115 -0.47 11.75 12.50
C GLY A 115 -0.36 11.05 13.84
N LYS A 116 -1.01 9.89 13.96
CA LYS A 116 -0.94 9.12 15.20
C LYS A 116 -0.56 7.66 14.91
N PRO A 117 0.72 7.27 15.16
CA PRO A 117 1.18 5.90 14.85
C PRO A 117 0.66 4.82 15.81
N PHE A 118 -0.16 3.93 15.28
CA PHE A 118 -0.76 2.86 16.06
C PHE A 118 -0.48 1.51 15.42
N GLU A 119 -0.79 0.44 16.14
CA GLU A 119 -0.53 -0.89 15.60
C GLU A 119 -1.85 -1.54 15.19
N LEU A 120 -1.87 -2.05 13.96
CA LEU A 120 -3.07 -2.68 13.43
C LEU A 120 -2.81 -4.10 12.99
N GLU A 121 -3.70 -5.00 13.38
CA GLU A 121 -3.59 -6.39 13.01
C GLU A 121 -4.40 -6.65 11.75
N ALA A 122 -3.75 -7.19 10.72
CA ALA A 122 -4.44 -7.45 9.46
C ALA A 122 -4.49 -8.94 9.13
N ASP A 123 -5.67 -9.39 8.71
CA ASP A 123 -5.90 -10.79 8.32
C ASP A 123 -6.51 -10.79 6.92
N GLY A 124 -6.55 -11.92 6.19
CA GLY A 124 -7.19 -11.92 4.89
C GLY A 124 -6.85 -10.76 3.97
N LEU A 125 -7.90 -10.21 3.38
CA LEU A 125 -7.77 -9.11 2.44
C LEU A 125 -7.01 -7.95 3.03
N LEU A 126 -7.16 -7.73 4.33
CA LEU A 126 -6.46 -6.62 4.98
C LEU A 126 -4.99 -6.93 5.06
N ALA A 127 -4.67 -8.09 5.63
CA ALA A 127 -3.30 -8.53 5.79
C ALA A 127 -2.58 -8.65 4.45
N ILE A 128 -3.22 -9.28 3.48
CA ILE A 128 -2.60 -9.45 2.17
C ILE A 128 -2.30 -8.11 1.52
N CYS A 129 -3.31 -7.27 1.38
CA CYS A 129 -3.15 -5.96 0.75
C CYS A 129 -2.09 -5.11 1.46
N ILE A 130 -2.22 -4.98 2.78
CA ILE A 130 -1.29 -4.18 3.55
C ILE A 130 0.15 -4.68 3.39
N GLN A 131 0.34 -6.01 3.40
CA GLN A 131 1.68 -6.58 3.22
C GLN A 131 2.17 -6.27 1.81
N HIS A 132 1.26 -6.39 0.83
CA HIS A 132 1.59 -6.10 -0.57
C HIS A 132 2.14 -4.69 -0.70
N GLU A 133 1.45 -3.74 -0.08
CA GLU A 133 1.88 -2.34 -0.12
C GLU A 133 3.27 -2.17 0.45
N MET A 134 3.57 -2.78 1.60
CA MET A 134 4.90 -2.66 2.18
C MET A 134 5.95 -3.11 1.17
N ASP A 135 5.71 -4.26 0.57
CA ASP A 135 6.61 -4.79 -0.43
C ASP A 135 6.71 -3.83 -1.62
N HIS A 136 5.58 -3.39 -2.14
CA HIS A 136 5.56 -2.51 -3.28
C HIS A 136 6.31 -1.21 -3.00
N LEU A 137 5.97 -0.57 -1.88
CA LEU A 137 6.62 0.69 -1.53
C LEU A 137 8.14 0.55 -1.41
N VAL A 138 8.64 -0.63 -1.00
CA VAL A 138 10.11 -0.86 -0.98
C VAL A 138 10.57 -1.27 -2.39
N GLY A 139 9.72 -0.90 -3.32
CA GLY A 139 9.94 -1.10 -4.73
C GLY A 139 9.97 -2.55 -5.13
N LYS A 140 9.66 -3.42 -4.18
CA LYS A 140 9.66 -4.82 -4.50
C LYS A 140 8.23 -5.25 -4.79
N LEU A 141 7.97 -5.73 -6.00
CA LEU A 141 6.63 -6.16 -6.36
C LEU A 141 6.64 -7.63 -6.80
N PHE A 142 5.49 -8.27 -6.74
CA PHE A 142 5.37 -9.67 -7.13
C PHE A 142 5.79 -9.90 -8.58
N MET A 143 5.58 -8.90 -9.42
CA MET A 143 5.94 -8.98 -10.83
C MET A 143 7.46 -9.13 -10.99
N ASP A 144 8.18 -8.63 -9.99
CA ASP A 144 9.63 -8.68 -9.97
C ASP A 144 10.15 -10.10 -10.06
N TYR A 145 9.36 -11.06 -9.58
CA TYR A 145 9.77 -12.46 -9.57
C TYR A 145 8.85 -13.34 -10.42
N LEU A 146 8.12 -12.74 -11.35
CA LEU A 146 7.22 -13.50 -12.22
C LEU A 146 7.93 -13.91 -13.50
N SER A 147 7.64 -15.12 -13.97
CA SER A 147 8.24 -15.61 -15.20
C SER A 147 7.70 -14.87 -16.41
ZN ZN B . 1.12 -3.46 -6.56
C5 BB2 C . -2.96 -2.50 -5.70
C3 BB2 C . -1.45 -2.51 -5.83
O4 BB2 C . -0.92 -2.33 -6.93
N1 BB2 C . -0.76 -2.67 -4.71
O2 BB2 C . 0.63 -2.65 -4.79
C6 BB2 C . -3.59 -3.88 -5.32
C12 BB2 C . -5.03 -3.88 -5.76
O13 BB2 C . -5.96 -3.72 -4.96
C7 BB2 C . -3.53 -4.26 -3.83
C8 BB2 C . -3.17 -3.15 -2.87
C9 BB2 C . -3.80 -3.38 -1.51
C10 BB2 C . -3.29 -2.41 -0.46
C11 BB2 C . -4.30 -2.18 0.66
N14 BB2 C . -5.21 -3.90 -7.06
C15 BB2 C . -6.47 -3.55 -7.65
C16 BB2 C . -6.31 -2.27 -8.52
C18 BB2 C . -7.65 -1.70 -8.93
C17 BB2 C . -5.49 -1.23 -7.79
C19 BB2 C . -7.05 -4.67 -8.50
O20 BB2 C . -6.39 -5.01 -9.49
N21 BB2 C . -7.81 -5.60 -7.87
C22 BB2 C . -7.77 -5.77 -6.41
C23 BB2 C . -9.20 -5.75 -8.28
C24 BB2 C . -9.71 -6.80 -7.36
C25 BB2 C . -9.11 -6.45 -6.05
C26 BB2 C . -6.58 -6.69 -6.16
O27 BB2 C . -6.85 -8.00 -6.66
H51 BB2 C . -3.23 -1.76 -4.97
H52 BB2 C . -3.36 -2.18 -6.64
HN1 BB2 C . -1.23 -2.78 -3.86
HO2 BB2 C . 1.01 -3.35 -4.27
H6 BB2 C . -3.06 -4.61 -5.89
H71 BB2 C . -2.81 -5.05 -3.71
H72 BB2 C . -4.50 -4.63 -3.53
H81 BB2 C . -3.51 -2.20 -3.26
H82 BB2 C . -2.09 -3.12 -2.75
H91 BB2 C . -3.59 -4.39 -1.20
H92 BB2 C . -4.87 -3.25 -1.60
H101 BB2 C . -3.07 -1.47 -0.92
H102 BB2 C . -2.39 -2.82 -0.02
H111 BB2 C . -3.77 -2.05 1.58
H112 BB2 C . -4.96 -3.03 0.73
H113 BB2 C . -4.87 -1.30 0.43
H14 BB2 C . -4.53 -4.34 -7.62
H15 BB2 C . -7.16 -3.31 -6.85
H16 BB2 C . -5.78 -2.55 -9.42
H181 BB2 C . -7.60 -0.62 -8.93
H182 BB2 C . -8.41 -2.02 -8.22
H183 BB2 C . -7.92 -2.05 -9.91
H171 BB2 C . -4.44 -1.34 -8.06
H172 BB2 C . -5.60 -1.35 -6.72
H173 BB2 C . -5.83 -0.24 -8.07
H22 BB2 C . -7.65 -4.83 -5.88
H231 BB2 C . -9.74 -4.82 -8.11
H232 BB2 C . -9.28 -6.05 -9.31
H241 BB2 C . -10.78 -6.77 -7.30
H242 BB2 C . -9.36 -7.78 -7.67
H251 BB2 C . -9.74 -5.78 -5.51
H252 BB2 C . -8.92 -7.34 -5.46
H261 BB2 C . -5.71 -6.29 -6.66
H262 BB2 C . -6.39 -6.76 -5.10
H27 BB2 C . -6.12 -8.58 -6.47
N SER A 1 -9.38 14.12 -8.38
CA SER A 1 -8.30 14.71 -7.55
C SER A 1 -7.17 13.70 -7.33
N VAL A 2 -6.83 12.97 -8.39
CA VAL A 2 -5.76 11.97 -8.34
C VAL A 2 -4.40 12.62 -8.55
N LEU A 3 -3.40 12.22 -7.77
CA LEU A 3 -2.07 12.79 -7.92
C LEU A 3 -1.35 12.16 -9.11
N GLN A 4 -0.03 12.24 -9.15
CA GLN A 4 0.72 11.67 -10.27
C GLN A 4 1.06 10.21 -10.02
N VAL A 5 0.35 9.32 -10.71
CA VAL A 5 0.56 7.89 -10.56
C VAL A 5 1.66 7.38 -11.50
N LEU A 6 2.64 6.69 -10.93
CA LEU A 6 3.74 6.13 -11.68
C LEU A 6 3.39 4.74 -12.18
N HIS A 7 3.87 4.39 -13.39
CA HIS A 7 3.56 3.09 -13.96
C HIS A 7 4.81 2.27 -14.26
N ILE A 8 4.68 0.96 -14.10
CA ILE A 8 5.75 0.02 -14.37
C ILE A 8 6.02 -0.04 -15.88
N PRO A 9 7.29 -0.02 -16.33
CA PRO A 9 8.46 0.06 -15.46
C PRO A 9 8.68 1.46 -14.92
N ASP A 10 9.10 1.53 -13.66
CA ASP A 10 9.35 2.80 -13.01
C ASP A 10 10.18 2.57 -11.76
N GLU A 11 11.32 3.25 -11.67
CA GLU A 11 12.21 3.07 -10.53
C GLU A 11 11.49 3.37 -9.23
N ARG A 12 10.75 4.47 -9.20
CA ARG A 12 10.01 4.85 -8.01
C ARG A 12 9.04 3.79 -7.52
N LEU A 13 8.48 2.94 -8.40
CA LEU A 13 7.58 1.88 -7.96
C LEU A 13 8.40 0.78 -7.35
N ARG A 14 9.59 0.61 -7.90
CA ARG A 14 10.51 -0.39 -7.45
C ARG A 14 11.51 0.25 -6.49
N LYS A 15 11.19 1.46 -6.03
CA LYS A 15 12.06 2.19 -5.12
C LYS A 15 11.71 1.91 -3.68
N VAL A 16 12.70 1.97 -2.81
CA VAL A 16 12.48 1.73 -1.40
C VAL A 16 11.98 3.01 -0.74
N ALA A 17 10.81 2.93 -0.12
CA ALA A 17 10.23 4.09 0.55
C ALA A 17 10.87 4.26 1.91
N LYS A 18 11.03 5.51 2.34
CA LYS A 18 11.62 5.78 3.65
C LYS A 18 10.54 6.13 4.68
N PRO A 19 10.61 5.54 5.89
CA PRO A 19 9.62 5.82 6.95
C PRO A 19 9.90 7.16 7.62
N VAL A 20 8.96 8.09 7.47
CA VAL A 20 9.16 9.45 8.00
C VAL A 20 9.13 9.50 9.51
N GLU A 21 9.95 10.41 10.01
CA GLU A 21 10.10 10.64 11.42
C GLU A 21 8.83 11.24 12.03
N GLU A 22 8.07 11.99 11.24
CA GLU A 22 6.86 12.63 11.75
C GLU A 22 5.88 12.94 10.62
N VAL A 23 4.59 13.01 10.95
CA VAL A 23 3.58 13.26 9.92
C VAL A 23 3.47 14.74 9.54
N ASN A 24 4.05 15.07 8.39
CA ASN A 24 4.07 16.46 7.90
C ASN A 24 2.85 16.79 7.05
N ALA A 25 2.46 18.07 7.06
CA ALA A 25 1.32 18.55 6.27
C ALA A 25 1.50 18.20 4.80
N GLU A 26 2.75 18.10 4.39
CA GLU A 26 3.07 17.73 3.02
C GLU A 26 2.81 16.23 2.89
N ILE A 27 3.11 15.52 3.96
CA ILE A 27 2.89 14.09 4.06
C ILE A 27 1.39 13.79 4.08
N GLN A 28 0.62 14.64 4.79
CA GLN A 28 -0.83 14.46 4.87
C GLN A 28 -1.48 14.64 3.51
N ARG A 29 -1.02 15.62 2.74
CA ARG A 29 -1.58 15.86 1.42
C ARG A 29 -1.28 14.67 0.52
N ILE A 30 -0.08 14.11 0.69
CA ILE A 30 0.36 12.96 -0.08
C ILE A 30 -0.64 11.79 0.06
N VAL A 31 -1.00 11.45 1.29
CA VAL A 31 -1.95 10.38 1.54
C VAL A 31 -3.33 10.77 1.04
N ASP A 32 -3.69 12.02 1.27
CA ASP A 32 -4.96 12.55 0.88
C ASP A 32 -5.26 12.31 -0.60
N ASP A 33 -4.28 12.58 -1.43
CA ASP A 33 -4.38 12.32 -2.85
C ASP A 33 -4.24 10.84 -3.11
N MET A 34 -3.49 10.13 -2.24
CA MET A 34 -3.26 8.71 -2.45
C MET A 34 -4.59 7.96 -2.46
N PHE A 35 -5.46 8.25 -1.50
CA PHE A 35 -6.76 7.62 -1.48
C PHE A 35 -7.59 8.17 -2.64
N GLU A 36 -7.55 9.50 -2.82
CA GLU A 36 -8.30 10.15 -3.88
C GLU A 36 -8.02 9.46 -5.21
N THR A 37 -6.74 9.19 -5.42
CA THR A 37 -6.38 8.49 -6.65
C THR A 37 -6.86 7.04 -6.55
N MET A 38 -6.36 6.30 -5.56
CA MET A 38 -6.57 4.87 -5.44
C MET A 38 -7.97 4.55 -5.66
N TYR A 39 -8.81 5.37 -5.11
CA TYR A 39 -10.27 5.17 -5.30
C TYR A 39 -10.65 5.48 -6.72
N ALA A 40 -10.09 6.57 -7.23
CA ALA A 40 -10.34 6.99 -8.60
C ALA A 40 -9.88 5.90 -9.56
N GLU A 41 -8.94 5.10 -9.07
CA GLU A 41 -8.44 3.97 -9.83
C GLU A 41 -9.31 2.76 -9.53
N GLU A 42 -10.14 2.91 -8.50
CA GLU A 42 -11.00 1.87 -8.01
C GLU A 42 -10.15 0.72 -7.45
N GLY A 43 -8.96 1.12 -7.00
CA GLY A 43 -8.02 0.21 -6.38
C GLY A 43 -8.36 -0.01 -4.92
N ILE A 44 -8.20 -1.23 -4.42
CA ILE A 44 -8.54 -1.53 -3.04
C ILE A 44 -7.44 -1.09 -2.07
N GLY A 45 -6.39 -0.51 -2.61
CA GLY A 45 -5.27 -0.04 -1.79
C GLY A 45 -4.15 0.55 -2.65
N LEU A 46 -3.58 1.71 -2.26
CA LEU A 46 -2.51 2.31 -3.05
C LEU A 46 -1.26 2.57 -2.21
N ALA A 47 -0.07 2.21 -2.73
CA ALA A 47 1.18 2.42 -2.03
C ALA A 47 1.90 3.68 -2.53
N ALA A 48 2.36 4.51 -1.58
CA ALA A 48 3.06 5.78 -1.87
C ALA A 48 3.87 5.79 -3.17
N THR A 49 4.77 4.82 -3.32
CA THR A 49 5.62 4.76 -4.49
C THR A 49 4.81 4.79 -5.78
N GLN A 50 3.68 4.15 -5.73
CA GLN A 50 2.79 4.08 -6.86
C GLN A 50 2.26 5.45 -7.19
N VAL A 51 1.95 6.22 -6.17
CA VAL A 51 1.44 7.56 -6.36
C VAL A 51 2.55 8.60 -6.55
N ASP A 52 3.75 8.11 -6.87
CA ASP A 52 4.91 8.97 -7.16
C ASP A 52 5.55 9.54 -5.91
N ILE A 53 5.45 8.88 -4.76
CA ILE A 53 6.09 9.41 -3.55
C ILE A 53 7.04 8.39 -2.93
N HIS A 54 8.33 8.71 -3.02
CA HIS A 54 9.38 7.84 -2.48
C HIS A 54 9.46 7.98 -0.96
N GLN A 55 8.34 7.65 -0.32
CA GLN A 55 8.20 7.70 1.13
C GLN A 55 7.20 6.62 1.53
N ARG A 56 7.51 5.83 2.57
CA ARG A 56 6.65 4.73 3.01
C ARG A 56 5.27 5.14 3.51
N ILE A 57 4.44 5.63 2.61
CA ILE A 57 3.09 6.04 2.91
C ILE A 57 2.13 5.06 2.27
N ILE A 58 1.27 4.43 3.05
CA ILE A 58 0.35 3.43 2.47
C ILE A 58 -1.11 3.78 2.73
N VAL A 59 -1.95 3.55 1.72
CA VAL A 59 -3.35 3.83 1.82
C VAL A 59 -4.13 2.54 1.47
N ILE A 60 -5.13 2.22 2.27
CA ILE A 60 -5.90 0.99 2.07
C ILE A 60 -7.34 1.31 1.68
N ASP A 61 -7.95 0.36 1.00
CA ASP A 61 -9.32 0.50 0.52
C ASP A 61 -10.07 -0.84 0.62
N VAL A 62 -9.66 -1.65 1.58
CA VAL A 62 -10.28 -2.96 1.81
C VAL A 62 -11.37 -2.85 2.88
N SER A 63 -12.62 -2.94 2.44
CA SER A 63 -13.81 -2.80 3.31
C SER A 63 -13.66 -3.40 4.70
N GLU A 64 -13.07 -2.61 5.59
CA GLU A 64 -12.83 -3.01 6.97
C GLU A 64 -14.15 -3.28 7.72
N ASN A 65 -15.25 -2.78 7.18
CA ASN A 65 -16.56 -2.99 7.80
C ASN A 65 -17.68 -2.67 6.80
N ARG A 66 -18.05 -1.38 6.74
CA ARG A 66 -19.09 -0.92 5.84
C ARG A 66 -18.54 0.11 4.87
N ASP A 67 -17.90 1.11 5.45
CA ASP A 67 -17.30 2.19 4.67
C ASP A 67 -15.80 1.99 4.50
N GLU A 68 -15.35 2.01 3.25
CA GLU A 68 -13.93 1.84 2.94
C GLU A 68 -13.19 3.18 3.06
N ARG A 69 -12.04 3.16 3.75
CA ARG A 69 -11.23 4.36 3.94
C ARG A 69 -10.09 4.10 4.94
N LEU A 70 -9.11 3.32 4.53
CA LEU A 70 -7.97 3.00 5.39
C LEU A 70 -6.73 3.78 5.00
N VAL A 71 -6.05 4.35 5.99
CA VAL A 71 -4.82 5.12 5.77
C VAL A 71 -3.76 4.72 6.80
N LEU A 72 -2.54 4.54 6.34
CA LEU A 72 -1.42 4.22 7.23
C LEU A 72 -0.16 4.94 6.76
N ILE A 73 0.65 5.43 7.70
CA ILE A 73 1.88 6.13 7.35
C ILE A 73 3.08 5.43 7.97
N ASN A 74 4.15 5.25 7.19
CA ASN A 74 5.37 4.60 7.67
C ASN A 74 5.09 3.19 8.28
N PRO A 75 4.13 2.41 7.75
CA PRO A 75 3.80 1.06 8.28
C PRO A 75 5.00 0.11 8.32
N GLU A 76 5.04 -0.77 9.31
CA GLU A 76 6.12 -1.75 9.44
C GLU A 76 5.53 -3.09 9.83
N LEU A 77 6.12 -4.18 9.34
CA LEU A 77 5.62 -5.51 9.65
C LEU A 77 6.04 -5.99 11.03
N LEU A 78 5.08 -6.61 11.73
CA LEU A 78 5.32 -7.13 13.07
C LEU A 78 5.26 -8.65 13.08
N GLU A 79 4.28 -9.21 12.37
CA GLU A 79 4.11 -10.66 12.30
C GLU A 79 3.33 -11.09 11.07
N LYS A 80 3.67 -12.27 10.56
CA LYS A 80 3.03 -12.84 9.39
C LYS A 80 2.90 -14.35 9.54
N SER A 81 1.81 -14.92 9.01
CA SER A 81 1.58 -16.36 9.10
C SER A 81 0.64 -16.84 7.99
N GLY A 82 0.81 -18.09 7.57
CA GLY A 82 -0.02 -18.65 6.51
C GLY A 82 0.42 -18.14 5.15
N GLU A 83 0.11 -18.90 4.09
CA GLU A 83 0.53 -18.48 2.75
C GLU A 83 -0.63 -18.53 1.74
N THR A 84 -1.00 -17.33 1.29
CA THR A 84 -2.03 -17.11 0.32
C THR A 84 -1.55 -16.73 -1.04
N GLY A 85 -2.45 -16.90 -1.98
CA GLY A 85 -2.17 -16.55 -3.36
C GLY A 85 -3.44 -16.11 -4.08
N ILE A 86 -3.48 -14.86 -4.54
CA ILE A 86 -4.66 -14.35 -5.23
C ILE A 86 -4.30 -13.31 -6.29
N GLU A 87 -4.98 -13.37 -7.42
CA GLU A 87 -4.67 -12.47 -8.52
C GLU A 87 -5.08 -11.03 -8.22
N GLU A 88 -4.18 -10.16 -8.62
CA GLU A 88 -4.35 -8.72 -8.43
C GLU A 88 -3.52 -7.92 -9.41
N GLY A 89 -3.86 -6.64 -9.56
CA GLY A 89 -3.11 -5.80 -10.47
C GLY A 89 -2.53 -4.64 -9.71
N CYS A 90 -1.55 -3.96 -10.28
CA CYS A 90 -0.93 -2.86 -9.59
C CYS A 90 -1.17 -1.56 -10.33
N LEU A 91 -1.43 -0.52 -9.57
CA LEU A 91 -1.69 0.81 -10.13
C LEU A 91 -0.63 1.19 -11.18
N SER A 92 0.51 0.52 -11.11
CA SER A 92 1.60 0.75 -12.04
C SER A 92 1.42 -0.11 -13.31
N ILE A 93 1.02 -1.35 -13.09
CA ILE A 93 0.79 -2.31 -14.15
C ILE A 93 -0.62 -2.16 -14.72
N PRO A 94 -0.86 -2.52 -16.00
CA PRO A 94 -2.19 -2.43 -16.62
C PRO A 94 -3.20 -3.33 -15.91
N GLU A 95 -4.13 -3.91 -16.68
CA GLU A 95 -5.14 -4.79 -16.12
C GLU A 95 -4.56 -6.19 -15.92
N GLN A 96 -3.25 -6.31 -16.05
CA GLN A 96 -2.59 -7.60 -15.91
C GLN A 96 -2.43 -8.01 -14.45
N ARG A 97 -3.48 -8.61 -13.89
CA ARG A 97 -3.42 -9.07 -12.51
C ARG A 97 -2.82 -10.47 -12.44
N ALA A 98 -1.89 -10.63 -11.51
CA ALA A 98 -1.18 -11.89 -11.30
C ALA A 98 -1.33 -12.32 -9.86
N LEU A 99 -1.38 -13.63 -9.61
CA LEU A 99 -1.56 -14.11 -8.26
C LEU A 99 -0.28 -13.97 -7.47
N VAL A 100 -0.32 -13.08 -6.49
CA VAL A 100 0.83 -12.81 -5.63
C VAL A 100 0.76 -13.56 -4.30
N PRO A 101 1.86 -14.21 -3.89
CA PRO A 101 1.90 -14.96 -2.64
C PRO A 101 2.30 -14.09 -1.45
N ARG A 102 1.46 -14.10 -0.42
CA ARG A 102 1.67 -13.34 0.79
C ARG A 102 1.16 -14.13 1.99
N ALA A 103 1.50 -13.72 3.19
CA ALA A 103 1.07 -14.43 4.37
C ALA A 103 -0.45 -14.28 4.55
N GLU A 104 -1.05 -15.24 5.24
CA GLU A 104 -2.51 -15.25 5.41
C GLU A 104 -2.94 -14.18 6.39
N LYS A 105 -2.18 -14.02 7.47
CA LYS A 105 -2.47 -12.98 8.43
C LYS A 105 -1.17 -12.34 8.91
N VAL A 106 -1.21 -11.03 9.06
CA VAL A 106 -0.06 -10.25 9.49
C VAL A 106 -0.45 -9.03 10.31
N LYS A 107 0.33 -8.74 11.36
CA LYS A 107 0.06 -7.59 12.21
C LYS A 107 1.12 -6.53 11.93
N ILE A 108 0.68 -5.31 11.62
CA ILE A 108 1.64 -4.25 11.28
C ILE A 108 1.33 -2.91 11.94
N ARG A 109 2.41 -2.14 12.16
CA ARG A 109 2.31 -0.83 12.82
C ARG A 109 2.39 0.30 11.79
N ALA A 110 1.54 1.29 12.00
CA ALA A 110 1.42 2.44 11.10
C ALA A 110 0.74 3.59 11.79
N LEU A 111 0.78 4.75 11.16
CA LEU A 111 0.11 5.91 11.70
C LEU A 111 -0.98 6.33 10.73
N ASP A 112 -2.03 6.94 11.25
CA ASP A 112 -3.16 7.30 10.41
C ASP A 112 -2.95 8.62 9.67
N ARG A 113 -3.80 8.87 8.67
CA ARG A 113 -3.73 10.09 7.87
C ARG A 113 -3.74 11.32 8.78
N ASP A 114 -4.24 11.14 10.01
CA ASP A 114 -4.32 12.21 10.98
C ASP A 114 -2.96 12.48 11.64
N GLY A 115 -2.10 11.46 11.70
CA GLY A 115 -0.79 11.65 12.31
C GLY A 115 -0.66 10.99 13.67
N LYS A 116 -1.27 9.82 13.85
CA LYS A 116 -1.18 9.09 15.11
C LYS A 116 -0.75 7.64 14.87
N PRO A 117 0.54 7.29 15.13
CA PRO A 117 1.05 5.93 14.88
C PRO A 117 0.55 4.85 15.84
N PHE A 118 -0.20 3.92 15.29
CA PHE A 118 -0.79 2.82 16.05
C PHE A 118 -0.46 1.48 15.41
N GLU A 119 -0.72 0.39 16.13
CA GLU A 119 -0.45 -0.92 15.59
C GLU A 119 -1.75 -1.61 15.24
N LEU A 120 -1.82 -2.14 14.03
CA LEU A 120 -3.04 -2.80 13.56
C LEU A 120 -2.76 -4.20 13.06
N GLU A 121 -3.59 -5.14 13.49
CA GLU A 121 -3.46 -6.52 13.08
C GLU A 121 -4.32 -6.78 11.84
N ALA A 122 -3.71 -7.26 10.77
CA ALA A 122 -4.46 -7.51 9.54
C ALA A 122 -4.45 -8.99 9.16
N ASP A 123 -5.63 -9.49 8.78
CA ASP A 123 -5.79 -10.88 8.34
C ASP A 123 -6.49 -10.87 6.98
N GLY A 124 -6.44 -11.97 6.20
CA GLY A 124 -7.16 -11.97 4.94
C GLY A 124 -6.85 -10.80 4.03
N LEU A 125 -7.91 -10.26 3.45
CA LEU A 125 -7.82 -9.14 2.52
C LEU A 125 -7.09 -7.96 3.14
N LEU A 126 -7.24 -7.77 4.45
CA LEU A 126 -6.55 -6.67 5.10
C LEU A 126 -5.06 -6.96 5.17
N ALA A 127 -4.78 -8.15 5.70
CA ALA A 127 -3.41 -8.63 5.85
C ALA A 127 -2.66 -8.67 4.53
N ILE A 128 -3.33 -9.16 3.49
CA ILE A 128 -2.70 -9.29 2.18
C ILE A 128 -2.40 -7.92 1.55
N CYS A 129 -3.42 -7.07 1.41
CA CYS A 129 -3.24 -5.75 0.81
C CYS A 129 -2.22 -4.91 1.56
N ILE A 130 -2.40 -4.82 2.87
CA ILE A 130 -1.50 -4.01 3.70
C ILE A 130 -0.05 -4.50 3.56
N GLN A 131 0.15 -5.82 3.60
CA GLN A 131 1.50 -6.36 3.44
C GLN A 131 2.01 -6.11 2.03
N HIS A 132 1.11 -6.21 1.04
CA HIS A 132 1.48 -5.97 -0.36
C HIS A 132 2.00 -4.54 -0.50
N GLU A 133 1.28 -3.59 0.07
CA GLU A 133 1.67 -2.19 0.01
C GLU A 133 3.04 -1.97 0.62
N MET A 134 3.33 -2.60 1.75
CA MET A 134 4.64 -2.45 2.39
C MET A 134 5.74 -2.88 1.41
N ASP A 135 5.51 -4.03 0.80
CA ASP A 135 6.45 -4.56 -0.18
C ASP A 135 6.55 -3.61 -1.37
N HIS A 136 5.41 -3.17 -1.90
CA HIS A 136 5.38 -2.29 -3.06
C HIS A 136 6.12 -1.00 -2.78
N LEU A 137 5.75 -0.33 -1.71
CA LEU A 137 6.39 0.95 -1.36
C LEU A 137 7.91 0.80 -1.21
N VAL A 138 8.36 -0.37 -0.77
CA VAL A 138 9.80 -0.64 -0.67
C VAL A 138 10.32 -1.18 -2.02
N GLY A 139 9.56 -0.85 -3.04
CA GLY A 139 9.86 -1.19 -4.41
C GLY A 139 10.11 -2.63 -4.59
N LYS A 140 9.35 -3.44 -3.89
CA LYS A 140 9.52 -4.84 -4.00
C LYS A 140 8.17 -5.55 -4.10
N LEU A 141 7.78 -5.99 -5.28
CA LEU A 141 6.53 -6.69 -5.45
C LEU A 141 6.80 -8.07 -6.08
N PHE A 142 5.98 -9.05 -5.76
CA PHE A 142 6.16 -10.40 -6.30
C PHE A 142 6.09 -10.44 -7.83
N MET A 143 5.17 -9.66 -8.40
CA MET A 143 4.99 -9.62 -9.85
C MET A 143 6.30 -9.24 -10.56
N ASP A 144 7.16 -8.53 -9.84
CA ASP A 144 8.43 -8.08 -10.38
C ASP A 144 9.27 -9.23 -10.93
N TYR A 145 9.06 -10.44 -10.41
CA TYR A 145 9.83 -11.58 -10.83
C TYR A 145 8.94 -12.64 -11.47
N LEU A 146 7.94 -12.20 -12.24
CA LEU A 146 7.04 -13.12 -12.88
C LEU A 146 7.53 -13.46 -14.30
N SER A 147 7.42 -14.72 -14.68
CA SER A 147 7.84 -15.16 -16.01
C SER A 147 7.27 -16.54 -16.33
ZN ZN B . 0.68 -3.10 -6.22
C5 BB2 C . -2.45 -4.03 -5.92
C3 BB2 C . -1.54 -2.81 -5.88
O4 BB2 C . -1.37 -2.13 -6.89
N1 BB2 C . -0.94 -2.55 -4.73
O2 BB2 C . -0.06 -1.47 -4.70
C6 BB2 C . -3.75 -3.92 -5.07
C12 BB2 C . -4.90 -3.29 -5.84
O13 BB2 C . -5.75 -2.64 -5.25
C7 BB2 C . -3.60 -3.19 -3.74
C8 BB2 C . -4.28 -3.94 -2.59
C9 BB2 C . -4.65 -3.02 -1.46
C10 BB2 C . -3.43 -2.52 -0.71
C11 BB2 C . -3.78 -1.52 0.38
N14 BB2 C . -5.15 -3.87 -7.00
C15 BB2 C . -6.19 -3.36 -7.87
C16 BB2 C . -5.66 -2.26 -8.80
C18 BB2 C . -6.79 -1.61 -9.58
C17 BB2 C . -4.90 -1.21 -8.00
C19 BB2 C . -6.84 -4.47 -8.71
O20 BB2 C . -6.26 -4.79 -9.75
N21 BB2 C . -7.54 -5.43 -8.04
C22 BB2 C . -7.42 -5.59 -6.58
C23 BB2 C . -8.94 -5.66 -8.40
C24 BB2 C . -9.45 -6.54 -7.31
C25 BB2 C . -8.81 -6.01 -6.10
C26 BB2 C . -6.41 -6.73 -6.42
O27 BB2 C . -6.85 -7.90 -7.10
H51 BB2 C . -2.72 -4.19 -6.96
H52 BB2 C . -1.88 -4.88 -5.61
HN1 BB2 C . -1.09 -3.12 -3.94
HO2 BB2 C . -0.18 -0.95 -3.90
H6 BB2 C . -4.04 -4.95 -4.86
H71 BB2 C . -4.03 -2.21 -3.81
H72 BB2 C . -2.55 -3.11 -3.50
H81 BB2 C . -3.59 -4.69 -2.22
H82 BB2 C . -5.17 -4.41 -2.97
H91 BB2 C . -5.31 -3.53 -0.78
H92 BB2 C . -5.17 -2.17 -1.86
H101 BB2 C . -2.75 -2.06 -1.39
H102 BB2 C . -2.94 -3.36 -0.23
H111 BB2 C . -4.10 -2.04 1.26
H112 BB2 C . -4.57 -0.88 0.03
H113 BB2 C . -2.91 -0.91 0.59
H14 BB2 C . -4.48 -4.47 -7.39
H15 BB2 C . -6.95 -2.92 -7.23
H16 BB2 C . -4.97 -2.71 -9.50
H181 BB2 C . -6.72 -0.53 -9.51
H182 BB2 C . -7.74 -1.93 -9.19
H183 BB2 C . -6.72 -1.89 -10.62
H171 BB2 C . -3.85 -1.33 -8.16
H172 BB2 C . -5.13 -1.32 -6.95
H173 BB2 C . -5.20 -0.24 -8.33
H22 BB2 C . -7.07 -4.71 -6.09
H231 BB2 C . -9.49 -4.72 -8.41
H232 BB2 C . -9.03 -6.14 -9.37
H241 BB2 C . -10.53 -6.47 -7.24
H242 BB2 C . -9.16 -7.56 -7.47
H251 BB2 C . -9.34 -5.15 -5.72
H252 BB2 C . -8.73 -6.76 -5.33
H261 BB2 C . -5.46 -6.43 -6.82
H262 BB2 C . -6.30 -6.97 -5.36
H27 BB2 C . -6.22 -8.62 -6.95
N SER A 1 -8.06 15.36 -8.48
CA SER A 1 -8.17 14.48 -7.29
C SER A 1 -7.00 13.51 -7.21
N VAL A 2 -6.70 12.86 -8.33
CA VAL A 2 -5.61 11.89 -8.39
C VAL A 2 -4.27 12.59 -8.63
N LEU A 3 -3.26 12.20 -7.86
CA LEU A 3 -1.94 12.79 -8.03
C LEU A 3 -1.22 12.13 -9.21
N GLN A 4 0.11 12.22 -9.24
CA GLN A 4 0.87 11.65 -10.34
C GLN A 4 1.24 10.19 -10.09
N VAL A 5 0.54 9.28 -10.76
CA VAL A 5 0.77 7.85 -10.57
C VAL A 5 1.83 7.32 -11.53
N LEU A 6 2.78 6.56 -10.97
CA LEU A 6 3.87 5.98 -11.75
C LEU A 6 3.47 4.58 -12.23
N HIS A 7 3.83 4.24 -13.47
CA HIS A 7 3.47 2.94 -14.02
C HIS A 7 4.66 2.02 -14.24
N ILE A 8 4.45 0.74 -13.95
CA ILE A 8 5.44 -0.30 -14.16
C ILE A 8 5.78 -0.39 -15.66
N PRO A 9 7.07 -0.45 -16.03
CA PRO A 9 8.22 -0.40 -15.11
C PRO A 9 8.53 1.02 -14.67
N ASP A 10 9.02 1.15 -13.45
CA ASP A 10 9.37 2.44 -12.90
C ASP A 10 10.23 2.25 -11.66
N GLU A 11 11.35 2.98 -11.60
CA GLU A 11 12.26 2.85 -10.48
C GLU A 11 11.55 3.16 -9.17
N ARG A 12 10.78 4.24 -9.16
CA ARG A 12 10.05 4.65 -7.98
C ARG A 12 9.06 3.61 -7.50
N LEU A 13 8.53 2.72 -8.36
CA LEU A 13 7.63 1.69 -7.89
C LEU A 13 8.45 0.60 -7.23
N ARG A 14 9.66 0.44 -7.75
CA ARG A 14 10.61 -0.53 -7.26
C ARG A 14 11.53 0.16 -6.25
N LYS A 15 11.17 1.39 -5.86
CA LYS A 15 11.97 2.17 -4.91
C LYS A 15 11.62 1.80 -3.48
N VAL A 16 12.64 1.75 -2.62
CA VAL A 16 12.42 1.41 -1.23
C VAL A 16 12.01 2.65 -0.43
N ALA A 17 10.70 2.85 -0.28
CA ALA A 17 10.18 3.99 0.45
C ALA A 17 10.70 4.05 1.88
N LYS A 18 10.92 5.27 2.37
CA LYS A 18 11.40 5.48 3.72
C LYS A 18 10.26 5.95 4.64
N PRO A 19 10.13 5.38 5.85
CA PRO A 19 9.10 5.78 6.80
C PRO A 19 9.50 7.06 7.53
N VAL A 20 8.76 8.12 7.32
CA VAL A 20 9.10 9.42 7.89
C VAL A 20 8.94 9.47 9.39
N GLU A 21 9.87 10.21 10.00
CA GLU A 21 9.91 10.40 11.43
C GLU A 21 8.68 11.10 11.98
N GLU A 22 7.98 11.85 11.13
CA GLU A 22 6.80 12.57 11.56
C GLU A 22 5.93 12.93 10.37
N VAL A 23 4.61 12.98 10.58
CA VAL A 23 3.69 13.29 9.49
C VAL A 23 3.55 14.78 9.25
N ASN A 24 4.16 15.25 8.17
CA ASN A 24 4.14 16.66 7.81
C ASN A 24 2.93 17.01 6.92
N ALA A 25 2.57 18.29 6.92
CA ALA A 25 1.44 18.76 6.12
C ALA A 25 1.63 18.38 4.65
N GLU A 26 2.88 18.32 4.23
CA GLU A 26 3.20 17.91 2.87
C GLU A 26 2.92 16.42 2.75
N ILE A 27 3.23 15.71 3.84
CA ILE A 27 3.01 14.28 3.91
C ILE A 27 1.52 13.98 3.85
N GLN A 28 0.72 14.71 4.64
CA GLN A 28 -0.74 14.54 4.64
C GLN A 28 -1.31 14.75 3.26
N ARG A 29 -0.77 15.74 2.55
CA ARG A 29 -1.24 16.05 1.20
C ARG A 29 -1.00 14.84 0.30
N ILE A 30 0.15 14.21 0.51
CA ILE A 30 0.54 13.01 -0.22
C ILE A 30 -0.49 11.88 -0.07
N VAL A 31 -0.85 11.58 1.18
CA VAL A 31 -1.83 10.53 1.48
C VAL A 31 -3.22 10.90 0.99
N ASP A 32 -3.58 12.17 1.20
CA ASP A 32 -4.88 12.66 0.82
C ASP A 32 -5.17 12.38 -0.64
N ASP A 33 -4.19 12.66 -1.48
CA ASP A 33 -4.29 12.39 -2.89
C ASP A 33 -4.13 10.90 -3.16
N MET A 34 -3.37 10.20 -2.30
CA MET A 34 -3.14 8.78 -2.52
C MET A 34 -4.45 8.00 -2.52
N PHE A 35 -5.32 8.26 -1.54
CA PHE A 35 -6.61 7.61 -1.52
C PHE A 35 -7.44 8.16 -2.67
N GLU A 36 -7.41 9.48 -2.83
CA GLU A 36 -8.16 10.16 -3.87
C GLU A 36 -7.86 9.48 -5.21
N THR A 37 -6.59 9.19 -5.41
CA THR A 37 -6.22 8.51 -6.64
C THR A 37 -6.76 7.09 -6.59
N MET A 38 -6.30 6.32 -5.59
CA MET A 38 -6.55 4.90 -5.49
C MET A 38 -7.96 4.62 -5.77
N TYR A 39 -8.80 5.42 -5.21
CA TYR A 39 -10.24 5.26 -5.44
C TYR A 39 -10.60 5.60 -6.87
N ALA A 40 -10.01 6.68 -7.37
CA ALA A 40 -10.26 7.08 -8.74
C ALA A 40 -9.83 5.96 -9.68
N GLU A 41 -8.85 5.20 -9.22
CA GLU A 41 -8.35 4.04 -9.95
C GLU A 41 -9.24 2.86 -9.65
N GLU A 42 -10.10 3.03 -8.66
CA GLU A 42 -10.98 1.99 -8.19
C GLU A 42 -10.16 0.84 -7.63
N GLY A 43 -8.95 1.20 -7.19
CA GLY A 43 -8.04 0.26 -6.57
C GLY A 43 -8.42 0.03 -5.12
N ILE A 44 -8.33 -1.21 -4.64
CA ILE A 44 -8.71 -1.49 -3.26
C ILE A 44 -7.61 -1.09 -2.27
N GLY A 45 -6.52 -0.55 -2.80
CA GLY A 45 -5.39 -0.13 -1.98
C GLY A 45 -4.26 0.46 -2.83
N LEU A 46 -3.67 1.62 -2.44
CA LEU A 46 -2.61 2.21 -3.24
C LEU A 46 -1.35 2.45 -2.40
N ALA A 47 -0.17 2.10 -2.95
CA ALA A 47 1.10 2.30 -2.24
C ALA A 47 1.86 3.53 -2.74
N ALA A 48 2.30 4.39 -1.81
CA ALA A 48 3.03 5.63 -2.10
C ALA A 48 3.86 5.62 -3.39
N THR A 49 4.77 4.68 -3.52
CA THR A 49 5.63 4.59 -4.68
C THR A 49 4.84 4.56 -5.96
N GLN A 50 3.69 3.94 -5.86
CA GLN A 50 2.79 3.83 -6.99
C GLN A 50 2.27 5.20 -7.37
N VAL A 51 2.00 6.04 -6.37
CA VAL A 51 1.51 7.37 -6.64
C VAL A 51 2.66 8.37 -6.80
N ASP A 52 3.88 7.83 -6.95
CA ASP A 52 5.08 8.63 -7.20
C ASP A 52 5.63 9.32 -5.96
N ILE A 53 5.54 8.68 -4.79
CA ILE A 53 6.13 9.27 -3.60
C ILE A 53 7.08 8.29 -2.94
N HIS A 54 8.36 8.59 -3.01
CA HIS A 54 9.39 7.73 -2.44
C HIS A 54 9.41 7.85 -0.92
N GLN A 55 8.29 7.43 -0.34
CA GLN A 55 8.09 7.44 1.11
C GLN A 55 7.08 6.35 1.46
N ARG A 56 7.39 5.52 2.46
CA ARG A 56 6.51 4.41 2.87
C ARG A 56 5.13 4.87 3.36
N ILE A 57 4.29 5.28 2.43
CA ILE A 57 2.95 5.75 2.74
C ILE A 57 1.95 4.82 2.08
N ILE A 58 1.02 4.24 2.85
CA ILE A 58 0.07 3.30 2.26
C ILE A 58 -1.38 3.64 2.57
N VAL A 59 -2.24 3.35 1.59
CA VAL A 59 -3.65 3.57 1.72
C VAL A 59 -4.40 2.29 1.37
N ILE A 60 -5.40 1.95 2.17
CA ILE A 60 -6.16 0.74 1.93
C ILE A 60 -7.60 1.07 1.60
N ASP A 61 -8.17 0.21 0.76
CA ASP A 61 -9.53 0.36 0.29
C ASP A 61 -10.25 -0.99 0.33
N VAL A 62 -9.85 -1.83 1.29
CA VAL A 62 -10.45 -3.16 1.45
C VAL A 62 -11.50 -3.16 2.55
N SER A 63 -12.76 -3.34 2.15
CA SER A 63 -13.92 -3.33 3.06
C SER A 63 -13.66 -4.05 4.40
N GLU A 64 -12.93 -3.36 5.27
CA GLU A 64 -12.61 -3.89 6.59
C GLU A 64 -13.81 -3.82 7.54
N ASN A 65 -14.85 -3.10 7.12
CA ASN A 65 -16.07 -2.97 7.89
C ASN A 65 -17.20 -2.43 7.00
N ARG A 66 -17.97 -1.48 7.52
CA ARG A 66 -19.08 -0.91 6.78
C ARG A 66 -18.59 0.07 5.72
N ASP A 67 -17.88 1.09 6.15
CA ASP A 67 -17.35 2.10 5.24
C ASP A 67 -15.92 1.79 4.81
N GLU A 68 -15.68 1.83 3.51
CA GLU A 68 -14.34 1.59 2.97
C GLU A 68 -13.54 2.89 2.97
N ARG A 69 -12.40 2.88 3.67
CA ARG A 69 -11.53 4.06 3.76
C ARG A 69 -10.40 3.84 4.77
N LEU A 70 -9.39 3.06 4.37
CA LEU A 70 -8.26 2.79 5.24
C LEU A 70 -7.02 3.58 4.84
N VAL A 71 -6.37 4.20 5.83
CA VAL A 71 -5.14 4.95 5.58
C VAL A 71 -4.09 4.62 6.64
N LEU A 72 -2.86 4.37 6.20
CA LEU A 72 -1.75 4.09 7.13
C LEU A 72 -0.49 4.80 6.64
N ILE A 73 0.30 5.33 7.55
CA ILE A 73 1.52 6.03 7.18
C ILE A 73 2.75 5.38 7.79
N ASN A 74 3.76 5.22 6.96
CA ASN A 74 5.03 4.62 7.39
C ASN A 74 4.82 3.27 8.10
N PRO A 75 3.87 2.42 7.64
CA PRO A 75 3.60 1.11 8.28
C PRO A 75 4.83 0.20 8.40
N GLU A 76 4.84 -0.65 9.43
CA GLU A 76 5.94 -1.57 9.65
C GLU A 76 5.38 -2.94 10.01
N LEU A 77 6.02 -4.00 9.52
CA LEU A 77 5.55 -5.36 9.79
C LEU A 77 6.02 -5.86 11.15
N LEU A 78 5.08 -6.44 11.87
CA LEU A 78 5.31 -6.98 13.19
C LEU A 78 5.25 -8.50 13.21
N GLU A 79 4.34 -9.08 12.43
CA GLU A 79 4.19 -10.54 12.39
C GLU A 79 3.46 -10.99 11.12
N LYS A 80 3.75 -12.23 10.72
CA LYS A 80 3.13 -12.82 9.54
C LYS A 80 2.97 -14.33 9.73
N SER A 81 1.96 -14.92 9.09
CA SER A 81 1.71 -16.35 9.19
C SER A 81 0.86 -16.85 8.03
N GLY A 82 1.17 -18.05 7.53
CA GLY A 82 0.41 -18.61 6.42
C GLY A 82 0.84 -18.04 5.09
N GLU A 83 0.38 -18.65 3.98
CA GLU A 83 0.77 -18.16 2.66
C GLU A 83 -0.35 -18.33 1.62
N THR A 84 -0.85 -17.19 1.16
CA THR A 84 -1.89 -17.09 0.16
C THR A 84 -1.41 -16.80 -1.23
N GLY A 85 -2.30 -17.11 -2.15
CA GLY A 85 -2.03 -16.86 -3.56
C GLY A 85 -3.24 -16.23 -4.24
N ILE A 86 -3.19 -14.91 -4.42
CA ILE A 86 -4.31 -14.19 -5.03
C ILE A 86 -3.89 -13.04 -5.95
N GLU A 87 -4.54 -12.97 -7.12
CA GLU A 87 -4.25 -11.97 -8.15
C GLU A 87 -4.75 -10.59 -7.75
N GLU A 88 -3.96 -9.61 -8.16
CA GLU A 88 -4.24 -8.22 -7.92
C GLU A 88 -3.57 -7.38 -8.97
N GLY A 89 -3.95 -6.12 -9.08
CA GLY A 89 -3.33 -5.28 -10.07
C GLY A 89 -2.66 -4.12 -9.40
N CYS A 90 -1.72 -3.50 -10.09
CA CYS A 90 -0.98 -2.42 -9.51
C CYS A 90 -1.33 -1.12 -10.19
N LEU A 91 -1.47 -0.06 -9.41
CA LEU A 91 -1.82 1.25 -9.96
C LEU A 91 -0.89 1.59 -11.12
N SER A 92 0.34 1.11 -11.01
CA SER A 92 1.37 1.34 -12.01
C SER A 92 1.16 0.42 -13.21
N ILE A 93 0.54 -0.72 -12.98
CA ILE A 93 0.27 -1.69 -14.02
C ILE A 93 -1.05 -1.34 -14.72
N PRO A 94 -1.19 -1.63 -16.03
CA PRO A 94 -2.41 -1.31 -16.78
C PRO A 94 -3.57 -2.29 -16.54
N GLU A 95 -3.84 -2.59 -15.27
CA GLU A 95 -4.93 -3.50 -14.89
C GLU A 95 -4.53 -4.97 -15.04
N GLN A 96 -3.27 -5.20 -15.38
CA GLN A 96 -2.78 -6.55 -15.52
C GLN A 96 -2.52 -7.12 -14.13
N ARG A 97 -3.55 -7.75 -13.57
CA ARG A 97 -3.43 -8.31 -12.22
C ARG A 97 -2.80 -9.71 -12.26
N ALA A 98 -1.83 -9.90 -11.37
CA ALA A 98 -1.11 -11.15 -11.24
C ALA A 98 -1.17 -11.64 -9.80
N LEU A 99 -1.17 -12.95 -9.62
CA LEU A 99 -1.23 -13.53 -8.29
C LEU A 99 0.12 -13.41 -7.60
N VAL A 100 0.11 -13.01 -6.33
CA VAL A 100 1.34 -12.82 -5.59
C VAL A 100 1.25 -13.50 -4.23
N PRO A 101 2.27 -14.30 -3.84
CA PRO A 101 2.25 -15.01 -2.56
C PRO A 101 2.60 -14.11 -1.37
N ARG A 102 1.70 -14.11 -0.41
CA ARG A 102 1.84 -13.33 0.81
C ARG A 102 1.31 -14.12 2.02
N ALA A 103 1.64 -13.68 3.22
CA ALA A 103 1.22 -14.39 4.42
C ALA A 103 -0.29 -14.27 4.62
N GLU A 104 -0.86 -15.24 5.32
CA GLU A 104 -2.30 -15.29 5.51
C GLU A 104 -2.73 -14.21 6.49
N LYS A 105 -1.99 -14.05 7.59
CA LYS A 105 -2.30 -13.00 8.54
C LYS A 105 -1.01 -12.36 9.03
N VAL A 106 -1.05 -11.04 9.13
CA VAL A 106 0.10 -10.27 9.58
C VAL A 106 -0.32 -9.05 10.42
N LYS A 107 0.43 -8.78 11.48
CA LYS A 107 0.14 -7.64 12.34
C LYS A 107 1.19 -6.56 12.10
N ILE A 108 0.74 -5.36 11.79
CA ILE A 108 1.66 -4.27 11.48
C ILE A 108 1.33 -2.96 12.22
N ARG A 109 2.31 -2.06 12.30
CA ARG A 109 2.13 -0.78 12.97
C ARG A 109 2.12 0.34 11.93
N ALA A 110 1.23 1.28 12.08
CA ALA A 110 1.12 2.39 11.15
C ALA A 110 0.49 3.60 11.82
N LEU A 111 0.60 4.73 11.16
CA LEU A 111 -0.01 5.95 11.68
C LEU A 111 -1.07 6.40 10.69
N ASP A 112 -2.10 7.06 11.18
CA ASP A 112 -3.20 7.44 10.29
C ASP A 112 -2.92 8.74 9.53
N ARG A 113 -3.79 9.04 8.58
CA ARG A 113 -3.65 10.26 7.78
C ARG A 113 -3.55 11.50 8.67
N ASP A 114 -4.08 11.38 9.89
CA ASP A 114 -4.06 12.47 10.85
C ASP A 114 -2.71 12.61 11.53
N GLY A 115 -1.88 11.60 11.41
CA GLY A 115 -0.57 11.65 12.03
C GLY A 115 -0.50 11.03 13.41
N LYS A 116 -1.17 9.90 13.63
CA LYS A 116 -1.14 9.23 14.93
C LYS A 116 -0.77 7.74 14.75
N PRO A 117 0.50 7.35 15.05
CA PRO A 117 0.95 5.96 14.84
C PRO A 117 0.43 4.93 15.85
N PHE A 118 -0.36 4.00 15.34
CA PHE A 118 -0.96 2.93 16.13
C PHE A 118 -0.62 1.59 15.53
N GLU A 119 -0.89 0.51 16.25
CA GLU A 119 -0.59 -0.82 15.74
C GLU A 119 -1.87 -1.54 15.35
N LEU A 120 -1.88 -2.09 14.14
CA LEU A 120 -3.05 -2.78 13.64
C LEU A 120 -2.71 -4.19 13.16
N GLU A 121 -3.53 -5.15 13.55
CA GLU A 121 -3.35 -6.53 13.16
C GLU A 121 -4.22 -6.85 11.95
N ALA A 122 -3.62 -7.34 10.87
CA ALA A 122 -4.37 -7.66 9.67
C ALA A 122 -4.32 -9.15 9.32
N ASP A 123 -5.49 -9.68 8.96
CA ASP A 123 -5.63 -11.09 8.55
C ASP A 123 -6.31 -11.14 7.19
N GLY A 124 -6.30 -12.26 6.45
CA GLY A 124 -7.00 -12.31 5.18
C GLY A 124 -6.81 -11.11 4.27
N LEU A 125 -7.93 -10.63 3.75
CA LEU A 125 -7.94 -9.50 2.83
C LEU A 125 -7.21 -8.30 3.42
N LEU A 126 -7.33 -8.11 4.73
CA LEU A 126 -6.66 -6.99 5.38
C LEU A 126 -5.15 -7.22 5.39
N ALA A 127 -4.78 -8.39 5.90
CA ALA A 127 -3.39 -8.78 6.01
C ALA A 127 -2.71 -8.80 4.65
N ILE A 128 -3.40 -9.29 3.65
CA ILE A 128 -2.83 -9.38 2.31
C ILE A 128 -2.63 -7.99 1.69
N CYS A 129 -3.69 -7.19 1.64
CA CYS A 129 -3.60 -5.87 1.05
C CYS A 129 -2.56 -4.99 1.74
N ILE A 130 -2.63 -4.92 3.06
CA ILE A 130 -1.69 -4.10 3.82
C ILE A 130 -0.25 -4.55 3.60
N GLN A 131 -0.01 -5.86 3.62
CA GLN A 131 1.34 -6.38 3.40
C GLN A 131 1.79 -6.10 1.97
N HIS A 132 0.86 -6.21 1.02
CA HIS A 132 1.17 -5.93 -0.39
C HIS A 132 1.73 -4.52 -0.50
N GLU A 133 1.06 -3.58 0.14
CA GLU A 133 1.49 -2.18 0.14
C GLU A 133 2.89 -2.02 0.74
N MET A 134 3.18 -2.69 1.85
CA MET A 134 4.50 -2.58 2.47
C MET A 134 5.61 -3.05 1.53
N ASP A 135 5.43 -4.23 0.96
CA ASP A 135 6.43 -4.75 0.03
C ASP A 135 6.50 -3.86 -1.20
N HIS A 136 5.35 -3.50 -1.76
CA HIS A 136 5.29 -2.68 -2.95
C HIS A 136 5.97 -1.33 -2.74
N LEU A 137 5.57 -0.62 -1.69
CA LEU A 137 6.14 0.70 -1.46
C LEU A 137 7.66 0.64 -1.23
N VAL A 138 8.17 -0.47 -0.66
CA VAL A 138 9.63 -0.63 -0.53
C VAL A 138 10.18 -1.14 -1.90
N GLY A 139 9.35 -0.85 -2.89
CA GLY A 139 9.60 -1.14 -4.28
C GLY A 139 9.89 -2.58 -4.53
N LYS A 140 9.40 -3.42 -3.65
CA LYS A 140 9.62 -4.82 -3.81
C LYS A 140 8.29 -5.51 -4.05
N LEU A 141 8.09 -6.13 -5.21
CA LEU A 141 6.87 -6.83 -5.50
C LEU A 141 7.20 -8.18 -6.15
N PHE A 142 6.38 -9.20 -5.91
CA PHE A 142 6.64 -10.53 -6.48
C PHE A 142 6.62 -10.52 -8.01
N MET A 143 5.79 -9.67 -8.59
CA MET A 143 5.67 -9.54 -10.04
C MET A 143 7.04 -9.33 -10.70
N ASP A 144 7.99 -8.82 -9.93
CA ASP A 144 9.33 -8.53 -10.39
C ASP A 144 9.94 -9.73 -11.13
N TYR A 145 9.46 -10.92 -10.83
CA TYR A 145 10.00 -12.12 -11.44
C TYR A 145 8.87 -12.99 -12.02
N LEU A 146 7.94 -12.37 -12.72
CA LEU A 146 6.85 -13.09 -13.34
C LEU A 146 7.17 -13.46 -14.79
N SER A 147 6.75 -14.65 -15.21
CA SER A 147 6.98 -15.10 -16.57
C SER A 147 6.27 -16.41 -16.86
ZN ZN B . 0.89 -3.36 -6.50
C5 BB2 C . -3.11 -1.98 -5.89
C3 BB2 C . -1.60 -2.07 -5.81
O4 BB2 C . -0.93 -1.91 -6.83
N1 BB2 C . -1.05 -2.27 -4.61
O2 BB2 C . 0.33 -2.33 -4.53
C6 BB2 C . -3.90 -3.07 -5.13
C12 BB2 C . -5.30 -3.15 -5.70
O13 BB2 C . -6.28 -3.32 -4.98
C7 BB2 C . -4.00 -2.82 -3.61
C8 BB2 C . -3.28 -3.87 -2.77
C9 BB2 C . -3.82 -3.88 -1.35
C10 BB2 C . -3.61 -2.54 -0.65
C11 BB2 C . -4.65 -2.26 0.41
N14 BB2 C . -5.33 -3.33 -7.01
C15 BB2 C . -6.53 -3.07 -7.78
C16 BB2 C . -6.28 -1.91 -8.79
C18 BB2 C . -7.57 -1.45 -9.43
C17 BB2 C . -5.57 -0.75 -8.11
C19 BB2 C . -7.00 -4.31 -8.54
O20 BB2 C . -6.38 -4.61 -9.57
N21 BB2 C . -7.57 -5.31 -7.84
C22 BB2 C . -7.49 -5.37 -6.36
C23 BB2 C . -8.89 -5.82 -8.25
C24 BB2 C . -9.33 -6.66 -7.09
C25 BB2 C . -8.84 -5.92 -5.91
C26 BB2 C . -6.37 -6.36 -6.09
O27 BB2 C . -6.66 -7.61 -6.69
H51 BB2 C . -3.40 -1.00 -5.53
H52 BB2 C . -3.37 -2.02 -6.94
HN1 BB2 C . -1.62 -2.34 -3.82
HO2 BB2 C . 0.67 -3.04 -5.09
H6 BB2 C . -3.39 -4.01 -5.31
H71 BB2 C . -5.04 -2.82 -3.33
H72 BB2 C . -3.57 -1.87 -3.38
H81 BB2 C . -2.23 -3.63 -2.74
H82 BB2 C . -3.43 -4.84 -3.21
H91 BB2 C . -3.31 -4.64 -0.79
H92 BB2 C . -4.87 -4.09 -1.38
H101 BB2 C . -3.64 -1.75 -1.38
H102 BB2 C . -2.65 -2.55 -0.17
H111 BB2 C . -4.17 -2.10 1.36
H112 BB2 C . -5.33 -3.08 0.48
H113 BB2 C . -5.20 -1.37 0.14
H14 BB2 C . -4.57 -3.74 -7.46
H15 BB2 C . -7.31 -2.76 -7.10
H16 BB2 C . -5.63 -2.28 -9.57
H181 BB2 C . -7.57 -0.36 -9.50
H182 BB2 C . -8.41 -1.76 -8.82
H183 BB2 C . -7.67 -1.87 -10.42
H171 BB2 C . -4.52 -0.80 -8.32
H172 BB2 C . -5.74 -0.79 -7.04
H173 BB2 C . -5.97 0.19 -8.49
H22 BB2 C . -7.29 -4.41 -5.92
H231 BB2 C . -9.58 -5.01 -8.40
H232 BB2 C . -8.81 -6.40 -9.14
H241 BB2 C . -10.41 -6.74 -7.08
H242 BB2 C . -8.87 -7.64 -7.14
H251 BB2 C . -9.50 -5.11 -5.66
H252 BB2 C . -8.72 -6.57 -5.06
H261 BB2 C . -5.45 -5.98 -6.52
H262 BB2 C . -6.25 -6.49 -5.02
H27 BB2 C . -5.97 -8.25 -6.50
N SER A 1 -7.28 16.53 -8.36
CA SER A 1 -7.77 15.65 -7.26
C SER A 1 -6.95 14.38 -7.16
N VAL A 2 -6.67 13.77 -8.32
CA VAL A 2 -5.89 12.54 -8.37
C VAL A 2 -4.39 12.81 -8.35
N LEU A 3 -3.67 12.01 -7.60
CA LEU A 3 -2.22 12.14 -7.47
C LEU A 3 -1.52 11.57 -8.71
N GLN A 4 -0.26 11.94 -8.91
CA GLN A 4 0.49 11.48 -10.07
C GLN A 4 0.99 10.05 -9.84
N VAL A 5 0.34 9.11 -10.53
CA VAL A 5 0.68 7.70 -10.39
C VAL A 5 1.75 7.24 -11.38
N LEU A 6 2.75 6.54 -10.83
CA LEU A 6 3.85 6.01 -11.64
C LEU A 6 3.51 4.62 -12.15
N HIS A 7 4.03 4.26 -13.31
CA HIS A 7 3.75 2.96 -13.90
C HIS A 7 5.01 2.16 -14.21
N ILE A 8 4.88 0.84 -14.13
CA ILE A 8 5.97 -0.07 -14.42
C ILE A 8 6.54 0.18 -15.82
N PRO A 9 7.87 0.00 -16.03
CA PRO A 9 8.82 -0.42 -14.99
C PRO A 9 9.47 0.76 -14.28
N ASP A 10 8.65 1.69 -13.80
CA ASP A 10 9.15 2.86 -13.10
C ASP A 10 10.02 2.47 -11.91
N GLU A 11 11.20 3.08 -11.81
CA GLU A 11 12.12 2.78 -10.73
C GLU A 11 11.50 3.05 -9.37
N ARG A 12 10.74 4.14 -9.28
CA ARG A 12 10.09 4.53 -8.05
C ARG A 12 9.16 3.46 -7.49
N LEU A 13 8.58 2.56 -8.30
CA LEU A 13 7.74 1.52 -7.76
C LEU A 13 8.62 0.47 -7.13
N ARG A 14 9.79 0.31 -7.74
CA ARG A 14 10.76 -0.63 -7.30
C ARG A 14 11.72 0.05 -6.33
N LYS A 15 11.39 1.29 -5.96
CA LYS A 15 12.20 2.06 -5.05
C LYS A 15 11.79 1.77 -3.61
N VAL A 16 12.74 1.83 -2.70
CA VAL A 16 12.44 1.59 -1.30
C VAL A 16 11.89 2.87 -0.67
N ALA A 17 10.76 2.75 0.00
CA ALA A 17 10.14 3.90 0.64
C ALA A 17 10.71 4.09 2.03
N LYS A 18 10.88 5.35 2.44
CA LYS A 18 11.40 5.65 3.77
C LYS A 18 10.26 6.14 4.67
N PRO A 19 10.11 5.58 5.88
CA PRO A 19 9.06 6.00 6.81
C PRO A 19 9.43 7.30 7.51
N VAL A 20 8.65 8.34 7.28
CA VAL A 20 8.96 9.66 7.81
C VAL A 20 8.86 9.73 9.32
N GLU A 21 9.77 10.53 9.86
CA GLU A 21 9.90 10.76 11.28
C GLU A 21 8.67 11.42 11.89
N GLU A 22 7.89 12.13 11.08
CA GLU A 22 6.71 12.81 11.58
C GLU A 22 5.75 13.16 10.45
N VAL A 23 4.45 13.06 10.72
CA VAL A 23 3.44 13.35 9.70
C VAL A 23 3.20 14.84 9.51
N ASN A 24 3.66 15.38 8.39
CA ASN A 24 3.54 16.80 8.09
C ASN A 24 2.35 17.08 7.17
N ALA A 25 1.86 18.33 7.19
CA ALA A 25 0.74 18.73 6.34
C ALA A 25 1.05 18.44 4.87
N GLU A 26 2.33 18.36 4.55
CA GLU A 26 2.75 18.02 3.20
C GLU A 26 2.51 16.54 3.01
N ILE A 27 2.85 15.80 4.06
CA ILE A 27 2.66 14.37 4.09
C ILE A 27 1.17 14.03 4.00
N GLN A 28 0.34 14.68 4.83
CA GLN A 28 -1.10 14.45 4.83
C GLN A 28 -1.70 14.71 3.45
N ARG A 29 -1.24 15.75 2.76
CA ARG A 29 -1.76 16.04 1.43
C ARG A 29 -1.45 14.86 0.52
N ILE A 30 -0.26 14.32 0.69
CA ILE A 30 0.21 13.18 -0.08
C ILE A 30 -0.74 11.97 0.03
N VAL A 31 -1.09 11.59 1.27
CA VAL A 31 -1.98 10.46 1.51
C VAL A 31 -3.39 10.75 1.04
N ASP A 32 -3.86 11.96 1.31
CA ASP A 32 -5.19 12.36 0.93
C ASP A 32 -5.40 12.20 -0.57
N ASP A 33 -4.39 12.52 -1.34
CA ASP A 33 -4.41 12.34 -2.77
C ASP A 33 -4.23 10.86 -3.10
N MET A 34 -3.47 10.14 -2.25
CA MET A 34 -3.20 8.74 -2.51
C MET A 34 -4.50 7.94 -2.57
N PHE A 35 -5.40 8.15 -1.59
CA PHE A 35 -6.69 7.47 -1.61
C PHE A 35 -7.49 8.03 -2.77
N GLU A 36 -7.50 9.36 -2.86
CA GLU A 36 -8.23 10.05 -3.91
C GLU A 36 -7.84 9.44 -5.26
N THR A 37 -6.56 9.12 -5.36
CA THR A 37 -6.10 8.47 -6.58
C THR A 37 -6.67 7.06 -6.62
N MET A 38 -6.28 6.25 -5.62
CA MET A 38 -6.56 4.83 -5.57
C MET A 38 -7.96 4.58 -5.90
N TYR A 39 -8.81 5.36 -5.34
CA TYR A 39 -10.24 5.23 -5.62
C TYR A 39 -10.55 5.61 -7.05
N ALA A 40 -9.92 6.68 -7.51
CA ALA A 40 -10.12 7.12 -8.88
C ALA A 40 -9.69 6.02 -9.83
N GLU A 41 -8.76 5.20 -9.33
CA GLU A 41 -8.26 4.05 -10.06
C GLU A 41 -9.16 2.86 -9.81
N GLU A 42 -10.05 3.03 -8.82
CA GLU A 42 -10.94 1.99 -8.39
C GLU A 42 -10.15 0.82 -7.80
N GLY A 43 -8.97 1.17 -7.30
CA GLY A 43 -8.07 0.22 -6.67
C GLY A 43 -8.49 -0.04 -5.23
N ILE A 44 -8.31 -1.28 -4.76
CA ILE A 44 -8.72 -1.63 -3.40
C ILE A 44 -7.69 -1.17 -2.37
N GLY A 45 -6.59 -0.62 -2.85
CA GLY A 45 -5.51 -0.15 -2.00
C GLY A 45 -4.36 0.42 -2.82
N LEU A 46 -3.76 1.55 -2.41
CA LEU A 46 -2.69 2.14 -3.19
C LEU A 46 -1.42 2.31 -2.34
N ALA A 47 -0.25 1.95 -2.87
CA ALA A 47 1.01 2.09 -2.11
C ALA A 47 1.82 3.29 -2.61
N ALA A 48 2.28 4.15 -1.68
CA ALA A 48 3.03 5.37 -1.97
C ALA A 48 3.87 5.38 -3.25
N THR A 49 4.80 4.44 -3.36
CA THR A 49 5.67 4.37 -4.52
C THR A 49 4.90 4.36 -5.82
N GLN A 50 3.75 3.72 -5.74
CA GLN A 50 2.86 3.60 -6.86
C GLN A 50 2.36 4.95 -7.29
N VAL A 51 2.08 5.81 -6.32
CA VAL A 51 1.59 7.14 -6.61
C VAL A 51 2.70 8.18 -6.72
N ASP A 52 3.93 7.71 -6.95
CA ASP A 52 5.09 8.57 -7.16
C ASP A 52 5.67 9.17 -5.89
N ILE A 53 5.48 8.54 -4.73
CA ILE A 53 6.09 9.08 -3.52
C ILE A 53 7.06 8.08 -2.89
N HIS A 54 8.35 8.37 -2.99
CA HIS A 54 9.38 7.51 -2.43
C HIS A 54 9.42 7.66 -0.92
N GLN A 55 8.24 7.52 -0.32
CA GLN A 55 8.04 7.60 1.11
C GLN A 55 7.04 6.52 1.49
N ARG A 56 7.35 5.74 2.54
CA ARG A 56 6.49 4.63 2.98
C ARG A 56 5.09 5.09 3.44
N ILE A 57 4.27 5.46 2.48
CA ILE A 57 2.91 5.93 2.73
C ILE A 57 1.92 4.96 2.09
N ILE A 58 1.00 4.38 2.86
CA ILE A 58 0.06 3.41 2.29
C ILE A 58 -1.41 3.74 2.56
N VAL A 59 -2.24 3.42 1.59
CA VAL A 59 -3.67 3.62 1.69
C VAL A 59 -4.40 2.33 1.35
N ILE A 60 -5.39 1.97 2.14
CA ILE A 60 -6.14 0.75 1.89
C ILE A 60 -7.59 1.08 1.58
N ASP A 61 -8.17 0.28 0.70
CA ASP A 61 -9.53 0.47 0.26
C ASP A 61 -10.37 -0.80 0.48
N VAL A 62 -9.86 -1.71 1.31
CA VAL A 62 -10.58 -2.94 1.61
C VAL A 62 -11.51 -2.74 2.80
N SER A 63 -12.83 -2.83 2.54
CA SER A 63 -13.87 -2.64 3.56
C SER A 63 -13.52 -3.31 4.89
N GLU A 64 -12.71 -2.64 5.69
CA GLU A 64 -12.27 -3.16 6.98
C GLU A 64 -12.49 -2.17 8.12
N ASN A 65 -12.67 -0.89 7.80
CA ASN A 65 -12.87 0.12 8.82
C ASN A 65 -14.34 0.55 8.91
N ARG A 66 -14.97 0.57 7.74
CA ARG A 66 -16.37 0.94 7.61
C ARG A 66 -16.86 0.42 6.27
N ASP A 67 -16.76 1.26 5.24
CA ASP A 67 -17.14 0.89 3.89
C ASP A 67 -16.02 1.23 2.91
N GLU A 68 -14.82 0.71 3.18
CA GLU A 68 -13.65 0.95 2.34
C GLU A 68 -13.15 2.39 2.51
N ARG A 69 -12.09 2.54 3.31
CA ARG A 69 -11.48 3.84 3.57
C ARG A 69 -10.35 3.71 4.61
N LEU A 70 -9.30 2.98 4.25
CA LEU A 70 -8.16 2.78 5.15
C LEU A 70 -6.96 3.65 4.77
N VAL A 71 -6.35 4.27 5.78
CA VAL A 71 -5.17 5.10 5.57
C VAL A 71 -4.11 4.78 6.63
N LEU A 72 -2.87 4.54 6.19
CA LEU A 72 -1.77 4.27 7.11
C LEU A 72 -0.49 4.94 6.63
N ILE A 73 0.33 5.47 7.54
CA ILE A 73 1.56 6.13 7.17
C ILE A 73 2.76 5.45 7.83
N ASN A 74 3.81 5.24 7.04
CA ASN A 74 5.05 4.61 7.53
C ASN A 74 4.82 3.22 8.15
N PRO A 75 3.91 2.39 7.59
CA PRO A 75 3.62 1.04 8.13
C PRO A 75 4.84 0.12 8.22
N GLU A 76 4.88 -0.73 9.25
CA GLU A 76 5.96 -1.67 9.44
C GLU A 76 5.39 -3.03 9.83
N LEU A 77 6.00 -4.09 9.33
CA LEU A 77 5.52 -5.43 9.62
C LEU A 77 6.01 -5.93 10.97
N LEU A 78 5.08 -6.49 11.75
CA LEU A 78 5.38 -7.01 13.07
C LEU A 78 5.32 -8.53 13.08
N GLU A 79 4.36 -9.10 12.36
CA GLU A 79 4.19 -10.56 12.30
C GLU A 79 3.46 -11.00 11.04
N LYS A 80 3.75 -12.22 10.61
CA LYS A 80 3.13 -12.81 9.43
C LYS A 80 2.97 -14.31 9.62
N SER A 81 1.95 -14.89 9.00
CA SER A 81 1.69 -16.32 9.12
C SER A 81 0.81 -16.84 7.99
N GLY A 82 0.97 -18.12 7.66
CA GLY A 82 0.18 -18.71 6.59
C GLY A 82 0.65 -18.26 5.23
N GLU A 83 0.57 -19.13 4.23
CA GLU A 83 1.01 -18.76 2.88
C GLU A 83 -0.18 -18.63 1.93
N THR A 84 -0.41 -17.40 1.50
CA THR A 84 -1.47 -17.05 0.59
C THR A 84 -1.02 -16.53 -0.72
N GLY A 85 -1.95 -16.61 -1.65
CA GLY A 85 -1.72 -16.12 -2.99
C GLY A 85 -3.03 -15.76 -3.67
N ILE A 86 -3.15 -14.51 -4.14
CA ILE A 86 -4.38 -14.09 -4.79
C ILE A 86 -4.12 -13.06 -5.88
N GLU A 87 -4.83 -13.19 -6.99
CA GLU A 87 -4.58 -12.31 -8.13
C GLU A 87 -5.06 -10.89 -7.88
N GLU A 88 -4.18 -9.99 -8.26
CA GLU A 88 -4.40 -8.56 -8.12
C GLU A 88 -3.61 -7.77 -9.14
N GLY A 89 -3.94 -6.50 -9.28
CA GLY A 89 -3.24 -5.67 -10.23
C GLY A 89 -2.60 -4.50 -9.54
N CYS A 90 -1.66 -3.87 -10.20
CA CYS A 90 -0.95 -2.76 -9.61
C CYS A 90 -1.33 -1.44 -10.26
N LEU A 91 -1.54 -0.43 -9.45
CA LEU A 91 -1.90 0.89 -9.96
C LEU A 91 -0.92 1.31 -11.05
N SER A 92 0.33 0.98 -10.82
CA SER A 92 1.41 1.30 -11.75
C SER A 92 1.39 0.33 -12.94
N ILE A 93 0.87 -0.87 -12.73
CA ILE A 93 0.75 -1.86 -13.80
C ILE A 93 -0.54 -1.59 -14.55
N PRO A 94 -0.60 -1.90 -15.87
CA PRO A 94 -1.81 -1.63 -16.67
C PRO A 94 -2.97 -2.60 -16.45
N GLU A 95 -3.32 -2.88 -15.19
CA GLU A 95 -4.44 -3.77 -14.86
C GLU A 95 -4.10 -5.24 -15.03
N GLN A 96 -2.82 -5.54 -15.22
CA GLN A 96 -2.40 -6.91 -15.38
C GLN A 96 -2.33 -7.58 -14.01
N ARG A 97 -3.45 -8.15 -13.57
CA ARG A 97 -3.50 -8.81 -12.27
C ARG A 97 -3.00 -10.25 -12.33
N ALA A 98 -2.12 -10.56 -11.38
CA ALA A 98 -1.51 -11.89 -11.26
C ALA A 98 -1.53 -12.31 -9.79
N LEU A 99 -1.49 -13.62 -9.53
CA LEU A 99 -1.57 -14.08 -8.16
C LEU A 99 -0.24 -13.89 -7.44
N VAL A 100 -0.26 -12.96 -6.48
CA VAL A 100 0.93 -12.66 -5.69
C VAL A 100 0.90 -13.37 -4.32
N PRO A 101 1.97 -14.12 -3.99
CA PRO A 101 2.05 -14.83 -2.71
C PRO A 101 2.44 -13.90 -1.55
N ARG A 102 1.62 -13.93 -0.52
CA ARG A 102 1.81 -13.16 0.69
C ARG A 102 1.33 -13.97 1.89
N ALA A 103 1.66 -13.56 3.11
CA ALA A 103 1.24 -14.29 4.28
C ALA A 103 -0.27 -14.19 4.47
N GLU A 104 -0.83 -15.20 5.14
CA GLU A 104 -2.27 -15.28 5.33
C GLU A 104 -2.73 -14.23 6.34
N LYS A 105 -1.99 -14.08 7.44
CA LYS A 105 -2.32 -13.07 8.42
C LYS A 105 -1.04 -12.41 8.93
N VAL A 106 -1.11 -11.10 9.10
CA VAL A 106 0.04 -10.31 9.56
C VAL A 106 -0.38 -9.08 10.37
N LYS A 107 0.39 -8.77 11.42
CA LYS A 107 0.10 -7.61 12.27
C LYS A 107 1.15 -6.54 11.98
N ILE A 108 0.69 -5.33 11.64
CA ILE A 108 1.63 -4.28 11.27
C ILE A 108 1.31 -2.91 11.90
N ARG A 109 2.36 -2.12 12.09
CA ARG A 109 2.22 -0.80 12.73
C ARG A 109 2.23 0.31 11.68
N ALA A 110 1.35 1.27 11.89
CA ALA A 110 1.16 2.38 10.96
C ALA A 110 0.50 3.55 11.65
N LEU A 111 0.47 4.69 10.99
CA LEU A 111 -0.18 5.87 11.54
C LEU A 111 -1.27 6.31 10.61
N ASP A 112 -2.26 6.99 11.15
CA ASP A 112 -3.40 7.39 10.33
C ASP A 112 -3.17 8.74 9.66
N ARG A 113 -4.00 9.02 8.67
CA ARG A 113 -3.93 10.26 7.90
C ARG A 113 -3.94 11.48 8.83
N ASP A 114 -4.42 11.28 10.06
CA ASP A 114 -4.49 12.35 11.04
C ASP A 114 -3.16 12.57 11.75
N GLY A 115 -2.28 11.55 11.75
CA GLY A 115 -1.00 11.70 12.41
C GLY A 115 -0.89 10.98 13.73
N LYS A 116 -1.53 9.81 13.84
CA LYS A 116 -1.46 9.03 15.08
C LYS A 116 -1.03 7.58 14.80
N PRO A 117 0.25 7.22 15.06
CA PRO A 117 0.75 5.86 14.77
C PRO A 117 0.26 4.75 15.73
N PHE A 118 -0.48 3.80 15.19
CA PHE A 118 -1.03 2.70 15.95
C PHE A 118 -0.70 1.37 15.27
N GLU A 119 -0.88 0.27 15.99
CA GLU A 119 -0.60 -1.05 15.44
C GLU A 119 -1.90 -1.79 15.17
N LEU A 120 -1.99 -2.43 14.01
CA LEU A 120 -3.21 -3.15 13.66
C LEU A 120 -2.90 -4.55 13.12
N GLU A 121 -3.75 -5.48 13.49
CA GLU A 121 -3.61 -6.86 13.06
C GLU A 121 -4.43 -7.11 11.80
N ALA A 122 -3.79 -7.57 10.74
CA ALA A 122 -4.50 -7.83 9.49
C ALA A 122 -4.47 -9.31 9.13
N ASP A 123 -5.63 -9.83 8.74
CA ASP A 123 -5.76 -11.23 8.32
C ASP A 123 -6.43 -11.26 6.96
N GLY A 124 -6.36 -12.36 6.18
CA GLY A 124 -7.04 -12.39 4.90
C GLY A 124 -6.81 -11.20 4.01
N LEU A 125 -7.90 -10.71 3.45
CA LEU A 125 -7.87 -9.57 2.54
C LEU A 125 -7.17 -8.37 3.18
N LEU A 126 -7.34 -8.20 4.49
CA LEU A 126 -6.71 -7.09 5.19
C LEU A 126 -5.20 -7.32 5.27
N ALA A 127 -4.84 -8.50 5.75
CA ALA A 127 -3.44 -8.88 5.89
C ALA A 127 -2.73 -8.85 4.55
N ILE A 128 -3.39 -9.35 3.51
CA ILE A 128 -2.77 -9.41 2.20
C ILE A 128 -2.56 -8.02 1.61
N CYS A 129 -3.62 -7.22 1.50
CA CYS A 129 -3.53 -5.89 0.93
C CYS A 129 -2.51 -5.02 1.65
N ILE A 130 -2.60 -4.96 2.97
CA ILE A 130 -1.70 -4.15 3.77
C ILE A 130 -0.24 -4.57 3.56
N GLN A 131 0.01 -5.87 3.55
CA GLN A 131 1.37 -6.37 3.33
C GLN A 131 1.83 -6.09 1.89
N HIS A 132 0.91 -6.22 0.92
CA HIS A 132 1.24 -5.96 -0.49
C HIS A 132 1.80 -4.56 -0.66
N GLU A 133 1.08 -3.59 -0.10
CA GLU A 133 1.49 -2.19 -0.17
C GLU A 133 2.84 -2.00 0.49
N MET A 134 3.07 -2.64 1.63
CA MET A 134 4.35 -2.52 2.33
C MET A 134 5.50 -2.96 1.43
N ASP A 135 5.34 -4.12 0.80
CA ASP A 135 6.37 -4.62 -0.09
C ASP A 135 6.49 -3.71 -1.32
N HIS A 136 5.36 -3.35 -1.94
CA HIS A 136 5.39 -2.50 -3.12
C HIS A 136 6.12 -1.20 -2.84
N LEU A 137 5.73 -0.53 -1.76
CA LEU A 137 6.36 0.74 -1.41
C LEU A 137 7.87 0.58 -1.12
N VAL A 138 8.29 -0.60 -0.62
CA VAL A 138 9.72 -0.85 -0.39
C VAL A 138 10.37 -1.40 -1.68
N GLY A 139 9.74 -1.01 -2.77
CA GLY A 139 10.20 -1.33 -4.10
C GLY A 139 10.30 -2.79 -4.36
N LYS A 140 9.69 -3.59 -3.51
CA LYS A 140 9.73 -4.99 -3.71
C LYS A 140 8.35 -5.48 -4.11
N LEU A 141 8.20 -6.08 -5.29
CA LEU A 141 6.91 -6.58 -5.73
C LEU A 141 7.09 -8.01 -6.29
N PHE A 142 6.18 -8.91 -5.98
CA PHE A 142 6.29 -10.29 -6.48
C PHE A 142 6.21 -10.35 -8.01
N MET A 143 5.42 -9.45 -8.58
CA MET A 143 5.26 -9.36 -10.04
C MET A 143 6.62 -9.28 -10.75
N ASP A 144 7.62 -8.81 -10.00
CA ASP A 144 8.96 -8.63 -10.51
C ASP A 144 9.49 -9.85 -11.24
N TYR A 145 8.97 -11.03 -10.92
CA TYR A 145 9.44 -12.24 -11.53
C TYR A 145 8.28 -13.08 -12.08
N LEU A 146 7.37 -12.42 -12.79
CA LEU A 146 6.22 -13.11 -13.38
C LEU A 146 6.53 -13.57 -14.79
N SER A 147 6.06 -14.77 -15.14
CA SER A 147 6.29 -15.31 -16.47
C SER A 147 5.49 -14.54 -17.51
ZN ZN B . 1.11 -3.63 -6.62
C5 BB2 C . -2.95 -2.34 -6.21
C3 BB2 C . -1.45 -2.41 -6.03
O4 BB2 C . -0.71 -2.24 -7.01
N1 BB2 C . -0.99 -2.63 -4.81
O2 BB2 C . 0.40 -2.67 -4.66
C6 BB2 C . -3.77 -3.28 -5.30
C12 BB2 C . -5.20 -3.29 -5.81
O13 BB2 C . -6.16 -3.31 -5.03
C7 BB2 C . -3.78 -2.87 -3.83
C8 BB2 C . -3.29 -3.97 -2.89
C9 BB2 C . -3.99 -3.88 -1.56
C10 BB2 C . -3.69 -2.57 -0.83
C11 BB2 C . -4.71 -2.26 0.25
N14 BB2 C . -5.33 -3.59 -7.08
C15 BB2 C . -6.54 -3.28 -7.82
C16 BB2 C . -6.28 -2.10 -8.80
C18 BB2 C . -7.58 -1.51 -9.31
C17 BB2 C . -5.45 -1.02 -8.13
C19 BB2 C . -7.06 -4.49 -8.59
O20 BB2 C . -6.43 -4.82 -9.61
N21 BB2 C . -7.70 -5.45 -7.89
C22 BB2 C . -7.66 -5.52 -6.42
C23 BB2 C . -9.05 -5.87 -8.33
C24 BB2 C . -9.58 -6.66 -7.17
C25 BB2 C . -9.06 -5.95 -5.99
C26 BB2 C . -6.63 -6.61 -6.13
O27 BB2 C . -7.08 -7.87 -6.60
H51 BB2 C . -3.25 -1.31 -6.03
H52 BB2 C . -3.15 -2.55 -7.24
HN1 BB2 C . -1.59 -2.73 -4.06
HO2 BB2 C . 0.70 -3.57 -4.51
H6 BB2 C . -3.35 -4.27 -5.41
H71 BB2 C . -4.78 -2.60 -3.54
H72 BB2 C . -3.13 -2.01 -3.70
H81 BB2 C . -2.23 -3.86 -2.74
H82 BB2 C . -3.50 -4.93 -3.34
H91 BB2 C . -3.65 -4.70 -0.95
H92 BB2 C . -5.06 -3.96 -1.70
H101 BB2 C . -3.69 -1.77 -1.54
H102 BB2 C . -2.74 -2.65 -0.37
H111 BB2 C . -4.21 -2.12 1.20
H112 BB2 C . -5.42 -3.07 0.33
H113 BB2 C . -5.25 -1.37 -0.01
H14 BB2 C . -4.61 -4.07 -7.54
H15 BB2 C . -7.28 -2.96 -7.10
H16 BB2 C . -5.72 -2.48 -9.64
H181 BB2 C . -7.49 -0.42 -9.37
H182 BB2 C . -8.39 -1.77 -8.65
H183 BB2 C . -7.79 -1.89 -10.30
H171 BB2 C . -4.40 -1.16 -8.38
H172 BB2 C . -5.57 -1.07 -7.05
H173 BB2 C . -5.78 -0.06 -8.48
H22 BB2 C . -7.36 -4.58 -5.96
H231 BB2 C . -9.68 -5.00 -8.49
H232 BB2 C . -9.00 -6.48 -9.22
H241 BB2 C . -10.65 -6.67 -7.17
H242 BB2 C . -9.20 -7.67 -7.19
H251 BB2 C . -9.66 -5.09 -5.76
H252 BB2 C . -9.00 -6.60 -5.13
H261 BB2 C . -5.70 -6.36 -6.63
H262 BB2 C . -6.45 -6.67 -5.07
H27 BB2 C . -6.34 -8.48 -6.71
N SER A 1 -9.94 15.02 -6.76
CA SER A 1 -8.51 15.26 -7.12
C SER A 1 -7.72 13.96 -7.08
N VAL A 2 -6.91 13.72 -8.10
CA VAL A 2 -6.10 12.52 -8.18
C VAL A 2 -4.61 12.85 -8.23
N LEU A 3 -3.81 12.08 -7.50
CA LEU A 3 -2.37 12.28 -7.44
C LEU A 3 -1.71 11.74 -8.71
N GLN A 4 -0.45 12.10 -8.93
CA GLN A 4 0.28 11.66 -10.12
C GLN A 4 0.76 10.23 -9.94
N VAL A 5 0.12 9.30 -10.64
CA VAL A 5 0.45 7.89 -10.53
C VAL A 5 1.52 7.46 -11.54
N LEU A 6 2.52 6.75 -11.03
CA LEU A 6 3.62 6.24 -11.84
C LEU A 6 3.31 4.82 -12.30
N HIS A 7 3.65 4.48 -13.54
CA HIS A 7 3.35 3.14 -14.06
C HIS A 7 4.60 2.34 -14.41
N ILE A 8 4.51 1.04 -14.18
CA ILE A 8 5.58 0.10 -14.51
C ILE A 8 5.86 0.13 -16.02
N PRO A 9 7.14 0.20 -16.45
CA PRO A 9 8.31 0.27 -15.57
C PRO A 9 8.54 1.69 -15.04
N ASP A 10 9.01 1.77 -13.82
CA ASP A 10 9.28 3.05 -13.19
C ASP A 10 10.15 2.83 -11.96
N GLU A 11 11.27 3.54 -11.89
CA GLU A 11 12.17 3.40 -10.76
C GLU A 11 11.47 3.71 -9.44
N ARG A 12 10.71 4.80 -9.43
CA ARG A 12 9.97 5.20 -8.25
C ARG A 12 9.03 4.13 -7.73
N LEU A 13 8.50 3.23 -8.57
CA LEU A 13 7.64 2.17 -8.08
C LEU A 13 8.53 1.12 -7.45
N ARG A 14 9.69 0.96 -8.06
CA ARG A 14 10.69 0.03 -7.60
C ARG A 14 11.61 0.72 -6.59
N LYS A 15 11.19 1.93 -6.16
CA LYS A 15 11.98 2.69 -5.20
C LYS A 15 11.65 2.26 -3.77
N VAL A 16 12.68 2.14 -2.94
CA VAL A 16 12.46 1.73 -1.56
C VAL A 16 12.10 2.93 -0.70
N ALA A 17 10.80 3.17 -0.53
CA ALA A 17 10.30 4.30 0.26
C ALA A 17 10.88 4.32 1.66
N LYS A 18 11.05 5.54 2.19
CA LYS A 18 11.58 5.74 3.54
C LYS A 18 10.46 6.15 4.50
N PRO A 19 10.39 5.52 5.69
CA PRO A 19 9.37 5.88 6.69
C PRO A 19 9.77 7.16 7.44
N VAL A 20 8.98 8.21 7.25
CA VAL A 20 9.31 9.51 7.84
C VAL A 20 9.19 9.53 9.35
N GLU A 21 10.10 10.29 9.94
CA GLU A 21 10.18 10.46 11.37
C GLU A 21 8.94 11.14 11.93
N GLU A 22 8.25 11.90 11.09
CA GLU A 22 7.06 12.60 11.51
C GLU A 22 6.20 13.01 10.32
N VAL A 23 4.90 12.89 10.45
CA VAL A 23 3.98 13.24 9.37
C VAL A 23 3.77 14.74 9.25
N ASN A 24 4.27 15.34 8.18
CA ASN A 24 4.15 16.77 7.98
C ASN A 24 2.91 17.09 7.14
N ALA A 25 2.49 18.35 7.17
CA ALA A 25 1.32 18.80 6.41
C ALA A 25 1.49 18.48 4.92
N GLU A 26 2.74 18.48 4.47
CA GLU A 26 3.04 18.14 3.09
C GLU A 26 2.83 16.66 2.90
N ILE A 27 3.25 15.91 3.91
CA ILE A 27 3.10 14.46 3.91
C ILE A 27 1.62 14.10 3.88
N GLN A 28 0.82 14.75 4.74
CA GLN A 28 -0.62 14.52 4.80
C GLN A 28 -1.27 14.79 3.44
N ARG A 29 -0.80 15.83 2.77
CA ARG A 29 -1.33 16.17 1.45
C ARG A 29 -1.11 14.98 0.50
N ILE A 30 0.07 14.40 0.63
CA ILE A 30 0.46 13.24 -0.15
C ILE A 30 -0.49 12.06 0.03
N VAL A 31 -0.79 11.73 1.29
CA VAL A 31 -1.69 10.62 1.60
C VAL A 31 -3.11 10.92 1.18
N ASP A 32 -3.54 12.15 1.44
CA ASP A 32 -4.88 12.58 1.09
C ASP A 32 -5.17 12.36 -0.38
N ASP A 33 -4.21 12.67 -1.22
CA ASP A 33 -4.31 12.44 -2.64
C ASP A 33 -4.12 10.96 -2.96
N MET A 34 -3.31 10.27 -2.13
CA MET A 34 -3.02 8.87 -2.38
C MET A 34 -4.30 8.05 -2.38
N PHE A 35 -5.16 8.25 -1.37
CA PHE A 35 -6.43 7.55 -1.33
C PHE A 35 -7.31 8.09 -2.43
N GLU A 36 -7.31 9.42 -2.57
CA GLU A 36 -8.11 10.08 -3.60
C GLU A 36 -7.80 9.44 -4.94
N THR A 37 -6.52 9.17 -5.15
CA THR A 37 -6.13 8.52 -6.39
C THR A 37 -6.68 7.09 -6.36
N MET A 38 -6.22 6.30 -5.39
CA MET A 38 -6.47 4.89 -5.31
C MET A 38 -7.88 4.62 -5.57
N TYR A 39 -8.71 5.42 -5.02
CA TYR A 39 -10.16 5.26 -5.24
C TYR A 39 -10.51 5.61 -6.67
N ALA A 40 -9.91 6.67 -7.17
CA ALA A 40 -10.14 7.09 -8.54
C ALA A 40 -9.70 5.98 -9.48
N GLU A 41 -8.74 5.20 -9.00
CA GLU A 41 -8.24 4.05 -9.74
C GLU A 41 -9.14 2.87 -9.45
N GLU A 42 -10.01 3.03 -8.45
CA GLU A 42 -10.89 2.00 -7.99
C GLU A 42 -10.07 0.82 -7.45
N GLY A 43 -8.89 1.18 -6.94
CA GLY A 43 -7.97 0.23 -6.35
C GLY A 43 -8.33 -0.03 -4.89
N ILE A 44 -8.16 -1.26 -4.43
CA ILE A 44 -8.50 -1.61 -3.04
C ILE A 44 -7.42 -1.16 -2.07
N GLY A 45 -6.35 -0.60 -2.61
CA GLY A 45 -5.22 -0.16 -1.79
C GLY A 45 -4.12 0.46 -2.65
N LEU A 46 -3.56 1.62 -2.28
CA LEU A 46 -2.52 2.23 -3.09
C LEU A 46 -1.25 2.51 -2.25
N ALA A 47 -0.09 2.16 -2.81
CA ALA A 47 1.18 2.38 -2.12
C ALA A 47 1.91 3.62 -2.65
N ALA A 48 2.34 4.50 -1.73
CA ALA A 48 3.04 5.75 -2.05
C ALA A 48 3.84 5.76 -3.36
N THR A 49 4.77 4.84 -3.51
CA THR A 49 5.62 4.77 -4.68
C THR A 49 4.80 4.74 -5.96
N GLN A 50 3.67 4.09 -5.85
CA GLN A 50 2.75 3.96 -6.97
C GLN A 50 2.21 5.33 -7.35
N VAL A 51 1.91 6.15 -6.36
CA VAL A 51 1.39 7.48 -6.62
C VAL A 51 2.50 8.52 -6.79
N ASP A 52 3.73 8.03 -7.00
CA ASP A 52 4.88 8.89 -7.26
C ASP A 52 5.46 9.55 -6.01
N ILE A 53 5.40 8.88 -4.86
CA ILE A 53 5.99 9.47 -3.67
C ILE A 53 6.98 8.49 -3.03
N HIS A 54 8.26 8.84 -3.13
CA HIS A 54 9.34 8.01 -2.60
C HIS A 54 9.40 8.13 -1.07
N GLN A 55 8.31 7.70 -0.45
CA GLN A 55 8.15 7.71 1.00
C GLN A 55 7.15 6.63 1.40
N ARG A 56 7.49 5.83 2.42
CA ARG A 56 6.63 4.71 2.86
C ARG A 56 5.27 5.15 3.40
N ILE A 57 4.41 5.59 2.49
CA ILE A 57 3.06 6.03 2.79
C ILE A 57 2.09 5.08 2.12
N ILE A 58 1.16 4.49 2.88
CA ILE A 58 0.23 3.54 2.26
C ILE A 58 -1.23 3.81 2.63
N VAL A 59 -2.11 3.50 1.68
CA VAL A 59 -3.54 3.68 1.87
C VAL A 59 -4.26 2.38 1.55
N ILE A 60 -5.28 2.04 2.32
CA ILE A 60 -6.01 0.80 2.09
C ILE A 60 -7.44 1.12 1.71
N ASP A 61 -8.01 0.22 0.93
CA ASP A 61 -9.37 0.36 0.42
C ASP A 61 -10.10 -0.99 0.48
N VAL A 62 -9.86 -1.71 1.57
CA VAL A 62 -10.49 -3.02 1.79
C VAL A 62 -11.59 -2.93 2.85
N SER A 63 -12.83 -3.12 2.41
CA SER A 63 -14.03 -3.00 3.26
C SER A 63 -13.84 -3.44 4.71
N GLU A 64 -13.45 -2.47 5.52
CA GLU A 64 -13.23 -2.67 6.96
C GLU A 64 -14.52 -3.06 7.67
N ASN A 65 -15.65 -2.66 7.10
CA ASN A 65 -16.96 -3.00 7.63
C ASN A 65 -18.05 -2.64 6.61
N ARG A 66 -18.44 -1.36 6.68
CA ARG A 66 -19.44 -0.82 5.77
C ARG A 66 -18.81 0.18 4.81
N ASP A 67 -18.15 1.18 5.37
CA ASP A 67 -17.50 2.21 4.57
C ASP A 67 -15.99 1.97 4.44
N GLU A 68 -15.49 2.05 3.21
CA GLU A 68 -14.07 1.85 2.93
C GLU A 68 -13.31 3.18 2.99
N ARG A 69 -12.18 3.18 3.70
CA ARG A 69 -11.36 4.39 3.84
C ARG A 69 -10.18 4.16 4.79
N LEU A 70 -9.18 3.38 4.36
CA LEU A 70 -8.02 3.09 5.21
C LEU A 70 -6.80 3.91 4.82
N VAL A 71 -6.16 4.52 5.82
CA VAL A 71 -4.95 5.31 5.60
C VAL A 71 -3.87 4.94 6.64
N LEU A 72 -2.66 4.70 6.17
CA LEU A 72 -1.55 4.36 7.07
C LEU A 72 -0.25 5.01 6.61
N ILE A 73 0.54 5.53 7.54
CA ILE A 73 1.79 6.18 7.19
C ILE A 73 2.98 5.47 7.84
N ASN A 74 4.05 5.26 7.06
CA ASN A 74 5.26 4.62 7.57
C ASN A 74 5.00 3.22 8.18
N PRO A 75 4.02 2.43 7.67
CA PRO A 75 3.72 1.09 8.22
C PRO A 75 4.91 0.15 8.27
N GLU A 76 4.94 -0.73 9.26
CA GLU A 76 6.03 -1.69 9.40
C GLU A 76 5.46 -3.06 9.75
N LEU A 77 6.06 -4.12 9.21
CA LEU A 77 5.58 -5.47 9.47
C LEU A 77 6.06 -5.99 10.82
N LEU A 78 5.12 -6.59 11.54
CA LEU A 78 5.36 -7.14 12.85
C LEU A 78 5.32 -8.67 12.85
N GLU A 79 4.37 -9.25 12.11
CA GLU A 79 4.24 -10.70 12.06
C GLU A 79 3.45 -11.16 10.83
N LYS A 80 3.73 -12.38 10.40
CA LYS A 80 3.07 -12.97 9.25
C LYS A 80 2.93 -14.48 9.44
N SER A 81 1.88 -15.07 8.84
CA SER A 81 1.65 -16.51 8.96
C SER A 81 0.72 -17.00 7.84
N GLY A 82 0.96 -18.22 7.37
CA GLY A 82 0.14 -18.78 6.29
C GLY A 82 0.57 -18.27 4.93
N GLU A 83 0.03 -18.85 3.86
CA GLU A 83 0.40 -18.40 2.52
C GLU A 83 -0.74 -18.53 1.49
N THR A 84 -1.20 -17.38 1.02
CA THR A 84 -2.25 -17.27 0.03
C THR A 84 -1.79 -17.05 -1.36
N GLY A 85 -2.68 -17.36 -2.26
CA GLY A 85 -2.41 -17.18 -3.68
C GLY A 85 -3.61 -16.61 -4.42
N ILE A 86 -3.56 -15.32 -4.74
CA ILE A 86 -4.67 -14.65 -5.43
C ILE A 86 -4.22 -13.54 -6.37
N GLU A 87 -4.86 -13.48 -7.54
CA GLU A 87 -4.54 -12.51 -8.59
C GLU A 87 -4.97 -11.10 -8.21
N GLU A 88 -4.14 -10.18 -8.60
CA GLU A 88 -4.36 -8.76 -8.34
C GLU A 88 -3.59 -7.92 -9.34
N GLY A 89 -3.97 -6.65 -9.49
CA GLY A 89 -3.26 -5.81 -10.44
C GLY A 89 -2.64 -4.63 -9.73
N CYS A 90 -1.65 -4.02 -10.33
CA CYS A 90 -0.98 -2.90 -9.67
C CYS A 90 -1.21 -1.60 -10.39
N LEU A 91 -1.45 -0.57 -9.58
CA LEU A 91 -1.69 0.79 -10.09
C LEU A 91 -0.63 1.20 -11.11
N SER A 92 0.53 0.56 -11.04
CA SER A 92 1.62 0.85 -11.96
C SER A 92 1.44 0.07 -13.26
N ILE A 93 0.90 -1.14 -13.13
CA ILE A 93 0.67 -2.01 -14.27
C ILE A 93 -0.68 -1.67 -14.90
N PRO A 94 -0.84 -1.85 -16.22
CA PRO A 94 -2.09 -1.53 -16.92
C PRO A 94 -3.24 -2.52 -16.65
N GLU A 95 -3.48 -2.82 -15.37
CA GLU A 95 -4.56 -3.73 -14.98
C GLU A 95 -4.20 -5.19 -15.21
N GLN A 96 -2.93 -5.46 -15.43
CA GLN A 96 -2.48 -6.82 -15.62
C GLN A 96 -2.39 -7.52 -14.26
N ARG A 97 -3.51 -8.10 -13.82
CA ARG A 97 -3.54 -8.75 -12.51
C ARG A 97 -3.06 -10.19 -12.60
N ALA A 98 -2.19 -10.53 -11.64
CA ALA A 98 -1.60 -11.86 -11.55
C ALA A 98 -1.65 -12.34 -10.10
N LEU A 99 -1.65 -13.65 -9.91
CA LEU A 99 -1.70 -14.22 -8.58
C LEU A 99 -0.33 -14.08 -7.93
N VAL A 100 -0.31 -13.68 -6.66
CA VAL A 100 0.95 -13.49 -5.96
C VAL A 100 0.90 -14.14 -4.59
N PRO A 101 1.98 -14.84 -4.16
CA PRO A 101 2.01 -15.49 -2.86
C PRO A 101 2.43 -14.57 -1.71
N ARG A 102 1.57 -14.53 -0.72
CA ARG A 102 1.76 -13.76 0.50
C ARG A 102 1.24 -14.51 1.71
N ALA A 103 1.59 -14.06 2.91
CA ALA A 103 1.17 -14.73 4.12
C ALA A 103 -0.32 -14.58 4.33
N GLU A 104 -0.91 -15.50 5.09
CA GLU A 104 -2.35 -15.49 5.29
C GLU A 104 -2.75 -14.36 6.23
N LYS A 105 -2.02 -14.17 7.34
CA LYS A 105 -2.32 -13.07 8.22
C LYS A 105 -1.02 -12.44 8.71
N VAL A 106 -1.04 -11.13 8.74
CA VAL A 106 0.12 -10.35 9.18
C VAL A 106 -0.28 -9.15 10.04
N LYS A 107 0.48 -8.91 11.11
CA LYS A 107 0.18 -7.78 12.00
C LYS A 107 1.23 -6.70 11.79
N ILE A 108 0.78 -5.50 11.50
CA ILE A 108 1.69 -4.40 11.21
C ILE A 108 1.38 -3.12 11.99
N ARG A 109 2.36 -2.21 12.05
CA ARG A 109 2.18 -0.94 12.74
C ARG A 109 2.18 0.21 11.74
N ALA A 110 1.30 1.18 11.94
CA ALA A 110 1.20 2.30 11.03
C ALA A 110 0.55 3.50 11.70
N LEU A 111 0.64 4.65 11.07
CA LEU A 111 0.01 5.85 11.60
C LEU A 111 -1.07 6.31 10.65
N ASP A 112 -2.06 7.01 11.17
CA ASP A 112 -3.17 7.44 10.34
C ASP A 112 -2.90 8.81 9.72
N ARG A 113 -3.68 9.14 8.69
CA ARG A 113 -3.56 10.42 7.99
C ARG A 113 -3.61 11.59 8.97
N ASP A 114 -4.12 11.33 10.17
CA ASP A 114 -4.24 12.36 11.19
C ASP A 114 -2.89 12.60 11.89
N GLY A 115 -2.03 11.58 11.92
CA GLY A 115 -0.75 11.74 12.57
C GLY A 115 -0.64 10.99 13.89
N LYS A 116 -1.29 9.83 13.97
CA LYS A 116 -1.24 9.03 15.19
C LYS A 116 -0.85 7.59 14.89
N PRO A 117 0.42 7.20 15.16
CA PRO A 117 0.90 5.82 14.86
C PRO A 117 0.39 4.74 15.80
N PHE A 118 -0.37 3.82 15.25
CA PHE A 118 -0.95 2.72 16.01
C PHE A 118 -0.57 1.38 15.37
N GLU A 119 -0.82 0.29 16.08
CA GLU A 119 -0.50 -1.03 15.55
C GLU A 119 -1.78 -1.77 15.18
N LEU A 120 -1.81 -2.30 13.97
CA LEU A 120 -2.98 -3.00 13.49
C LEU A 120 -2.65 -4.39 12.97
N GLU A 121 -3.44 -5.36 13.40
CA GLU A 121 -3.26 -6.74 12.97
C GLU A 121 -4.12 -7.00 11.74
N ALA A 122 -3.51 -7.48 10.67
CA ALA A 122 -4.24 -7.75 9.43
C ALA A 122 -4.25 -9.23 9.07
N ASP A 123 -5.43 -9.72 8.68
CA ASP A 123 -5.61 -11.11 8.26
C ASP A 123 -6.27 -11.12 6.88
N GLY A 124 -6.25 -12.25 6.14
CA GLY A 124 -6.91 -12.28 4.86
C GLY A 124 -6.65 -11.11 3.94
N LEU A 125 -7.73 -10.61 3.34
CA LEU A 125 -7.67 -9.51 2.40
C LEU A 125 -6.99 -8.30 3.02
N LEU A 126 -7.14 -8.10 4.32
CA LEU A 126 -6.51 -6.96 4.97
C LEU A 126 -5.01 -7.16 5.03
N ALA A 127 -4.61 -8.30 5.58
CA ALA A 127 -3.21 -8.65 5.71
C ALA A 127 -2.51 -8.70 4.37
N ILE A 128 -3.18 -9.28 3.37
CA ILE A 128 -2.59 -9.40 2.05
C ILE A 128 -2.34 -8.02 1.43
N CYS A 129 -3.37 -7.19 1.36
CA CYS A 129 -3.22 -5.87 0.76
C CYS A 129 -2.20 -5.00 1.48
N ILE A 130 -2.34 -4.88 2.80
CA ILE A 130 -1.42 -4.08 3.60
C ILE A 130 0.02 -4.60 3.47
N GLN A 131 0.20 -5.92 3.51
CA GLN A 131 1.52 -6.50 3.38
C GLN A 131 2.06 -6.25 1.96
N HIS A 132 1.18 -6.41 0.97
CA HIS A 132 1.54 -6.17 -0.42
C HIS A 132 2.03 -4.74 -0.58
N GLU A 133 1.32 -3.80 0.02
CA GLU A 133 1.68 -2.38 -0.06
C GLU A 133 3.06 -2.12 0.52
N MET A 134 3.39 -2.68 1.69
CA MET A 134 4.72 -2.45 2.26
C MET A 134 5.79 -2.89 1.28
N ASP A 135 5.60 -4.07 0.74
CA ASP A 135 6.54 -4.61 -0.25
C ASP A 135 6.57 -3.71 -1.48
N HIS A 136 5.41 -3.36 -2.01
CA HIS A 136 5.33 -2.53 -3.20
C HIS A 136 6.05 -1.21 -2.99
N LEU A 137 5.72 -0.54 -1.89
CA LEU A 137 6.32 0.75 -1.61
C LEU A 137 7.85 0.66 -1.49
N VAL A 138 8.38 -0.48 -1.01
CA VAL A 138 9.86 -0.65 -0.94
C VAL A 138 10.38 -1.06 -2.34
N GLY A 139 9.53 -0.72 -3.29
CA GLY A 139 9.77 -0.91 -4.69
C GLY A 139 9.76 -2.36 -5.09
N LYS A 140 9.58 -3.23 -4.11
CA LYS A 140 9.53 -4.62 -4.41
C LYS A 140 8.09 -4.99 -4.71
N LEU A 141 7.82 -5.44 -5.92
CA LEU A 141 6.47 -5.79 -6.28
C LEU A 141 6.35 -7.29 -6.55
N PHE A 142 5.11 -7.75 -6.66
CA PHE A 142 4.83 -9.17 -6.88
C PHE A 142 5.59 -9.74 -8.09
N MET A 143 5.71 -8.96 -9.17
CA MET A 143 6.42 -9.42 -10.36
C MET A 143 7.83 -9.89 -10.01
N ASP A 144 8.46 -9.16 -9.10
CA ASP A 144 9.80 -9.47 -8.60
C ASP A 144 9.83 -10.91 -8.07
N TYR A 145 8.66 -11.41 -7.70
CA TYR A 145 8.54 -12.75 -7.14
C TYR A 145 7.88 -13.74 -8.11
N LEU A 146 7.26 -13.25 -9.20
CA LEU A 146 6.62 -14.14 -10.16
C LEU A 146 7.63 -14.68 -11.17
N SER A 147 7.33 -15.84 -11.73
CA SER A 147 8.22 -16.46 -12.72
C SER A 147 7.58 -17.72 -13.30
ZN ZN B . 0.64 -3.23 -6.35
C5 BB2 C . -2.43 -4.15 -5.95
C3 BB2 C . -1.53 -2.93 -5.96
O4 BB2 C . -1.40 -2.26 -6.97
N1 BB2 C . -0.89 -2.66 -4.83
O2 BB2 C . -0.02 -1.58 -4.83
C6 BB2 C . -3.70 -4.03 -5.05
C12 BB2 C . -4.87 -3.38 -5.77
O13 BB2 C . -5.72 -2.75 -5.13
C7 BB2 C . -3.48 -3.32 -3.71
C8 BB2 C . -4.09 -4.08 -2.56
C9 BB2 C . -4.64 -3.13 -1.50
C10 BB2 C . -3.54 -2.43 -0.74
C11 BB2 C . -4.05 -1.73 0.50
N14 BB2 C . -5.16 -3.93 -6.94
C15 BB2 C . -6.22 -3.39 -7.76
C16 BB2 C . -5.69 -2.25 -8.67
C18 BB2 C . -6.83 -1.56 -9.40
C17 BB2 C . -4.90 -1.25 -7.86
C19 BB2 C . -6.86 -4.46 -8.63
O20 BB2 C . -6.30 -4.74 -9.70
N21 BB2 C . -7.54 -5.46 -8.00
C22 BB2 C . -7.42 -5.68 -6.53
C23 BB2 C . -8.94 -5.72 -8.39
C24 BB2 C . -9.42 -6.67 -7.35
C25 BB2 C . -8.81 -6.18 -6.10
C26 BB2 C . -6.38 -6.80 -6.42
O27 BB2 C . -6.75 -7.94 -7.18
H51 BB2 C . -2.74 -4.33 -6.97
H52 BB2 C . -1.84 -4.99 -5.64
HN1 BB2 C . -1.02 -3.22 -4.04
HO2 BB2 C . -0.27 -0.93 -5.48
H6 BB2 C . -3.99 -5.06 -4.83
H71 BB2 C . -3.93 -2.34 -3.76
H72 BB2 C . -2.41 -3.22 -3.55
H81 BB2 C . -3.32 -4.70 -2.10
H82 BB2 C . -4.89 -4.70 -2.93
H91 BB2 C . -5.25 -3.70 -0.82
H92 BB2 C . -5.26 -2.40 -2.00
H101 BB2 C . -3.08 -1.69 -1.38
H102 BB2 C . -2.80 -3.16 -0.44
H111 BB2 C . -3.25 -1.19 0.96
H112 BB2 C . -4.46 -2.47 1.18
H113 BB2 C . -4.84 -1.04 0.21
H14 BB2 C . -4.49 -4.51 -7.36
H15 BB2 C . -6.97 -2.97 -7.10
H16 BB2 C . -5.03 -2.69 -9.40
H181 BB2 C . -6.70 -0.48 -9.32
H182 BB2 C . -7.76 -1.84 -8.95
H183 BB2 C . -6.82 -1.84 -10.44
H171 BB2 C . -3.84 -1.39 -8.05
H172 BB2 C . -5.09 -1.40 -6.81
H173 BB2 C . -5.18 -0.25 -8.13
H22 BB2 C . -7.12 -4.80 -6.00
H231 BB2 C . -9.51 -4.80 -8.34
H232 BB2 C . -8.99 -6.16 -9.37
H241 BB2 C . -10.50 -6.64 -7.28
H242 BB2 C . -9.07 -7.67 -7.56
H251 BB2 C . -9.37 -5.36 -5.69
H252 BB2 C . -8.70 -6.97 -5.36
H261 BB2 C . -5.43 -6.43 -6.77
H262 BB2 C . -6.28 -7.09 -5.38
H27 BB2 C . -6.20 -8.69 -6.94
N SER A 1 -9.23 14.44 -5.48
CA SER A 1 -8.31 14.67 -6.62
C SER A 1 -7.15 13.69 -6.62
N VAL A 2 -6.86 13.12 -7.78
CA VAL A 2 -5.77 12.15 -7.91
C VAL A 2 -4.43 12.85 -8.12
N LEU A 3 -3.41 12.35 -7.43
CA LEU A 3 -2.07 12.93 -7.54
C LEU A 3 -1.40 12.42 -8.83
N GLN A 4 -0.11 12.14 -8.79
CA GLN A 4 0.59 11.65 -9.97
C GLN A 4 1.02 10.20 -9.79
N VAL A 5 0.33 9.30 -10.47
CA VAL A 5 0.63 7.87 -10.36
C VAL A 5 1.68 7.45 -11.38
N LEU A 6 2.74 6.82 -10.88
CA LEU A 6 3.82 6.34 -11.71
C LEU A 6 3.45 4.97 -12.29
N HIS A 7 3.84 4.74 -13.54
CA HIS A 7 3.51 3.46 -14.19
C HIS A 7 4.73 2.61 -14.44
N ILE A 8 4.54 1.30 -14.33
CA ILE A 8 5.59 0.33 -14.57
C ILE A 8 6.16 0.49 -15.98
N PRO A 9 7.47 0.25 -16.19
CA PRO A 9 8.41 -0.15 -15.15
C PRO A 9 9.11 1.04 -14.49
N ASP A 10 8.33 2.01 -14.03
CA ASP A 10 8.87 3.19 -13.38
C ASP A 10 9.80 2.81 -12.23
N GLU A 11 10.95 3.47 -12.17
CA GLU A 11 11.94 3.18 -11.13
C GLU A 11 11.36 3.37 -9.74
N ARG A 12 10.65 4.47 -9.54
CA ARG A 12 10.04 4.78 -8.25
C ARG A 12 9.08 3.70 -7.76
N LEU A 13 8.48 2.88 -8.63
CA LEU A 13 7.60 1.83 -8.17
C LEU A 13 8.45 0.72 -7.59
N ARG A 14 9.61 0.56 -8.20
CA ARG A 14 10.59 -0.43 -7.80
C ARG A 14 11.57 0.20 -6.80
N LYS A 15 11.25 1.42 -6.36
CA LYS A 15 12.10 2.15 -5.42
C LYS A 15 11.70 1.85 -3.98
N VAL A 16 12.68 1.88 -3.10
CA VAL A 16 12.44 1.62 -1.69
C VAL A 16 11.95 2.89 -1.01
N ALA A 17 10.80 2.79 -0.33
CA ALA A 17 10.23 3.92 0.36
C ALA A 17 10.85 4.08 1.74
N LYS A 18 10.96 5.31 2.21
CA LYS A 18 11.54 5.58 3.53
C LYS A 18 10.45 6.05 4.49
N PRO A 19 10.38 5.49 5.71
CA PRO A 19 9.39 5.88 6.71
C PRO A 19 9.77 7.20 7.40
N VAL A 20 8.95 8.23 7.21
CA VAL A 20 9.27 9.55 7.74
C VAL A 20 9.21 9.61 9.25
N GLU A 21 10.13 10.42 9.76
CA GLU A 21 10.28 10.65 11.18
C GLU A 21 9.04 11.30 11.79
N GLU A 22 8.31 12.09 11.00
CA GLU A 22 7.14 12.79 11.52
C GLU A 22 6.19 13.15 10.39
N VAL A 23 4.87 13.10 10.66
CA VAL A 23 3.90 13.40 9.63
C VAL A 23 3.69 14.88 9.38
N ASN A 24 4.23 15.35 8.27
CA ASN A 24 4.16 16.77 7.90
C ASN A 24 2.88 17.09 7.12
N ALA A 25 2.43 18.35 7.21
CA ALA A 25 1.22 18.80 6.50
C ALA A 25 1.34 18.50 5.00
N GLU A 26 2.58 18.51 4.53
CA GLU A 26 2.87 18.21 3.14
C GLU A 26 2.68 16.71 2.95
N ILE A 27 3.10 15.98 3.98
CA ILE A 27 2.98 14.54 4.04
C ILE A 27 1.51 14.12 4.10
N GLN A 28 0.70 14.90 4.83
CA GLN A 28 -0.71 14.63 4.97
C GLN A 28 -1.43 14.82 3.64
N ARG A 29 -1.03 15.86 2.89
CA ARG A 29 -1.65 16.13 1.59
C ARG A 29 -1.34 14.97 0.66
N ILE A 30 -0.11 14.46 0.76
CA ILE A 30 0.33 13.33 -0.04
C ILE A 30 -0.61 12.13 0.13
N VAL A 31 -0.90 11.79 1.40
CA VAL A 31 -1.78 10.68 1.70
C VAL A 31 -3.20 10.98 1.23
N ASP A 32 -3.63 12.21 1.45
CA ASP A 32 -4.95 12.64 1.09
C ASP A 32 -5.29 12.36 -0.37
N ASP A 33 -4.37 12.71 -1.24
CA ASP A 33 -4.50 12.44 -2.65
C ASP A 33 -4.29 10.97 -2.95
N MET A 34 -3.45 10.31 -2.14
CA MET A 34 -3.13 8.90 -2.39
C MET A 34 -4.40 8.07 -2.35
N PHE A 35 -5.24 8.28 -1.33
CA PHE A 35 -6.50 7.57 -1.25
C PHE A 35 -7.42 8.08 -2.34
N GLU A 36 -7.47 9.42 -2.50
CA GLU A 36 -8.31 10.02 -3.52
C GLU A 36 -7.99 9.40 -4.87
N THR A 37 -6.71 9.15 -5.09
CA THR A 37 -6.33 8.51 -6.33
C THR A 37 -6.81 7.06 -6.31
N MET A 38 -6.32 6.29 -5.33
CA MET A 38 -6.52 4.87 -5.24
C MET A 38 -7.93 4.56 -5.46
N TYR A 39 -8.78 5.35 -4.91
CA TYR A 39 -10.22 5.15 -5.10
C TYR A 39 -10.61 5.51 -6.52
N ALA A 40 -10.04 6.60 -7.01
CA ALA A 40 -10.30 7.05 -8.36
C ALA A 40 -9.86 6.00 -9.35
N GLU A 41 -8.93 5.18 -8.90
CA GLU A 41 -8.43 4.06 -9.69
C GLU A 41 -9.29 2.86 -9.40
N GLU A 42 -10.12 2.99 -8.37
CA GLU A 42 -10.96 1.92 -7.89
C GLU A 42 -10.11 0.78 -7.38
N GLY A 43 -8.90 1.15 -6.94
CA GLY A 43 -7.95 0.23 -6.37
C GLY A 43 -8.28 -0.06 -4.92
N ILE A 44 -8.10 -1.29 -4.47
CA ILE A 44 -8.43 -1.65 -3.09
C ILE A 44 -7.33 -1.21 -2.12
N GLY A 45 -6.31 -0.58 -2.65
CA GLY A 45 -5.18 -0.12 -1.84
C GLY A 45 -4.10 0.51 -2.71
N LEU A 46 -3.48 1.65 -2.30
CA LEU A 46 -2.45 2.24 -3.12
C LEU A 46 -1.17 2.47 -2.31
N ALA A 47 -0.01 2.12 -2.90
CA ALA A 47 1.27 2.30 -2.22
C ALA A 47 1.99 3.57 -2.70
N ALA A 48 2.48 4.38 -1.74
CA ALA A 48 3.18 5.64 -2.02
C ALA A 48 3.98 5.68 -3.31
N THR A 49 4.87 4.72 -3.49
CA THR A 49 5.73 4.68 -4.65
C THR A 49 4.91 4.74 -5.93
N GLN A 50 3.77 4.12 -5.87
CA GLN A 50 2.85 4.10 -6.98
C GLN A 50 2.33 5.47 -7.26
N VAL A 51 2.03 6.22 -6.20
CA VAL A 51 1.53 7.57 -6.36
C VAL A 51 2.65 8.59 -6.55
N ASP A 52 3.85 8.08 -6.88
CA ASP A 52 5.01 8.92 -7.16
C ASP A 52 5.67 9.50 -5.90
N ILE A 53 5.55 8.81 -4.76
CA ILE A 53 6.22 9.31 -3.56
C ILE A 53 7.19 8.29 -2.99
N HIS A 54 8.48 8.59 -3.09
CA HIS A 54 9.52 7.70 -2.58
C HIS A 54 9.60 7.80 -1.07
N GLN A 55 8.42 7.64 -0.46
CA GLN A 55 8.25 7.68 0.98
C GLN A 55 7.25 6.61 1.36
N ARG A 56 7.56 5.79 2.38
CA ARG A 56 6.70 4.68 2.82
C ARG A 56 5.32 5.13 3.32
N ILE A 57 4.49 5.62 2.40
CA ILE A 57 3.16 6.08 2.70
C ILE A 57 2.15 5.14 2.04
N ILE A 58 1.27 4.51 2.81
CA ILE A 58 0.32 3.55 2.22
C ILE A 58 -1.14 3.80 2.61
N VAL A 59 -2.04 3.52 1.66
CA VAL A 59 -3.46 3.69 1.86
C VAL A 59 -4.17 2.37 1.52
N ILE A 60 -5.17 2.00 2.31
CA ILE A 60 -5.88 0.76 2.07
C ILE A 60 -7.33 1.05 1.70
N ASP A 61 -7.89 0.14 0.92
CA ASP A 61 -9.26 0.26 0.44
C ASP A 61 -9.95 -1.10 0.44
N VAL A 62 -9.65 -1.91 1.46
CA VAL A 62 -10.24 -3.24 1.58
C VAL A 62 -11.40 -3.25 2.57
N SER A 63 -12.61 -3.39 2.04
CA SER A 63 -13.87 -3.32 2.81
C SER A 63 -13.77 -3.88 4.23
N GLU A 64 -13.35 -2.99 5.13
CA GLU A 64 -13.21 -3.29 6.56
C GLU A 64 -14.54 -3.70 7.20
N ASN A 65 -15.65 -3.28 6.58
CA ASN A 65 -16.98 -3.64 7.05
C ASN A 65 -18.01 -3.36 5.97
N ARG A 66 -18.30 -2.07 5.78
CA ARG A 66 -19.25 -1.61 4.78
C ARG A 66 -18.62 -0.53 3.93
N ASP A 67 -18.03 0.44 4.61
CA ASP A 67 -17.38 1.57 3.95
C ASP A 67 -15.86 1.44 4.01
N GLU A 68 -15.22 1.55 2.85
CA GLU A 68 -13.77 1.46 2.76
C GLU A 68 -13.11 2.82 2.98
N ARG A 69 -11.99 2.83 3.71
CA ARG A 69 -11.27 4.09 3.99
C ARG A 69 -10.11 3.86 4.96
N LEU A 70 -9.10 3.11 4.53
CA LEU A 70 -7.93 2.83 5.37
C LEU A 70 -6.73 3.67 4.96
N VAL A 71 -6.08 4.27 5.96
CA VAL A 71 -4.88 5.08 5.73
C VAL A 71 -3.80 4.74 6.75
N LEU A 72 -2.57 4.55 6.29
CA LEU A 72 -1.45 4.28 7.19
C LEU A 72 -0.18 4.99 6.70
N ILE A 73 0.66 5.43 7.61
CA ILE A 73 1.89 6.10 7.24
C ILE A 73 3.11 5.36 7.84
N ASN A 74 4.16 5.18 7.02
CA ASN A 74 5.38 4.51 7.47
C ASN A 74 5.11 3.13 8.12
N PRO A 75 4.14 2.34 7.62
CA PRO A 75 3.79 1.01 8.19
C PRO A 75 4.96 0.02 8.23
N GLU A 76 4.96 -0.85 9.24
CA GLU A 76 6.00 -1.86 9.39
C GLU A 76 5.35 -3.20 9.78
N LEU A 77 5.87 -4.29 9.26
CA LEU A 77 5.32 -5.60 9.57
C LEU A 77 5.80 -6.11 10.93
N LEU A 78 4.88 -6.67 11.69
CA LEU A 78 5.18 -7.18 13.02
C LEU A 78 5.12 -8.71 13.04
N GLU A 79 4.09 -9.27 12.43
CA GLU A 79 3.93 -10.72 12.40
C GLU A 79 3.14 -11.18 11.18
N LYS A 80 3.53 -12.33 10.65
CA LYS A 80 2.86 -12.92 9.50
C LYS A 80 2.70 -14.43 9.69
N SER A 81 1.58 -14.97 9.23
CA SER A 81 1.30 -16.41 9.36
C SER A 81 0.39 -16.90 8.24
N GLY A 82 0.55 -18.17 7.88
CA GLY A 82 -0.26 -18.74 6.80
C GLY A 82 0.23 -18.29 5.44
N GLU A 83 0.17 -19.18 4.44
CA GLU A 83 0.65 -18.83 3.11
C GLU A 83 -0.50 -18.68 2.12
N THR A 84 -0.69 -17.45 1.67
CA THR A 84 -1.70 -17.07 0.72
C THR A 84 -1.21 -16.55 -0.57
N GLY A 85 -2.12 -16.60 -1.52
CA GLY A 85 -1.88 -16.10 -2.85
C GLY A 85 -3.17 -15.69 -3.54
N ILE A 86 -3.24 -14.43 -4.01
CA ILE A 86 -4.44 -13.93 -4.65
C ILE A 86 -4.11 -12.92 -5.75
N GLU A 87 -4.78 -13.03 -6.88
CA GLU A 87 -4.49 -12.16 -8.02
C GLU A 87 -4.93 -10.72 -7.80
N GLU A 88 -4.07 -9.85 -8.25
CA GLU A 88 -4.27 -8.40 -8.14
C GLU A 88 -3.50 -7.63 -9.20
N GLY A 89 -3.83 -6.35 -9.36
CA GLY A 89 -3.14 -5.55 -10.33
C GLY A 89 -2.50 -4.37 -9.64
N CYS A 90 -1.63 -3.66 -10.34
CA CYS A 90 -0.93 -2.55 -9.73
C CYS A 90 -1.35 -1.23 -10.35
N LEU A 91 -1.44 -0.20 -9.52
CA LEU A 91 -1.85 1.12 -9.98
C LEU A 91 -0.99 1.61 -11.14
N SER A 92 0.14 0.95 -11.35
CA SER A 92 1.05 1.29 -12.43
C SER A 92 0.88 0.33 -13.60
N ILE A 93 0.56 -0.92 -13.27
CA ILE A 93 0.37 -1.96 -14.26
C ILE A 93 -1.07 -1.93 -14.77
N PRO A 94 -1.34 -2.34 -16.03
CA PRO A 94 -2.69 -2.34 -16.59
C PRO A 94 -3.62 -3.27 -15.83
N GLU A 95 -4.56 -3.89 -16.54
CA GLU A 95 -5.50 -4.82 -15.94
C GLU A 95 -4.87 -6.19 -15.73
N GLN A 96 -3.55 -6.25 -15.86
CA GLN A 96 -2.83 -7.50 -15.72
C GLN A 96 -2.62 -7.87 -14.26
N ARG A 97 -3.64 -8.47 -13.64
CA ARG A 97 -3.54 -8.90 -12.25
C ARG A 97 -2.94 -10.30 -12.18
N ALA A 98 -1.96 -10.45 -11.28
CA ALA A 98 -1.28 -11.72 -11.09
C ALA A 98 -1.35 -12.13 -9.63
N LEU A 99 -1.38 -13.44 -9.38
CA LEU A 99 -1.49 -13.92 -8.02
C LEU A 99 -0.17 -13.78 -7.27
N VAL A 100 -0.19 -12.92 -6.27
CA VAL A 100 0.99 -12.67 -5.43
C VAL A 100 0.86 -13.35 -4.07
N PRO A 101 1.90 -14.13 -3.65
CA PRO A 101 1.89 -14.84 -2.37
C PRO A 101 2.31 -13.99 -1.18
N ARG A 102 1.45 -13.98 -0.16
CA ARG A 102 1.65 -13.25 1.07
C ARG A 102 1.09 -14.07 2.22
N ALA A 103 1.40 -13.69 3.45
CA ALA A 103 0.93 -14.43 4.61
C ALA A 103 -0.59 -14.27 4.75
N GLU A 104 -1.22 -15.25 5.40
CA GLU A 104 -2.68 -15.25 5.53
C GLU A 104 -3.14 -14.19 6.51
N LYS A 105 -2.41 -14.04 7.62
CA LYS A 105 -2.73 -13.02 8.59
C LYS A 105 -1.42 -12.41 9.09
N VAL A 106 -1.46 -11.09 9.27
CA VAL A 106 -0.30 -10.34 9.73
C VAL A 106 -0.68 -9.07 10.48
N LYS A 107 0.07 -8.77 11.53
CA LYS A 107 -0.17 -7.56 12.32
C LYS A 107 0.93 -6.55 12.04
N ILE A 108 0.54 -5.33 11.66
CA ILE A 108 1.51 -4.31 11.29
C ILE A 108 1.23 -2.95 11.91
N ARG A 109 2.31 -2.18 12.14
CA ARG A 109 2.20 -0.87 12.76
C ARG A 109 2.33 0.26 11.74
N ALA A 110 1.51 1.28 11.95
CA ALA A 110 1.43 2.41 11.04
C ALA A 110 0.80 3.61 11.74
N LEU A 111 0.87 4.76 11.11
CA LEU A 111 0.25 5.95 11.66
C LEU A 111 -0.84 6.40 10.73
N ASP A 112 -1.84 7.04 11.28
CA ASP A 112 -2.99 7.45 10.46
C ASP A 112 -2.75 8.80 9.80
N ARG A 113 -3.57 9.10 8.79
CA ARG A 113 -3.45 10.36 8.06
C ARG A 113 -3.46 11.55 9.02
N ASP A 114 -3.95 11.33 10.23
CA ASP A 114 -4.02 12.38 11.24
C ASP A 114 -2.67 12.60 11.91
N GLY A 115 -1.81 11.58 11.93
CA GLY A 115 -0.51 11.73 12.54
C GLY A 115 -0.38 11.02 13.88
N LYS A 116 -1.02 9.86 14.00
CA LYS A 116 -0.93 9.09 15.24
C LYS A 116 -0.54 7.63 14.95
N PRO A 117 0.74 7.25 15.18
CA PRO A 117 1.20 5.87 14.87
C PRO A 117 0.67 4.80 15.82
N PHE A 118 -0.13 3.91 15.26
CA PHE A 118 -0.75 2.83 16.02
C PHE A 118 -0.47 1.50 15.36
N GLU A 119 -0.78 0.41 16.06
CA GLU A 119 -0.55 -0.91 15.51
C GLU A 119 -1.88 -1.55 15.12
N LEU A 120 -1.94 -2.05 13.89
CA LEU A 120 -3.16 -2.65 13.38
C LEU A 120 -2.94 -4.09 12.94
N GLU A 121 -3.83 -4.97 13.37
CA GLU A 121 -3.73 -6.37 13.01
C GLU A 121 -4.55 -6.63 11.76
N ALA A 122 -3.91 -7.18 10.72
CA ALA A 122 -4.62 -7.45 9.47
C ALA A 122 -4.62 -8.93 9.12
N ASP A 123 -5.80 -9.43 8.75
CA ASP A 123 -5.99 -10.83 8.34
C ASP A 123 -6.67 -10.84 6.98
N GLY A 124 -6.63 -11.95 6.22
CA GLY A 124 -7.34 -11.95 4.95
C GLY A 124 -6.98 -10.82 4.01
N LEU A 125 -8.00 -10.30 3.35
CA LEU A 125 -7.84 -9.22 2.39
C LEU A 125 -7.12 -8.03 3.01
N LEU A 126 -7.30 -7.81 4.31
CA LEU A 126 -6.64 -6.70 4.97
C LEU A 126 -5.15 -6.98 5.07
N ALA A 127 -4.85 -8.15 5.60
CA ALA A 127 -3.48 -8.60 5.78
C ALA A 127 -2.73 -8.69 4.46
N ILE A 128 -3.38 -9.31 3.46
CA ILE A 128 -2.72 -9.48 2.17
C ILE A 128 -2.42 -8.15 1.49
N CYS A 129 -3.45 -7.32 1.31
CA CYS A 129 -3.27 -6.02 0.67
C CYS A 129 -2.25 -5.15 1.37
N ILE A 130 -2.39 -5.04 2.69
CA ILE A 130 -1.49 -4.23 3.49
C ILE A 130 -0.05 -4.70 3.33
N GLN A 131 0.15 -6.02 3.31
CA GLN A 131 1.49 -6.58 3.14
C GLN A 131 2.00 -6.28 1.72
N HIS A 132 1.10 -6.40 0.73
CA HIS A 132 1.44 -6.13 -0.66
C HIS A 132 1.97 -4.71 -0.80
N GLU A 133 1.26 -3.78 -0.19
CA GLU A 133 1.64 -2.36 -0.22
C GLU A 133 3.02 -2.17 0.38
N MET A 134 3.30 -2.84 1.49
CA MET A 134 4.61 -2.73 2.12
C MET A 134 5.70 -3.13 1.12
N ASP A 135 5.48 -4.25 0.47
CA ASP A 135 6.42 -4.73 -0.52
C ASP A 135 6.51 -3.78 -1.71
N HIS A 136 5.36 -3.38 -2.24
CA HIS A 136 5.34 -2.48 -3.38
C HIS A 136 6.08 -1.19 -3.08
N LEU A 137 5.74 -0.57 -1.96
CA LEU A 137 6.39 0.69 -1.59
C LEU A 137 7.92 0.52 -1.41
N VAL A 138 8.37 -0.66 -0.98
CA VAL A 138 9.82 -0.94 -0.84
C VAL A 138 10.40 -1.36 -2.20
N GLY A 139 9.70 -0.94 -3.23
CA GLY A 139 10.10 -1.16 -4.59
C GLY A 139 10.04 -2.59 -4.99
N LYS A 140 9.59 -3.44 -4.09
CA LYS A 140 9.49 -4.81 -4.43
C LYS A 140 8.08 -5.08 -4.88
N LEU A 141 7.92 -5.79 -5.98
CA LEU A 141 6.61 -6.07 -6.50
C LEU A 141 6.56 -7.55 -6.92
N PHE A 142 5.37 -8.15 -6.90
CA PHE A 142 5.21 -9.56 -7.26
C PHE A 142 5.81 -9.89 -8.63
N MET A 143 5.75 -8.94 -9.56
CA MET A 143 6.30 -9.14 -10.90
C MET A 143 7.80 -9.43 -10.83
N ASP A 144 8.44 -8.92 -9.79
CA ASP A 144 9.87 -9.09 -9.56
C ASP A 144 10.24 -10.57 -9.46
N TYR A 145 9.26 -11.39 -9.07
CA TYR A 145 9.50 -12.81 -8.89
C TYR A 145 8.69 -13.68 -9.86
N LEU A 146 8.04 -13.05 -10.85
CA LEU A 146 7.25 -13.81 -11.83
C LEU A 146 8.09 -14.19 -13.03
N SER A 147 7.83 -15.38 -13.56
CA SER A 147 8.56 -15.88 -14.74
C SER A 147 8.18 -15.08 -15.98
ZN ZN B . 1.15 -3.55 -6.79
C5 BB2 C . -2.78 -2.14 -6.32
C3 BB2 C . -1.28 -2.23 -6.16
O4 BB2 C . -0.55 -2.03 -7.12
N1 BB2 C . -0.82 -2.48 -4.94
O2 BB2 C . 0.57 -2.54 -4.78
C6 BB2 C . -3.60 -3.12 -5.45
C12 BB2 C . -5.02 -3.16 -5.94
O13 BB2 C . -5.97 -3.31 -5.16
C7 BB2 C . -3.60 -2.75 -3.96
C8 BB2 C . -3.88 -3.92 -3.05
C9 BB2 C . -4.54 -3.47 -1.77
C10 BB2 C . -3.63 -2.57 -0.94
C11 BB2 C . -4.30 -2.09 0.33
N14 BB2 C . -5.15 -3.38 -7.24
C15 BB2 C . -6.39 -3.10 -7.92
C16 BB2 C . -6.20 -1.94 -8.94
C18 BB2 C . -7.53 -1.43 -9.47
C17 BB2 C . -5.41 -0.79 -8.31
C19 BB2 C . -6.94 -4.33 -8.65
O20 BB2 C . -6.34 -4.70 -9.65
N21 BB2 C . -7.56 -5.27 -7.89
C22 BB2 C . -7.43 -5.29 -6.41
C23 BB2 C . -8.93 -5.67 -8.23
C24 BB2 C . -9.39 -6.44 -7.03
C25 BB2 C . -8.81 -5.71 -5.90
C26 BB2 C . -6.38 -6.37 -6.15
O27 BB2 C . -6.85 -7.65 -6.58
H51 BB2 C . -3.08 -1.13 -6.12
H52 BB2 C . -2.99 -2.34 -7.37
HN1 BB2 C . -1.43 -2.60 -4.19
HO2 BB2 C . 0.93 -1.68 -4.60
H6 BB2 C . -3.16 -4.11 -5.57
H71 BB2 C . -4.36 -2.00 -3.79
H72 BB2 C . -2.64 -2.33 -3.70
H81 BB2 C . -2.94 -4.40 -2.81
H82 BB2 C . -4.53 -4.62 -3.55
H91 BB2 C . -4.80 -4.33 -1.19
H92 BB2 C . -5.44 -2.92 -2.00
H101 BB2 C . -3.36 -1.71 -1.53
H102 BB2 C . -2.75 -3.13 -0.67
H111 BB2 C . -3.54 -1.72 1.00
H112 BB2 C . -4.82 -2.91 0.80
H113 BB2 C . -5.00 -1.31 0.11
H14 BB2 C . -4.46 -3.90 -7.70
H15 BB2 C . -7.11 -2.77 -7.18
H16 BB2 C . -5.62 -2.32 -9.78
H181 BB2 C . -7.53 -0.35 -9.47
H182 BB2 C . -8.32 -1.79 -8.82
H183 BB2 C . -7.69 -1.79 -10.47
H171 BB2 C . -4.37 -0.89 -8.56
H172 BB2 C . -5.54 -0.81 -7.24
H173 BB2 C . -5.79 0.14 -8.71
H22 BB2 C . -7.12 -4.35 -6.02
H231 BB2 C . -9.55 -4.80 -8.38
H232 BB2 C . -8.94 -6.29 -9.12
H241 BB2 C . -10.47 -6.44 -6.99
H242 BB2 C . -9.01 -7.46 -7.06
H251 BB2 C . -9.39 -4.84 -5.66
H252 BB2 C . -8.71 -6.34 -5.03
H261 BB2 C . -5.48 -6.14 -6.68
H262 BB2 C . -6.17 -6.41 -5.09
H27 BB2 C . -6.12 -8.26 -6.65
N SER A 1 -9.04 15.27 -6.31
CA SER A 1 -8.06 15.32 -7.43
C SER A 1 -7.04 14.19 -7.31
N VAL A 2 -6.83 13.47 -8.41
CA VAL A 2 -5.88 12.36 -8.44
C VAL A 2 -4.47 12.87 -8.71
N LEU A 3 -3.49 12.35 -7.97
CA LEU A 3 -2.11 12.77 -8.14
C LEU A 3 -1.49 12.08 -9.35
N GLN A 4 -0.20 12.31 -9.56
CA GLN A 4 0.50 11.71 -10.69
C GLN A 4 0.95 10.29 -10.35
N VAL A 5 0.29 9.30 -10.94
CA VAL A 5 0.61 7.91 -10.68
C VAL A 5 1.67 7.36 -11.62
N LEU A 6 2.68 6.70 -11.04
CA LEU A 6 3.76 6.11 -11.82
C LEU A 6 3.39 4.68 -12.23
N HIS A 7 3.75 4.30 -13.46
CA HIS A 7 3.41 2.96 -13.95
C HIS A 7 4.64 2.12 -14.25
N ILE A 8 4.52 0.82 -13.98
CA ILE A 8 5.57 -0.14 -14.25
C ILE A 8 5.85 -0.20 -15.76
N PRO A 9 7.14 -0.20 -16.20
CA PRO A 9 8.31 -0.15 -15.31
C PRO A 9 8.60 1.27 -14.85
N ASP A 10 9.07 1.39 -13.63
CA ASP A 10 9.40 2.68 -13.04
C ASP A 10 10.25 2.47 -11.79
N GLU A 11 11.37 3.16 -11.72
CA GLU A 11 12.27 3.02 -10.57
C GLU A 11 11.54 3.37 -9.29
N ARG A 12 10.82 4.48 -9.30
CA ARG A 12 10.07 4.92 -8.14
C ARG A 12 9.08 3.89 -7.62
N LEU A 13 8.54 2.98 -8.45
CA LEU A 13 7.65 1.96 -7.97
C LEU A 13 8.47 0.88 -7.28
N ARG A 14 9.65 0.67 -7.83
CA ARG A 14 10.60 -0.28 -7.33
C ARG A 14 11.55 0.41 -6.35
N LYS A 15 11.19 1.65 -5.97
CA LYS A 15 11.99 2.44 -5.04
C LYS A 15 11.67 2.07 -3.61
N VAL A 16 12.70 1.98 -2.76
CA VAL A 16 12.49 1.62 -1.38
C VAL A 16 12.11 2.86 -0.55
N ALA A 17 10.81 3.09 -0.40
CA ALA A 17 10.29 4.22 0.36
C ALA A 17 10.87 4.29 1.77
N LYS A 18 11.04 5.51 2.26
CA LYS A 18 11.58 5.74 3.60
C LYS A 18 10.45 6.13 4.57
N PRO A 19 10.38 5.50 5.76
CA PRO A 19 9.35 5.82 6.75
C PRO A 19 9.72 7.11 7.50
N VAL A 20 8.91 8.15 7.31
CA VAL A 20 9.20 9.46 7.89
C VAL A 20 9.07 9.48 9.40
N GLU A 21 9.96 10.27 9.99
CA GLU A 21 10.02 10.45 11.42
C GLU A 21 8.79 11.17 11.96
N GLU A 22 8.12 11.93 11.10
CA GLU A 22 6.94 12.67 11.51
C GLU A 22 6.11 13.07 10.30
N VAL A 23 4.79 12.99 10.43
CA VAL A 23 3.89 13.34 9.32
C VAL A 23 3.71 14.83 9.17
N ASN A 24 4.25 15.40 8.11
CA ASN A 24 4.16 16.83 7.87
C ASN A 24 2.94 17.16 7.01
N ALA A 25 2.57 18.44 6.97
CA ALA A 25 1.42 18.88 6.18
C ALA A 25 1.61 18.49 4.72
N GLU A 26 2.86 18.44 4.28
CA GLU A 26 3.16 18.05 2.91
C GLU A 26 2.92 16.55 2.79
N ILE A 27 3.28 15.83 3.84
CA ILE A 27 3.09 14.39 3.89
C ILE A 27 1.61 14.06 3.85
N GLN A 28 0.80 14.76 4.67
CA GLN A 28 -0.64 14.55 4.71
C GLN A 28 -1.25 14.79 3.33
N ARG A 29 -0.75 15.80 2.64
CA ARG A 29 -1.24 16.12 1.29
C ARG A 29 -1.01 14.91 0.39
N ILE A 30 0.14 14.29 0.58
CA ILE A 30 0.53 13.11 -0.18
C ILE A 30 -0.46 11.95 0.02
N VAL A 31 -0.81 11.64 1.27
CA VAL A 31 -1.73 10.56 1.58
C VAL A 31 -3.15 10.89 1.13
N ASP A 32 -3.56 12.13 1.36
CA ASP A 32 -4.87 12.59 0.99
C ASP A 32 -5.14 12.36 -0.49
N ASP A 33 -4.14 12.65 -1.30
CA ASP A 33 -4.21 12.41 -2.72
C ASP A 33 -4.06 10.94 -3.01
N MET A 34 -3.30 10.21 -2.15
CA MET A 34 -3.05 8.80 -2.37
C MET A 34 -4.36 8.02 -2.39
N PHE A 35 -5.24 8.25 -1.40
CA PHE A 35 -6.53 7.60 -1.39
C PHE A 35 -7.35 8.14 -2.54
N GLU A 36 -7.32 9.47 -2.69
CA GLU A 36 -8.05 10.13 -3.75
C GLU A 36 -7.74 9.46 -5.08
N THR A 37 -6.46 9.16 -5.25
CA THR A 37 -6.06 8.48 -6.47
C THR A 37 -6.60 7.06 -6.43
N MET A 38 -6.17 6.27 -5.43
CA MET A 38 -6.42 4.87 -5.34
C MET A 38 -7.82 4.59 -5.62
N TYR A 39 -8.66 5.40 -5.07
CA TYR A 39 -10.10 5.23 -5.30
C TYR A 39 -10.45 5.58 -6.73
N ALA A 40 -9.85 6.64 -7.23
CA ALA A 40 -10.07 7.06 -8.61
C ALA A 40 -9.64 5.95 -9.53
N GLU A 41 -8.67 5.18 -9.06
CA GLU A 41 -8.17 4.02 -9.78
C GLU A 41 -9.06 2.83 -9.48
N GLU A 42 -9.95 3.01 -8.50
CA GLU A 42 -10.82 1.97 -8.04
C GLU A 42 -10.01 0.81 -7.48
N GLY A 43 -8.81 1.16 -7.03
CA GLY A 43 -7.90 0.22 -6.42
C GLY A 43 -8.27 -0.03 -4.97
N ILE A 44 -8.13 -1.28 -4.50
CA ILE A 44 -8.49 -1.59 -3.13
C ILE A 44 -7.42 -1.15 -2.14
N GLY A 45 -6.33 -0.62 -2.67
CA GLY A 45 -5.21 -0.19 -1.84
C GLY A 45 -4.09 0.41 -2.68
N LEU A 46 -3.53 1.58 -2.30
CA LEU A 46 -2.47 2.19 -3.10
C LEU A 46 -1.21 2.44 -2.24
N ALA A 47 -0.03 2.08 -2.77
CA ALA A 47 1.23 2.29 -2.07
C ALA A 47 1.95 3.53 -2.59
N ALA A 48 2.37 4.42 -1.69
CA ALA A 48 3.06 5.68 -2.01
C ALA A 48 3.87 5.70 -3.31
N THR A 49 4.79 4.76 -3.46
CA THR A 49 5.64 4.68 -4.63
C THR A 49 4.83 4.66 -5.91
N GLN A 50 3.69 4.04 -5.82
CA GLN A 50 2.77 3.91 -6.94
C GLN A 50 2.29 5.28 -7.37
N VAL A 51 1.96 6.11 -6.39
CA VAL A 51 1.48 7.45 -6.69
C VAL A 51 2.61 8.46 -6.85
N ASP A 52 3.83 7.94 -7.03
CA ASP A 52 5.01 8.77 -7.27
C ASP A 52 5.56 9.43 -6.03
N ILE A 53 5.49 8.77 -4.87
CA ILE A 53 6.06 9.36 -3.67
C ILE A 53 7.04 8.38 -3.03
N HIS A 54 8.32 8.71 -3.13
CA HIS A 54 9.37 7.87 -2.58
C HIS A 54 9.44 8.03 -1.06
N GLN A 55 8.34 7.62 -0.43
CA GLN A 55 8.18 7.67 1.02
C GLN A 55 7.17 6.60 1.43
N ARG A 56 7.48 5.83 2.47
CA ARG A 56 6.63 4.71 2.91
C ARG A 56 5.25 5.16 3.44
N ILE A 57 4.41 5.59 2.53
CA ILE A 57 3.05 6.04 2.81
C ILE A 57 2.09 5.06 2.15
N ILE A 58 1.16 4.47 2.89
CA ILE A 58 0.25 3.50 2.29
C ILE A 58 -1.21 3.76 2.64
N VAL A 59 -2.09 3.44 1.69
CA VAL A 59 -3.51 3.60 1.89
C VAL A 59 -4.23 2.30 1.53
N ILE A 60 -5.22 1.92 2.34
CA ILE A 60 -5.95 0.69 2.09
C ILE A 60 -7.41 1.00 1.80
N ASP A 61 -7.94 0.21 0.88
CA ASP A 61 -9.32 0.35 0.44
C ASP A 61 -10.07 -0.98 0.59
N VAL A 62 -9.59 -1.80 1.54
CA VAL A 62 -10.21 -3.11 1.81
C VAL A 62 -11.20 -3.04 2.97
N SER A 63 -12.47 -3.32 2.67
CA SER A 63 -13.58 -3.21 3.62
C SER A 63 -13.22 -3.59 5.07
N GLU A 64 -12.70 -2.59 5.78
CA GLU A 64 -12.34 -2.72 7.19
C GLU A 64 -13.53 -3.15 8.04
N ASN A 65 -14.72 -2.91 7.54
CA ASN A 65 -15.96 -3.31 8.21
C ASN A 65 -17.12 -3.21 7.23
N ARG A 66 -17.60 -1.98 7.03
CA ARG A 66 -18.68 -1.72 6.10
C ARG A 66 -18.25 -0.70 5.06
N ASP A 67 -17.68 0.39 5.54
CA ASP A 67 -17.20 1.46 4.67
C ASP A 67 -15.69 1.37 4.47
N GLU A 68 -15.25 1.38 3.21
CA GLU A 68 -13.83 1.30 2.90
C GLU A 68 -13.17 2.67 2.97
N ARG A 69 -12.05 2.75 3.69
CA ARG A 69 -11.30 4.01 3.85
C ARG A 69 -10.13 3.83 4.83
N LEU A 70 -9.12 3.07 4.41
CA LEU A 70 -7.95 2.83 5.24
C LEU A 70 -6.76 3.70 4.86
N VAL A 71 -6.13 4.32 5.85
CA VAL A 71 -4.96 5.16 5.64
C VAL A 71 -3.89 4.84 6.69
N LEU A 72 -2.67 4.59 6.24
CA LEU A 72 -1.55 4.31 7.15
C LEU A 72 -0.27 4.98 6.67
N ILE A 73 0.51 5.54 7.58
CA ILE A 73 1.75 6.20 7.22
C ILE A 73 2.94 5.50 7.88
N ASN A 74 4.01 5.27 7.10
CA ASN A 74 5.21 4.62 7.62
C ASN A 74 4.93 3.26 8.30
N PRO A 75 3.95 2.45 7.80
CA PRO A 75 3.62 1.14 8.40
C PRO A 75 4.82 0.19 8.50
N GLU A 76 4.80 -0.68 9.51
CA GLU A 76 5.87 -1.66 9.69
C GLU A 76 5.27 -3.01 10.03
N LEU A 77 5.89 -4.09 9.54
CA LEU A 77 5.39 -5.43 9.80
C LEU A 77 5.83 -5.93 11.16
N LEU A 78 4.89 -6.55 11.86
CA LEU A 78 5.12 -7.06 13.19
C LEU A 78 4.96 -8.59 13.25
N GLU A 79 3.99 -9.14 12.52
CA GLU A 79 3.77 -10.57 12.53
C GLU A 79 3.09 -11.04 11.24
N LYS A 80 3.42 -12.24 10.82
CA LYS A 80 2.85 -12.82 9.61
C LYS A 80 2.76 -14.35 9.76
N SER A 81 1.74 -14.94 9.15
CA SER A 81 1.55 -16.39 9.22
C SER A 81 0.63 -16.89 8.10
N GLY A 82 0.91 -18.09 7.60
CA GLY A 82 0.10 -18.66 6.52
C GLY A 82 0.58 -18.19 5.15
N GLU A 83 0.05 -18.81 4.09
CA GLU A 83 0.45 -18.41 2.74
C GLU A 83 -0.67 -18.55 1.71
N THR A 84 -1.10 -17.40 1.21
CA THR A 84 -2.13 -17.28 0.20
C THR A 84 -1.64 -17.04 -1.18
N GLY A 85 -2.52 -17.35 -2.10
CA GLY A 85 -2.24 -17.16 -3.51
C GLY A 85 -3.45 -16.57 -4.24
N ILE A 86 -3.39 -15.27 -4.52
CA ILE A 86 -4.50 -14.59 -5.19
C ILE A 86 -4.03 -13.48 -6.14
N GLU A 87 -4.67 -13.43 -7.32
CA GLU A 87 -4.35 -12.45 -8.36
C GLU A 87 -4.80 -11.06 -7.98
N GLU A 88 -3.99 -10.11 -8.38
CA GLU A 88 -4.25 -8.70 -8.12
C GLU A 88 -3.51 -7.85 -9.12
N GLY A 89 -3.90 -6.59 -9.28
CA GLY A 89 -3.20 -5.73 -10.22
C GLY A 89 -2.61 -4.55 -9.51
N CYS A 90 -1.60 -3.94 -10.11
CA CYS A 90 -0.94 -2.82 -9.47
C CYS A 90 -1.20 -1.53 -10.19
N LEU A 91 -1.46 -0.49 -9.40
CA LEU A 91 -1.74 0.84 -9.90
C LEU A 91 -0.70 1.28 -10.94
N SER A 92 0.48 0.66 -10.87
CA SER A 92 1.56 0.96 -11.80
C SER A 92 1.40 0.17 -13.09
N ILE A 93 0.87 -1.04 -12.96
CA ILE A 93 0.66 -1.92 -14.09
C ILE A 93 -0.69 -1.61 -14.74
N PRO A 94 -0.82 -1.80 -16.07
CA PRO A 94 -2.07 -1.50 -16.79
C PRO A 94 -3.19 -2.51 -16.53
N GLU A 95 -3.45 -2.82 -15.26
CA GLU A 95 -4.52 -3.75 -14.86
C GLU A 95 -4.12 -5.20 -15.06
N GLN A 96 -2.82 -5.43 -15.26
CA GLN A 96 -2.34 -6.79 -15.42
C GLN A 96 -2.24 -7.45 -14.07
N ARG A 97 -3.33 -8.06 -13.61
CA ARG A 97 -3.36 -8.70 -12.31
C ARG A 97 -2.83 -10.12 -12.36
N ALA A 98 -1.95 -10.42 -11.41
CA ALA A 98 -1.32 -11.72 -11.27
C ALA A 98 -1.36 -12.16 -9.81
N LEU A 99 -1.34 -13.46 -9.58
CA LEU A 99 -1.38 -14.00 -8.23
C LEU A 99 -0.03 -13.83 -7.55
N VAL A 100 -0.05 -13.41 -6.29
CA VAL A 100 1.18 -13.19 -5.55
C VAL A 100 1.10 -13.90 -4.19
N PRO A 101 2.15 -14.65 -3.79
CA PRO A 101 2.14 -15.36 -2.52
C PRO A 101 2.50 -14.47 -1.34
N ARG A 102 1.60 -14.44 -0.37
CA ARG A 102 1.75 -13.66 0.85
C ARG A 102 1.20 -14.42 2.06
N ALA A 103 1.52 -13.97 3.26
CA ALA A 103 1.07 -14.64 4.47
C ALA A 103 -0.44 -14.48 4.62
N GLU A 104 -1.07 -15.40 5.35
CA GLU A 104 -2.51 -15.40 5.50
C GLU A 104 -2.95 -14.26 6.42
N LYS A 105 -2.24 -14.05 7.53
CA LYS A 105 -2.56 -12.94 8.40
C LYS A 105 -1.28 -12.31 8.91
N VAL A 106 -1.29 -10.99 8.93
CA VAL A 106 -0.14 -10.20 9.37
C VAL A 106 -0.56 -9.00 10.21
N LYS A 107 0.18 -8.74 11.29
CA LYS A 107 -0.12 -7.60 12.14
C LYS A 107 0.93 -6.52 11.90
N ILE A 108 0.48 -5.33 11.57
CA ILE A 108 1.40 -4.23 11.26
C ILE A 108 1.09 -2.97 12.06
N ARG A 109 2.07 -2.07 12.14
CA ARG A 109 1.89 -0.79 12.82
C ARG A 109 1.97 0.35 11.82
N ALA A 110 1.11 1.35 12.00
CA ALA A 110 1.07 2.47 11.09
C ALA A 110 0.42 3.67 11.74
N LEU A 111 0.54 4.81 11.09
CA LEU A 111 -0.09 6.02 11.59
C LEU A 111 -1.17 6.44 10.60
N ASP A 112 -2.18 7.13 11.10
CA ASP A 112 -3.27 7.52 10.24
C ASP A 112 -3.03 8.88 9.60
N ARG A 113 -3.80 9.18 8.56
CA ARG A 113 -3.69 10.45 7.84
C ARG A 113 -3.75 11.64 8.79
N ASP A 114 -4.28 11.40 9.99
CA ASP A 114 -4.40 12.46 11.00
C ASP A 114 -3.06 12.71 11.70
N GLY A 115 -2.19 11.70 11.77
CA GLY A 115 -0.90 11.88 12.42
C GLY A 115 -0.83 11.17 13.75
N LYS A 116 -1.48 10.02 13.86
CA LYS A 116 -1.46 9.25 15.09
C LYS A 116 -1.06 7.78 14.83
N PRO A 117 0.21 7.40 15.14
CA PRO A 117 0.69 6.02 14.87
C PRO A 117 0.12 4.95 15.82
N PHE A 118 -0.63 4.04 15.23
CA PHE A 118 -1.26 2.95 15.97
C PHE A 118 -0.90 1.61 15.35
N GLU A 119 -1.20 0.52 16.05
CA GLU A 119 -0.89 -0.80 15.53
C GLU A 119 -2.16 -1.50 15.08
N LEU A 120 -2.13 -2.01 13.86
CA LEU A 120 -3.30 -2.69 13.30
C LEU A 120 -2.96 -4.12 12.88
N GLU A 121 -3.77 -5.06 13.34
CA GLU A 121 -3.60 -6.45 12.99
C GLU A 121 -4.43 -6.78 11.76
N ALA A 122 -3.80 -7.30 10.73
CA ALA A 122 -4.52 -7.61 9.50
C ALA A 122 -4.52 -9.11 9.17
N ASP A 123 -5.68 -9.60 8.75
CA ASP A 123 -5.85 -11.00 8.36
C ASP A 123 -6.47 -11.03 6.96
N GLY A 124 -6.44 -12.16 6.23
CA GLY A 124 -7.08 -12.20 4.92
C GLY A 124 -6.76 -11.05 4.00
N LEU A 125 -7.82 -10.55 3.37
CA LEU A 125 -7.72 -9.46 2.41
C LEU A 125 -7.02 -8.25 3.03
N LEU A 126 -7.20 -8.03 4.33
CA LEU A 126 -6.57 -6.89 4.97
C LEU A 126 -5.06 -7.14 5.08
N ALA A 127 -4.71 -8.27 5.67
CA ALA A 127 -3.33 -8.64 5.86
C ALA A 127 -2.60 -8.74 4.53
N ILE A 128 -3.25 -9.32 3.53
CA ILE A 128 -2.63 -9.47 2.22
C ILE A 128 -2.33 -8.10 1.61
N CYS A 129 -3.35 -7.26 1.52
CA CYS A 129 -3.20 -5.93 0.94
C CYS A 129 -2.18 -5.09 1.71
N ILE A 130 -2.32 -5.01 3.03
CA ILE A 130 -1.40 -4.22 3.84
C ILE A 130 0.04 -4.73 3.68
N GLN A 131 0.22 -6.04 3.70
CA GLN A 131 1.54 -6.62 3.52
C GLN A 131 2.03 -6.38 2.09
N HIS A 132 1.11 -6.48 1.12
CA HIS A 132 1.44 -6.23 -0.27
C HIS A 132 1.98 -4.81 -0.42
N GLU A 133 1.28 -3.87 0.20
CA GLU A 133 1.68 -2.46 0.13
C GLU A 133 3.08 -2.26 0.68
N MET A 134 3.41 -2.86 1.84
CA MET A 134 4.73 -2.69 2.41
C MET A 134 5.81 -3.13 1.42
N ASP A 135 5.62 -4.30 0.85
CA ASP A 135 6.56 -4.82 -0.13
C ASP A 135 6.59 -3.90 -1.34
N HIS A 136 5.42 -3.51 -1.84
CA HIS A 136 5.31 -2.67 -3.01
C HIS A 136 6.04 -1.34 -2.79
N LEU A 137 5.70 -0.67 -1.69
CA LEU A 137 6.28 0.64 -1.42
C LEU A 137 7.81 0.56 -1.32
N VAL A 138 8.35 -0.57 -0.82
CA VAL A 138 9.83 -0.73 -0.80
C VAL A 138 10.31 -1.15 -2.21
N GLY A 139 9.42 -0.88 -3.14
CA GLY A 139 9.61 -1.10 -4.55
C GLY A 139 9.82 -2.54 -4.87
N LYS A 140 9.39 -3.40 -3.96
CA LYS A 140 9.53 -4.80 -4.20
C LYS A 140 8.15 -5.41 -4.40
N LEU A 141 7.86 -5.92 -5.59
CA LEU A 141 6.57 -6.54 -5.85
C LEU A 141 6.81 -7.93 -6.43
N PHE A 142 6.12 -8.95 -5.92
CA PHE A 142 6.31 -10.32 -6.41
C PHE A 142 6.02 -10.45 -7.91
N MET A 143 4.97 -9.77 -8.37
CA MET A 143 4.59 -9.81 -9.78
C MET A 143 5.71 -9.28 -10.68
N ASP A 144 6.51 -8.39 -10.12
CA ASP A 144 7.64 -7.79 -10.81
C ASP A 144 8.60 -8.83 -11.35
N TYR A 145 8.57 -10.02 -10.77
CA TYR A 145 9.44 -11.10 -11.19
C TYR A 145 8.64 -12.30 -11.68
N LEU A 146 7.57 -12.04 -12.42
CA LEU A 146 6.74 -13.11 -12.94
C LEU A 146 7.17 -13.49 -14.35
N SER A 147 7.15 -14.79 -14.66
CA SER A 147 7.54 -15.27 -15.98
C SER A 147 7.08 -16.71 -16.19
ZN ZN B . 0.58 -3.22 -6.16
C5 BB2 C . -2.45 -4.11 -5.73
C3 BB2 C . -1.56 -2.88 -5.74
O4 BB2 C . -1.45 -2.20 -6.77
N1 BB2 C . -0.88 -2.59 -4.63
O2 BB2 C . -0.01 -1.52 -4.66
C6 BB2 C . -3.71 -3.99 -4.83
C12 BB2 C . -4.89 -3.37 -5.57
O13 BB2 C . -5.73 -2.72 -4.95
C7 BB2 C . -3.50 -3.23 -3.51
C8 BB2 C . -4.01 -4.02 -2.31
C9 BB2 C . -4.60 -3.11 -1.24
C10 BB2 C . -3.51 -2.31 -0.52
C11 BB2 C . -4.05 -1.51 0.64
N14 BB2 C . -5.15 -3.93 -6.73
C15 BB2 C . -6.20 -3.40 -7.58
C16 BB2 C . -5.68 -2.25 -8.47
C18 BB2 C . -6.82 -1.59 -9.24
C17 BB2 C . -4.93 -1.24 -7.65
C19 BB2 C . -6.80 -4.49 -8.47
O20 BB2 C . -6.23 -4.73 -9.54
N21 BB2 C . -7.48 -5.50 -7.87
C22 BB2 C . -7.43 -5.71 -6.40
C23 BB2 C . -8.84 -5.83 -8.33
C24 BB2 C . -9.35 -6.78 -7.29
C25 BB2 C . -8.81 -6.25 -6.03
C26 BB2 C . -6.35 -6.79 -6.22
O27 BB2 C . -6.66 -7.96 -6.98
H51 BB2 C . -2.75 -4.29 -6.74
H52 BB2 C . -1.85 -4.94 -5.41
HN1 BB2 C . -0.99 -3.15 -3.83
HO2 BB2 C . 0.00 -1.06 -3.81
H6 BB2 C . -3.99 -5.01 -4.59
H71 BB2 C . -4.03 -2.29 -3.54
H72 BB2 C . -2.45 -3.05 -3.36
H81 BB2 C . -3.20 -4.58 -1.88
H82 BB2 C . -4.79 -4.70 -2.63
H91 BB2 C . -5.12 -3.70 -0.52
H92 BB2 C . -5.29 -2.42 -1.70
H101 BB2 C . -3.06 -1.64 -1.23
H102 BB2 C . -2.77 -3.00 -0.14
H111 BB2 C . -4.01 -2.10 1.54
H112 BB2 C . -5.08 -1.24 0.44
H113 BB2 C . -3.47 -0.62 0.76
H14 BB2 C . -4.46 -4.49 -7.14
H15 BB2 C . -6.97 -3.00 -6.94
H16 BB2 C . -4.99 -2.67 -9.20
H181 BB2 C . -6.69 -0.51 -9.20
H182 BB2 C . -7.76 -1.86 -8.79
H183 BB2 C . -6.80 -1.91 -10.27
H171 BB2 C . -3.87 -1.34 -7.82
H172 BB2 C . -5.13 -1.40 -6.60
H173 BB2 C . -5.24 -0.24 -7.92
H22 BB2 C . -7.17 -4.83 -5.85
H231 BB2 C . -9.45 -4.93 -8.34
H232 BB2 C . -8.81 -6.29 -9.30
H241 BB2 C . -10.42 -6.77 -7.27
H242 BB2 C . -8.96 -7.77 -7.47
H251 BB2 C . -9.41 -5.44 -5.65
H252 BB2 C . -8.72 -7.02 -5.28
H261 BB2 C . -5.40 -6.41 -6.57
H262 BB2 C . -6.27 -7.06 -5.18
H27 BB2 C . -6.08 -8.69 -6.73
N SER A 1 -8.85 14.79 -5.31
CA SER A 1 -8.04 14.91 -6.54
C SER A 1 -6.94 13.85 -6.59
N VAL A 2 -6.79 13.22 -7.75
CA VAL A 2 -5.79 12.18 -7.93
C VAL A 2 -4.43 12.78 -8.26
N LEU A 3 -3.38 12.26 -7.64
CA LEU A 3 -2.04 12.78 -7.89
C LEU A 3 -1.42 12.08 -9.11
N GLN A 4 -0.12 12.30 -9.32
CA GLN A 4 0.56 11.69 -10.45
C GLN A 4 1.03 10.28 -10.11
N VAL A 5 0.37 9.27 -10.69
CA VAL A 5 0.71 7.89 -10.43
C VAL A 5 1.77 7.37 -11.41
N LEU A 6 2.79 6.72 -10.85
CA LEU A 6 3.87 6.16 -11.65
C LEU A 6 3.49 4.78 -12.16
N HIS A 7 3.87 4.45 -13.38
CA HIS A 7 3.52 3.15 -13.96
C HIS A 7 4.75 2.33 -14.33
N ILE A 8 4.63 1.02 -14.15
CA ILE A 8 5.69 0.08 -14.50
C ILE A 8 5.97 0.15 -16.01
N PRO A 9 7.27 0.19 -16.42
CA PRO A 9 8.43 0.20 -15.51
C PRO A 9 8.73 1.59 -14.99
N ASP A 10 9.07 1.65 -13.72
CA ASP A 10 9.40 2.91 -13.06
C ASP A 10 10.28 2.64 -11.86
N GLU A 11 11.39 3.35 -11.78
CA GLU A 11 12.33 3.17 -10.69
C GLU A 11 11.64 3.44 -9.35
N ARG A 12 10.87 4.51 -9.30
CA ARG A 12 10.17 4.87 -8.08
C ARG A 12 9.19 3.81 -7.61
N LEU A 13 8.65 2.93 -8.46
CA LEU A 13 7.78 1.88 -8.00
C LEU A 13 8.64 0.80 -7.41
N ARG A 14 9.84 0.69 -7.98
CA ARG A 14 10.82 -0.26 -7.55
C ARG A 14 11.73 0.39 -6.51
N LYS A 15 11.33 1.59 -6.08
CA LYS A 15 12.10 2.35 -5.08
C LYS A 15 11.67 1.98 -3.67
N VAL A 16 12.65 1.95 -2.77
CA VAL A 16 12.38 1.60 -1.38
C VAL A 16 11.90 2.82 -0.58
N ALA A 17 10.58 2.91 -0.38
CA ALA A 17 10.00 4.02 0.37
C ALA A 17 10.56 4.10 1.78
N LYS A 18 10.75 5.32 2.27
CA LYS A 18 11.28 5.55 3.62
C LYS A 18 10.17 6.08 4.53
N PRO A 19 10.01 5.50 5.75
CA PRO A 19 8.99 5.96 6.70
C PRO A 19 9.46 7.20 7.45
N VAL A 20 8.76 8.31 7.24
CA VAL A 20 9.16 9.59 7.84
C VAL A 20 8.96 9.61 9.34
N GLU A 21 9.89 10.29 9.98
CA GLU A 21 9.93 10.45 11.41
C GLU A 21 8.68 11.14 11.95
N GLU A 22 8.01 11.90 11.10
CA GLU A 22 6.82 12.61 11.51
C GLU A 22 5.98 13.03 10.31
N VAL A 23 4.68 12.91 10.45
CA VAL A 23 3.77 13.28 9.38
C VAL A 23 3.48 14.78 9.36
N ASN A 24 3.83 15.46 8.27
CA ASN A 24 3.62 16.89 8.18
C ASN A 24 2.46 17.19 7.24
N ALA A 25 2.30 18.45 6.88
CA ALA A 25 1.23 18.86 5.97
C ALA A 25 1.51 18.43 4.54
N GLU A 26 2.78 18.26 4.21
CA GLU A 26 3.16 17.83 2.87
C GLU A 26 2.83 16.35 2.74
N ILE A 27 3.09 15.61 3.81
CA ILE A 27 2.81 14.19 3.83
C ILE A 27 1.29 13.95 3.75
N GLN A 28 0.52 14.69 4.54
CA GLN A 28 -0.94 14.56 4.52
C GLN A 28 -1.48 14.81 3.12
N ARG A 29 -0.92 15.79 2.44
CA ARG A 29 -1.35 16.12 1.08
C ARG A 29 -1.10 14.91 0.19
N ILE A 30 0.04 14.27 0.40
CA ILE A 30 0.44 13.09 -0.34
C ILE A 30 -0.57 11.94 -0.17
N VAL A 31 -0.92 11.64 1.08
CA VAL A 31 -1.86 10.57 1.38
C VAL A 31 -3.26 10.91 0.92
N ASP A 32 -3.67 12.14 1.16
CA ASP A 32 -4.99 12.60 0.79
C ASP A 32 -5.25 12.37 -0.69
N ASP A 33 -4.24 12.66 -1.49
CA ASP A 33 -4.31 12.41 -2.92
C ASP A 33 -4.19 10.93 -3.21
N MET A 34 -3.44 10.21 -2.36
CA MET A 34 -3.21 8.79 -2.56
C MET A 34 -4.53 8.02 -2.56
N PHE A 35 -5.40 8.27 -1.57
CA PHE A 35 -6.69 7.62 -1.55
C PHE A 35 -7.52 8.16 -2.70
N GLU A 36 -7.49 9.49 -2.85
CA GLU A 36 -8.23 10.14 -3.91
C GLU A 36 -7.93 9.47 -5.24
N THR A 37 -6.66 9.20 -5.45
CA THR A 37 -6.29 8.50 -6.67
C THR A 37 -6.79 7.04 -6.60
N MET A 38 -6.32 6.29 -5.59
CA MET A 38 -6.53 4.87 -5.49
C MET A 38 -7.93 4.56 -5.75
N TYR A 39 -8.78 5.37 -5.20
CA TYR A 39 -10.23 5.18 -5.43
C TYR A 39 -10.59 5.52 -6.86
N ALA A 40 -10.01 6.60 -7.35
CA ALA A 40 -10.25 7.02 -8.72
C ALA A 40 -9.82 5.92 -9.67
N GLU A 41 -8.84 5.15 -9.20
CA GLU A 41 -8.32 4.01 -9.94
C GLU A 41 -9.20 2.80 -9.65
N GLU A 42 -10.06 2.96 -8.64
CA GLU A 42 -10.92 1.91 -8.18
C GLU A 42 -10.09 0.78 -7.60
N GLY A 43 -8.88 1.15 -7.18
CA GLY A 43 -7.96 0.21 -6.56
C GLY A 43 -8.35 -0.04 -5.12
N ILE A 44 -8.19 -1.27 -4.64
CA ILE A 44 -8.57 -1.60 -3.28
C ILE A 44 -7.52 -1.15 -2.26
N GLY A 45 -6.44 -0.59 -2.77
CA GLY A 45 -5.34 -0.13 -1.93
C GLY A 45 -4.20 0.47 -2.76
N LEU A 46 -3.63 1.62 -2.36
CA LEU A 46 -2.56 2.21 -3.17
C LEU A 46 -1.30 2.47 -2.33
N ALA A 47 -0.12 2.13 -2.86
CA ALA A 47 1.15 2.34 -2.16
C ALA A 47 1.87 3.59 -2.67
N ALA A 48 2.30 4.47 -1.74
CA ALA A 48 2.99 5.73 -2.07
C ALA A 48 3.83 5.72 -3.34
N THR A 49 4.76 4.78 -3.45
CA THR A 49 5.63 4.70 -4.60
C THR A 49 4.85 4.67 -5.89
N GLN A 50 3.72 4.03 -5.83
CA GLN A 50 2.83 3.92 -6.96
C GLN A 50 2.28 5.28 -7.32
N VAL A 51 1.99 6.09 -6.31
CA VAL A 51 1.46 7.42 -6.53
C VAL A 51 2.57 8.45 -6.76
N ASP A 52 3.80 7.96 -6.95
CA ASP A 52 4.95 8.81 -7.24
C ASP A 52 5.54 9.49 -6.02
N ILE A 53 5.48 8.85 -4.84
CA ILE A 53 6.09 9.46 -3.66
C ILE A 53 7.04 8.46 -3.01
N HIS A 54 8.33 8.77 -3.07
CA HIS A 54 9.35 7.90 -2.49
C HIS A 54 9.38 8.04 -0.98
N GLN A 55 8.27 7.62 -0.37
CA GLN A 55 8.08 7.66 1.08
C GLN A 55 7.06 6.60 1.45
N ARG A 56 7.34 5.83 2.51
CA ARG A 56 6.47 4.73 2.95
C ARG A 56 5.08 5.19 3.43
N ILE A 57 4.26 5.64 2.49
CA ILE A 57 2.92 6.08 2.74
C ILE A 57 1.96 5.10 2.10
N ILE A 58 1.05 4.49 2.86
CA ILE A 58 0.15 3.50 2.27
C ILE A 58 -1.32 3.76 2.57
N VAL A 59 -2.17 3.43 1.61
CA VAL A 59 -3.60 3.61 1.74
C VAL A 59 -4.32 2.31 1.41
N ILE A 60 -5.34 1.98 2.19
CA ILE A 60 -6.09 0.77 1.96
C ILE A 60 -7.52 1.10 1.59
N ASP A 61 -8.10 0.22 0.79
CA ASP A 61 -9.46 0.39 0.32
C ASP A 61 -10.25 -0.91 0.49
N VAL A 62 -9.79 -1.76 1.41
CA VAL A 62 -10.44 -3.03 1.71
C VAL A 62 -11.37 -2.87 2.91
N SER A 63 -12.67 -3.03 2.66
CA SER A 63 -13.73 -2.86 3.68
C SER A 63 -13.34 -3.38 5.07
N GLU A 64 -12.63 -2.53 5.81
CA GLU A 64 -12.18 -2.83 7.16
C GLU A 64 -13.37 -2.87 8.13
N ASN A 65 -14.46 -2.20 7.74
CA ASN A 65 -15.67 -2.17 8.54
C ASN A 65 -16.86 -1.69 7.69
N ARG A 66 -17.58 -0.69 8.20
CA ARG A 66 -18.75 -0.17 7.50
C ARG A 66 -18.33 0.65 6.29
N ASP A 67 -17.49 1.64 6.52
CA ASP A 67 -16.99 2.50 5.44
C ASP A 67 -15.61 2.03 4.98
N GLU A 68 -15.44 1.88 3.67
CA GLU A 68 -14.19 1.42 3.09
C GLU A 68 -13.20 2.54 2.83
N ARG A 69 -12.52 3.01 3.87
CA ARG A 69 -11.58 4.12 3.72
C ARG A 69 -10.41 3.94 4.69
N LEU A 70 -9.38 3.19 4.26
CA LEU A 70 -8.23 2.93 5.11
C LEU A 70 -6.98 3.74 4.72
N VAL A 71 -6.34 4.33 5.72
CA VAL A 71 -5.12 5.10 5.52
C VAL A 71 -4.07 4.74 6.57
N LEU A 72 -2.84 4.50 6.14
CA LEU A 72 -1.74 4.18 7.06
C LEU A 72 -0.46 4.90 6.62
N ILE A 73 0.29 5.43 7.55
CA ILE A 73 1.51 6.16 7.23
C ILE A 73 2.72 5.49 7.84
N ASN A 74 3.74 5.33 7.02
CA ASN A 74 5.00 4.71 7.42
C ASN A 74 4.81 3.35 8.13
N PRO A 75 3.84 2.50 7.70
CA PRO A 75 3.57 1.18 8.32
C PRO A 75 4.79 0.26 8.39
N GLU A 76 4.81 -0.63 9.38
CA GLU A 76 5.90 -1.58 9.54
C GLU A 76 5.34 -2.96 9.88
N LEU A 77 5.96 -4.02 9.36
CA LEU A 77 5.48 -5.37 9.61
C LEU A 77 5.97 -5.90 10.96
N LEU A 78 5.03 -6.52 11.67
CA LEU A 78 5.28 -7.07 12.99
C LEU A 78 5.22 -8.60 12.99
N GLU A 79 4.30 -9.17 12.20
CA GLU A 79 4.16 -10.63 12.15
C GLU A 79 3.41 -11.09 10.90
N LYS A 80 3.66 -12.34 10.51
CA LYS A 80 3.03 -12.95 9.37
C LYS A 80 2.85 -14.44 9.60
N SER A 81 1.84 -15.04 8.95
CA SER A 81 1.57 -16.47 9.10
C SER A 81 0.75 -17.01 7.94
N GLY A 82 0.99 -18.26 7.57
CA GLY A 82 0.28 -18.88 6.47
C GLY A 82 0.67 -18.27 5.13
N GLU A 83 0.18 -18.84 4.04
CA GLU A 83 0.51 -18.31 2.72
C GLU A 83 -0.63 -18.47 1.71
N THR A 84 -1.16 -17.32 1.30
CA THR A 84 -2.21 -17.22 0.33
C THR A 84 -1.76 -16.96 -1.07
N GLY A 85 -2.66 -17.28 -1.98
CA GLY A 85 -2.39 -17.06 -3.39
C GLY A 85 -3.58 -16.45 -4.10
N ILE A 86 -3.52 -15.14 -4.34
CA ILE A 86 -4.62 -14.43 -5.00
C ILE A 86 -4.16 -13.29 -5.92
N GLU A 87 -4.80 -13.22 -7.10
CA GLU A 87 -4.48 -12.24 -8.13
C GLU A 87 -4.95 -10.83 -7.78
N GLU A 88 -4.13 -9.89 -8.18
CA GLU A 88 -4.40 -8.48 -7.97
C GLU A 88 -3.67 -7.66 -9.00
N GLY A 89 -4.02 -6.39 -9.13
CA GLY A 89 -3.34 -5.57 -10.12
C GLY A 89 -2.67 -4.41 -9.44
N CYS A 90 -1.78 -3.74 -10.15
CA CYS A 90 -1.02 -2.67 -9.55
C CYS A 90 -1.27 -1.34 -10.25
N LEU A 91 -1.37 -0.28 -9.46
CA LEU A 91 -1.60 1.05 -10.01
C LEU A 91 -0.49 1.38 -11.01
N SER A 92 0.65 0.72 -10.84
CA SER A 92 1.79 0.90 -11.72
C SER A 92 1.60 0.12 -13.01
N ILE A 93 1.03 -1.08 -12.89
CA ILE A 93 0.78 -1.93 -14.04
C ILE A 93 -0.58 -1.56 -14.67
N PRO A 94 -0.74 -1.72 -16.00
CA PRO A 94 -1.99 -1.38 -16.69
C PRO A 94 -3.15 -2.35 -16.44
N GLU A 95 -3.43 -2.64 -15.16
CA GLU A 95 -4.53 -3.53 -14.77
C GLU A 95 -4.19 -5.00 -14.98
N GLN A 96 -2.92 -5.30 -15.21
CA GLN A 96 -2.50 -6.67 -15.38
C GLN A 96 -2.39 -7.33 -14.02
N ARG A 97 -3.50 -7.90 -13.56
CA ARG A 97 -3.53 -8.53 -12.24
C ARG A 97 -3.03 -9.97 -12.30
N ALA A 98 -2.15 -10.29 -11.36
CA ALA A 98 -1.55 -11.61 -11.25
C ALA A 98 -1.57 -12.08 -9.81
N LEU A 99 -1.57 -13.38 -9.61
CA LEU A 99 -1.60 -13.96 -8.28
C LEU A 99 -0.24 -13.83 -7.63
N VAL A 100 -0.21 -13.45 -6.35
CA VAL A 100 1.06 -13.26 -5.67
C VAL A 100 1.06 -13.97 -4.31
N PRO A 101 2.13 -14.71 -3.97
CA PRO A 101 2.19 -15.41 -2.69
C PRO A 101 2.58 -14.49 -1.53
N ARG A 102 1.69 -14.47 -0.55
CA ARG A 102 1.86 -13.70 0.67
C ARG A 102 1.29 -14.45 1.87
N ALA A 103 1.63 -14.02 3.07
CA ALA A 103 1.15 -14.68 4.27
C ALA A 103 -0.34 -14.47 4.42
N GLU A 104 -0.99 -15.39 5.10
CA GLU A 104 -2.44 -15.35 5.24
C GLU A 104 -2.85 -14.26 6.21
N LYS A 105 -2.12 -14.12 7.34
CA LYS A 105 -2.42 -13.04 8.26
C LYS A 105 -1.11 -12.45 8.79
N VAL A 106 -1.10 -11.13 8.87
CA VAL A 106 0.06 -10.39 9.35
C VAL A 106 -0.36 -9.19 10.20
N LYS A 107 0.41 -8.92 11.25
CA LYS A 107 0.11 -7.79 12.14
C LYS A 107 1.14 -6.71 11.91
N ILE A 108 0.68 -5.50 11.61
CA ILE A 108 1.58 -4.39 11.32
C ILE A 108 1.25 -3.12 12.10
N ARG A 109 2.22 -2.20 12.17
CA ARG A 109 2.03 -0.93 12.86
C ARG A 109 2.02 0.20 11.85
N ALA A 110 1.12 1.15 12.03
CA ALA A 110 1.01 2.27 11.12
C ALA A 110 0.39 3.47 11.81
N LEU A 111 0.50 4.62 11.17
CA LEU A 111 -0.11 5.83 11.72
C LEU A 111 -1.15 6.31 10.74
N ASP A 112 -2.17 6.99 11.22
CA ASP A 112 -3.24 7.40 10.31
C ASP A 112 -2.93 8.72 9.60
N ARG A 113 -3.74 9.04 8.60
CA ARG A 113 -3.56 10.27 7.83
C ARG A 113 -3.54 11.49 8.75
N ASP A 114 -4.08 11.33 9.95
CA ASP A 114 -4.12 12.40 10.95
C ASP A 114 -2.79 12.55 11.66
N GLY A 115 -1.96 11.51 11.61
CA GLY A 115 -0.66 11.57 12.26
C GLY A 115 -0.62 10.89 13.63
N LYS A 116 -1.30 9.75 13.78
CA LYS A 116 -1.29 9.02 15.05
C LYS A 116 -0.91 7.56 14.83
N PRO A 117 0.36 7.15 15.14
CA PRO A 117 0.82 5.76 14.90
C PRO A 117 0.29 4.71 15.88
N PHE A 118 -0.49 3.79 15.34
CA PHE A 118 -1.08 2.70 16.11
C PHE A 118 -0.73 1.37 15.49
N GLU A 119 -0.98 0.27 16.20
CA GLU A 119 -0.67 -1.05 15.66
C GLU A 119 -1.94 -1.78 15.29
N LEU A 120 -1.96 -2.33 14.07
CA LEU A 120 -3.13 -3.03 13.58
C LEU A 120 -2.78 -4.42 13.06
N GLU A 121 -3.60 -5.40 13.43
CA GLU A 121 -3.42 -6.77 12.98
C GLU A 121 -4.28 -7.04 11.76
N ALA A 122 -3.65 -7.51 10.68
CA ALA A 122 -4.39 -7.78 9.45
C ALA A 122 -4.37 -9.27 9.07
N ASP A 123 -5.53 -9.78 8.67
CA ASP A 123 -5.71 -11.17 8.24
C ASP A 123 -6.36 -11.17 6.85
N GLY A 124 -6.35 -12.28 6.10
CA GLY A 124 -7.02 -12.30 4.82
C GLY A 124 -6.75 -11.13 3.91
N LEU A 125 -7.83 -10.65 3.30
CA LEU A 125 -7.78 -9.55 2.36
C LEU A 125 -7.10 -8.34 2.98
N LEU A 126 -7.27 -8.14 4.29
CA LEU A 126 -6.65 -7.00 4.95
C LEU A 126 -5.15 -7.22 5.03
N ALA A 127 -4.79 -8.38 5.58
CA ALA A 127 -3.41 -8.76 5.74
C ALA A 127 -2.67 -8.79 4.42
N ILE A 128 -3.34 -9.29 3.38
CA ILE A 128 -2.72 -9.37 2.07
C ILE A 128 -2.50 -7.99 1.46
N CYS A 129 -3.57 -7.18 1.37
CA CYS A 129 -3.45 -5.86 0.79
C CYS A 129 -2.42 -4.99 1.50
N ILE A 130 -2.52 -4.92 2.82
CA ILE A 130 -1.60 -4.12 3.61
C ILE A 130 -0.16 -4.61 3.45
N GLN A 131 0.05 -5.93 3.49
CA GLN A 131 1.38 -6.48 3.32
C GLN A 131 1.88 -6.25 1.90
N HIS A 132 0.97 -6.38 0.93
CA HIS A 132 1.30 -6.15 -0.47
C HIS A 132 1.83 -4.74 -0.65
N GLU A 133 1.12 -3.78 -0.06
CA GLU A 133 1.53 -2.38 -0.13
C GLU A 133 2.91 -2.17 0.45
N MET A 134 3.20 -2.78 1.60
CA MET A 134 4.53 -2.62 2.20
C MET A 134 5.62 -3.07 1.23
N ASP A 135 5.43 -4.25 0.66
CA ASP A 135 6.42 -4.76 -0.30
C ASP A 135 6.46 -3.86 -1.52
N HIS A 136 5.31 -3.51 -2.08
CA HIS A 136 5.27 -2.66 -3.25
C HIS A 136 6.00 -1.36 -3.01
N LEU A 137 5.65 -0.69 -1.92
CA LEU A 137 6.26 0.61 -1.63
C LEU A 137 7.78 0.50 -1.46
N VAL A 138 8.29 -0.64 -0.96
CA VAL A 138 9.77 -0.82 -0.85
C VAL A 138 10.34 -1.24 -2.22
N GLY A 139 9.57 -0.88 -3.23
CA GLY A 139 9.91 -1.08 -4.60
C GLY A 139 10.00 -2.52 -4.98
N LYS A 140 9.64 -3.39 -4.06
CA LYS A 140 9.69 -4.79 -4.37
C LYS A 140 8.30 -5.18 -4.82
N LEU A 141 8.15 -5.76 -6.02
CA LEU A 141 6.87 -6.13 -6.52
C LEU A 141 6.82 -7.64 -6.82
N PHE A 142 5.62 -8.19 -6.91
CA PHE A 142 5.44 -9.60 -7.21
C PHE A 142 6.04 -9.97 -8.58
N MET A 143 5.95 -9.04 -9.52
CA MET A 143 6.48 -9.25 -10.87
C MET A 143 7.98 -9.52 -10.82
N ASP A 144 8.62 -9.01 -9.79
CA ASP A 144 10.06 -9.19 -9.59
C ASP A 144 10.44 -10.66 -9.56
N TYR A 145 9.48 -11.49 -9.18
CA TYR A 145 9.72 -12.93 -9.08
C TYR A 145 8.70 -13.76 -9.85
N LEU A 146 7.96 -13.12 -10.75
CA LEU A 146 6.96 -13.82 -11.54
C LEU A 146 7.56 -14.34 -12.84
N SER A 147 7.14 -15.54 -13.24
CA SER A 147 7.64 -16.14 -14.47
C SER A 147 7.09 -15.41 -15.69
ZN ZN B . 0.97 -3.67 -6.52
C5 BB2 C . -2.85 -2.25 -6.31
C3 BB2 C . -1.36 -2.27 -6.06
O4 BB2 C . -0.57 -2.01 -6.97
N1 BB2 C . -0.95 -2.54 -4.82
O2 BB2 C . 0.42 -2.56 -4.57
C6 BB2 C . -3.68 -3.18 -5.39
C12 BB2 C . -5.13 -3.16 -5.85
O13 BB2 C . -6.04 -3.26 -5.04
C7 BB2 C . -3.64 -2.80 -3.91
C8 BB2 C . -3.72 -3.99 -2.98
C9 BB2 C . -4.53 -3.64 -1.74
C10 BB2 C . -3.84 -2.57 -0.91
C11 BB2 C . -4.67 -2.14 0.28
N14 BB2 C . -5.28 -3.42 -7.13
C15 BB2 C . -6.52 -3.15 -7.81
C16 BB2 C . -6.32 -1.97 -8.82
C18 BB2 C . -7.65 -1.47 -9.35
C17 BB2 C . -5.55 -0.83 -8.16
C19 BB2 C . -7.04 -4.37 -8.57
O20 BB2 C . -6.42 -4.70 -9.58
N21 BB2 C . -7.63 -5.35 -7.84
C22 BB2 C . -7.53 -5.41 -6.37
C23 BB2 C . -8.98 -5.81 -8.23
C24 BB2 C . -9.46 -6.57 -7.04
C25 BB2 C . -8.93 -5.83 -5.89
C26 BB2 C . -6.50 -6.53 -6.12
O27 BB2 C . -6.99 -7.79 -6.57
H51 BB2 C . -3.19 -1.23 -6.20
H52 BB2 C . -3.00 -2.53 -7.34
HN1 BB2 C . -1.59 -2.72 -4.11
HO2 BB2 C . 0.60 -2.65 -3.63
H6 BB2 C . -3.29 -4.19 -5.52
H71 BB2 C . -4.45 -2.14 -3.70
H72 BB2 C . -2.71 -2.29 -3.71
H81 BB2 C . -2.73 -4.29 -2.68
H82 BB2 C . -4.22 -4.80 -3.50
H91 BB2 C . -4.63 -4.54 -1.15
H92 BB2 C . -5.49 -3.29 -2.04
H101 BB2 C . -3.66 -1.71 -1.53
H102 BB2 C . -2.89 -2.95 -0.55
H111 BB2 C . -4.03 -2.01 1.13
H112 BB2 C . -5.42 -2.89 0.50
H113 BB2 C . -5.17 -1.21 0.06
H14 BB2 C . -4.58 -3.93 -7.60
H15 BB2 C . -7.25 -2.84 -7.08
H16 BB2 C . -5.74 -2.33 -9.64
H181 BB2 C . -7.63 -0.38 -9.41
H182 BB2 C . -8.44 -1.77 -8.69
H183 BB2 C . -7.82 -1.88 -10.33
H171 BB2 C . -4.50 -0.92 -8.40
H172 BB2 C . -5.69 -0.86 -7.10
H173 BB2 C . -5.92 0.12 -8.54
H22 BB2 C . -7.21 -4.48 -5.93
H231 BB2 C . -9.62 -4.96 -8.41
H232 BB2 C . -8.93 -6.44 -9.11
H241 BB2 C . -10.54 -6.57 -7.01
H242 BB2 C . -9.08 -7.57 -7.05
H251 BB2 C . -9.51 -4.95 -5.68
H252 BB2 C . -8.85 -6.45 -5.01
H261 BB2 C . -5.59 -6.29 -6.65
H262 BB2 C . -6.29 -6.59 -5.06
H27 BB2 C . -6.28 -8.42 -6.61
N SER A 1 -7.49 16.53 -8.33
CA SER A 1 -7.96 15.66 -7.22
C SER A 1 -7.13 14.39 -7.12
N VAL A 2 -6.87 13.77 -8.27
CA VAL A 2 -6.09 12.54 -8.33
C VAL A 2 -4.59 12.83 -8.36
N LEU A 3 -3.84 12.03 -7.60
CA LEU A 3 -2.40 12.18 -7.52
C LEU A 3 -1.73 11.59 -8.76
N GLN A 4 -0.50 12.03 -9.06
CA GLN A 4 0.20 11.54 -10.24
C GLN A 4 0.80 10.16 -9.95
N VAL A 5 0.18 9.14 -10.53
CA VAL A 5 0.60 7.76 -10.33
C VAL A 5 1.63 7.30 -11.35
N LEU A 6 2.70 6.70 -10.86
CA LEU A 6 3.76 6.18 -11.70
C LEU A 6 3.38 4.79 -12.23
N HIS A 7 3.71 4.52 -13.48
CA HIS A 7 3.38 3.23 -14.08
C HIS A 7 4.61 2.38 -14.34
N ILE A 8 4.47 1.08 -14.14
CA ILE A 8 5.55 0.14 -14.37
C ILE A 8 6.15 0.32 -15.77
N PRO A 9 7.48 0.13 -15.94
CA PRO A 9 8.41 -0.26 -14.88
C PRO A 9 9.17 0.92 -14.29
N ASP A 10 8.43 1.92 -13.82
CA ASP A 10 9.04 3.10 -13.22
C ASP A 10 9.98 2.73 -12.07
N GLU A 11 11.10 3.43 -11.97
CA GLU A 11 12.08 3.16 -10.93
C GLU A 11 11.45 3.32 -9.55
N ARG A 12 10.70 4.40 -9.37
CA ARG A 12 10.04 4.67 -8.11
C ARG A 12 9.11 3.57 -7.65
N LEU A 13 8.56 2.71 -8.50
CA LEU A 13 7.71 1.64 -8.04
C LEU A 13 8.58 0.55 -7.45
N ARG A 14 9.76 0.42 -8.05
CA ARG A 14 10.74 -0.53 -7.63
C ARG A 14 11.72 0.12 -6.68
N LYS A 15 11.43 1.37 -6.32
CA LYS A 15 12.31 2.09 -5.40
C LYS A 15 11.80 1.92 -3.98
N VAL A 16 12.69 2.06 -3.03
CA VAL A 16 12.33 1.89 -1.64
C VAL A 16 11.71 3.15 -1.07
N ALA A 17 10.64 2.97 -0.32
CA ALA A 17 9.95 4.07 0.32
C ALA A 17 10.61 4.32 1.67
N LYS A 18 10.75 5.58 2.05
CA LYS A 18 11.36 5.91 3.33
C LYS A 18 10.29 6.29 4.35
N PRO A 19 10.28 5.65 5.54
CA PRO A 19 9.30 5.95 6.58
C PRO A 19 9.66 7.23 7.33
N VAL A 20 8.82 8.25 7.20
CA VAL A 20 9.10 9.55 7.79
C VAL A 20 9.00 9.55 9.31
N GLU A 21 9.87 10.35 9.88
CA GLU A 21 9.97 10.50 11.31
C GLU A 21 8.73 11.15 11.92
N GLU A 22 7.96 11.89 11.14
CA GLU A 22 6.79 12.55 11.65
C GLU A 22 5.81 12.90 10.53
N VAL A 23 4.52 12.95 10.84
CA VAL A 23 3.52 13.25 9.82
C VAL A 23 3.41 14.74 9.52
N ASN A 24 4.01 15.14 8.41
CA ASN A 24 4.04 16.56 8.01
C ASN A 24 2.87 16.93 7.10
N ALA A 25 2.60 18.23 7.03
CA ALA A 25 1.52 18.76 6.20
C ALA A 25 1.71 18.33 4.74
N GLU A 26 2.96 18.22 4.34
CA GLU A 26 3.28 17.77 2.99
C GLU A 26 2.96 16.29 2.89
N ILE A 27 3.25 15.59 3.99
CA ILE A 27 2.99 14.16 4.09
C ILE A 27 1.48 13.89 4.01
N GLN A 28 0.70 14.64 4.78
CA GLN A 28 -0.77 14.51 4.77
C GLN A 28 -1.34 14.74 3.38
N ARG A 29 -0.79 15.72 2.68
CA ARG A 29 -1.26 16.04 1.32
C ARG A 29 -1.04 14.83 0.43
N ILE A 30 0.10 14.20 0.61
CA ILE A 30 0.48 13.02 -0.14
C ILE A 30 -0.51 11.86 0.03
N VAL A 31 -0.84 11.53 1.28
CA VAL A 31 -1.77 10.44 1.58
C VAL A 31 -3.18 10.77 1.11
N ASP A 32 -3.60 12.01 1.35
CA ASP A 32 -4.91 12.46 0.99
C ASP A 32 -5.18 12.26 -0.51
N ASP A 33 -4.20 12.58 -1.31
CA ASP A 33 -4.30 12.37 -2.74
C ASP A 33 -4.14 10.89 -3.06
N MET A 34 -3.36 10.17 -2.24
CA MET A 34 -3.10 8.77 -2.50
C MET A 34 -4.40 7.95 -2.48
N PHE A 35 -5.24 8.15 -1.47
CA PHE A 35 -6.52 7.45 -1.43
C PHE A 35 -7.38 8.02 -2.53
N GLU A 36 -7.37 9.35 -2.65
CA GLU A 36 -8.16 10.02 -3.67
C GLU A 36 -7.83 9.39 -5.02
N THR A 37 -6.55 9.11 -5.21
CA THR A 37 -6.16 8.46 -6.45
C THR A 37 -6.68 7.02 -6.45
N MET A 38 -6.20 6.23 -5.48
CA MET A 38 -6.42 4.81 -5.42
C MET A 38 -7.83 4.51 -5.67
N TYR A 39 -8.66 5.29 -5.08
CA TYR A 39 -10.11 5.12 -5.28
C TYR A 39 -10.50 5.51 -6.69
N ALA A 40 -9.91 6.59 -7.17
CA ALA A 40 -10.17 7.05 -8.52
C ALA A 40 -9.75 5.95 -9.49
N GLU A 41 -8.77 5.18 -9.05
CA GLU A 41 -8.27 4.04 -9.82
C GLU A 41 -9.15 2.83 -9.55
N GLU A 42 -10.01 2.98 -8.54
CA GLU A 42 -10.88 1.93 -8.08
C GLU A 42 -10.04 0.77 -7.54
N GLY A 43 -8.84 1.13 -7.09
CA GLY A 43 -7.92 0.19 -6.49
C GLY A 43 -8.28 -0.07 -5.04
N ILE A 44 -8.12 -1.32 -4.57
CA ILE A 44 -8.47 -1.65 -3.20
C ILE A 44 -7.39 -1.22 -2.20
N GLY A 45 -6.32 -0.65 -2.73
CA GLY A 45 -5.20 -0.19 -1.91
C GLY A 45 -4.08 0.42 -2.75
N LEU A 46 -3.50 1.56 -2.35
CA LEU A 46 -2.43 2.16 -3.15
C LEU A 46 -1.16 2.43 -2.34
N ALA A 47 0.02 2.07 -2.89
CA ALA A 47 1.30 2.30 -2.22
C ALA A 47 1.97 3.58 -2.74
N ALA A 48 2.43 4.44 -1.82
CA ALA A 48 3.07 5.72 -2.15
C ALA A 48 3.91 5.71 -3.43
N THR A 49 4.85 4.78 -3.52
CA THR A 49 5.73 4.69 -4.67
C THR A 49 4.95 4.65 -5.96
N GLN A 50 3.83 3.98 -5.89
CA GLN A 50 2.94 3.86 -7.02
C GLN A 50 2.35 5.21 -7.38
N VAL A 51 2.07 6.02 -6.36
CA VAL A 51 1.52 7.34 -6.60
C VAL A 51 2.61 8.38 -6.82
N ASP A 52 3.85 7.91 -7.05
CA ASP A 52 4.98 8.77 -7.33
C ASP A 52 5.57 9.47 -6.11
N ILE A 53 5.52 8.83 -4.94
CA ILE A 53 6.12 9.45 -3.76
C ILE A 53 7.09 8.48 -3.10
N HIS A 54 8.37 8.83 -3.15
CA HIS A 54 9.41 7.99 -2.55
C HIS A 54 9.41 8.12 -1.04
N GLN A 55 8.32 7.64 -0.44
CA GLN A 55 8.13 7.66 1.01
C GLN A 55 7.12 6.59 1.37
N ARG A 56 7.41 5.80 2.42
CA ARG A 56 6.54 4.70 2.86
C ARG A 56 5.15 5.15 3.33
N ILE A 57 4.34 5.59 2.39
CA ILE A 57 2.98 6.02 2.66
C ILE A 57 2.03 5.04 2.00
N ILE A 58 1.15 4.41 2.76
CA ILE A 58 0.24 3.43 2.17
C ILE A 58 -1.23 3.68 2.52
N VAL A 59 -2.10 3.36 1.58
CA VAL A 59 -3.52 3.53 1.73
C VAL A 59 -4.23 2.22 1.41
N ILE A 60 -5.22 1.88 2.21
CA ILE A 60 -5.96 0.65 1.98
C ILE A 60 -7.40 1.00 1.62
N ASP A 61 -7.98 0.14 0.81
CA ASP A 61 -9.34 0.33 0.34
C ASP A 61 -10.14 -0.97 0.45
N VAL A 62 -9.79 -1.77 1.45
CA VAL A 62 -10.47 -3.05 1.70
C VAL A 62 -11.51 -2.90 2.80
N SER A 63 -12.78 -3.00 2.43
CA SER A 63 -13.91 -2.79 3.35
C SER A 63 -13.67 -3.28 4.77
N GLU A 64 -13.12 -2.37 5.58
CA GLU A 64 -12.84 -2.62 6.99
C GLU A 64 -14.07 -3.10 7.74
N ASN A 65 -15.24 -2.80 7.19
CA ASN A 65 -16.51 -3.23 7.77
C ASN A 65 -17.63 -3.04 6.75
N ARG A 66 -18.04 -1.79 6.60
CA ARG A 66 -19.08 -1.42 5.66
C ARG A 66 -18.56 -0.43 4.63
N ASP A 67 -17.85 0.57 5.10
CA ASP A 67 -17.29 1.60 4.23
C ASP A 67 -15.79 1.44 4.07
N GLU A 68 -15.31 1.52 2.84
CA GLU A 68 -13.88 1.39 2.55
C GLU A 68 -13.18 2.74 2.73
N ARG A 69 -12.12 2.74 3.54
CA ARG A 69 -11.35 3.96 3.79
C ARG A 69 -10.21 3.72 4.78
N LEU A 70 -9.19 2.97 4.37
CA LEU A 70 -8.05 2.68 5.23
C LEU A 70 -6.83 3.51 4.84
N VAL A 71 -6.18 4.11 5.84
CA VAL A 71 -4.98 4.91 5.61
C VAL A 71 -3.91 4.58 6.65
N LEU A 72 -2.68 4.38 6.20
CA LEU A 72 -1.55 4.10 7.11
C LEU A 72 -0.29 4.82 6.61
N ILE A 73 0.53 5.34 7.53
CA ILE A 73 1.74 6.04 7.13
C ILE A 73 2.97 5.36 7.76
N ASN A 74 4.02 5.17 6.94
CA ASN A 74 5.25 4.55 7.42
C ASN A 74 5.01 3.16 8.07
N PRO A 75 4.07 2.34 7.55
CA PRO A 75 3.75 1.00 8.11
C PRO A 75 4.96 0.05 8.19
N GLU A 76 4.95 -0.82 9.19
CA GLU A 76 6.00 -1.81 9.37
C GLU A 76 5.39 -3.14 9.80
N LEU A 77 5.94 -4.25 9.31
CA LEU A 77 5.39 -5.57 9.66
C LEU A 77 5.87 -6.01 11.04
N LEU A 78 4.95 -6.58 11.80
CA LEU A 78 5.23 -7.06 13.15
C LEU A 78 5.12 -8.57 13.23
N GLU A 79 4.17 -9.13 12.50
CA GLU A 79 3.97 -10.58 12.51
C GLU A 79 3.21 -11.04 11.27
N LYS A 80 3.50 -12.26 10.85
CA LYS A 80 2.86 -12.86 9.68
C LYS A 80 2.70 -14.36 9.89
N SER A 81 1.67 -14.93 9.28
CA SER A 81 1.40 -16.36 9.42
C SER A 81 0.52 -16.88 8.28
N GLY A 82 0.77 -18.12 7.85
CA GLY A 82 0.00 -18.71 6.76
C GLY A 82 0.47 -18.22 5.40
N GLU A 83 0.24 -19.02 4.35
CA GLU A 83 0.66 -18.61 3.02
C GLU A 83 -0.48 -18.68 2.00
N THR A 84 -0.85 -17.49 1.52
CA THR A 84 -1.90 -17.30 0.55
C THR A 84 -1.44 -16.94 -0.83
N GLY A 85 -2.36 -17.17 -1.76
CA GLY A 85 -2.11 -16.86 -3.15
C GLY A 85 -3.33 -16.27 -3.82
N ILE A 86 -3.30 -14.95 -4.07
CA ILE A 86 -4.45 -14.28 -4.68
C ILE A 86 -4.06 -13.14 -5.63
N GLU A 87 -4.72 -13.10 -6.80
CA GLU A 87 -4.44 -12.13 -7.85
C GLU A 87 -4.94 -10.74 -7.52
N GLU A 88 -4.13 -9.78 -7.95
CA GLU A 88 -4.41 -8.38 -7.77
C GLU A 88 -3.67 -7.57 -8.83
N GLY A 89 -4.00 -6.30 -8.95
CA GLY A 89 -3.31 -5.50 -9.94
C GLY A 89 -2.60 -4.35 -9.29
N CYS A 90 -1.71 -3.71 -10.02
CA CYS A 90 -0.93 -2.62 -9.47
C CYS A 90 -1.26 -1.31 -10.16
N LEU A 91 -1.38 -0.26 -9.36
CA LEU A 91 -1.69 1.07 -9.91
C LEU A 91 -0.71 1.39 -11.04
N SER A 92 0.50 0.88 -10.89
CA SER A 92 1.55 1.10 -11.87
C SER A 92 1.36 0.20 -13.09
N ILE A 93 0.77 -0.97 -12.87
CA ILE A 93 0.51 -1.91 -13.95
C ILE A 93 -0.82 -1.57 -14.62
N PRO A 94 -0.97 -1.82 -15.94
CA PRO A 94 -2.20 -1.50 -16.68
C PRO A 94 -3.36 -2.46 -16.40
N GLU A 95 -3.62 -2.75 -15.12
CA GLU A 95 -4.72 -3.64 -14.71
C GLU A 95 -4.35 -5.11 -14.87
N GLN A 96 -3.09 -5.38 -15.14
CA GLN A 96 -2.64 -6.75 -15.28
C GLN A 96 -2.49 -7.36 -13.90
N ARG A 97 -3.58 -7.95 -13.40
CA ARG A 97 -3.57 -8.53 -12.06
C ARG A 97 -3.04 -9.96 -12.09
N ALA A 98 -2.14 -10.24 -11.16
CA ALA A 98 -1.51 -11.55 -11.02
C ALA A 98 -1.50 -11.95 -9.56
N LEU A 99 -1.48 -13.26 -9.32
CA LEU A 99 -1.49 -13.78 -7.96
C LEU A 99 -0.13 -13.61 -7.31
N VAL A 100 -0.12 -13.18 -6.04
CA VAL A 100 1.13 -12.96 -5.32
C VAL A 100 1.04 -13.65 -3.96
N PRO A 101 2.08 -14.39 -3.53
CA PRO A 101 2.05 -15.08 -2.24
C PRO A 101 2.42 -14.20 -1.05
N ARG A 102 1.49 -14.16 -0.10
CA ARG A 102 1.63 -13.39 1.13
C ARG A 102 1.03 -14.18 2.30
N ALA A 103 1.35 -13.77 3.52
CA ALA A 103 0.86 -14.46 4.70
C ALA A 103 -0.64 -14.27 4.87
N GLU A 104 -1.27 -15.22 5.55
CA GLU A 104 -2.72 -15.20 5.71
C GLU A 104 -3.13 -14.10 6.68
N LYS A 105 -2.41 -13.97 7.80
CA LYS A 105 -2.70 -12.90 8.73
C LYS A 105 -1.39 -12.31 9.25
N VAL A 106 -1.37 -10.99 9.35
CA VAL A 106 -0.20 -10.26 9.81
C VAL A 106 -0.56 -8.99 10.57
N LYS A 107 0.18 -8.71 11.64
CA LYS A 107 -0.07 -7.49 12.43
C LYS A 107 1.06 -6.50 12.15
N ILE A 108 0.69 -5.30 11.74
CA ILE A 108 1.69 -4.28 11.39
C ILE A 108 1.43 -2.93 12.07
N ARG A 109 2.47 -2.09 12.14
CA ARG A 109 2.34 -0.78 12.76
C ARG A 109 2.34 0.31 11.71
N ALA A 110 1.43 1.25 11.85
CA ALA A 110 1.29 2.36 10.92
C ALA A 110 0.63 3.54 11.59
N LEU A 111 0.68 4.69 10.95
CA LEU A 111 0.04 5.87 11.49
C LEU A 111 -1.08 6.27 10.56
N ASP A 112 -2.09 6.90 11.09
CA ASP A 112 -3.23 7.26 10.28
C ASP A 112 -3.02 8.61 9.59
N ARG A 113 -3.84 8.88 8.58
CA ARG A 113 -3.76 10.14 7.84
C ARG A 113 -3.87 11.33 8.79
N ASP A 114 -4.36 11.08 10.00
CA ASP A 114 -4.51 12.12 11.01
C ASP A 114 -3.17 12.43 11.67
N GLY A 115 -2.25 11.46 11.68
CA GLY A 115 -0.95 11.68 12.28
C GLY A 115 -0.76 10.99 13.61
N LYS A 116 -1.35 9.80 13.76
CA LYS A 116 -1.20 9.04 15.01
C LYS A 116 -0.76 7.61 14.74
N PRO A 117 0.54 7.28 14.95
CA PRO A 117 1.05 5.93 14.66
C PRO A 117 0.62 4.84 15.64
N PHE A 118 -0.16 3.90 15.15
CA PHE A 118 -0.70 2.80 15.95
C PHE A 118 -0.44 1.46 15.29
N GLU A 119 -0.66 0.38 16.03
CA GLU A 119 -0.43 -0.95 15.48
C GLU A 119 -1.75 -1.63 15.18
N LEU A 120 -1.89 -2.16 13.97
CA LEU A 120 -3.13 -2.81 13.56
C LEU A 120 -2.89 -4.24 13.09
N GLU A 121 -3.83 -5.09 13.45
CA GLU A 121 -3.77 -6.50 13.08
C GLU A 121 -4.55 -6.74 11.80
N ALA A 122 -3.90 -7.29 10.78
CA ALA A 122 -4.57 -7.56 9.52
C ALA A 122 -4.62 -9.05 9.22
N ASP A 123 -5.79 -9.52 8.80
CA ASP A 123 -6.00 -10.93 8.44
C ASP A 123 -6.60 -10.97 7.04
N GLY A 124 -6.60 -12.11 6.32
CA GLY A 124 -7.24 -12.15 5.02
C GLY A 124 -6.95 -10.99 4.10
N LEU A 125 -8.02 -10.48 3.51
CA LEU A 125 -7.94 -9.38 2.56
C LEU A 125 -7.19 -8.19 3.15
N LEU A 126 -7.34 -7.98 4.45
CA LEU A 126 -6.66 -6.86 5.10
C LEU A 126 -5.16 -7.15 5.18
N ALA A 127 -4.83 -8.30 5.75
CA ALA A 127 -3.45 -8.72 5.91
C ALA A 127 -2.73 -8.81 4.57
N ILE A 128 -3.40 -9.36 3.58
CA ILE A 128 -2.79 -9.52 2.27
C ILE A 128 -2.49 -8.17 1.63
N CYS A 129 -3.52 -7.32 1.50
CA CYS A 129 -3.36 -6.01 0.88
C CYS A 129 -2.30 -5.15 1.58
N ILE A 130 -2.40 -5.05 2.90
CA ILE A 130 -1.46 -4.23 3.66
C ILE A 130 -0.01 -4.72 3.47
N GLN A 131 0.20 -6.03 3.49
CA GLN A 131 1.54 -6.58 3.29
C GLN A 131 2.03 -6.28 1.88
N HIS A 132 1.13 -6.40 0.90
CA HIS A 132 1.47 -6.15 -0.49
C HIS A 132 2.03 -4.74 -0.64
N GLU A 133 1.33 -3.77 -0.08
CA GLU A 133 1.76 -2.38 -0.14
C GLU A 133 3.12 -2.16 0.51
N MET A 134 3.38 -2.77 1.67
CA MET A 134 4.70 -2.58 2.30
C MET A 134 5.82 -3.02 1.37
N ASP A 135 5.69 -4.22 0.82
CA ASP A 135 6.69 -4.72 -0.10
C ASP A 135 6.74 -3.83 -1.34
N HIS A 136 5.59 -3.49 -1.90
CA HIS A 136 5.54 -2.65 -3.08
C HIS A 136 6.26 -1.32 -2.85
N LEU A 137 5.90 -0.65 -1.76
CA LEU A 137 6.50 0.66 -1.47
C LEU A 137 8.03 0.57 -1.31
N VAL A 138 8.55 -0.57 -0.83
CA VAL A 138 10.01 -0.76 -0.76
C VAL A 138 10.50 -1.23 -2.15
N GLY A 139 9.64 -0.93 -3.11
CA GLY A 139 9.86 -1.19 -4.52
C GLY A 139 10.05 -2.63 -4.81
N LYS A 140 9.65 -3.47 -3.87
CA LYS A 140 9.79 -4.89 -4.09
C LYS A 140 8.41 -5.46 -4.35
N LEU A 141 8.19 -6.05 -5.53
CA LEU A 141 6.92 -6.62 -5.87
C LEU A 141 7.15 -8.02 -6.46
N PHE A 142 6.26 -8.97 -6.20
CA PHE A 142 6.43 -10.32 -6.76
C PHE A 142 6.35 -10.30 -8.29
N MET A 143 5.52 -9.40 -8.82
CA MET A 143 5.35 -9.25 -10.27
C MET A 143 6.69 -8.99 -10.94
N ASP A 144 7.62 -8.42 -10.17
CA ASP A 144 8.96 -8.08 -10.65
C ASP A 144 9.66 -9.29 -11.23
N TYR A 145 9.26 -10.48 -10.80
CA TYR A 145 9.90 -11.70 -11.27
C TYR A 145 8.86 -12.70 -11.78
N LEU A 146 7.85 -12.21 -12.49
CA LEU A 146 6.82 -13.09 -13.05
C LEU A 146 7.18 -13.52 -14.47
N SER A 147 6.79 -14.73 -14.83
CA SER A 147 7.05 -15.26 -16.16
C SER A 147 8.55 -15.34 -16.43
ZN ZN B . 1.02 -3.51 -6.49
C5 BB2 C . -2.93 -2.16 -6.08
C3 BB2 C . -1.43 -2.23 -5.90
O4 BB2 C . -0.68 -2.00 -6.85
N1 BB2 C . -0.97 -2.49 -4.68
O2 BB2 C . 0.41 -2.54 -4.49
C6 BB2 C . -3.74 -3.18 -5.24
C12 BB2 C . -5.15 -3.24 -5.75
O13 BB2 C . -6.09 -3.46 -4.98
C7 BB2 C . -3.78 -2.86 -3.73
C8 BB2 C . -2.91 -3.76 -2.87
C9 BB2 C . -3.43 -3.81 -1.45
C10 BB2 C . -3.43 -2.44 -0.81
C11 BB2 C . -4.48 -2.31 0.29
N14 BB2 C . -5.26 -3.39 -7.05
C15 BB2 C . -6.49 -3.12 -7.74
C16 BB2 C . -6.30 -1.94 -8.74
C18 BB2 C . -7.64 -1.44 -9.29
C17 BB2 C . -5.54 -0.79 -8.08
C19 BB2 C . -7.00 -4.34 -8.51
O20 BB2 C . -6.36 -4.69 -9.50
N21 BB2 C . -7.64 -5.30 -7.79
C22 BB2 C . -7.60 -5.35 -6.31
C23 BB2 C . -8.97 -5.76 -8.23
C24 BB2 C . -9.48 -6.56 -7.09
C25 BB2 C . -9.01 -5.82 -5.89
C26 BB2 C . -6.55 -6.40 -5.99
O27 BB2 C . -6.95 -7.69 -6.47
H51 BB2 C . -3.24 -1.15 -5.84
H52 BB2 C . -3.12 -2.33 -7.13
HN1 BB2 C . -1.60 -2.63 -3.95
HO2 BB2 C . 0.86 -2.19 -5.24
H6 BB2 C . -3.27 -4.15 -5.38
H71 BB2 C . -4.79 -2.94 -3.39
H72 BB2 C . -3.43 -1.84 -3.60
H81 BB2 C . -1.90 -3.38 -2.86
H82 BB2 C . -2.92 -4.76 -3.29
H91 BB2 C . -2.80 -4.47 -0.87
H92 BB2 C . -4.44 -4.19 -1.46
H101 BB2 C . -3.63 -1.69 -1.55
H102 BB2 C . -2.48 -2.24 -0.37
H111 BB2 C . -3.98 -2.24 1.24
H112 BB2 C . -5.11 -3.17 0.28
H113 BB2 C . -5.07 -1.43 0.12
H14 BB2 C . -4.52 -3.82 -7.54
H15 BB2 C . -7.24 -2.82 -7.01
H16 BB2 C . -5.71 -2.29 -9.58
H181 BB2 C . -7.62 -0.35 -9.33
H182 BB2 C . -8.43 -1.76 -8.62
H183 BB2 C . -7.80 -1.85 -10.27
H171 BB2 C . -4.49 -0.88 -8.30
H172 BB2 C . -5.70 -0.83 -7.02
H173 BB2 C . -5.92 0.15 -8.47
H22 BB2 C . -7.36 -4.40 -5.87
H231 BB2 C . -9.62 -4.90 -8.41
H232 BB2 C . -8.89 -6.36 -9.12
H241 BB2 C . -10.56 -6.59 -7.09
H242 BB2 C . -9.07 -7.56 -7.09
H251 BB2 C . -9.63 -4.98 -5.68
H252 BB2 C . -8.93 -6.46 -5.03
H261 BB2 C . -5.63 -6.14 -6.49
H262 BB2 C . -6.39 -6.46 -4.92
H27 BB2 C . -6.24 -8.32 -6.40
N SER A 1 -8.93 15.46 -8.73
CA SER A 1 -8.50 15.21 -7.34
C SER A 1 -7.71 13.90 -7.23
N VAL A 2 -6.89 13.64 -8.23
CA VAL A 2 -6.08 12.43 -8.26
C VAL A 2 -4.59 12.76 -8.31
N LEU A 3 -3.81 12.00 -7.55
CA LEU A 3 -2.37 12.19 -7.48
C LEU A 3 -1.70 11.60 -8.73
N GLN A 4 -0.46 12.02 -8.99
CA GLN A 4 0.26 11.53 -10.16
C GLN A 4 0.83 10.14 -9.90
N VAL A 5 0.21 9.13 -10.52
CA VAL A 5 0.60 7.76 -10.33
C VAL A 5 1.66 7.30 -11.32
N LEU A 6 2.70 6.66 -10.80
CA LEU A 6 3.78 6.15 -11.61
C LEU A 6 3.42 4.76 -12.14
N HIS A 7 3.76 4.47 -13.40
CA HIS A 7 3.42 3.18 -13.99
C HIS A 7 4.63 2.33 -14.33
N ILE A 8 4.49 1.03 -14.10
CA ILE A 8 5.52 0.06 -14.43
C ILE A 8 5.77 0.05 -15.94
N PRO A 9 7.04 0.05 -16.39
CA PRO A 9 8.23 0.07 -15.53
C PRO A 9 8.50 1.46 -14.98
N ASP A 10 8.98 1.49 -13.75
CA ASP A 10 9.30 2.75 -13.08
C ASP A 10 10.18 2.48 -11.87
N GLU A 11 11.31 3.17 -11.81
CA GLU A 11 12.24 2.98 -10.71
C GLU A 11 11.57 3.27 -9.39
N ARG A 12 10.83 4.36 -9.32
CA ARG A 12 10.13 4.75 -8.11
C ARG A 12 9.15 3.70 -7.61
N LEU A 13 8.57 2.84 -8.47
CA LEU A 13 7.68 1.80 -8.00
C LEU A 13 8.49 0.68 -7.40
N ARG A 14 9.69 0.52 -7.97
CA ARG A 14 10.63 -0.48 -7.55
C ARG A 14 11.62 0.14 -6.57
N LYS A 15 11.32 1.38 -6.14
CA LYS A 15 12.20 2.08 -5.22
C LYS A 15 11.80 1.84 -3.77
N VAL A 16 12.79 1.79 -2.88
CA VAL A 16 12.52 1.51 -1.47
C VAL A 16 12.12 2.79 -0.72
N ALA A 17 10.80 3.02 -0.60
CA ALA A 17 10.27 4.19 0.10
C ALA A 17 10.81 4.29 1.52
N LYS A 18 10.96 5.52 2.00
CA LYS A 18 11.46 5.77 3.34
C LYS A 18 10.32 6.16 4.29
N PRO A 19 10.21 5.50 5.46
CA PRO A 19 9.16 5.80 6.44
C PRO A 19 9.53 7.04 7.25
N VAL A 20 8.73 8.10 7.12
CA VAL A 20 9.04 9.36 7.79
C VAL A 20 8.85 9.31 9.29
N GLU A 21 9.74 10.02 9.96
CA GLU A 21 9.78 10.13 11.40
C GLU A 21 8.59 10.90 11.95
N GLU A 22 7.95 11.72 11.11
CA GLU A 22 6.82 12.51 11.56
C GLU A 22 5.98 12.94 10.36
N VAL A 23 4.66 12.95 10.53
CA VAL A 23 3.77 13.32 9.44
C VAL A 23 3.64 14.81 9.25
N ASN A 24 4.26 15.33 8.20
CA ASN A 24 4.24 16.75 7.89
C ASN A 24 3.06 17.11 7.00
N ALA A 25 2.69 18.40 7.00
CA ALA A 25 1.57 18.88 6.19
C ALA A 25 1.77 18.50 4.73
N GLU A 26 3.02 18.41 4.31
CA GLU A 26 3.34 18.01 2.95
C GLU A 26 3.04 16.52 2.83
N ILE A 27 3.39 15.80 3.88
CA ILE A 27 3.16 14.37 3.94
C ILE A 27 1.66 14.07 3.89
N GLN A 28 0.88 14.78 4.71
CA GLN A 28 -0.57 14.61 4.74
C GLN A 28 -1.18 14.86 3.37
N ARG A 29 -0.67 15.87 2.67
CA ARG A 29 -1.16 16.19 1.34
C ARG A 29 -0.96 14.99 0.42
N ILE A 30 0.20 14.36 0.60
CA ILE A 30 0.58 13.18 -0.15
C ILE A 30 -0.42 12.02 0.04
N VAL A 31 -0.75 11.72 1.31
CA VAL A 31 -1.70 10.65 1.63
C VAL A 31 -3.11 10.99 1.15
N ASP A 32 -3.50 12.23 1.36
CA ASP A 32 -4.81 12.69 0.99
C ASP A 32 -5.09 12.45 -0.48
N ASP A 33 -4.11 12.75 -1.31
CA ASP A 33 -4.23 12.49 -2.74
C ASP A 33 -4.07 11.01 -3.02
N MET A 34 -3.27 10.31 -2.19
CA MET A 34 -3.00 8.90 -2.41
C MET A 34 -4.30 8.10 -2.38
N PHE A 35 -5.16 8.34 -1.37
CA PHE A 35 -6.44 7.67 -1.31
C PHE A 35 -7.30 8.19 -2.44
N GLU A 36 -7.27 9.52 -2.62
CA GLU A 36 -8.05 10.16 -3.66
C GLU A 36 -7.75 9.48 -4.98
N THR A 37 -6.49 9.15 -5.17
CA THR A 37 -6.11 8.45 -6.39
C THR A 37 -6.68 7.03 -6.32
N MET A 38 -6.22 6.28 -5.31
CA MET A 38 -6.47 4.87 -5.19
C MET A 38 -7.88 4.59 -5.44
N TYR A 39 -8.70 5.40 -4.88
CA TYR A 39 -10.15 5.24 -5.08
C TYR A 39 -10.53 5.60 -6.50
N ALA A 40 -9.94 6.66 -7.01
CA ALA A 40 -10.20 7.09 -8.37
C ALA A 40 -9.80 5.98 -9.32
N GLU A 41 -8.84 5.19 -8.88
CA GLU A 41 -8.37 4.03 -9.63
C GLU A 41 -9.27 2.85 -9.31
N GLU A 42 -10.11 3.04 -8.31
CA GLU A 42 -10.99 2.01 -7.82
C GLU A 42 -10.17 0.83 -7.29
N GLY A 43 -8.95 1.17 -6.87
CA GLY A 43 -8.04 0.21 -6.29
C GLY A 43 -8.38 -0.03 -4.84
N ILE A 44 -8.24 -1.27 -4.37
CA ILE A 44 -8.59 -1.57 -2.98
C ILE A 44 -7.50 -1.13 -2.00
N GLY A 45 -6.43 -0.58 -2.54
CA GLY A 45 -5.30 -0.13 -1.74
C GLY A 45 -4.18 0.46 -2.60
N LEU A 46 -3.60 1.61 -2.22
CA LEU A 46 -2.54 2.21 -3.04
C LEU A 46 -1.26 2.48 -2.23
N ALA A 47 -0.09 2.13 -2.80
CA ALA A 47 1.19 2.36 -2.13
C ALA A 47 1.90 3.63 -2.64
N ALA A 48 2.36 4.50 -1.73
CA ALA A 48 3.04 5.76 -2.05
C ALA A 48 3.84 5.77 -3.36
N THR A 49 4.77 4.85 -3.49
CA THR A 49 5.63 4.77 -4.66
C THR A 49 4.80 4.74 -5.93
N GLN A 50 3.68 4.08 -5.82
CA GLN A 50 2.75 3.96 -6.92
C GLN A 50 2.17 5.30 -7.27
N VAL A 51 1.91 6.12 -6.27
CA VAL A 51 1.36 7.44 -6.50
C VAL A 51 2.45 8.49 -6.74
N ASP A 52 3.67 8.00 -7.01
CA ASP A 52 4.81 8.85 -7.31
C ASP A 52 5.41 9.53 -6.10
N ILE A 53 5.39 8.89 -4.93
CA ILE A 53 6.01 9.50 -3.76
C ILE A 53 7.00 8.54 -3.12
N HIS A 54 8.28 8.87 -3.22
CA HIS A 54 9.33 8.04 -2.67
C HIS A 54 9.39 8.18 -1.14
N GLN A 55 8.31 7.74 -0.51
CA GLN A 55 8.16 7.77 0.94
C GLN A 55 7.17 6.69 1.33
N ARG A 56 7.48 5.91 2.37
CA ARG A 56 6.63 4.81 2.82
C ARG A 56 5.26 5.25 3.35
N ILE A 57 4.40 5.69 2.44
CA ILE A 57 3.05 6.13 2.75
C ILE A 57 2.07 5.15 2.13
N ILE A 58 1.19 4.53 2.92
CA ILE A 58 0.27 3.56 2.36
C ILE A 58 -1.20 3.84 2.69
N VAL A 59 -2.06 3.52 1.74
CA VAL A 59 -3.49 3.70 1.87
C VAL A 59 -4.20 2.39 1.57
N ILE A 60 -5.21 2.06 2.36
CA ILE A 60 -5.95 0.83 2.15
C ILE A 60 -7.39 1.13 1.78
N ASP A 61 -7.98 0.19 1.05
CA ASP A 61 -9.34 0.30 0.57
C ASP A 61 -10.01 -1.07 0.53
N VAL A 62 -9.64 -1.93 1.49
CA VAL A 62 -10.21 -3.28 1.57
C VAL A 62 -11.39 -3.34 2.54
N SER A 63 -12.59 -3.54 1.98
CA SER A 63 -13.85 -3.57 2.74
C SER A 63 -13.75 -4.23 4.11
N GLU A 64 -13.18 -3.49 5.06
CA GLU A 64 -13.03 -3.96 6.43
C GLU A 64 -14.37 -4.14 7.13
N ASN A 65 -15.44 -3.67 6.50
CA ASN A 65 -16.78 -3.82 7.03
C ASN A 65 -17.82 -3.52 5.95
N ARG A 66 -18.13 -2.23 5.81
CA ARG A 66 -19.08 -1.77 4.81
C ARG A 66 -18.46 -0.76 3.86
N ASP A 67 -17.79 0.22 4.42
CA ASP A 67 -17.15 1.27 3.62
C ASP A 67 -15.62 1.22 3.76
N GLU A 68 -14.93 1.30 2.63
CA GLU A 68 -13.47 1.27 2.64
C GLU A 68 -12.90 2.67 2.90
N ARG A 69 -11.94 2.74 3.81
CA ARG A 69 -11.30 4.01 4.16
C ARG A 69 -10.15 3.83 5.14
N LEU A 70 -9.12 3.10 4.71
CA LEU A 70 -7.94 2.86 5.54
C LEU A 70 -6.76 3.71 5.10
N VAL A 71 -6.09 4.35 6.06
CA VAL A 71 -4.91 5.16 5.77
C VAL A 71 -3.80 4.86 6.79
N LEU A 72 -2.58 4.65 6.30
CA LEU A 72 -1.46 4.38 7.19
C LEU A 72 -0.19 5.07 6.68
N ILE A 73 0.63 5.59 7.60
CA ILE A 73 1.87 6.26 7.21
C ILE A 73 3.07 5.52 7.81
N ASN A 74 4.09 5.31 6.97
CA ASN A 74 5.33 4.60 7.37
C ASN A 74 5.07 3.31 8.16
N PRO A 75 4.07 2.49 7.77
CA PRO A 75 3.75 1.22 8.46
C PRO A 75 4.93 0.25 8.52
N GLU A 76 4.92 -0.64 9.51
CA GLU A 76 5.99 -1.64 9.66
C GLU A 76 5.38 -2.99 10.01
N LEU A 77 5.96 -4.06 9.49
CA LEU A 77 5.45 -5.40 9.75
C LEU A 77 5.90 -5.93 11.10
N LEU A 78 4.94 -6.48 11.83
CA LEU A 78 5.17 -7.02 13.15
C LEU A 78 5.09 -8.56 13.17
N GLU A 79 4.15 -9.12 12.41
CA GLU A 79 3.99 -10.57 12.37
C GLU A 79 3.22 -11.03 11.13
N LYS A 80 3.46 -12.28 10.75
CA LYS A 80 2.81 -12.89 9.61
C LYS A 80 2.61 -14.38 9.82
N SER A 81 1.58 -14.95 9.21
CA SER A 81 1.29 -16.38 9.36
C SER A 81 0.40 -16.89 8.21
N GLY A 82 0.65 -18.12 7.78
CA GLY A 82 -0.13 -18.71 6.70
C GLY A 82 0.37 -18.27 5.33
N GLU A 83 0.01 -19.03 4.30
CA GLU A 83 0.45 -18.70 2.95
C GLU A 83 -0.70 -18.71 1.93
N THR A 84 -0.99 -17.53 1.41
CA THR A 84 -2.02 -17.30 0.44
C THR A 84 -1.54 -17.00 -0.94
N GLY A 85 -2.46 -17.23 -1.87
CA GLY A 85 -2.19 -16.98 -3.28
C GLY A 85 -3.39 -16.36 -3.97
N ILE A 86 -3.33 -15.05 -4.22
CA ILE A 86 -4.44 -14.35 -4.86
C ILE A 86 -4.00 -13.21 -5.80
N GLU A 87 -4.64 -13.16 -6.98
CA GLU A 87 -4.33 -12.19 -8.02
C GLU A 87 -4.79 -10.79 -7.67
N GLU A 88 -3.98 -9.84 -8.09
CA GLU A 88 -4.24 -8.43 -7.86
C GLU A 88 -3.52 -7.61 -8.91
N GLY A 89 -3.89 -6.35 -9.06
CA GLY A 89 -3.23 -5.53 -10.05
C GLY A 89 -2.55 -4.37 -9.39
N CYS A 90 -1.63 -3.73 -10.10
CA CYS A 90 -0.88 -2.63 -9.53
C CYS A 90 -1.26 -1.33 -10.18
N LEU A 91 -1.41 -0.29 -9.37
CA LEU A 91 -1.78 1.03 -9.89
C LEU A 91 -0.86 1.41 -11.05
N SER A 92 0.38 0.96 -10.94
CA SER A 92 1.41 1.23 -11.93
C SER A 92 1.22 0.34 -13.16
N ILE A 93 0.68 -0.85 -12.94
CA ILE A 93 0.44 -1.79 -14.02
C ILE A 93 -0.93 -1.49 -14.65
N PRO A 94 -1.08 -1.74 -15.97
CA PRO A 94 -2.34 -1.46 -16.69
C PRO A 94 -3.47 -2.47 -16.40
N GLU A 95 -3.70 -2.77 -15.12
CA GLU A 95 -4.76 -3.70 -14.71
C GLU A 95 -4.35 -5.16 -14.89
N GLN A 96 -3.08 -5.39 -15.18
CA GLN A 96 -2.60 -6.74 -15.32
C GLN A 96 -2.40 -7.35 -13.95
N ARG A 97 -3.46 -7.97 -13.43
CA ARG A 97 -3.40 -8.57 -12.10
C ARG A 97 -2.81 -9.97 -12.14
N ALA A 98 -1.88 -10.21 -11.22
CA ALA A 98 -1.21 -11.49 -11.09
C ALA A 98 -1.26 -11.95 -9.64
N LEU A 99 -1.27 -13.26 -9.43
CA LEU A 99 -1.33 -13.82 -8.09
C LEU A 99 0.01 -13.68 -7.40
N VAL A 100 -0.01 -13.26 -6.13
CA VAL A 100 1.23 -13.07 -5.39
C VAL A 100 1.14 -13.76 -4.03
N PRO A 101 2.15 -14.58 -3.65
CA PRO A 101 2.13 -15.29 -2.37
C PRO A 101 2.49 -14.39 -1.19
N ARG A 102 1.57 -14.36 -0.24
CA ARG A 102 1.70 -13.57 0.98
C ARG A 102 1.12 -14.33 2.17
N ALA A 103 1.43 -13.90 3.38
CA ALA A 103 0.94 -14.55 4.57
C ALA A 103 -0.57 -14.36 4.71
N GLU A 104 -1.22 -15.29 5.42
CA GLU A 104 -2.66 -15.24 5.57
C GLU A 104 -3.07 -14.12 6.50
N LYS A 105 -2.35 -13.96 7.62
CA LYS A 105 -2.62 -12.87 8.53
C LYS A 105 -1.32 -12.28 9.04
N VAL A 106 -1.29 -10.96 9.10
CA VAL A 106 -0.12 -10.23 9.56
C VAL A 106 -0.50 -9.01 10.39
N LYS A 107 0.27 -8.73 11.45
CA LYS A 107 -0.01 -7.58 12.30
C LYS A 107 1.05 -6.52 12.05
N ILE A 108 0.62 -5.31 11.72
CA ILE A 108 1.57 -4.24 11.41
C ILE A 108 1.27 -2.93 12.16
N ARG A 109 2.29 -2.07 12.25
CA ARG A 109 2.14 -0.78 12.92
C ARG A 109 2.18 0.35 11.90
N ALA A 110 1.30 1.32 12.05
CA ALA A 110 1.25 2.44 11.12
C ALA A 110 0.61 3.66 11.77
N LEU A 111 0.73 4.80 11.11
CA LEU A 111 0.13 6.00 11.62
C LEU A 111 -0.96 6.46 10.68
N ASP A 112 -1.95 7.14 11.21
CA ASP A 112 -3.08 7.55 10.38
C ASP A 112 -2.83 8.91 9.75
N ARG A 113 -3.59 9.22 8.71
CA ARG A 113 -3.48 10.48 7.99
C ARG A 113 -3.55 11.68 8.95
N ASP A 114 -4.07 11.43 10.15
CA ASP A 114 -4.20 12.48 11.16
C ASP A 114 -2.87 12.73 11.87
N GLY A 115 -2.01 11.73 11.89
CA GLY A 115 -0.71 11.87 12.53
C GLY A 115 -0.60 11.15 13.86
N LYS A 116 -1.23 9.98 13.97
CA LYS A 116 -1.17 9.20 15.19
C LYS A 116 -0.76 7.76 14.91
N PRO A 117 0.52 7.37 15.18
CA PRO A 117 1.00 6.01 14.88
C PRO A 117 0.48 4.93 15.84
N PHE A 118 -0.30 4.01 15.31
CA PHE A 118 -0.90 2.94 16.09
C PHE A 118 -0.59 1.59 15.47
N GLU A 119 -0.86 0.52 16.19
CA GLU A 119 -0.59 -0.82 15.69
C GLU A 119 -1.89 -1.52 15.32
N LEU A 120 -1.93 -2.07 14.12
CA LEU A 120 -3.12 -2.73 13.63
C LEU A 120 -2.82 -4.13 13.13
N GLU A 121 -3.67 -5.07 13.53
CA GLU A 121 -3.52 -6.46 13.11
C GLU A 121 -4.37 -6.71 11.87
N ALA A 122 -3.75 -7.22 10.81
CA ALA A 122 -4.46 -7.47 9.57
C ALA A 122 -4.50 -8.96 9.21
N ASP A 123 -5.66 -9.43 8.81
CA ASP A 123 -5.88 -10.83 8.40
C ASP A 123 -6.50 -10.83 7.01
N GLY A 124 -6.51 -11.97 6.27
CA GLY A 124 -7.18 -12.00 4.98
C GLY A 124 -6.88 -10.85 4.06
N LEU A 125 -7.94 -10.33 3.45
CA LEU A 125 -7.84 -9.24 2.50
C LEU A 125 -7.10 -8.05 3.08
N LEU A 126 -7.25 -7.82 4.39
CA LEU A 126 -6.58 -6.69 5.01
C LEU A 126 -5.09 -6.97 5.09
N ALA A 127 -4.75 -8.11 5.66
CA ALA A 127 -3.37 -8.53 5.83
C ALA A 127 -2.65 -8.64 4.49
N ILE A 128 -3.30 -9.27 3.52
CA ILE A 128 -2.70 -9.46 2.21
C ILE A 128 -2.40 -8.13 1.55
N CYS A 129 -3.43 -7.30 1.41
CA CYS A 129 -3.27 -6.00 0.77
C CYS A 129 -2.27 -5.10 1.48
N ILE A 130 -2.44 -4.94 2.80
CA ILE A 130 -1.54 -4.11 3.57
C ILE A 130 -0.10 -4.60 3.47
N GLN A 131 0.10 -5.92 3.53
CA GLN A 131 1.43 -6.48 3.40
C GLN A 131 1.96 -6.27 1.99
N HIS A 132 1.06 -6.39 1.00
CA HIS A 132 1.43 -6.18 -0.40
C HIS A 132 1.95 -4.76 -0.56
N GLU A 133 1.24 -3.82 0.04
CA GLU A 133 1.61 -2.41 -0.02
C GLU A 133 3.01 -2.18 0.55
N MET A 134 3.31 -2.78 1.71
CA MET A 134 4.65 -2.61 2.29
C MET A 134 5.72 -3.07 1.31
N ASP A 135 5.52 -4.24 0.74
CA ASP A 135 6.45 -4.79 -0.23
C ASP A 135 6.54 -3.86 -1.45
N HIS A 136 5.39 -3.47 -1.98
CA HIS A 136 5.35 -2.62 -3.15
C HIS A 136 6.05 -1.29 -2.91
N LEU A 137 5.68 -0.62 -1.81
CA LEU A 137 6.27 0.69 -1.54
C LEU A 137 7.78 0.61 -1.41
N VAL A 138 8.32 -0.51 -0.90
CA VAL A 138 9.79 -0.70 -0.85
C VAL A 138 10.28 -1.19 -2.23
N GLY A 139 9.41 -0.92 -3.19
CA GLY A 139 9.64 -1.20 -4.58
C GLY A 139 9.85 -2.66 -4.84
N LYS A 140 9.52 -3.48 -3.87
CA LYS A 140 9.69 -4.89 -4.05
C LYS A 140 8.33 -5.51 -4.31
N LEU A 141 8.11 -6.09 -5.49
CA LEU A 141 6.85 -6.71 -5.80
C LEU A 141 7.11 -8.12 -6.32
N PHE A 142 6.28 -9.09 -5.97
CA PHE A 142 6.48 -10.47 -6.44
C PHE A 142 6.35 -10.56 -7.96
N MET A 143 5.46 -9.76 -8.53
CA MET A 143 5.25 -9.74 -9.98
C MET A 143 6.57 -9.45 -10.71
N ASP A 144 7.47 -8.78 -10.00
CA ASP A 144 8.78 -8.42 -10.53
C ASP A 144 9.52 -9.62 -11.11
N TYR A 145 9.17 -10.82 -10.65
CA TYR A 145 9.82 -12.04 -11.10
C TYR A 145 8.80 -13.00 -11.72
N LEU A 146 7.88 -12.47 -12.51
CA LEU A 146 6.87 -13.28 -13.15
C LEU A 146 7.32 -13.69 -14.56
N SER A 147 7.04 -14.94 -14.93
CA SER A 147 7.41 -15.43 -16.25
C SER A 147 6.85 -16.83 -16.49
ZN ZN B . 1.06 -3.61 -6.55
C5 BB2 C . -2.88 -2.21 -6.14
C3 BB2 C . -1.38 -2.29 -5.94
O4 BB2 C . -0.63 -2.10 -6.90
N1 BB2 C . -0.93 -2.55 -4.72
O2 BB2 C . 0.46 -2.62 -4.55
C6 BB2 C . -3.70 -3.16 -5.26
C12 BB2 C . -5.13 -3.17 -5.77
O13 BB2 C . -6.09 -3.27 -4.99
C7 BB2 C . -3.72 -2.79 -3.79
C8 BB2 C . -4.11 -3.93 -2.87
C9 BB2 C . -4.73 -3.40 -1.59
C10 BB2 C . -3.73 -2.60 -0.77
C11 BB2 C . -4.34 -2.05 0.50
N14 BB2 C . -5.23 -3.43 -7.06
C15 BB2 C . -6.46 -3.17 -7.78
C16 BB2 C . -6.23 -2.02 -8.80
C18 BB2 C . -7.54 -1.51 -9.37
C17 BB2 C . -5.46 -0.87 -8.16
C19 BB2 C . -6.98 -4.40 -8.51
O20 BB2 C . -6.36 -4.76 -9.52
N21 BB2 C . -7.55 -5.38 -7.75
C22 BB2 C . -7.39 -5.42 -6.29
C23 BB2 C . -8.91 -5.82 -8.08
C24 BB2 C . -9.31 -6.63 -6.89
C25 BB2 C . -8.73 -5.90 -5.75
C26 BB2 C . -6.29 -6.46 -6.07
O27 BB2 C . -6.64 -7.70 -6.68
H51 BB2 C . -3.18 -1.18 -5.94
H52 BB2 C . -3.07 -2.40 -7.17
HN1 BB2 C . -1.55 -2.67 -3.98
HO2 BB2 C . 0.91 -2.33 -5.34
H6 BB2 C . -3.28 -4.16 -5.38
H71 BB2 C . -4.41 -1.98 -3.64
H72 BB2 C . -2.74 -2.46 -3.49
H81 BB2 C . -3.23 -4.51 -2.62
H82 BB2 C . -4.83 -4.55 -3.38
H91 BB2 C . -5.08 -4.23 -1.01
H92 BB2 C . -5.57 -2.77 -1.84
H101 BB2 C . -3.38 -1.77 -1.37
H102 BB2 C . -2.91 -3.23 -0.50
H111 BB2 C . -3.57 -1.66 1.13
H112 BB2 C . -4.88 -2.83 1.02
H113 BB2 C . -5.04 -1.26 0.26
H14 BB2 C . -4.52 -3.94 -7.50
H15 BB2 C . -7.20 -2.83 -7.08
H16 BB2 C . -5.63 -2.40 -9.62
H181 BB2 C . -7.53 -0.42 -9.40
H182 BB2 C . -8.36 -1.86 -8.77
H183 BB2 C . -7.66 -1.89 -10.39
H171 BB2 C . -4.41 -0.96 -8.40
H172 BB2 C . -5.60 -0.88 -7.10
H173 BB2 C . -5.83 0.07 -8.56
H22 BB2 C . -7.11 -4.47 -5.87
H231 BB2 C . -9.56 -4.96 -8.18
H232 BB2 C . -8.92 -6.41 -8.98
H241 BB2 C . -10.39 -6.67 -6.82
H242 BB2 C . -8.89 -7.63 -6.95
H251 BB2 C . -9.34 -5.06 -5.48
H252 BB2 C . -8.59 -6.55 -4.90
H261 BB2 C . -5.37 -6.11 -6.49
H262 BB2 C . -6.16 -6.63 -5.01
H27 BB2 C . -6.00 -8.38 -6.46
N SER A 1 -7.87 15.92 -7.57
CA SER A 1 -7.95 15.01 -6.39
C SER A 1 -6.89 13.92 -6.46
N VAL A 2 -6.75 13.32 -7.64
CA VAL A 2 -5.78 12.25 -7.84
C VAL A 2 -4.39 12.81 -8.16
N LEU A 3 -3.38 12.27 -7.49
CA LEU A 3 -2.01 12.71 -7.71
C LEU A 3 -1.44 12.10 -8.98
N GLN A 4 -0.15 12.29 -9.21
CA GLN A 4 0.50 11.73 -10.40
C GLN A 4 0.89 10.28 -10.15
N VAL A 5 0.19 9.36 -10.82
CA VAL A 5 0.43 7.94 -10.64
C VAL A 5 1.50 7.42 -11.61
N LEU A 6 2.47 6.71 -11.04
CA LEU A 6 3.57 6.14 -11.82
C LEU A 6 3.20 4.75 -12.34
N HIS A 7 3.72 4.40 -13.51
CA HIS A 7 3.40 3.11 -14.12
C HIS A 7 4.65 2.32 -14.52
N ILE A 8 4.56 1.01 -14.40
CA ILE A 8 5.64 0.11 -14.79
C ILE A 8 5.89 0.21 -16.30
N PRO A 9 7.17 0.28 -16.75
CA PRO A 9 8.35 0.29 -15.88
C PRO A 9 8.59 1.67 -15.27
N ASP A 10 8.98 1.68 -14.01
CA ASP A 10 9.25 2.91 -13.31
C ASP A 10 10.12 2.62 -12.09
N GLU A 11 11.25 3.31 -12.00
CA GLU A 11 12.18 3.10 -10.91
C GLU A 11 11.48 3.34 -9.57
N ARG A 12 10.70 4.41 -9.51
CA ARG A 12 9.97 4.77 -8.30
C ARG A 12 9.07 3.65 -7.79
N LEU A 13 8.51 2.77 -8.63
CA LEU A 13 7.68 1.70 -8.13
C LEU A 13 8.58 0.62 -7.58
N ARG A 14 9.74 0.50 -8.21
CA ARG A 14 10.74 -0.45 -7.82
C ARG A 14 11.69 0.20 -6.82
N LYS A 15 11.34 1.40 -6.36
CA LYS A 15 12.16 2.15 -5.42
C LYS A 15 11.77 1.83 -3.99
N VAL A 16 12.75 1.87 -3.10
CA VAL A 16 12.50 1.60 -1.70
C VAL A 16 11.99 2.86 -1.02
N ALA A 17 10.88 2.73 -0.30
CA ALA A 17 10.28 3.87 0.38
C ALA A 17 10.84 3.98 1.78
N LYS A 18 11.01 5.22 2.24
CA LYS A 18 11.52 5.45 3.59
C LYS A 18 10.37 5.93 4.48
N PRO A 19 10.23 5.36 5.69
CA PRO A 19 9.17 5.77 6.62
C PRO A 19 9.58 7.02 7.38
N VAL A 20 8.86 8.12 7.15
CA VAL A 20 9.21 9.39 7.76
C VAL A 20 9.02 9.41 9.26
N GLU A 21 9.94 10.13 9.89
CA GLU A 21 9.97 10.29 11.32
C GLU A 21 8.75 11.03 11.87
N GLU A 22 8.08 11.81 11.03
CA GLU A 22 6.92 12.57 11.50
C GLU A 22 6.02 12.96 10.34
N VAL A 23 4.70 12.97 10.58
CA VAL A 23 3.75 13.30 9.52
C VAL A 23 3.56 14.80 9.31
N ASN A 24 4.11 15.29 8.20
CA ASN A 24 4.04 16.72 7.88
C ASN A 24 2.86 17.03 6.95
N ALA A 25 2.44 18.30 6.96
CA ALA A 25 1.33 18.77 6.11
C ALA A 25 1.59 18.44 4.64
N GLU A 26 2.87 18.30 4.31
CA GLU A 26 3.26 17.94 2.96
C GLU A 26 2.96 16.46 2.78
N ILE A 27 3.33 15.71 3.81
CA ILE A 27 3.10 14.29 3.86
C ILE A 27 1.60 13.99 3.91
N GLN A 28 0.83 14.86 4.56
CA GLN A 28 -0.61 14.69 4.66
C GLN A 28 -1.27 14.87 3.31
N ARG A 29 -0.81 15.85 2.54
CA ARG A 29 -1.36 16.09 1.21
C ARG A 29 -1.13 14.86 0.36
N ILE A 30 0.05 14.28 0.53
CA ILE A 30 0.44 13.08 -0.20
C ILE A 30 -0.54 11.92 0.02
N VAL A 31 -0.88 11.65 1.28
CA VAL A 31 -1.80 10.57 1.61
C VAL A 31 -3.22 10.89 1.14
N ASP A 32 -3.63 12.14 1.33
CA ASP A 32 -4.94 12.57 0.95
C ASP A 32 -5.21 12.34 -0.53
N ASP A 33 -4.23 12.62 -1.35
CA ASP A 33 -4.32 12.38 -2.77
C ASP A 33 -4.16 10.89 -3.06
N MET A 34 -3.39 10.19 -2.21
CA MET A 34 -3.14 8.78 -2.43
C MET A 34 -4.44 7.99 -2.41
N PHE A 35 -5.30 8.25 -1.41
CA PHE A 35 -6.59 7.59 -1.35
C PHE A 35 -7.44 8.12 -2.49
N GLU A 36 -7.43 9.44 -2.65
CA GLU A 36 -8.20 10.10 -3.69
C GLU A 36 -7.86 9.45 -5.02
N THR A 37 -6.59 9.12 -5.16
CA THR A 37 -6.17 8.45 -6.39
C THR A 37 -6.75 7.04 -6.38
N MET A 38 -6.33 6.26 -5.38
CA MET A 38 -6.61 4.85 -5.28
C MET A 38 -8.03 4.59 -5.55
N TYR A 39 -8.85 5.42 -5.02
CA TYR A 39 -10.30 5.27 -5.25
C TYR A 39 -10.65 5.62 -6.67
N ALA A 40 -10.04 6.68 -7.15
CA ALA A 40 -10.27 7.13 -8.52
C ALA A 40 -9.83 6.04 -9.48
N GLU A 41 -8.92 5.21 -8.99
CA GLU A 41 -8.43 4.07 -9.75
C GLU A 41 -9.33 2.88 -9.47
N GLU A 42 -10.19 3.06 -8.46
CA GLU A 42 -11.07 2.02 -8.00
C GLU A 42 -10.26 0.85 -7.45
N GLY A 43 -9.05 1.19 -6.99
CA GLY A 43 -8.13 0.25 -6.40
C GLY A 43 -8.51 -0.05 -4.96
N ILE A 44 -8.31 -1.28 -4.51
CA ILE A 44 -8.66 -1.66 -3.15
C ILE A 44 -7.60 -1.19 -2.13
N GLY A 45 -6.56 -0.58 -2.64
CA GLY A 45 -5.45 -0.10 -1.83
C GLY A 45 -4.38 0.52 -2.70
N LEU A 46 -3.73 1.60 -2.28
CA LEU A 46 -2.69 2.22 -3.10
C LEU A 46 -1.39 2.37 -2.31
N ALA A 47 -0.26 2.02 -2.93
CA ALA A 47 1.04 2.13 -2.24
C ALA A 47 1.86 3.32 -2.76
N ALA A 48 2.39 4.10 -1.82
CA ALA A 48 3.18 5.32 -2.10
C ALA A 48 3.94 5.33 -3.42
N THR A 49 4.80 4.35 -3.65
CA THR A 49 5.60 4.29 -4.86
C THR A 49 4.73 4.39 -6.09
N GLN A 50 3.56 3.82 -5.97
CA GLN A 50 2.59 3.80 -7.04
C GLN A 50 2.14 5.21 -7.36
N VAL A 51 1.89 5.99 -6.32
CA VAL A 51 1.45 7.35 -6.51
C VAL A 51 2.62 8.34 -6.65
N ASP A 52 3.81 7.79 -6.90
CA ASP A 52 5.00 8.60 -7.14
C ASP A 52 5.64 9.18 -5.88
N ILE A 53 5.48 8.52 -4.73
CA ILE A 53 6.14 9.04 -3.53
C ILE A 53 7.11 8.01 -2.97
N HIS A 54 8.40 8.30 -3.09
CA HIS A 54 9.44 7.40 -2.59
C HIS A 54 9.53 7.50 -1.08
N GLN A 55 8.36 7.40 -0.46
CA GLN A 55 8.18 7.43 0.98
C GLN A 55 7.20 6.32 1.33
N ARG A 56 7.51 5.47 2.31
CA ARG A 56 6.63 4.34 2.68
C ARG A 56 5.27 4.81 3.21
N ILE A 57 4.41 5.25 2.30
CA ILE A 57 3.09 5.73 2.64
C ILE A 57 2.05 4.86 1.93
N ILE A 58 1.11 4.28 2.66
CA ILE A 58 0.12 3.40 2.02
C ILE A 58 -1.32 3.70 2.44
N VAL A 59 -2.25 3.48 1.51
CA VAL A 59 -3.64 3.69 1.75
C VAL A 59 -4.37 2.39 1.45
N ILE A 60 -5.35 2.04 2.27
CA ILE A 60 -6.07 0.80 2.08
C ILE A 60 -7.52 1.10 1.72
N ASP A 61 -8.10 0.19 0.96
CA ASP A 61 -9.46 0.33 0.48
C ASP A 61 -10.19 -1.01 0.53
N VAL A 62 -9.78 -1.87 1.45
CA VAL A 62 -10.40 -3.17 1.63
C VAL A 62 -11.51 -3.10 2.67
N SER A 63 -12.76 -3.19 2.22
CA SER A 63 -13.94 -3.03 3.07
C SER A 63 -13.79 -3.61 4.48
N GLU A 64 -13.23 -2.78 5.36
CA GLU A 64 -13.02 -3.14 6.77
C GLU A 64 -14.30 -3.73 7.37
N ASN A 65 -15.42 -3.03 7.19
CA ASN A 65 -16.70 -3.49 7.69
C ASN A 65 -17.77 -3.34 6.61
N ARG A 66 -18.10 -2.11 6.26
CA ARG A 66 -19.09 -1.83 5.24
C ARG A 66 -18.57 -0.78 4.26
N ASP A 67 -17.95 0.24 4.82
CA ASP A 67 -17.39 1.34 4.04
C ASP A 67 -15.87 1.26 3.98
N GLU A 68 -15.32 1.43 2.78
CA GLU A 68 -13.87 1.38 2.58
C GLU A 68 -13.24 2.75 2.83
N ARG A 69 -12.18 2.77 3.64
CA ARG A 69 -11.47 4.02 3.95
C ARG A 69 -10.33 3.79 4.96
N LEU A 70 -9.30 3.06 4.55
CA LEU A 70 -8.16 2.79 5.42
C LEU A 70 -6.93 3.60 4.99
N VAL A 71 -6.25 4.19 5.97
CA VAL A 71 -5.03 4.97 5.70
C VAL A 71 -3.94 4.61 6.71
N LEU A 72 -2.72 4.41 6.23
CA LEU A 72 -1.58 4.12 7.11
C LEU A 72 -0.33 4.82 6.60
N ILE A 73 0.53 5.29 7.49
CA ILE A 73 1.76 5.95 7.08
C ILE A 73 2.99 5.28 7.71
N ASN A 74 4.03 5.07 6.89
CA ASN A 74 5.29 4.47 7.34
C ASN A 74 5.11 3.14 8.14
N PRO A 75 4.12 2.28 7.80
CA PRO A 75 3.88 1.02 8.53
C PRO A 75 5.05 0.03 8.51
N GLU A 76 5.08 -0.87 9.49
CA GLU A 76 6.10 -1.91 9.57
C GLU A 76 5.45 -3.22 9.98
N LEU A 77 5.91 -4.32 9.40
CA LEU A 77 5.33 -5.62 9.72
C LEU A 77 5.88 -6.17 11.03
N LEU A 78 4.96 -6.63 11.89
CA LEU A 78 5.31 -7.17 13.20
C LEU A 78 5.21 -8.69 13.22
N GLU A 79 4.20 -9.24 12.57
CA GLU A 79 4.02 -10.70 12.53
C GLU A 79 3.29 -11.14 11.28
N LYS A 80 3.56 -12.38 10.87
CA LYS A 80 2.94 -12.95 9.69
C LYS A 80 2.77 -14.46 9.86
N SER A 81 1.72 -15.01 9.25
CA SER A 81 1.44 -16.43 9.36
C SER A 81 0.56 -16.92 8.21
N GLY A 82 0.76 -18.17 7.80
CA GLY A 82 -0.02 -18.72 6.69
C GLY A 82 0.42 -18.14 5.37
N GLU A 83 0.13 -18.84 4.27
CA GLU A 83 0.54 -18.34 2.96
C GLU A 83 -0.58 -18.40 1.92
N THR A 84 -0.98 -17.21 1.50
CA THR A 84 -1.99 -16.99 0.51
C THR A 84 -1.49 -16.60 -0.83
N GLY A 85 -2.39 -16.76 -1.77
CA GLY A 85 -2.12 -16.39 -3.15
C GLY A 85 -3.41 -15.96 -3.83
N ILE A 86 -3.46 -14.70 -4.29
CA ILE A 86 -4.65 -14.18 -4.94
C ILE A 86 -4.30 -13.16 -6.01
N GLU A 87 -4.98 -13.23 -7.14
CA GLU A 87 -4.67 -12.35 -8.25
C GLU A 87 -5.10 -10.92 -7.98
N GLU A 88 -4.21 -10.03 -8.39
CA GLU A 88 -4.42 -8.61 -8.22
C GLU A 88 -3.61 -7.81 -9.23
N GLY A 89 -4.00 -6.56 -9.44
CA GLY A 89 -3.28 -5.72 -10.38
C GLY A 89 -2.72 -4.53 -9.68
N CYS A 90 -1.81 -3.82 -10.32
CA CYS A 90 -1.17 -2.69 -9.68
C CYS A 90 -1.51 -1.39 -10.37
N LEU A 91 -1.78 -0.39 -9.54
CA LEU A 91 -2.12 0.95 -10.01
C LEU A 91 -1.13 1.41 -11.08
N SER A 92 0.13 1.08 -10.85
CA SER A 92 1.20 1.44 -11.76
C SER A 92 1.24 0.50 -12.98
N ILE A 93 0.76 -0.72 -12.79
CA ILE A 93 0.71 -1.71 -13.86
C ILE A 93 -0.59 -1.49 -14.65
N PRO A 94 -0.63 -1.81 -15.96
CA PRO A 94 -1.83 -1.61 -16.78
C PRO A 94 -2.99 -2.58 -16.49
N GLU A 95 -3.27 -2.82 -15.22
CA GLU A 95 -4.37 -3.70 -14.80
C GLU A 95 -4.04 -5.17 -15.00
N GLN A 96 -2.76 -5.47 -15.19
CA GLN A 96 -2.36 -6.84 -15.36
C GLN A 96 -2.30 -7.54 -14.00
N ARG A 97 -3.43 -8.13 -13.60
CA ARG A 97 -3.51 -8.78 -12.30
C ARG A 97 -2.99 -10.22 -12.36
N ALA A 98 -2.13 -10.52 -11.38
CA ALA A 98 -1.51 -11.84 -11.25
C ALA A 98 -1.56 -12.27 -9.78
N LEU A 99 -1.55 -13.58 -9.55
CA LEU A 99 -1.64 -14.09 -8.18
C LEU A 99 -0.31 -13.94 -7.44
N VAL A 100 -0.34 -13.09 -6.41
CA VAL A 100 0.84 -12.83 -5.59
C VAL A 100 0.75 -13.48 -4.20
N PRO A 101 1.80 -14.24 -3.78
CA PRO A 101 1.84 -14.93 -2.49
C PRO A 101 2.30 -14.04 -1.32
N ARG A 102 1.48 -14.03 -0.28
CA ARG A 102 1.72 -13.27 0.94
C ARG A 102 1.21 -14.07 2.14
N ALA A 103 1.56 -13.67 3.36
CA ALA A 103 1.12 -14.40 4.53
C ALA A 103 -0.39 -14.27 4.72
N GLU A 104 -0.99 -15.24 5.40
CA GLU A 104 -2.44 -15.26 5.56
C GLU A 104 -2.90 -14.20 6.55
N LYS A 105 -2.17 -14.05 7.64
CA LYS A 105 -2.49 -13.04 8.63
C LYS A 105 -1.21 -12.40 9.14
N VAL A 106 -1.26 -11.10 9.33
CA VAL A 106 -0.11 -10.34 9.79
C VAL A 106 -0.51 -9.10 10.58
N LYS A 107 0.23 -8.81 11.65
CA LYS A 107 -0.05 -7.64 12.47
C LYS A 107 1.04 -6.60 12.23
N ILE A 108 0.64 -5.38 11.88
CA ILE A 108 1.62 -4.34 11.55
C ILE A 108 1.31 -2.99 12.18
N ARG A 109 2.37 -2.21 12.37
CA ARG A 109 2.26 -0.88 12.98
C ARG A 109 2.35 0.20 11.91
N ALA A 110 1.51 1.22 12.06
CA ALA A 110 1.41 2.31 11.10
C ALA A 110 0.76 3.52 11.74
N LEU A 111 0.79 4.65 11.06
CA LEU A 111 0.15 5.86 11.56
C LEU A 111 -0.94 6.28 10.62
N ASP A 112 -1.94 6.93 11.16
CA ASP A 112 -3.09 7.33 10.34
C ASP A 112 -2.86 8.68 9.68
N ARG A 113 -3.63 8.95 8.63
CA ARG A 113 -3.53 10.22 7.90
C ARG A 113 -3.62 11.41 8.85
N ASP A 114 -4.13 11.17 10.06
CA ASP A 114 -4.27 12.22 11.05
C ASP A 114 -2.93 12.52 11.72
N GLY A 115 -2.06 11.51 11.80
CA GLY A 115 -0.76 11.71 12.41
C GLY A 115 -0.61 11.03 13.75
N LYS A 116 -1.22 9.85 13.89
CA LYS A 116 -1.13 9.10 15.13
C LYS A 116 -0.71 7.65 14.85
N PRO A 117 0.57 7.29 15.10
CA PRO A 117 1.06 5.92 14.81
C PRO A 117 0.58 4.85 15.79
N PHE A 118 -0.21 3.92 15.28
CA PHE A 118 -0.80 2.85 16.07
C PHE A 118 -0.49 1.51 15.46
N GLU A 119 -0.77 0.44 16.19
CA GLU A 119 -0.52 -0.90 15.68
C GLU A 119 -1.83 -1.57 15.32
N LEU A 120 -1.88 -2.11 14.11
CA LEU A 120 -3.09 -2.75 13.63
C LEU A 120 -2.83 -4.17 13.16
N GLU A 121 -3.70 -5.07 13.57
CA GLU A 121 -3.57 -6.47 13.19
C GLU A 121 -4.39 -6.73 11.93
N ALA A 122 -3.75 -7.24 10.88
CA ALA A 122 -4.45 -7.50 9.63
C ALA A 122 -4.45 -8.97 9.26
N ASP A 123 -5.62 -9.48 8.87
CA ASP A 123 -5.78 -10.87 8.44
C ASP A 123 -6.45 -10.88 7.07
N GLY A 124 -6.40 -11.99 6.30
CA GLY A 124 -7.09 -11.99 5.02
C GLY A 124 -6.78 -10.84 4.11
N LEU A 125 -7.85 -10.32 3.50
CA LEU A 125 -7.76 -9.21 2.57
C LEU A 125 -7.05 -8.01 3.18
N LEU A 126 -7.22 -7.80 4.48
CA LEU A 126 -6.58 -6.68 5.15
C LEU A 126 -5.09 -6.94 5.23
N ALA A 127 -4.77 -8.10 5.76
CA ALA A 127 -3.39 -8.54 5.93
C ALA A 127 -2.65 -8.60 4.61
N ILE A 128 -3.32 -9.08 3.57
CA ILE A 128 -2.69 -9.22 2.26
C ILE A 128 -2.39 -7.86 1.63
N CYS A 129 -3.40 -7.01 1.48
CA CYS A 129 -3.22 -5.70 0.87
C CYS A 129 -2.18 -4.86 1.62
N ILE A 130 -2.30 -4.81 2.94
CA ILE A 130 -1.40 -4.04 3.76
C ILE A 130 0.05 -4.53 3.57
N GLN A 131 0.25 -5.85 3.55
CA GLN A 131 1.57 -6.41 3.35
C GLN A 131 2.07 -6.07 1.95
N HIS A 132 1.19 -6.22 0.95
CA HIS A 132 1.55 -5.92 -0.44
C HIS A 132 2.05 -4.49 -0.60
N GLU A 133 1.31 -3.54 -0.03
CA GLU A 133 1.70 -2.12 -0.11
C GLU A 133 3.07 -1.90 0.52
N MET A 134 3.34 -2.58 1.63
CA MET A 134 4.64 -2.47 2.27
C MET A 134 5.73 -2.89 1.28
N ASP A 135 5.48 -3.99 0.63
CA ASP A 135 6.42 -4.51 -0.36
C ASP A 135 6.52 -3.58 -1.56
N HIS A 136 5.39 -3.16 -2.12
CA HIS A 136 5.36 -2.30 -3.28
C HIS A 136 6.13 -1.01 -3.04
N LEU A 137 5.78 -0.33 -1.95
CA LEU A 137 6.45 0.92 -1.66
C LEU A 137 7.95 0.70 -1.33
N VAL A 138 8.32 -0.49 -0.81
CA VAL A 138 9.75 -0.80 -0.57
C VAL A 138 10.39 -1.26 -1.90
N GLY A 139 9.76 -0.82 -2.98
CA GLY A 139 10.24 -1.06 -4.31
C GLY A 139 10.17 -2.49 -4.72
N LYS A 140 9.62 -3.32 -3.86
CA LYS A 140 9.49 -4.69 -4.20
C LYS A 140 8.09 -4.93 -4.70
N LEU A 141 7.96 -5.64 -5.79
CA LEU A 141 6.67 -5.90 -6.37
C LEU A 141 6.61 -7.36 -6.85
N PHE A 142 5.43 -7.96 -6.83
CA PHE A 142 5.27 -9.36 -7.25
C PHE A 142 5.81 -9.59 -8.66
N MET A 143 5.67 -8.62 -9.54
CA MET A 143 6.17 -8.74 -10.91
C MET A 143 7.68 -8.94 -10.93
N ASP A 144 8.34 -8.41 -9.90
CA ASP A 144 9.79 -8.53 -9.76
C ASP A 144 10.22 -9.99 -9.68
N TYR A 145 9.29 -10.85 -9.24
CA TYR A 145 9.59 -12.26 -9.09
C TYR A 145 8.66 -13.14 -9.94
N LEU A 146 7.93 -12.54 -10.88
CA LEU A 146 7.04 -13.29 -11.74
C LEU A 146 7.76 -13.74 -13.01
N SER A 147 7.49 -14.98 -13.44
CA SER A 147 8.10 -15.52 -14.64
C SER A 147 7.49 -14.87 -15.89
ZN ZN B . 0.61 -3.03 -6.42
C5 BB2 C . -2.54 -4.06 -5.92
C3 BB2 C . -1.64 -2.84 -5.94
O4 BB2 C . -1.51 -2.17 -6.96
N1 BB2 C . -1.01 -2.54 -4.82
O2 BB2 C . -0.12 -1.47 -4.82
C6 BB2 C . -3.81 -3.93 -5.03
C12 BB2 C . -4.98 -3.30 -5.75
O13 BB2 C . -5.80 -2.62 -5.14
C7 BB2 C . -3.59 -3.19 -3.71
C8 BB2 C . -4.14 -3.96 -2.52
C9 BB2 C . -4.73 -3.04 -1.48
C10 BB2 C . -3.65 -2.26 -0.74
C11 BB2 C . -4.19 -1.56 0.48
N14 BB2 C . -5.27 -3.87 -6.92
C15 BB2 C . -6.38 -3.36 -7.72
C16 BB2 C . -5.91 -2.25 -8.68
C18 BB2 C . -7.09 -1.57 -9.36
C17 BB2 C . -5.08 -1.22 -7.92
C19 BB2 C . -7.04 -4.48 -8.53
O20 BB2 C . -6.50 -4.79 -9.59
N21 BB2 C . -7.71 -5.42 -7.84
C22 BB2 C . -7.61 -5.54 -6.36
C23 BB2 C . -9.10 -5.77 -8.23
C24 BB2 C . -9.60 -6.60 -7.10
C25 BB2 C . -9.00 -5.97 -5.90
C26 BB2 C . -6.58 -6.65 -6.15
O27 BB2 C . -7.02 -7.86 -6.74
H51 BB2 C . -2.84 -4.24 -6.93
H52 BB2 C . -1.94 -4.89 -5.59
HN1 BB2 C . -1.15 -3.09 -4.01
HO2 BB2 C . 0.25 -1.33 -3.95
H6 BB2 C . -4.09 -4.94 -4.80
H71 BB2 C . -4.07 -2.23 -3.75
H72 BB2 C . -2.53 -3.04 -3.55
H81 BB2 C . -3.34 -4.53 -2.06
H82 BB2 C . -4.91 -4.63 -2.86
H91 BB2 C . -5.29 -3.61 -0.77
H92 BB2 C . -5.39 -2.34 -1.97
H101 BB2 C . -3.24 -1.52 -1.40
H102 BB2 C . -2.88 -2.95 -0.42
H111 BB2 C . -3.41 -1.47 1.21
H112 BB2 C . -5.01 -2.13 0.90
H113 BB2 C . -4.54 -0.58 0.21
H14 BB2 C . -4.63 -4.47 -7.33
H15 BB2 C . -7.11 -2.93 -7.05
H16 BB2 C . -5.28 -2.68 -9.44
H181 BB2 C . -6.97 -0.49 -9.31
H182 BB2 C . -8.01 -1.85 -8.85
H183 BB2 C . -7.15 -1.87 -10.39
H171 BB2 C . -4.04 -1.36 -8.16
H172 BB2 C . -5.23 -1.34 -6.86
H173 BB2 C . -5.39 -0.24 -8.21
H22 BB2 C . -7.29 -4.63 -5.90
H231 BB2 C . -9.68 -4.87 -8.33
H232 BB2 C . -9.10 -6.33 -9.15
H241 BB2 C . -10.67 -6.55 -7.05
H242 BB2 C . -9.26 -7.62 -7.18
H251 BB2 C . -9.56 -5.11 -5.59
H252 BB2 C . -8.92 -6.67 -5.08
H261 BB2 C . -5.65 -6.35 -6.60
H262 BB2 C . -6.43 -6.81 -5.09
H27 BB2 C . -6.32 -8.51 -6.73
N SER A 1 -8.02 15.86 -8.56
CA SER A 1 -8.18 15.13 -7.27
C SER A 1 -7.12 14.05 -7.10
N VAL A 2 -6.91 13.27 -8.17
CA VAL A 2 -5.93 12.20 -8.15
C VAL A 2 -4.52 12.70 -8.46
N LEU A 3 -3.54 12.21 -7.73
CA LEU A 3 -2.15 12.63 -7.93
C LEU A 3 -1.57 11.90 -9.13
N GLN A 4 -0.29 12.18 -9.44
CA GLN A 4 0.37 11.54 -10.57
C GLN A 4 0.84 10.14 -10.21
N VAL A 5 0.18 9.13 -10.77
CA VAL A 5 0.52 7.74 -10.50
C VAL A 5 1.56 7.23 -11.47
N LEU A 6 2.60 6.60 -10.93
CA LEU A 6 3.68 6.05 -11.74
C LEU A 6 3.32 4.65 -12.24
N HIS A 7 3.73 4.34 -13.46
CA HIS A 7 3.43 3.03 -14.04
C HIS A 7 4.68 2.22 -14.31
N ILE A 8 4.55 0.92 -14.11
CA ILE A 8 5.63 -0.03 -14.36
C ILE A 8 6.16 0.13 -15.79
N PRO A 9 7.49 -0.04 -16.01
CA PRO A 9 8.47 -0.38 -14.97
C PRO A 9 9.14 0.85 -14.37
N ASP A 10 8.34 1.79 -13.89
CA ASP A 10 8.86 3.01 -13.28
C ASP A 10 9.83 2.69 -12.14
N GLU A 11 10.97 3.39 -12.13
CA GLU A 11 11.98 3.18 -11.09
C GLU A 11 11.42 3.43 -9.70
N ARG A 12 10.65 4.51 -9.58
CA ARG A 12 10.04 4.89 -8.32
C ARG A 12 9.14 3.81 -7.75
N LEU A 13 8.58 2.91 -8.56
CA LEU A 13 7.75 1.84 -8.04
C LEU A 13 8.67 0.81 -7.42
N ARG A 14 9.85 0.69 -8.02
CA ARG A 14 10.87 -0.21 -7.58
C ARG A 14 11.78 0.51 -6.58
N LYS A 15 11.43 1.76 -6.28
CA LYS A 15 12.20 2.56 -5.35
C LYS A 15 11.81 2.22 -3.94
N VAL A 16 12.75 2.28 -3.02
CA VAL A 16 12.48 1.99 -1.64
C VAL A 16 11.88 3.20 -0.96
N ALA A 17 10.83 2.98 -0.18
CA ALA A 17 10.17 4.08 0.51
C ALA A 17 10.79 4.25 1.89
N LYS A 18 10.98 5.48 2.30
CA LYS A 18 11.55 5.74 3.63
C LYS A 18 10.45 6.17 4.59
N PRO A 19 10.38 5.55 5.79
CA PRO A 19 9.38 5.91 6.79
C PRO A 19 9.77 7.21 7.50
N VAL A 20 8.96 8.25 7.30
CA VAL A 20 9.27 9.56 7.85
C VAL A 20 9.16 9.61 9.36
N GLU A 21 10.06 10.40 9.93
CA GLU A 21 10.15 10.60 11.35
C GLU A 21 8.90 11.26 11.93
N GLU A 22 8.17 11.99 11.08
CA GLU A 22 6.98 12.67 11.54
C GLU A 22 6.09 13.04 10.36
N VAL A 23 4.77 12.96 10.55
CA VAL A 23 3.83 13.28 9.49
C VAL A 23 3.63 14.77 9.30
N ASN A 24 4.19 15.30 8.21
CA ASN A 24 4.09 16.73 7.93
C ASN A 24 2.88 17.04 7.06
N ALA A 25 2.45 18.30 7.07
CA ALA A 25 1.29 18.72 6.27
C ALA A 25 1.51 18.41 4.79
N GLU A 26 2.76 18.39 4.37
CA GLU A 26 3.09 18.07 2.99
C GLU A 26 2.87 16.58 2.79
N ILE A 27 3.31 15.82 3.79
CA ILE A 27 3.16 14.39 3.79
C ILE A 27 1.66 14.02 3.79
N GLN A 28 0.89 14.68 4.64
CA GLN A 28 -0.55 14.46 4.73
C GLN A 28 -1.22 14.70 3.37
N ARG A 29 -0.76 15.73 2.68
CA ARG A 29 -1.33 16.04 1.37
C ARG A 29 -1.08 14.87 0.43
N ILE A 30 0.10 14.29 0.56
CA ILE A 30 0.50 13.14 -0.25
C ILE A 30 -0.48 11.96 -0.05
N VAL A 31 -0.77 11.65 1.21
CA VAL A 31 -1.69 10.57 1.56
C VAL A 31 -3.11 10.88 1.12
N ASP A 32 -3.51 12.12 1.33
CA ASP A 32 -4.83 12.58 0.98
C ASP A 32 -5.15 12.31 -0.48
N ASP A 33 -4.21 12.62 -1.32
CA ASP A 33 -4.33 12.37 -2.75
C ASP A 33 -4.14 10.89 -3.05
N MET A 34 -3.34 10.20 -2.23
CA MET A 34 -3.05 8.79 -2.47
C MET A 34 -4.35 7.98 -2.43
N PHE A 35 -5.18 8.20 -1.41
CA PHE A 35 -6.46 7.51 -1.34
C PHE A 35 -7.35 8.04 -2.45
N GLU A 36 -7.35 9.36 -2.61
CA GLU A 36 -8.16 10.01 -3.64
C GLU A 36 -7.88 9.35 -4.98
N THR A 37 -6.61 9.07 -5.21
CA THR A 37 -6.24 8.40 -6.45
C THR A 37 -6.77 6.96 -6.40
N MET A 38 -6.31 6.21 -5.40
CA MET A 38 -6.54 4.79 -5.30
C MET A 38 -7.96 4.49 -5.54
N TYR A 39 -8.78 5.30 -4.97
CA TYR A 39 -10.23 5.13 -5.17
C TYR A 39 -10.62 5.46 -6.60
N ALA A 40 -10.05 6.54 -7.12
CA ALA A 40 -10.32 6.95 -8.49
C ALA A 40 -9.92 5.84 -9.43
N GLU A 41 -8.93 5.08 -8.99
CA GLU A 41 -8.44 3.93 -9.74
C GLU A 41 -9.32 2.73 -9.41
N GLU A 42 -10.15 2.90 -8.39
CA GLU A 42 -11.01 1.86 -7.90
C GLU A 42 -10.16 0.71 -7.37
N GLY A 43 -8.95 1.07 -6.96
CA GLY A 43 -8.01 0.13 -6.39
C GLY A 43 -8.37 -0.15 -4.95
N ILE A 44 -8.15 -1.38 -4.49
CA ILE A 44 -8.51 -1.74 -3.11
C ILE A 44 -7.47 -1.21 -2.12
N GLY A 45 -6.43 -0.59 -2.65
CA GLY A 45 -5.34 -0.07 -1.83
C GLY A 45 -4.23 0.51 -2.69
N LEU A 46 -3.66 1.65 -2.31
CA LEU A 46 -2.59 2.24 -3.12
C LEU A 46 -1.35 2.50 -2.27
N ALA A 47 -0.16 2.15 -2.79
CA ALA A 47 1.08 2.35 -2.05
C ALA A 47 1.87 3.55 -2.59
N ALA A 48 2.34 4.43 -1.68
CA ALA A 48 3.07 5.66 -2.02
C ALA A 48 3.91 5.62 -3.30
N THR A 49 4.83 4.67 -3.39
CA THR A 49 5.70 4.57 -4.54
C THR A 49 4.90 4.54 -5.82
N GLN A 50 3.77 3.90 -5.72
CA GLN A 50 2.85 3.77 -6.84
C GLN A 50 2.32 5.12 -7.25
N VAL A 51 2.04 5.97 -6.28
CA VAL A 51 1.53 7.29 -6.57
C VAL A 51 2.65 8.32 -6.78
N ASP A 52 3.87 7.83 -6.97
CA ASP A 52 5.02 8.67 -7.27
C ASP A 52 5.63 9.35 -6.05
N ILE A 53 5.55 8.73 -4.88
CA ILE A 53 6.17 9.34 -3.71
C ILE A 53 7.12 8.35 -3.04
N HIS A 54 8.42 8.65 -3.12
CA HIS A 54 9.43 7.79 -2.53
C HIS A 54 9.46 7.95 -1.03
N GLN A 55 8.36 7.57 -0.41
CA GLN A 55 8.17 7.63 1.03
C GLN A 55 7.16 6.57 1.44
N ARG A 56 7.44 5.83 2.51
CA ARG A 56 6.56 4.74 2.97
C ARG A 56 5.18 5.23 3.46
N ILE A 57 4.37 5.70 2.52
CA ILE A 57 3.02 6.14 2.79
C ILE A 57 2.06 5.17 2.12
N ILE A 58 1.15 4.57 2.88
CA ILE A 58 0.23 3.59 2.28
C ILE A 58 -1.23 3.86 2.64
N VAL A 59 -2.10 3.52 1.70
CA VAL A 59 -3.53 3.70 1.85
C VAL A 59 -4.23 2.39 1.50
N ILE A 60 -5.23 2.04 2.29
CA ILE A 60 -5.96 0.80 2.05
C ILE A 60 -7.42 1.08 1.71
N ASP A 61 -7.98 0.20 0.90
CA ASP A 61 -9.35 0.31 0.44
C ASP A 61 -10.04 -1.04 0.50
N VAL A 62 -9.63 -1.87 1.46
CA VAL A 62 -10.19 -3.20 1.63
C VAL A 62 -11.30 -3.19 2.68
N SER A 63 -12.54 -3.38 2.22
CA SER A 63 -13.75 -3.34 3.07
C SER A 63 -13.56 -3.91 4.47
N GLU A 64 -12.95 -3.10 5.33
CA GLU A 64 -12.70 -3.45 6.72
C GLU A 64 -14.02 -3.61 7.49
N ASN A 65 -15.06 -2.98 6.97
CA ASN A 65 -16.39 -3.06 7.57
C ASN A 65 -17.42 -2.50 6.58
N ARG A 66 -18.22 -1.55 7.05
CA ARG A 66 -19.27 -0.96 6.23
C ARG A 66 -18.70 -0.01 5.20
N ASP A 67 -17.92 0.96 5.65
CA ASP A 67 -17.32 1.93 4.74
C ASP A 67 -15.82 1.70 4.54
N GLU A 68 -15.38 1.72 3.28
CA GLU A 68 -13.97 1.55 2.95
C GLU A 68 -13.23 2.88 3.06
N ARG A 69 -12.13 2.89 3.80
CA ARG A 69 -11.33 4.11 3.99
C ARG A 69 -10.15 3.90 4.94
N LEU A 70 -9.14 3.16 4.50
CA LEU A 70 -7.98 2.90 5.33
C LEU A 70 -6.77 3.76 4.92
N VAL A 71 -6.14 4.39 5.90
CA VAL A 71 -4.95 5.21 5.66
C VAL A 71 -3.86 4.88 6.68
N LEU A 72 -2.64 4.64 6.22
CA LEU A 72 -1.51 4.34 7.11
C LEU A 72 -0.24 5.03 6.64
N ILE A 73 0.54 5.55 7.56
CA ILE A 73 1.79 6.23 7.21
C ILE A 73 2.97 5.53 7.86
N ASN A 74 4.03 5.33 7.08
CA ASN A 74 5.25 4.67 7.56
C ASN A 74 4.98 3.28 8.20
N PRO A 75 4.02 2.49 7.69
CA PRO A 75 3.69 1.15 8.24
C PRO A 75 4.90 0.21 8.32
N GLU A 76 4.89 -0.66 9.33
CA GLU A 76 5.98 -1.62 9.51
C GLU A 76 5.40 -3.00 9.82
N LEU A 77 6.05 -4.05 9.32
CA LEU A 77 5.57 -5.41 9.55
C LEU A 77 6.05 -5.93 10.89
N LEU A 78 5.13 -6.56 11.62
CA LEU A 78 5.41 -7.09 12.93
C LEU A 78 5.25 -8.62 12.96
N GLU A 79 4.33 -9.16 12.15
CA GLU A 79 4.11 -10.61 12.12
C GLU A 79 3.39 -11.05 10.85
N LYS A 80 3.65 -12.29 10.44
CA LYS A 80 3.04 -12.88 9.26
C LYS A 80 2.86 -14.39 9.46
N SER A 81 1.86 -14.96 8.80
CA SER A 81 1.60 -16.39 8.92
C SER A 81 0.75 -16.90 7.75
N GLY A 82 1.01 -18.14 7.32
CA GLY A 82 0.26 -18.72 6.21
C GLY A 82 0.68 -18.16 4.86
N GLU A 83 0.21 -18.77 3.77
CA GLU A 83 0.57 -18.29 2.44
C GLU A 83 -0.54 -18.48 1.41
N THR A 84 -1.03 -17.34 0.94
CA THR A 84 -2.07 -17.25 -0.06
C THR A 84 -1.59 -17.04 -1.45
N GLY A 85 -2.49 -17.38 -2.37
CA GLY A 85 -2.24 -17.22 -3.79
C GLY A 85 -3.45 -16.67 -4.52
N ILE A 86 -3.42 -15.36 -4.80
CA ILE A 86 -4.53 -14.68 -5.48
C ILE A 86 -4.08 -13.53 -6.37
N GLU A 87 -4.74 -13.40 -7.53
CA GLU A 87 -4.42 -12.38 -8.53
C GLU A 87 -4.85 -10.99 -8.10
N GLU A 88 -4.00 -10.03 -8.47
CA GLU A 88 -4.24 -8.63 -8.17
C GLU A 88 -3.51 -7.76 -9.17
N GLY A 89 -3.88 -6.49 -9.27
CA GLY A 89 -3.21 -5.62 -10.21
C GLY A 89 -2.56 -4.46 -9.52
N CYS A 90 -1.61 -3.83 -10.19
CA CYS A 90 -0.88 -2.73 -9.59
C CYS A 90 -1.26 -1.42 -10.26
N LEU A 91 -1.40 -0.37 -9.46
CA LEU A 91 -1.76 0.94 -10.01
C LEU A 91 -0.78 1.31 -11.13
N SER A 92 0.44 0.83 -10.99
CA SER A 92 1.49 1.10 -11.96
C SER A 92 1.33 0.21 -13.19
N ILE A 93 0.75 -0.96 -12.99
CA ILE A 93 0.51 -1.90 -14.09
C ILE A 93 -0.81 -1.55 -14.77
N PRO A 94 -0.94 -1.79 -16.08
CA PRO A 94 -2.17 -1.47 -16.83
C PRO A 94 -3.33 -2.43 -16.56
N GLU A 95 -3.60 -2.72 -15.28
CA GLU A 95 -4.69 -3.61 -14.89
C GLU A 95 -4.34 -5.08 -15.10
N GLN A 96 -3.07 -5.35 -15.38
CA GLN A 96 -2.63 -6.71 -15.56
C GLN A 96 -2.46 -7.37 -14.20
N ARG A 97 -3.54 -7.95 -13.70
CA ARG A 97 -3.51 -8.59 -12.39
C ARG A 97 -2.99 -10.02 -12.48
N ALA A 98 -2.07 -10.34 -11.57
CA ALA A 98 -1.46 -11.66 -11.50
C ALA A 98 -1.47 -12.16 -10.06
N LEU A 99 -1.53 -13.47 -9.91
CA LEU A 99 -1.55 -14.08 -8.58
C LEU A 99 -0.17 -14.04 -7.96
N VAL A 100 -0.10 -13.66 -6.67
CA VAL A 100 1.18 -13.58 -5.98
C VAL A 100 1.10 -14.17 -4.57
N PRO A 101 2.12 -14.93 -4.13
CA PRO A 101 2.14 -15.54 -2.80
C PRO A 101 2.54 -14.57 -1.68
N ARG A 102 1.67 -14.49 -0.69
CA ARG A 102 1.87 -13.66 0.50
C ARG A 102 1.29 -14.37 1.73
N ALA A 103 1.63 -13.91 2.92
CA ALA A 103 1.15 -14.55 4.13
C ALA A 103 -0.35 -14.35 4.28
N GLU A 104 -1.00 -15.28 4.97
CA GLU A 104 -2.45 -15.25 5.12
C GLU A 104 -2.86 -14.16 6.11
N LYS A 105 -2.12 -14.04 7.22
CA LYS A 105 -2.41 -12.99 8.17
C LYS A 105 -1.11 -12.40 8.69
N VAL A 106 -1.10 -11.08 8.80
CA VAL A 106 0.06 -10.35 9.29
C VAL A 106 -0.33 -9.16 10.14
N LYS A 107 0.46 -8.89 11.19
CA LYS A 107 0.18 -7.76 12.07
C LYS A 107 1.20 -6.67 11.81
N ILE A 108 0.72 -5.48 11.52
CA ILE A 108 1.61 -4.35 11.22
C ILE A 108 1.29 -3.12 12.04
N ARG A 109 2.25 -2.19 12.10
CA ARG A 109 2.08 -0.95 12.84
C ARG A 109 2.13 0.21 11.85
N ALA A 110 1.27 1.19 12.05
CA ALA A 110 1.22 2.33 11.14
C ALA A 110 0.56 3.52 11.80
N LEU A 111 0.68 4.67 11.15
CA LEU A 111 0.06 5.88 11.66
C LEU A 111 -1.03 6.32 10.70
N ASP A 112 -2.03 7.00 11.21
CA ASP A 112 -3.15 7.41 10.38
C ASP A 112 -2.89 8.76 9.74
N ARG A 113 -3.66 9.07 8.70
CA ARG A 113 -3.54 10.33 7.97
C ARG A 113 -3.60 11.53 8.93
N ASP A 114 -4.14 11.29 10.12
CA ASP A 114 -4.27 12.33 11.12
C ASP A 114 -2.94 12.58 11.84
N GLY A 115 -2.07 11.58 11.88
CA GLY A 115 -0.79 11.74 12.53
C GLY A 115 -0.69 11.01 13.86
N LYS A 116 -1.32 9.85 13.97
CA LYS A 116 -1.26 9.07 15.20
C LYS A 116 -0.85 7.62 14.93
N PRO A 117 0.43 7.24 15.20
CA PRO A 117 0.91 5.89 14.92
C PRO A 117 0.38 4.80 15.87
N PHE A 118 -0.38 3.88 15.31
CA PHE A 118 -0.98 2.79 16.06
C PHE A 118 -0.61 1.44 15.47
N GLU A 119 -0.88 0.37 16.19
CA GLU A 119 -0.56 -0.96 15.70
C GLU A 119 -1.83 -1.69 15.29
N LEU A 120 -1.82 -2.28 14.11
CA LEU A 120 -2.99 -2.98 13.60
C LEU A 120 -2.66 -4.37 13.07
N GLU A 121 -3.48 -5.34 13.46
CA GLU A 121 -3.31 -6.71 13.02
C GLU A 121 -4.19 -6.96 11.79
N ALA A 122 -3.59 -7.44 10.71
CA ALA A 122 -4.34 -7.68 9.48
C ALA A 122 -4.34 -9.16 9.07
N ASP A 123 -5.52 -9.64 8.67
CA ASP A 123 -5.71 -11.03 8.23
C ASP A 123 -6.37 -11.00 6.84
N GLY A 124 -6.36 -12.12 6.08
CA GLY A 124 -7.06 -12.12 4.80
C GLY A 124 -6.83 -10.92 3.91
N LEU A 125 -7.94 -10.38 3.43
CA LEU A 125 -7.92 -9.24 2.53
C LEU A 125 -7.16 -8.07 3.11
N LEU A 126 -7.26 -7.88 4.43
CA LEU A 126 -6.55 -6.77 5.06
C LEU A 126 -5.06 -7.06 5.08
N ALA A 127 -4.72 -8.23 5.60
CA ALA A 127 -3.34 -8.68 5.72
C ALA A 127 -2.65 -8.74 4.37
N ILE A 128 -3.31 -9.31 3.38
CA ILE A 128 -2.73 -9.43 2.06
C ILE A 128 -2.48 -8.06 1.43
N CYS A 129 -3.52 -7.25 1.33
CA CYS A 129 -3.42 -5.93 0.74
C CYS A 129 -2.43 -5.02 1.47
N ILE A 130 -2.58 -4.91 2.79
CA ILE A 130 -1.71 -4.05 3.57
C ILE A 130 -0.24 -4.45 3.42
N GLN A 131 0.04 -5.75 3.47
CA GLN A 131 1.41 -6.23 3.31
C GLN A 131 1.90 -5.94 1.90
N HIS A 132 1.00 -6.07 0.91
CA HIS A 132 1.33 -5.79 -0.48
C HIS A 132 1.87 -4.37 -0.63
N GLU A 133 1.16 -3.40 -0.07
CA GLU A 133 1.59 -2.00 -0.13
C GLU A 133 2.94 -1.81 0.53
N MET A 134 3.16 -2.36 1.72
CA MET A 134 4.46 -2.21 2.38
C MET A 134 5.56 -2.71 1.46
N ASP A 135 5.35 -3.87 0.89
CA ASP A 135 6.32 -4.45 -0.03
C ASP A 135 6.48 -3.54 -1.26
N HIS A 136 5.38 -3.12 -1.86
CA HIS A 136 5.42 -2.28 -3.04
C HIS A 136 6.20 -1.01 -2.77
N LEU A 137 5.85 -0.33 -1.68
CA LEU A 137 6.52 0.92 -1.34
C LEU A 137 8.03 0.72 -1.11
N VAL A 138 8.46 -0.46 -0.63
CA VAL A 138 9.91 -0.74 -0.50
C VAL A 138 10.48 -1.17 -1.87
N GLY A 139 9.74 -0.77 -2.88
CA GLY A 139 10.07 -0.99 -4.26
C GLY A 139 9.94 -2.41 -4.67
N LYS A 140 9.61 -3.28 -3.73
CA LYS A 140 9.46 -4.66 -4.06
C LYS A 140 8.01 -4.91 -4.46
N LEU A 141 7.77 -5.39 -5.68
CA LEU A 141 6.43 -5.61 -6.14
C LEU A 141 6.17 -7.09 -6.43
N PHE A 142 4.90 -7.44 -6.57
CA PHE A 142 4.47 -8.80 -6.86
C PHE A 142 5.14 -9.37 -8.11
N MET A 143 5.29 -8.55 -9.15
CA MET A 143 5.92 -9.00 -10.40
C MET A 143 7.33 -9.52 -10.14
N ASP A 144 7.94 -9.01 -9.08
CA ASP A 144 9.28 -9.40 -8.66
C ASP A 144 9.35 -10.90 -8.41
N TYR A 145 8.21 -11.51 -8.14
CA TYR A 145 8.16 -12.94 -7.83
C TYR A 145 7.47 -13.75 -8.93
N LEU A 146 7.10 -13.11 -10.05
CA LEU A 146 6.46 -13.82 -11.15
C LEU A 146 7.50 -14.28 -12.16
N SER A 147 7.22 -15.40 -12.83
CA SER A 147 8.13 -15.93 -13.84
C SER A 147 7.52 -17.13 -14.56
ZN ZN B . 1.26 -3.43 -6.59
C5 BB2 C . -2.84 -2.36 -6.20
C3 BB2 C . -1.34 -2.35 -6.01
O4 BB2 C . -0.62 -2.14 -6.97
N1 BB2 C . -0.87 -2.52 -4.79
O2 BB2 C . 0.52 -2.48 -4.62
C6 BB2 C . -3.64 -3.27 -5.22
C12 BB2 C . -5.07 -3.33 -5.69
O13 BB2 C . -6.01 -3.41 -4.89
C7 BB2 C . -3.63 -2.78 -3.76
C8 BB2 C . -2.80 -3.63 -2.81
C9 BB2 C . -3.42 -3.69 -1.43
C10 BB2 C . -3.58 -2.32 -0.81
C11 BB2 C . -4.55 -2.30 0.36
N14 BB2 C . -5.21 -3.62 -6.98
C15 BB2 C . -6.42 -3.33 -7.69
C16 BB2 C . -6.18 -2.17 -8.71
C18 BB2 C . -7.49 -1.62 -9.25
C17 BB2 C . -5.37 -1.05 -8.06
C19 BB2 C . -6.96 -4.55 -8.45
O20 BB2 C . -6.39 -4.84 -9.50
N21 BB2 C . -7.50 -5.55 -7.71
C22 BB2 C . -7.31 -5.64 -6.25
C23 BB2 C . -8.87 -6.00 -8.03
C24 BB2 C . -9.29 -6.77 -6.82
C25 BB2 C . -8.68 -6.04 -5.70
C26 BB2 C . -6.28 -6.77 -6.09
O27 BB2 C . -6.81 -8.01 -6.56
H51 BB2 C . -3.20 -1.35 -6.13
H52 BB2 C . -3.03 -2.70 -7.20
HN1 BB2 C . -1.47 -2.65 -4.04
HO2 BB2 C . 0.82 -1.58 -4.47
H6 BB2 C . -3.21 -4.25 -5.27
H71 BB2 C . -4.64 -2.76 -3.38
H72 BB2 C . -3.23 -1.77 -3.74
H81 BB2 C . -1.81 -3.20 -2.73
H82 BB2 C . -2.73 -4.62 -3.22
H91 BB2 C . -2.79 -4.29 -0.80
H92 BB2 C . -4.39 -4.15 -1.51
H101 BB2 C . -3.93 -1.64 -1.55
H102 BB2 C . -2.63 -1.99 -0.44
H111 BB2 C . -4.02 -2.07 1.28
H112 BB2 C . -5.01 -3.26 0.45
H113 BB2 C . -5.31 -1.56 0.19
H14 BB2 C . -4.47 -4.06 -7.44
H15 BB2 C . -7.17 -3.00 -6.97
H16 BB2 C . -5.62 -2.56 -9.54
H181 BB2 C . -7.44 -0.53 -9.27
H182 BB2 C . -8.31 -1.93 -8.61
H183 BB2 C . -7.66 -1.99 -10.25
H171 BB2 C . -4.33 -1.16 -8.32
H172 BB2 C . -5.48 -1.09 -6.99
H173 BB2 C . -5.73 -0.10 -8.42
H22 BB2 C . -6.95 -4.73 -5.81
H231 BB2 C . -9.52 -5.15 -8.16
H232 BB2 C . -8.88 -6.63 -8.91
H241 BB2 C . -10.36 -6.77 -6.72
H242 BB2 C . -8.92 -7.78 -6.86
H251 BB2 C . -9.24 -5.17 -5.44
H252 BB2 C . -8.55 -6.68 -4.82
H261 BB2 C . -5.40 -6.53 -6.65
H262 BB2 C . -6.03 -6.88 -5.04
H27 BB2 C . -6.11 -8.63 -6.74
N SER A 1 -7.96 15.95 -7.07
CA SER A 1 -7.98 15.01 -5.92
C SER A 1 -6.94 13.91 -6.09
N VAL A 2 -6.88 13.35 -7.29
CA VAL A 2 -5.92 12.28 -7.58
C VAL A 2 -4.56 12.84 -7.96
N LEU A 3 -3.51 12.29 -7.34
CA LEU A 3 -2.15 12.74 -7.62
C LEU A 3 -1.63 12.12 -8.91
N GLN A 4 -0.34 12.27 -9.16
CA GLN A 4 0.27 11.71 -10.36
C GLN A 4 0.66 10.25 -10.12
N VAL A 5 -0.04 9.34 -10.80
CA VAL A 5 0.19 7.92 -10.62
C VAL A 5 1.28 7.41 -11.57
N LEU A 6 2.27 6.73 -10.99
CA LEU A 6 3.38 6.18 -11.76
C LEU A 6 3.02 4.79 -12.27
N HIS A 7 3.46 4.47 -13.48
CA HIS A 7 3.17 3.16 -14.06
C HIS A 7 4.43 2.35 -14.30
N ILE A 8 4.30 1.03 -14.16
CA ILE A 8 5.40 0.11 -14.38
C ILE A 8 5.93 0.26 -15.82
N PRO A 9 7.25 0.05 -16.03
CA PRO A 9 8.22 -0.30 -15.00
C PRO A 9 8.92 0.90 -14.39
N ASP A 10 8.14 1.88 -13.94
CA ASP A 10 8.68 3.08 -13.33
C ASP A 10 9.61 2.75 -12.16
N GLU A 11 10.75 3.43 -12.11
CA GLU A 11 11.73 3.19 -11.05
C GLU A 11 11.13 3.44 -9.67
N ARG A 12 10.38 4.51 -9.54
CA ARG A 12 9.76 4.86 -8.26
C ARG A 12 8.84 3.77 -7.73
N LEU A 13 8.28 2.90 -8.58
CA LEU A 13 7.42 1.83 -8.10
C LEU A 13 8.29 0.76 -7.48
N ARG A 14 9.48 0.62 -8.04
CA ARG A 14 10.46 -0.33 -7.58
C ARG A 14 11.43 0.36 -6.63
N LYS A 15 11.13 1.63 -6.29
CA LYS A 15 11.97 2.40 -5.40
C LYS A 15 11.66 2.07 -3.95
N VAL A 16 12.68 2.13 -3.10
CA VAL A 16 12.49 1.85 -1.69
C VAL A 16 11.96 3.08 -0.98
N ALA A 17 10.85 2.91 -0.25
CA ALA A 17 10.24 4.00 0.46
C ALA A 17 10.80 4.08 1.87
N LYS A 18 11.03 5.28 2.35
CA LYS A 18 11.55 5.48 3.69
C LYS A 18 10.44 5.96 4.63
N PRO A 19 10.37 5.41 5.86
CA PRO A 19 9.35 5.83 6.82
C PRO A 19 9.79 7.10 7.54
N VAL A 20 9.07 8.20 7.30
CA VAL A 20 9.45 9.49 7.85
C VAL A 20 9.33 9.57 9.35
N GLU A 21 10.28 10.30 9.90
CA GLU A 21 10.38 10.53 11.33
C GLU A 21 9.13 11.20 11.89
N GLU A 22 8.44 12.00 11.07
CA GLU A 22 7.25 12.70 11.56
C GLU A 22 6.33 13.06 10.39
N VAL A 23 5.02 13.01 10.63
CA VAL A 23 4.05 13.30 9.58
C VAL A 23 3.83 14.78 9.34
N ASN A 24 4.37 15.26 8.23
CA ASN A 24 4.28 16.67 7.85
C ASN A 24 3.06 16.97 6.99
N ALA A 25 2.57 18.21 7.05
CA ALA A 25 1.41 18.64 6.26
C ALA A 25 1.62 18.35 4.78
N GLU A 26 2.89 18.30 4.38
CA GLU A 26 3.24 17.98 3.00
C GLU A 26 3.00 16.49 2.80
N ILE A 27 3.43 15.74 3.80
CA ILE A 27 3.27 14.29 3.83
C ILE A 27 1.78 13.93 3.92
N GLN A 28 1.00 14.75 4.64
CA GLN A 28 -0.42 14.51 4.78
C GLN A 28 -1.13 14.72 3.46
N ARG A 29 -0.72 15.74 2.69
CA ARG A 29 -1.33 16.00 1.41
C ARG A 29 -1.06 14.82 0.48
N ILE A 30 0.15 14.28 0.58
CA ILE A 30 0.55 13.13 -0.21
C ILE A 30 -0.42 11.96 -0.01
N VAL A 31 -0.71 11.66 1.25
CA VAL A 31 -1.62 10.58 1.60
C VAL A 31 -3.04 10.93 1.16
N ASP A 32 -3.40 12.20 1.35
CA ASP A 32 -4.72 12.69 1.00
C ASP A 32 -5.08 12.36 -0.44
N ASP A 33 -4.15 12.64 -1.34
CA ASP A 33 -4.30 12.33 -2.73
C ASP A 33 -4.13 10.84 -2.98
N MET A 34 -3.33 10.16 -2.12
CA MET A 34 -3.07 8.74 -2.34
C MET A 34 -4.38 7.96 -2.30
N PHE A 35 -5.22 8.22 -1.30
CA PHE A 35 -6.52 7.57 -1.23
C PHE A 35 -7.41 8.10 -2.34
N GLU A 36 -7.42 9.45 -2.49
CA GLU A 36 -8.23 10.08 -3.52
C GLU A 36 -7.93 9.44 -4.87
N THR A 37 -6.66 9.15 -5.07
CA THR A 37 -6.27 8.50 -6.31
C THR A 37 -6.82 7.09 -6.29
N MET A 38 -6.38 6.28 -5.32
CA MET A 38 -6.66 4.89 -5.23
C MET A 38 -8.08 4.63 -5.46
N TYR A 39 -8.89 5.45 -4.91
CA TYR A 39 -10.35 5.30 -5.12
C TYR A 39 -10.70 5.62 -6.56
N ALA A 40 -10.10 6.68 -7.07
CA ALA A 40 -10.33 7.10 -8.44
C ALA A 40 -9.88 6.00 -9.38
N GLU A 41 -8.97 5.20 -8.88
CA GLU A 41 -8.47 4.05 -9.63
C GLU A 41 -9.37 2.87 -9.34
N GLU A 42 -10.21 3.03 -8.32
CA GLU A 42 -11.09 2.00 -7.85
C GLU A 42 -10.27 0.83 -7.31
N GLY A 43 -9.08 1.19 -6.84
CA GLY A 43 -8.15 0.24 -6.26
C GLY A 43 -8.53 -0.04 -4.81
N ILE A 44 -8.33 -1.28 -4.35
CA ILE A 44 -8.69 -1.64 -2.99
C ILE A 44 -7.64 -1.17 -1.98
N GLY A 45 -6.60 -0.52 -2.48
CA GLY A 45 -5.52 -0.03 -1.65
C GLY A 45 -4.41 0.57 -2.50
N LEU A 46 -3.80 1.70 -2.10
CA LEU A 46 -2.77 2.30 -2.91
C LEU A 46 -1.47 2.46 -2.10
N ALA A 47 -0.33 2.14 -2.71
CA ALA A 47 0.96 2.27 -2.03
C ALA A 47 1.74 3.49 -2.54
N ALA A 48 2.25 4.30 -1.59
CA ALA A 48 2.99 5.54 -1.90
C ALA A 48 3.78 5.55 -3.21
N THR A 49 4.68 4.60 -3.40
CA THR A 49 5.51 4.54 -4.58
C THR A 49 4.69 4.59 -5.85
N GLN A 50 3.53 3.98 -5.77
CA GLN A 50 2.61 3.93 -6.88
C GLN A 50 2.13 5.32 -7.22
N VAL A 51 1.80 6.09 -6.18
CA VAL A 51 1.33 7.44 -6.38
C VAL A 51 2.47 8.44 -6.57
N ASP A 52 3.66 7.93 -6.85
CA ASP A 52 4.85 8.74 -7.14
C ASP A 52 5.49 9.36 -5.90
N ILE A 53 5.37 8.70 -4.74
CA ILE A 53 6.01 9.25 -3.55
C ILE A 53 6.97 8.23 -2.94
N HIS A 54 8.26 8.53 -3.04
CA HIS A 54 9.31 7.67 -2.52
C HIS A 54 9.40 7.80 -1.00
N GLN A 55 8.30 7.42 -0.36
CA GLN A 55 8.16 7.44 1.09
C GLN A 55 7.16 6.36 1.47
N ARG A 56 7.49 5.54 2.48
CA ARG A 56 6.62 4.42 2.90
C ARG A 56 5.26 4.87 3.46
N ILE A 57 4.41 5.38 2.57
CA ILE A 57 3.08 5.83 2.92
C ILE A 57 2.07 4.92 2.25
N ILE A 58 1.17 4.33 3.02
CA ILE A 58 0.19 3.39 2.42
C ILE A 58 -1.26 3.71 2.80
N VAL A 59 -2.16 3.38 1.87
CA VAL A 59 -3.57 3.61 2.01
C VAL A 59 -4.33 2.32 1.70
N ILE A 60 -5.38 2.02 2.45
CA ILE A 60 -6.15 0.81 2.21
C ILE A 60 -7.57 1.18 1.80
N ASP A 61 -8.20 0.28 1.05
CA ASP A 61 -9.54 0.50 0.54
C ASP A 61 -10.35 -0.81 0.49
N VAL A 62 -10.19 -1.63 1.51
CA VAL A 62 -10.93 -2.88 1.60
C VAL A 62 -12.20 -2.67 2.39
N SER A 63 -13.25 -2.25 1.68
CA SER A 63 -14.57 -1.98 2.22
C SER A 63 -15.13 -3.17 3.00
N GLU A 64 -14.60 -3.39 4.18
CA GLU A 64 -15.00 -4.50 5.04
C GLU A 64 -16.54 -4.65 5.11
N ASN A 65 -17.27 -3.55 4.90
CA ASN A 65 -18.73 -3.58 4.96
C ASN A 65 -19.36 -3.10 3.65
N ARG A 66 -19.27 -1.79 3.41
CA ARG A 66 -19.83 -1.20 2.20
C ARG A 66 -18.78 -0.43 1.41
N ASP A 67 -17.95 0.29 2.14
CA ASP A 67 -16.87 1.08 1.56
C ASP A 67 -15.83 1.40 2.61
N GLU A 68 -14.61 0.91 2.43
CA GLU A 68 -13.57 1.18 3.40
C GLU A 68 -12.67 2.34 3.01
N ARG A 69 -12.12 2.98 4.04
CA ARG A 69 -11.25 4.12 3.90
C ARG A 69 -10.15 4.03 4.95
N LEU A 70 -9.09 3.32 4.61
CA LEU A 70 -7.97 3.12 5.52
C LEU A 70 -6.74 3.90 5.09
N VAL A 71 -6.05 4.48 6.06
CA VAL A 71 -4.83 5.22 5.81
C VAL A 71 -3.76 4.79 6.80
N LEU A 72 -2.55 4.58 6.32
CA LEU A 72 -1.43 4.20 7.17
C LEU A 72 -0.16 4.90 6.71
N ILE A 73 0.66 5.35 7.66
CA ILE A 73 1.88 6.04 7.32
C ILE A 73 3.08 5.33 7.89
N ASN A 74 4.11 5.22 7.08
CA ASN A 74 5.37 4.58 7.48
C ASN A 74 5.16 3.20 8.15
N PRO A 75 4.19 2.37 7.67
CA PRO A 75 3.90 1.04 8.25
C PRO A 75 5.11 0.10 8.29
N GLU A 76 5.18 -0.73 9.33
CA GLU A 76 6.26 -1.68 9.49
C GLU A 76 5.69 -3.05 9.85
N LEU A 77 6.30 -4.11 9.34
CA LEU A 77 5.82 -5.46 9.59
C LEU A 77 6.36 -5.99 10.93
N LEU A 78 5.46 -6.61 11.69
CA LEU A 78 5.81 -7.16 12.99
C LEU A 78 5.67 -8.68 13.02
N GLU A 79 4.63 -9.21 12.39
CA GLU A 79 4.40 -10.65 12.37
C GLU A 79 3.63 -11.09 11.13
N LYS A 80 3.89 -12.32 10.69
CA LYS A 80 3.22 -12.89 9.52
C LYS A 80 3.04 -14.38 9.70
N SER A 81 1.96 -14.93 9.15
CA SER A 81 1.68 -16.36 9.26
C SER A 81 0.75 -16.84 8.16
N GLY A 82 0.92 -18.10 7.74
CA GLY A 82 0.09 -18.64 6.68
C GLY A 82 0.53 -18.14 5.32
N GLU A 83 0.15 -18.84 4.24
CA GLU A 83 0.55 -18.40 2.91
C GLU A 83 -0.59 -18.47 1.90
N THR A 84 -1.00 -17.29 1.45
CA THR A 84 -2.03 -17.09 0.48
C THR A 84 -1.57 -16.71 -0.88
N GLY A 85 -2.47 -16.91 -1.81
CA GLY A 85 -2.23 -16.56 -3.20
C GLY A 85 -3.51 -16.12 -3.88
N ILE A 86 -3.56 -14.86 -4.33
CA ILE A 86 -4.74 -14.33 -4.99
C ILE A 86 -4.39 -13.30 -6.05
N GLU A 87 -5.07 -13.35 -7.18
CA GLU A 87 -4.76 -12.45 -8.28
C GLU A 87 -5.19 -11.01 -7.99
N GLU A 88 -4.30 -10.13 -8.40
CA GLU A 88 -4.49 -8.69 -8.20
C GLU A 88 -3.71 -7.88 -9.23
N GLY A 89 -4.06 -6.61 -9.38
CA GLY A 89 -3.37 -5.76 -10.31
C GLY A 89 -2.77 -4.59 -9.60
N CYS A 90 -1.86 -3.86 -10.23
CA CYS A 90 -1.22 -2.74 -9.57
C CYS A 90 -1.54 -1.43 -10.26
N LEU A 91 -1.75 -0.42 -9.43
CA LEU A 91 -2.08 0.93 -9.90
C LEU A 91 -1.12 1.41 -11.00
N SER A 92 0.01 0.74 -11.13
CA SER A 92 0.99 1.09 -12.15
C SER A 92 0.86 0.16 -13.35
N ILE A 93 0.50 -1.08 -13.07
CA ILE A 93 0.32 -2.10 -14.10
C ILE A 93 -1.11 -2.02 -14.65
N PRO A 94 -1.34 -2.41 -15.92
CA PRO A 94 -2.68 -2.37 -16.53
C PRO A 94 -3.65 -3.29 -15.80
N GLU A 95 -4.58 -3.88 -16.55
CA GLU A 95 -5.56 -4.79 -15.97
C GLU A 95 -4.96 -6.18 -15.77
N GLN A 96 -3.64 -6.27 -15.88
CA GLN A 96 -2.95 -7.53 -15.75
C GLN A 96 -2.79 -7.94 -14.29
N ARG A 97 -3.83 -8.54 -13.72
CA ARG A 97 -3.76 -9.00 -12.33
C ARG A 97 -3.18 -10.41 -12.29
N ALA A 98 -2.22 -10.61 -11.38
CA ALA A 98 -1.55 -11.89 -11.22
C ALA A 98 -1.63 -12.33 -9.77
N LEU A 99 -1.64 -13.65 -9.54
CA LEU A 99 -1.73 -14.17 -8.19
C LEU A 99 -0.40 -14.03 -7.46
N VAL A 100 -0.42 -13.19 -6.44
CA VAL A 100 0.78 -12.93 -5.62
C VAL A 100 0.74 -13.66 -4.28
N PRO A 101 1.84 -14.32 -3.88
CA PRO A 101 1.90 -15.05 -2.61
C PRO A 101 2.36 -14.17 -1.45
N ARG A 102 1.55 -14.17 -0.40
CA ARG A 102 1.79 -13.41 0.81
C ARG A 102 1.30 -14.20 2.02
N ALA A 103 1.67 -13.79 3.22
CA ALA A 103 1.26 -14.49 4.42
C ALA A 103 -0.24 -14.33 4.63
N GLU A 104 -0.85 -15.29 5.34
CA GLU A 104 -2.28 -15.29 5.54
C GLU A 104 -2.69 -14.19 6.52
N LYS A 105 -1.93 -14.02 7.59
CA LYS A 105 -2.20 -12.96 8.54
C LYS A 105 -0.88 -12.34 9.00
N VAL A 106 -0.90 -11.02 9.13
CA VAL A 106 0.27 -10.27 9.54
C VAL A 106 -0.10 -9.06 10.39
N LYS A 107 0.74 -8.77 11.41
CA LYS A 107 0.48 -7.64 12.30
C LYS A 107 1.51 -6.55 11.98
N ILE A 108 1.03 -5.35 11.71
CA ILE A 108 1.94 -4.26 11.34
C ILE A 108 1.65 -2.94 12.05
N ARG A 109 2.71 -2.15 12.23
CA ARG A 109 2.61 -0.86 12.93
C ARG A 109 2.61 0.29 11.92
N ALA A 110 1.78 1.27 12.20
CA ALA A 110 1.62 2.41 11.29
C ALA A 110 1.02 3.59 12.01
N LEU A 111 1.04 4.74 11.38
CA LEU A 111 0.42 5.93 11.94
C LEU A 111 -0.60 6.42 10.94
N ASP A 112 -1.66 7.03 11.40
CA ASP A 112 -2.74 7.44 10.49
C ASP A 112 -2.44 8.75 9.78
N ARG A 113 -3.26 9.06 8.79
CA ARG A 113 -3.11 10.28 7.99
C ARG A 113 -3.00 11.51 8.90
N ASP A 114 -3.52 11.39 10.12
CA ASP A 114 -3.49 12.48 11.08
C ASP A 114 -2.14 12.60 11.78
N GLY A 115 -1.35 11.52 11.78
CA GLY A 115 -0.06 11.57 12.41
C GLY A 115 -0.02 10.93 13.80
N LYS A 116 -0.72 9.81 13.96
CA LYS A 116 -0.73 9.09 15.24
C LYS A 116 -0.36 7.62 15.03
N PRO A 117 0.90 7.21 15.32
CA PRO A 117 1.35 5.81 15.08
C PRO A 117 0.82 4.76 16.05
N PHE A 118 0.02 3.85 15.51
CA PHE A 118 -0.57 2.76 16.27
C PHE A 118 -0.24 1.43 15.63
N GLU A 119 -0.52 0.33 16.32
CA GLU A 119 -0.23 -0.98 15.78
C GLU A 119 -1.53 -1.66 15.39
N LEU A 120 -1.53 -2.32 14.24
CA LEU A 120 -2.73 -2.97 13.75
C LEU A 120 -2.43 -4.36 13.21
N GLU A 121 -3.25 -5.33 13.61
CA GLU A 121 -3.10 -6.69 13.15
C GLU A 121 -4.03 -6.93 11.95
N ALA A 122 -3.46 -7.37 10.83
CA ALA A 122 -4.25 -7.61 9.63
C ALA A 122 -4.22 -9.08 9.22
N ASP A 123 -5.39 -9.61 8.88
CA ASP A 123 -5.53 -10.99 8.42
C ASP A 123 -6.27 -10.99 7.09
N GLY A 124 -6.23 -12.07 6.30
CA GLY A 124 -6.98 -12.08 5.05
C GLY A 124 -6.70 -10.92 4.13
N LEU A 125 -7.78 -10.41 3.55
CA LEU A 125 -7.72 -9.30 2.62
C LEU A 125 -7.01 -8.10 3.23
N LEU A 126 -7.14 -7.91 4.54
CA LEU A 126 -6.48 -6.79 5.19
C LEU A 126 -4.99 -7.04 5.23
N ALA A 127 -4.65 -8.21 5.74
CA ALA A 127 -3.26 -8.63 5.87
C ALA A 127 -2.55 -8.66 4.52
N ILE A 128 -3.24 -9.14 3.50
CA ILE A 128 -2.64 -9.24 2.18
C ILE A 128 -2.37 -7.87 1.56
N CYS A 129 -3.39 -7.04 1.47
CA CYS A 129 -3.25 -5.70 0.88
C CYS A 129 -2.24 -4.83 1.63
N ILE A 130 -2.37 -4.77 2.95
CA ILE A 130 -1.48 -3.96 3.76
C ILE A 130 -0.02 -4.40 3.60
N GLN A 131 0.23 -5.71 3.66
CA GLN A 131 1.59 -6.22 3.50
C GLN A 131 2.09 -5.94 2.08
N HIS A 132 1.20 -6.08 1.10
CA HIS A 132 1.55 -5.83 -0.30
C HIS A 132 2.04 -4.40 -0.48
N GLU A 133 1.33 -3.44 0.09
CA GLU A 133 1.71 -2.02 -0.01
C GLU A 133 3.07 -1.80 0.63
N MET A 134 3.34 -2.49 1.73
CA MET A 134 4.63 -2.39 2.39
C MET A 134 5.73 -2.80 1.42
N ASP A 135 5.48 -3.88 0.73
CA ASP A 135 6.42 -4.40 -0.26
C ASP A 135 6.52 -3.46 -1.45
N HIS A 136 5.38 -3.03 -1.99
CA HIS A 136 5.34 -2.17 -3.14
C HIS A 136 6.09 -0.87 -2.88
N LEU A 137 5.74 -0.20 -1.80
CA LEU A 137 6.39 1.06 -1.48
C LEU A 137 7.89 0.85 -1.17
N VAL A 138 8.28 -0.33 -0.65
CA VAL A 138 9.69 -0.64 -0.41
C VAL A 138 10.34 -1.09 -1.74
N GLY A 139 9.71 -0.67 -2.81
CA GLY A 139 10.19 -0.89 -4.15
C GLY A 139 10.14 -2.32 -4.56
N LYS A 140 9.70 -3.18 -3.65
CA LYS A 140 9.61 -4.54 -3.99
C LYS A 140 8.22 -4.77 -4.55
N LEU A 141 8.13 -5.57 -5.61
CA LEU A 141 6.86 -5.80 -6.22
C LEU A 141 6.74 -7.28 -6.62
N PHE A 142 5.53 -7.82 -6.61
CA PHE A 142 5.30 -9.22 -6.95
C PHE A 142 5.88 -9.60 -8.32
N MET A 143 5.75 -8.70 -9.29
CA MET A 143 6.26 -8.95 -10.63
C MET A 143 7.77 -9.18 -10.61
N ASP A 144 8.43 -8.58 -9.61
CA ASP A 144 9.87 -8.72 -9.44
C ASP A 144 10.25 -10.18 -9.25
N TYR A 145 9.30 -10.98 -8.78
CA TYR A 145 9.54 -12.39 -8.53
C TYR A 145 8.65 -13.30 -9.38
N LEU A 146 7.90 -12.72 -10.31
CA LEU A 146 7.03 -13.51 -11.20
C LEU A 146 7.77 -13.95 -12.44
N SER A 147 7.50 -15.18 -12.88
CA SER A 147 8.15 -15.72 -14.06
C SER A 147 7.65 -15.02 -15.33
ZN ZN B . 0.60 -3.02 -6.29
C5 BB2 C . -2.55 -4.06 -5.81
C3 BB2 C . -1.65 -2.83 -5.82
O4 BB2 C . -1.50 -2.18 -6.86
N1 BB2 C . -1.04 -2.53 -4.69
O2 BB2 C . -0.15 -1.46 -4.70
C6 BB2 C . -3.82 -3.93 -4.92
C12 BB2 C . -4.99 -3.30 -5.65
O13 BB2 C . -5.83 -2.64 -5.03
C7 BB2 C . -3.60 -3.18 -3.60
C8 BB2 C . -4.20 -3.92 -2.42
C9 BB2 C . -4.76 -2.96 -1.38
C10 BB2 C . -3.64 -2.21 -0.67
C11 BB2 C . -4.12 -1.51 0.58
N14 BB2 C . -5.28 -3.87 -6.81
C15 BB2 C . -6.37 -3.37 -7.61
C16 BB2 C . -5.89 -2.25 -8.57
C18 BB2 C . -7.06 -1.57 -9.27
C17 BB2 C . -5.06 -1.23 -7.82
C19 BB2 C . -7.03 -4.48 -8.43
O20 BB2 C . -6.50 -4.79 -9.50
N21 BB2 C . -7.68 -5.44 -7.74
C22 BB2 C . -7.54 -5.59 -6.28
C23 BB2 C . -9.08 -5.77 -8.10
C24 BB2 C . -9.58 -6.57 -6.94
C25 BB2 C . -8.93 -5.94 -5.77
C26 BB2 C . -6.56 -6.76 -6.11
O27 BB2 C . -7.02 -7.91 -6.80
H51 BB2 C . -2.85 -4.24 -6.82
H52 BB2 C . -1.95 -4.89 -5.50
HN1 BB2 C . -1.18 -3.08 -3.89
HO2 BB2 C . -0.44 -0.78 -5.30
H6 BB2 C . -4.10 -4.95 -4.68
H71 BB2 C . -4.05 -2.21 -3.66
H72 BB2 C . -2.54 -3.08 -3.42
H81 BB2 C . -3.45 -4.53 -1.96
H82 BB2 C . -5.01 -4.54 -2.77
H91 BB2 C . -5.32 -3.51 -0.65
H92 BB2 C . -5.40 -2.25 -1.87
H101 BB2 C . -3.24 -1.46 -1.34
H102 BB2 C . -2.86 -2.90 -0.40
H111 BB2 C . -3.28 -1.14 1.13
H112 BB2 C . -4.68 -2.21 1.18
H113 BB2 C . -4.76 -0.68 0.30
H14 BB2 C . -4.61 -4.46 -7.22
H15 BB2 C . -7.11 -2.93 -6.95
H16 BB2 C . -5.26 -2.69 -9.33
H181 BB2 C . -6.95 -0.49 -9.21
H182 BB2 C . -7.98 -1.86 -8.77
H183 BB2 C . -7.11 -1.88 -10.30
H171 BB2 C . -4.01 -1.37 -8.05
H172 BB2 C . -5.21 -1.36 -6.76
H173 BB2 C . -5.36 -0.24 -8.10
H22 BB2 C . -7.15 -4.70 -5.81
H231 BB2 C . -9.65 -4.86 -8.19
H232 BB2 C . -9.13 -6.34 -9.02
H241 BB2 C . -10.66 -6.48 -6.86
H242 BB2 C . -9.28 -7.60 -7.02
H251 BB2 C . -9.45 -5.06 -5.46
H252 BB2 C . -8.86 -6.64 -4.94
H261 BB2 C . -5.60 -6.48 -6.51
H262 BB2 C . -6.46 -7.00 -5.06
H27 BB2 C . -6.39 -8.63 -6.71
N SER A 1 -8.91 14.97 -5.67
CA SER A 1 -8.03 15.10 -6.86
C SER A 1 -6.96 14.01 -6.88
N VAL A 2 -6.76 13.41 -8.05
CA VAL A 2 -5.77 12.34 -8.20
C VAL A 2 -4.38 12.92 -8.45
N LEU A 3 -3.38 12.36 -7.75
CA LEU A 3 -2.01 12.83 -7.90
C LEU A 3 -1.38 12.24 -9.16
N GLN A 4 -0.05 12.26 -9.24
CA GLN A 4 0.65 11.70 -10.40
C GLN A 4 1.06 10.26 -10.13
N VAL A 5 0.39 9.33 -10.80
CA VAL A 5 0.66 7.92 -10.61
C VAL A 5 1.74 7.41 -11.56
N LEU A 6 2.73 6.72 -10.98
CA LEU A 6 3.85 6.16 -11.73
C LEU A 6 3.49 4.77 -12.23
N HIS A 7 3.94 4.42 -13.43
CA HIS A 7 3.63 3.11 -14.00
C HIS A 7 4.86 2.29 -14.32
N ILE A 8 4.74 0.98 -14.15
CA ILE A 8 5.81 0.04 -14.45
C ILE A 8 6.08 0.03 -15.96
N PRO A 9 7.37 0.08 -16.39
CA PRO A 9 8.53 0.15 -15.50
C PRO A 9 8.75 1.55 -14.94
N ASP A 10 9.15 1.61 -13.69
CA ASP A 10 9.40 2.87 -13.02
C ASP A 10 10.25 2.62 -11.78
N GLU A 11 11.36 3.33 -11.69
CA GLU A 11 12.28 3.15 -10.58
C GLU A 11 11.57 3.40 -9.25
N ARG A 12 10.82 4.48 -9.17
CA ARG A 12 10.09 4.82 -7.96
C ARG A 12 9.12 3.75 -7.52
N LEU A 13 8.59 2.91 -8.42
CA LEU A 13 7.69 1.85 -8.00
C LEU A 13 8.53 0.74 -7.40
N ARG A 14 9.72 0.60 -7.96
CA ARG A 14 10.68 -0.38 -7.53
C ARG A 14 11.63 0.26 -6.53
N LYS A 15 11.28 1.47 -6.06
CA LYS A 15 12.10 2.20 -5.11
C LYS A 15 11.69 1.92 -3.69
N VAL A 16 12.65 2.00 -2.77
CA VAL A 16 12.37 1.76 -1.37
C VAL A 16 11.84 3.04 -0.73
N ALA A 17 10.66 2.95 -0.13
CA ALA A 17 10.05 4.09 0.52
C ALA A 17 10.65 4.27 1.91
N LYS A 18 10.75 5.52 2.36
CA LYS A 18 11.31 5.79 3.68
C LYS A 18 10.21 6.27 4.63
N PRO A 19 10.08 5.64 5.82
CA PRO A 19 9.06 6.03 6.81
C PRO A 19 9.49 7.30 7.55
N VAL A 20 8.76 8.39 7.33
CA VAL A 20 9.13 9.68 7.91
C VAL A 20 8.99 9.73 9.41
N GLU A 21 9.93 10.46 9.99
CA GLU A 21 10.00 10.65 11.42
C GLU A 21 8.75 11.33 11.97
N GLU A 22 8.08 12.13 11.14
CA GLU A 22 6.88 12.84 11.60
C GLU A 22 5.99 13.24 10.42
N VAL A 23 4.69 13.16 10.62
CA VAL A 23 3.73 13.49 9.57
C VAL A 23 3.51 14.98 9.38
N ASN A 24 4.03 15.52 8.28
CA ASN A 24 3.91 16.95 7.99
C ASN A 24 2.69 17.26 7.12
N ALA A 25 2.42 18.55 6.92
CA ALA A 25 1.29 18.99 6.10
C ALA A 25 1.47 18.58 4.64
N GLU A 26 2.73 18.49 4.24
CA GLU A 26 3.06 18.06 2.89
C GLU A 26 2.80 16.56 2.79
N ILE A 27 3.17 15.88 3.85
CA ILE A 27 2.97 14.44 3.97
C ILE A 27 1.48 14.12 4.02
N GLN A 28 0.70 14.96 4.70
CA GLN A 28 -0.74 14.74 4.82
C GLN A 28 -1.41 14.88 3.46
N ARG A 29 -0.98 15.87 2.67
CA ARG A 29 -1.56 16.07 1.35
C ARG A 29 -1.27 14.84 0.49
N ILE A 30 -0.06 14.32 0.64
CA ILE A 30 0.38 13.15 -0.10
C ILE A 30 -0.58 11.98 0.08
N VAL A 31 -0.90 11.66 1.33
CA VAL A 31 -1.81 10.56 1.63
C VAL A 31 -3.21 10.87 1.12
N ASP A 32 -3.64 12.11 1.30
CA ASP A 32 -4.94 12.54 0.89
C ASP A 32 -5.21 12.27 -0.59
N ASP A 33 -4.22 12.56 -1.42
CA ASP A 33 -4.31 12.29 -2.83
C ASP A 33 -4.12 10.81 -3.11
N MET A 34 -3.35 10.12 -2.25
CA MET A 34 -3.07 8.71 -2.49
C MET A 34 -4.38 7.91 -2.50
N PHE A 35 -5.25 8.14 -1.52
CA PHE A 35 -6.54 7.47 -1.48
C PHE A 35 -7.38 8.02 -2.62
N GLU A 36 -7.39 9.35 -2.76
CA GLU A 36 -8.17 10.00 -3.80
C GLU A 36 -7.81 9.38 -5.14
N THR A 37 -6.53 9.09 -5.30
CA THR A 37 -6.11 8.45 -6.54
C THR A 37 -6.65 7.03 -6.54
N MET A 38 -6.22 6.24 -5.55
CA MET A 38 -6.47 4.82 -5.49
C MET A 38 -7.87 4.53 -5.78
N TYR A 39 -8.73 5.35 -5.24
CA TYR A 39 -10.16 5.18 -5.48
C TYR A 39 -10.49 5.54 -6.92
N ALA A 40 -9.89 6.62 -7.38
CA ALA A 40 -10.10 7.08 -8.73
C ALA A 40 -9.63 6.02 -9.70
N GLU A 41 -8.71 5.19 -9.22
CA GLU A 41 -8.20 4.07 -9.98
C GLU A 41 -9.08 2.87 -9.73
N GLU A 42 -9.95 3.00 -8.72
CA GLU A 42 -10.82 1.95 -8.30
C GLU A 42 -10.01 0.80 -7.71
N GLY A 43 -8.82 1.16 -7.26
CA GLY A 43 -7.90 0.23 -6.62
C GLY A 43 -8.31 0.00 -5.18
N ILE A 44 -8.19 -1.23 -4.68
CA ILE A 44 -8.60 -1.53 -3.32
C ILE A 44 -7.54 -1.15 -2.29
N GLY A 45 -6.45 -0.58 -2.78
CA GLY A 45 -5.33 -0.16 -1.92
C GLY A 45 -4.19 0.43 -2.74
N LEU A 46 -3.63 1.58 -2.35
CA LEU A 46 -2.54 2.19 -3.12
C LEU A 46 -1.30 2.45 -2.26
N ALA A 47 -0.11 2.10 -2.77
CA ALA A 47 1.14 2.33 -2.06
C ALA A 47 1.84 3.59 -2.57
N ALA A 48 2.27 4.44 -1.63
CA ALA A 48 2.96 5.72 -1.91
C ALA A 48 3.77 5.73 -3.21
N THR A 49 4.70 4.80 -3.34
CA THR A 49 5.58 4.75 -4.49
C THR A 49 4.81 4.74 -5.80
N GLN A 50 3.69 4.09 -5.77
CA GLN A 50 2.82 3.98 -6.93
C GLN A 50 2.31 5.35 -7.32
N VAL A 51 1.93 6.13 -6.33
CA VAL A 51 1.42 7.47 -6.59
C VAL A 51 2.54 8.50 -6.75
N ASP A 52 3.75 8.01 -6.98
CA ASP A 52 4.93 8.84 -7.24
C ASP A 52 5.51 9.48 -5.98
N ILE A 53 5.36 8.85 -4.82
CA ILE A 53 5.96 9.41 -3.62
C ILE A 53 6.93 8.43 -2.96
N HIS A 54 8.20 8.77 -3.03
CA HIS A 54 9.26 7.93 -2.45
C HIS A 54 9.30 8.08 -0.93
N GLN A 55 8.20 7.69 -0.32
CA GLN A 55 8.02 7.74 1.13
C GLN A 55 7.03 6.67 1.53
N ARG A 56 7.34 5.90 2.59
CA ARG A 56 6.48 4.80 3.04
C ARG A 56 5.10 5.23 3.55
N ILE A 57 4.29 5.74 2.64
CA ILE A 57 2.93 6.17 2.92
C ILE A 57 1.99 5.20 2.22
N ILE A 58 1.07 4.57 2.95
CA ILE A 58 0.18 3.60 2.31
C ILE A 58 -1.29 3.85 2.61
N VAL A 59 -2.14 3.55 1.64
CA VAL A 59 -3.57 3.72 1.76
C VAL A 59 -4.27 2.41 1.43
N ILE A 60 -5.29 2.07 2.19
CA ILE A 60 -6.03 0.84 1.97
C ILE A 60 -7.46 1.13 1.58
N ASP A 61 -8.05 0.21 0.85
CA ASP A 61 -9.41 0.32 0.38
C ASP A 61 -10.13 -1.03 0.49
N VAL A 62 -9.57 -1.93 1.30
CA VAL A 62 -10.16 -3.25 1.53
C VAL A 62 -11.08 -3.21 2.73
N SER A 63 -12.37 -3.47 2.46
CA SER A 63 -13.44 -3.44 3.47
C SER A 63 -13.04 -4.02 4.84
N GLU A 64 -12.31 -3.22 5.62
CA GLU A 64 -11.87 -3.60 6.96
C GLU A 64 -13.07 -3.68 7.92
N ASN A 65 -14.14 -2.98 7.55
CA ASN A 65 -15.37 -2.96 8.31
C ASN A 65 -16.50 -2.42 7.42
N ARG A 66 -17.35 -1.56 7.97
CA ARG A 66 -18.45 -1.02 7.20
C ARG A 66 -17.94 0.02 6.22
N ASP A 67 -17.27 1.02 6.74
CA ASP A 67 -16.68 2.07 5.92
C ASP A 67 -15.37 1.57 5.31
N GLU A 68 -15.30 1.55 3.97
CA GLU A 68 -14.11 1.07 3.28
C GLU A 68 -13.15 2.19 2.94
N ARG A 69 -12.43 2.67 3.95
CA ARG A 69 -11.48 3.74 3.76
C ARG A 69 -10.37 3.65 4.80
N LEU A 70 -9.26 3.01 4.40
CA LEU A 70 -8.13 2.82 5.30
C LEU A 70 -6.91 3.64 4.91
N VAL A 71 -6.24 4.22 5.89
CA VAL A 71 -5.04 4.99 5.67
C VAL A 71 -3.98 4.60 6.71
N LEU A 72 -2.74 4.41 6.26
CA LEU A 72 -1.65 4.07 7.17
C LEU A 72 -0.38 4.81 6.73
N ILE A 73 0.39 5.30 7.69
CA ILE A 73 1.61 6.02 7.38
C ILE A 73 2.82 5.31 7.98
N ASN A 74 3.86 5.22 7.19
CA ASN A 74 5.12 4.58 7.61
C ASN A 74 4.88 3.18 8.22
N PRO A 75 3.94 2.37 7.67
CA PRO A 75 3.63 1.01 8.18
C PRO A 75 4.85 0.10 8.25
N GLU A 76 4.88 -0.76 9.28
CA GLU A 76 5.97 -1.71 9.45
C GLU A 76 5.39 -3.07 9.82
N LEU A 77 6.03 -4.15 9.35
CA LEU A 77 5.53 -5.50 9.62
C LEU A 77 5.94 -5.99 11.02
N LEU A 78 4.99 -6.63 11.70
CA LEU A 78 5.20 -7.15 13.04
C LEU A 78 5.03 -8.67 13.09
N GLU A 79 3.91 -9.19 12.57
CA GLU A 79 3.67 -10.62 12.56
C GLU A 79 3.03 -11.07 11.25
N LYS A 80 3.37 -12.28 10.83
CA LYS A 80 2.83 -12.86 9.60
C LYS A 80 2.69 -14.37 9.74
N SER A 81 1.66 -14.93 9.12
CA SER A 81 1.43 -16.37 9.20
C SER A 81 0.55 -16.87 8.05
N GLY A 82 0.66 -18.16 7.74
CA GLY A 82 -0.12 -18.73 6.66
C GLY A 82 0.32 -18.18 5.32
N GLU A 83 0.01 -18.90 4.24
CA GLU A 83 0.42 -18.44 2.93
C GLU A 83 -0.71 -18.46 1.91
N THR A 84 -1.10 -17.27 1.50
CA THR A 84 -2.13 -17.02 0.52
C THR A 84 -1.63 -16.64 -0.82
N GLY A 85 -2.52 -16.80 -1.77
CA GLY A 85 -2.24 -16.46 -3.14
C GLY A 85 -3.49 -16.02 -3.87
N ILE A 86 -3.53 -14.77 -4.35
CA ILE A 86 -4.71 -14.27 -5.04
C ILE A 86 -4.34 -13.25 -6.11
N GLU A 87 -4.99 -13.34 -7.26
CA GLU A 87 -4.65 -12.47 -8.38
C GLU A 87 -5.06 -11.02 -8.14
N GLU A 88 -4.13 -10.16 -8.52
CA GLU A 88 -4.29 -8.72 -8.38
C GLU A 88 -3.42 -7.95 -9.38
N GLY A 89 -3.77 -6.70 -9.61
CA GLY A 89 -3.00 -5.90 -10.54
C GLY A 89 -2.45 -4.70 -9.81
N CYS A 90 -1.48 -4.01 -10.40
CA CYS A 90 -0.88 -2.88 -9.72
C CYS A 90 -1.11 -1.59 -10.46
N LEU A 91 -1.37 -0.54 -9.69
CA LEU A 91 -1.62 0.79 -10.23
C LEU A 91 -0.57 1.17 -11.27
N SER A 92 0.61 0.57 -11.13
CA SER A 92 1.72 0.82 -12.04
C SER A 92 1.56 0.02 -13.33
N ILE A 93 1.05 -1.20 -13.20
CA ILE A 93 0.84 -2.08 -14.32
C ILE A 93 -0.53 -1.81 -14.95
N PRO A 94 -0.69 -2.02 -16.27
CA PRO A 94 -1.96 -1.77 -16.98
C PRO A 94 -3.07 -2.77 -16.63
N GLU A 95 -3.28 -3.01 -15.33
CA GLU A 95 -4.33 -3.92 -14.85
C GLU A 95 -3.95 -5.39 -15.07
N GLN A 96 -2.67 -5.65 -15.24
CA GLN A 96 -2.21 -7.01 -15.42
C GLN A 96 -2.16 -7.70 -14.07
N ARG A 97 -3.29 -8.30 -13.68
CA ARG A 97 -3.38 -8.98 -12.38
C ARG A 97 -2.86 -10.41 -12.44
N ALA A 98 -2.01 -10.73 -11.46
CA ALA A 98 -1.40 -12.05 -11.31
C ALA A 98 -1.51 -12.47 -9.85
N LEU A 99 -1.52 -13.78 -9.60
CA LEU A 99 -1.66 -14.25 -8.23
C LEU A 99 -0.35 -14.09 -7.47
N VAL A 100 -0.38 -13.19 -6.49
CA VAL A 100 0.79 -12.89 -5.66
C VAL A 100 0.75 -13.64 -4.32
N PRO A 101 1.83 -14.35 -3.96
CA PRO A 101 1.92 -15.10 -2.70
C PRO A 101 2.32 -14.20 -1.53
N ARG A 102 1.51 -14.22 -0.49
CA ARG A 102 1.73 -13.44 0.72
C ARG A 102 1.22 -14.23 1.92
N ALA A 103 1.55 -13.81 3.14
CA ALA A 103 1.10 -14.52 4.32
C ALA A 103 -0.41 -14.33 4.46
N GLU A 104 -1.04 -15.27 5.14
CA GLU A 104 -2.50 -15.25 5.27
C GLU A 104 -2.95 -14.16 6.23
N LYS A 105 -2.21 -13.97 7.31
CA LYS A 105 -2.51 -12.91 8.24
C LYS A 105 -1.21 -12.26 8.72
N VAL A 106 -1.26 -10.94 8.86
CA VAL A 106 -0.11 -10.16 9.28
C VAL A 106 -0.51 -8.89 10.04
N LYS A 107 0.25 -8.59 11.10
CA LYS A 107 0.00 -7.41 11.93
C LYS A 107 1.07 -6.35 11.68
N ILE A 108 0.63 -5.14 11.38
CA ILE A 108 1.59 -4.09 11.07
C ILE A 108 1.32 -2.76 11.80
N ARG A 109 2.39 -2.01 12.05
CA ARG A 109 2.30 -0.75 12.78
C ARG A 109 2.38 0.43 11.80
N ALA A 110 1.53 1.41 12.05
CA ALA A 110 1.42 2.58 11.19
C ALA A 110 0.73 3.73 11.90
N LEU A 111 0.76 4.91 11.31
CA LEU A 111 0.06 6.06 11.85
C LEU A 111 -0.96 6.50 10.82
N ASP A 112 -2.06 7.05 11.25
CA ASP A 112 -3.12 7.40 10.30
C ASP A 112 -2.86 8.75 9.61
N ARG A 113 -3.63 9.02 8.57
CA ARG A 113 -3.50 10.26 7.79
C ARG A 113 -3.52 11.47 8.72
N ASP A 114 -4.07 11.30 9.91
CA ASP A 114 -4.15 12.38 10.89
C ASP A 114 -2.83 12.58 11.62
N GLY A 115 -2.02 11.53 11.70
CA GLY A 115 -0.73 11.66 12.39
C GLY A 115 -0.71 11.00 13.76
N LYS A 116 -1.36 9.84 13.89
CA LYS A 116 -1.38 9.11 15.16
C LYS A 116 -0.97 7.65 14.93
N PRO A 117 0.29 7.28 15.29
CA PRO A 117 0.79 5.90 15.04
C PRO A 117 0.21 4.79 15.93
N PHE A 118 -0.52 3.90 15.29
CA PHE A 118 -1.17 2.78 15.96
C PHE A 118 -0.80 1.46 15.30
N GLU A 119 -0.99 0.36 16.01
CA GLU A 119 -0.66 -0.95 15.48
C GLU A 119 -1.95 -1.70 15.16
N LEU A 120 -2.03 -2.27 13.97
CA LEU A 120 -3.23 -2.99 13.56
C LEU A 120 -2.90 -4.36 12.97
N GLU A 121 -3.74 -5.32 13.30
CA GLU A 121 -3.57 -6.68 12.81
C GLU A 121 -4.45 -6.91 11.60
N ALA A 122 -3.84 -7.35 10.50
CA ALA A 122 -4.58 -7.59 9.27
C ALA A 122 -4.59 -9.06 8.90
N ASP A 123 -5.75 -9.57 8.51
CA ASP A 123 -5.92 -10.97 8.10
C ASP A 123 -6.58 -10.98 6.72
N GLY A 124 -6.51 -12.08 5.94
CA GLY A 124 -7.19 -12.08 4.65
C GLY A 124 -6.89 -10.90 3.76
N LEU A 125 -7.93 -10.39 3.12
CA LEU A 125 -7.81 -9.26 2.21
C LEU A 125 -7.13 -8.09 2.88
N LEU A 126 -7.34 -7.93 4.19
CA LEU A 126 -6.71 -6.84 4.92
C LEU A 126 -5.22 -7.10 5.05
N ALA A 127 -4.91 -8.29 5.53
CA ALA A 127 -3.54 -8.73 5.73
C ALA A 127 -2.76 -8.71 4.43
N ILE A 128 -3.39 -9.17 3.36
CA ILE A 128 -2.74 -9.24 2.06
C ILE A 128 -2.44 -7.86 1.48
N CYS A 129 -3.45 -7.02 1.36
CA CYS A 129 -3.26 -5.69 0.79
C CYS A 129 -2.23 -4.87 1.56
N ILE A 130 -2.38 -4.80 2.87
CA ILE A 130 -1.48 -4.04 3.71
C ILE A 130 -0.04 -4.55 3.57
N GLN A 131 0.14 -5.87 3.58
CA GLN A 131 1.48 -6.45 3.43
C GLN A 131 2.00 -6.21 2.01
N HIS A 132 1.11 -6.33 1.01
CA HIS A 132 1.49 -6.10 -0.39
C HIS A 132 2.01 -4.69 -0.56
N GLU A 133 1.27 -3.74 0.00
CA GLU A 133 1.64 -2.33 -0.09
C GLU A 133 3.00 -2.10 0.54
N MET A 134 3.29 -2.76 1.66
CA MET A 134 4.59 -2.61 2.32
C MET A 134 5.69 -3.01 1.35
N ASP A 135 5.49 -4.16 0.71
CA ASP A 135 6.45 -4.66 -0.27
C ASP A 135 6.54 -3.71 -1.45
N HIS A 136 5.40 -3.28 -1.96
CA HIS A 136 5.35 -2.39 -3.11
C HIS A 136 6.08 -1.09 -2.83
N LEU A 137 5.71 -0.43 -1.74
CA LEU A 137 6.32 0.85 -1.38
C LEU A 137 7.84 0.72 -1.22
N VAL A 138 8.32 -0.44 -0.77
CA VAL A 138 9.77 -0.69 -0.65
C VAL A 138 10.31 -1.20 -2.01
N GLY A 139 9.58 -0.86 -3.04
CA GLY A 139 9.91 -1.17 -4.41
C GLY A 139 10.17 -2.61 -4.61
N LYS A 140 9.43 -3.43 -3.89
CA LYS A 140 9.60 -4.84 -4.03
C LYS A 140 8.25 -5.53 -4.17
N LEU A 141 7.89 -5.98 -5.36
CA LEU A 141 6.62 -6.65 -5.56
C LEU A 141 6.87 -8.05 -6.14
N PHE A 142 5.98 -8.99 -5.85
CA PHE A 142 6.14 -10.36 -6.34
C PHE A 142 6.04 -10.43 -7.87
N MET A 143 5.33 -9.49 -8.47
CA MET A 143 5.18 -9.44 -9.93
C MET A 143 6.55 -9.31 -10.59
N ASP A 144 7.48 -8.77 -9.83
CA ASP A 144 8.85 -8.56 -10.27
C ASP A 144 9.50 -9.83 -10.80
N TYR A 145 9.03 -10.98 -10.33
CA TYR A 145 9.60 -12.26 -10.72
C TYR A 145 8.55 -13.18 -11.35
N LEU A 146 7.63 -12.60 -12.11
CA LEU A 146 6.57 -13.38 -12.77
C LEU A 146 7.05 -13.92 -14.11
N SER A 147 6.59 -15.13 -14.45
CA SER A 147 6.96 -15.76 -15.71
C SER A 147 6.16 -17.04 -15.94
ZN ZN B . 0.65 -3.16 -6.33
C5 BB2 C . -2.42 -4.11 -6.03
C3 BB2 C . -1.52 -2.87 -6.01
O4 BB2 C . -1.37 -2.19 -7.03
N1 BB2 C . -0.91 -2.59 -4.87
O2 BB2 C . -0.05 -1.51 -4.84
C6 BB2 C . -3.71 -4.00 -5.18
C12 BB2 C . -4.86 -3.36 -5.95
O13 BB2 C . -5.74 -2.73 -5.34
C7 BB2 C . -3.54 -3.25 -3.85
C8 BB2 C . -4.13 -4.03 -2.68
C9 BB2 C . -4.69 -3.11 -1.62
C10 BB2 C . -3.58 -2.38 -0.87
C11 BB2 C . -4.09 -1.68 0.37
N14 BB2 C . -5.09 -3.90 -7.13
C15 BB2 C . -6.14 -3.37 -7.98
C16 BB2 C . -5.61 -2.24 -8.88
C18 BB2 C . -6.75 -1.55 -9.62
C17 BB2 C . -4.84 -1.24 -8.05
C19 BB2 C . -6.76 -4.47 -8.86
O20 BB2 C . -6.16 -4.78 -9.88
N21 BB2 C . -7.50 -5.42 -8.22
C22 BB2 C . -7.45 -5.59 -6.75
C23 BB2 C . -8.88 -5.67 -8.66
C24 BB2 C . -9.41 -6.61 -7.63
C25 BB2 C . -8.84 -6.10 -6.36
C26 BB2 C . -6.38 -6.66 -6.53
O27 BB2 C . -6.67 -7.83 -7.30
H51 BB2 C . -2.69 -4.28 -7.06
H52 BB2 C . -1.83 -4.95 -5.71
HN1 BB2 C . -1.06 -3.16 -4.08
HO2 BB2 C . 0.16 -1.23 -5.73
H6 BB2 C . -4.01 -5.01 -4.96
H71 BB2 C . -4.04 -2.30 -3.90
H72 BB2 C . -2.49 -3.10 -3.66
H81 BB2 C . -3.36 -4.65 -2.25
H82 BB2 C . -4.93 -4.65 -3.04
H91 BB2 C . -5.27 -3.68 -0.92
H92 BB2 C . -5.32 -2.38 -2.09
H101 BB2 C . -3.14 -1.65 -1.52
H102 BB2 C . -2.83 -3.11 -0.56
H111 BB2 C . -3.27 -1.18 0.86
H112 BB2 C . -4.51 -2.41 1.05
H113 BB2 C . -4.84 -0.96 0.10
H14 BB2 C . -4.42 -4.48 -7.52
H15 BB2 C . -6.90 -2.96 -7.34
H16 BB2 C . -4.93 -2.67 -9.61
H181 BB2 C . -6.63 -0.47 -9.56
H182 BB2 C . -7.69 -1.84 -9.19
H183 BB2 C . -6.73 -1.84 -10.67
H171 BB2 C . -3.78 -1.38 -8.21
H172 BB2 C . -5.06 -1.36 -7.01
H173 BB2 C . -5.11 -0.24 -8.36
H22 BB2 C . -7.19 -4.68 -6.24
H231 BB2 C . -9.44 -4.74 -8.65
H232 BB2 C . -8.91 -6.13 -9.64
H241 BB2 C . -10.48 -6.57 -7.60
H242 BB2 C . -9.06 -7.62 -7.80
H251 BB2 C . -9.43 -5.29 -5.97
H252 BB2 C . -8.75 -6.88 -5.62
H261 BB2 C . -5.43 -6.27 -6.83
H262 BB2 C . -6.35 -6.93 -5.48
H27 BB2 C . -6.19 -8.57 -6.94
N SER A 1 -7.67 15.88 -7.78
CA SER A 1 -7.84 14.88 -6.69
C SER A 1 -6.83 13.75 -6.82
N VAL A 2 -6.71 13.21 -8.02
CA VAL A 2 -5.77 12.12 -8.28
C VAL A 2 -4.37 12.65 -8.55
N LEU A 3 -3.38 12.13 -7.82
CA LEU A 3 -2.01 12.57 -7.99
C LEU A 3 -1.37 11.92 -9.22
N GLN A 4 -0.08 12.14 -9.41
CA GLN A 4 0.63 11.56 -10.55
C GLN A 4 1.05 10.12 -10.26
N VAL A 5 0.36 9.18 -10.89
CA VAL A 5 0.63 7.76 -10.67
C VAL A 5 1.73 7.24 -11.60
N LEU A 6 2.72 6.60 -10.99
CA LEU A 6 3.83 6.01 -11.72
C LEU A 6 3.49 4.61 -12.19
N HIS A 7 3.89 4.28 -13.41
CA HIS A 7 3.59 2.96 -13.98
C HIS A 7 4.85 2.14 -14.19
N ILE A 8 4.71 0.83 -14.03
CA ILE A 8 5.81 -0.10 -14.22
C ILE A 8 6.39 0.04 -15.64
N PRO A 9 7.72 -0.19 -15.81
CA PRO A 9 8.65 -0.57 -14.76
C PRO A 9 9.36 0.62 -14.13
N ASP A 10 8.58 1.61 -13.72
CA ASP A 10 9.13 2.81 -13.10
C ASP A 10 10.02 2.46 -11.90
N GLU A 11 11.17 3.11 -11.80
CA GLU A 11 12.10 2.87 -10.70
C GLU A 11 11.45 3.16 -9.36
N ARG A 12 10.76 4.28 -9.27
CA ARG A 12 10.08 4.69 -8.05
C ARG A 12 9.11 3.64 -7.53
N LEU A 13 8.56 2.77 -8.39
CA LEU A 13 7.67 1.72 -7.92
C LEU A 13 8.49 0.64 -7.25
N ARG A 14 9.68 0.46 -7.79
CA ARG A 14 10.62 -0.50 -7.27
C ARG A 14 11.61 0.20 -6.34
N LYS A 15 11.28 1.44 -5.96
CA LYS A 15 12.12 2.22 -5.07
C LYS A 15 11.78 1.90 -3.62
N VAL A 16 12.79 1.91 -2.76
CA VAL A 16 12.58 1.62 -1.34
C VAL A 16 12.07 2.88 -0.64
N ALA A 17 10.88 2.79 -0.08
CA ALA A 17 10.28 3.91 0.61
C ALA A 17 10.88 4.07 1.99
N LYS A 18 10.91 5.31 2.49
CA LYS A 18 11.43 5.58 3.81
C LYS A 18 10.32 6.09 4.73
N PRO A 19 10.21 5.54 5.96
CA PRO A 19 9.17 5.96 6.91
C PRO A 19 9.55 7.28 7.60
N VAL A 20 8.77 8.32 7.36
CA VAL A 20 9.07 9.65 7.88
C VAL A 20 8.96 9.73 9.39
N GLU A 21 9.86 10.53 9.94
CA GLU A 21 9.96 10.77 11.35
C GLU A 21 8.70 11.41 11.91
N GLU A 22 7.97 12.17 11.08
CA GLU A 22 6.76 12.84 11.55
C GLU A 22 5.82 13.16 10.40
N VAL A 23 4.51 13.09 10.68
CA VAL A 23 3.51 13.34 9.64
C VAL A 23 3.30 14.83 9.37
N ASN A 24 3.82 15.29 8.23
CA ASN A 24 3.72 16.69 7.85
C ASN A 24 2.49 16.96 6.97
N ALA A 25 1.99 18.20 7.01
CA ALA A 25 0.84 18.60 6.21
C ALA A 25 1.08 18.30 4.73
N GLU A 26 2.35 18.23 4.36
CA GLU A 26 2.73 17.89 2.99
C GLU A 26 2.51 16.40 2.81
N ILE A 27 2.89 15.67 3.85
CA ILE A 27 2.75 14.24 3.91
C ILE A 27 1.26 13.85 3.99
N GLN A 28 0.46 14.68 4.65
CA GLN A 28 -0.96 14.42 4.78
C GLN A 28 -1.66 14.60 3.44
N ARG A 29 -1.27 15.62 2.68
CA ARG A 29 -1.86 15.85 1.37
C ARG A 29 -1.52 14.67 0.47
N ILE A 30 -0.29 14.17 0.63
CA ILE A 30 0.20 13.05 -0.16
C ILE A 30 -0.72 11.83 -0.01
N VAL A 31 -1.05 11.47 1.22
CA VAL A 31 -1.95 10.33 1.47
C VAL A 31 -3.36 10.67 1.00
N ASP A 32 -3.78 11.90 1.25
CA ASP A 32 -5.08 12.36 0.86
C ASP A 32 -5.32 12.17 -0.63
N ASP A 33 -4.31 12.46 -1.42
CA ASP A 33 -4.36 12.27 -2.84
C ASP A 33 -4.20 10.79 -3.17
N MET A 34 -3.45 10.07 -2.32
CA MET A 34 -3.18 8.66 -2.55
C MET A 34 -4.48 7.88 -2.57
N PHE A 35 -5.37 8.13 -1.62
CA PHE A 35 -6.66 7.47 -1.61
C PHE A 35 -7.47 8.02 -2.77
N GLU A 36 -7.44 9.34 -2.93
CA GLU A 36 -8.18 9.99 -4.00
C GLU A 36 -7.80 9.33 -5.33
N THR A 37 -6.51 9.03 -5.45
CA THR A 37 -6.07 8.37 -6.67
C THR A 37 -6.60 6.94 -6.65
N MET A 38 -6.14 6.17 -5.65
CA MET A 38 -6.37 4.76 -5.56
C MET A 38 -7.78 4.45 -5.82
N TYR A 39 -8.63 5.26 -5.29
CA TYR A 39 -10.07 5.09 -5.54
C TYR A 39 -10.40 5.42 -6.97
N ALA A 40 -9.81 6.49 -7.46
CA ALA A 40 -10.01 6.93 -8.82
C ALA A 40 -9.53 5.85 -9.77
N GLU A 41 -8.64 5.03 -9.25
CA GLU A 41 -8.11 3.90 -10.01
C GLU A 41 -9.00 2.70 -9.75
N GLU A 42 -9.87 2.85 -8.74
CA GLU A 42 -10.75 1.81 -8.30
C GLU A 42 -9.93 0.65 -7.73
N GLY A 43 -8.77 1.02 -7.21
CA GLY A 43 -7.84 0.10 -6.59
C GLY A 43 -8.21 -0.13 -5.12
N ILE A 44 -8.03 -1.37 -4.64
CA ILE A 44 -8.37 -1.69 -3.27
C ILE A 44 -7.30 -1.23 -2.27
N GLY A 45 -6.23 -0.65 -2.80
CA GLY A 45 -5.14 -0.17 -1.98
C GLY A 45 -4.01 0.42 -2.82
N LEU A 46 -3.46 1.57 -2.42
CA LEU A 46 -2.37 2.17 -3.20
C LEU A 46 -1.14 2.42 -2.33
N ALA A 47 0.04 2.05 -2.83
CA ALA A 47 1.28 2.25 -2.10
C ALA A 47 2.05 3.48 -2.59
N ALA A 48 2.49 4.32 -1.65
CA ALA A 48 3.23 5.55 -1.92
C ALA A 48 4.04 5.58 -3.22
N THR A 49 4.93 4.62 -3.39
CA THR A 49 5.79 4.55 -4.55
C THR A 49 5.00 4.60 -5.83
N GLN A 50 3.85 3.98 -5.79
CA GLN A 50 2.97 3.94 -6.94
C GLN A 50 2.48 5.33 -7.29
N VAL A 51 2.15 6.11 -6.27
CA VAL A 51 1.67 7.46 -6.50
C VAL A 51 2.81 8.47 -6.62
N ASP A 52 4.02 7.96 -6.89
CA ASP A 52 5.19 8.80 -7.12
C ASP A 52 5.82 9.35 -5.84
N ILE A 53 5.69 8.65 -4.71
CA ILE A 53 6.33 9.15 -3.50
C ILE A 53 7.28 8.12 -2.89
N HIS A 54 8.58 8.43 -2.97
CA HIS A 54 9.60 7.54 -2.43
C HIS A 54 9.65 7.69 -0.91
N GLN A 55 8.47 7.56 -0.32
CA GLN A 55 8.27 7.64 1.13
C GLN A 55 7.25 6.58 1.51
N ARG A 56 7.56 5.76 2.53
CA ARG A 56 6.67 4.66 2.97
C ARG A 56 5.28 5.12 3.44
N ILE A 57 4.49 5.59 2.51
CA ILE A 57 3.15 6.06 2.77
C ILE A 57 2.16 5.10 2.11
N ILE A 58 1.24 4.52 2.87
CA ILE A 58 0.31 3.55 2.27
C ILE A 58 -1.15 3.86 2.57
N VAL A 59 -1.99 3.61 1.58
CA VAL A 59 -3.42 3.84 1.70
C VAL A 59 -4.16 2.55 1.30
N ILE A 60 -5.14 2.15 2.08
CA ILE A 60 -5.88 0.93 1.82
C ILE A 60 -7.33 1.21 1.48
N ASP A 61 -7.90 0.31 0.68
CA ASP A 61 -9.27 0.44 0.21
C ASP A 61 -10.06 -0.85 0.46
N VAL A 62 -9.61 -1.62 1.46
CA VAL A 62 -10.28 -2.86 1.82
C VAL A 62 -11.52 -2.54 2.66
N SER A 63 -12.04 -3.52 3.39
CA SER A 63 -13.19 -3.32 4.27
C SER A 63 -12.74 -3.02 5.70
N GLU A 64 -12.46 -1.76 6.02
CA GLU A 64 -12.04 -1.41 7.38
C GLU A 64 -13.18 -1.75 8.34
N ASN A 65 -14.36 -1.31 7.96
CA ASN A 65 -15.58 -1.56 8.71
C ASN A 65 -16.79 -1.23 7.80
N ARG A 66 -17.59 -0.26 8.24
CA ARG A 66 -18.76 0.13 7.48
C ARG A 66 -18.30 0.81 6.20
N ASP A 67 -17.36 1.72 6.33
CA ASP A 67 -16.80 2.41 5.16
C ASP A 67 -15.41 1.86 4.80
N GLU A 68 -15.28 1.39 3.55
CA GLU A 68 -14.02 0.83 3.05
C GLU A 68 -13.04 1.94 2.69
N ARG A 69 -12.32 2.44 3.69
CA ARG A 69 -11.37 3.51 3.47
C ARG A 69 -10.27 3.48 4.52
N LEU A 70 -9.11 2.94 4.14
CA LEU A 70 -7.98 2.82 5.07
C LEU A 70 -6.81 3.72 4.67
N VAL A 71 -6.20 4.34 5.68
CA VAL A 71 -5.05 5.21 5.50
C VAL A 71 -3.98 4.85 6.54
N LEU A 72 -2.74 4.67 6.11
CA LEU A 72 -1.65 4.38 7.04
C LEU A 72 -0.36 5.08 6.60
N ILE A 73 0.42 5.56 7.56
CA ILE A 73 1.66 6.23 7.24
C ILE A 73 2.86 5.50 7.88
N ASN A 74 3.92 5.30 7.11
CA ASN A 74 5.13 4.63 7.61
C ASN A 74 4.86 3.25 8.25
N PRO A 75 3.87 2.46 7.75
CA PRO A 75 3.56 1.12 8.31
C PRO A 75 4.77 0.19 8.37
N GLU A 76 4.81 -0.67 9.39
CA GLU A 76 5.91 -1.63 9.54
C GLU A 76 5.35 -3.00 9.91
N LEU A 77 6.02 -4.06 9.50
CA LEU A 77 5.55 -5.41 9.78
C LEU A 77 5.89 -5.85 11.20
N LEU A 78 4.92 -6.51 11.83
CA LEU A 78 5.07 -7.00 13.19
C LEU A 78 5.05 -8.53 13.21
N GLU A 79 4.09 -9.12 12.48
CA GLU A 79 3.97 -10.57 12.43
C GLU A 79 3.22 -11.02 11.18
N LYS A 80 3.61 -12.19 10.66
CA LYS A 80 2.99 -12.78 9.48
C LYS A 80 2.93 -14.29 9.63
N SER A 81 1.90 -14.90 9.07
CA SER A 81 1.72 -16.35 9.15
C SER A 81 0.78 -16.87 8.07
N GLY A 82 0.99 -18.12 7.64
CA GLY A 82 0.16 -18.69 6.60
C GLY A 82 0.60 -18.23 5.22
N GLU A 83 0.24 -18.97 4.18
CA GLU A 83 0.65 -18.57 2.83
C GLU A 83 -0.50 -18.64 1.82
N THR A 84 -0.88 -17.46 1.35
CA THR A 84 -1.91 -17.26 0.36
C THR A 84 -1.42 -16.88 -0.98
N GLY A 85 -2.32 -17.08 -1.93
CA GLY A 85 -2.05 -16.74 -3.31
C GLY A 85 -3.33 -16.29 -4.00
N ILE A 86 -3.39 -15.03 -4.41
CA ILE A 86 -4.59 -14.51 -5.07
C ILE A 86 -4.26 -13.47 -6.11
N GLU A 87 -4.95 -13.51 -7.23
CA GLU A 87 -4.64 -12.60 -8.33
C GLU A 87 -5.07 -11.18 -8.03
N GLU A 88 -4.18 -10.29 -8.42
CA GLU A 88 -4.35 -8.85 -8.22
C GLU A 88 -3.51 -8.06 -9.20
N GLY A 89 -3.85 -6.78 -9.37
CA GLY A 89 -3.09 -5.95 -10.29
C GLY A 89 -2.54 -4.77 -9.55
N CYS A 90 -1.54 -4.12 -10.13
CA CYS A 90 -0.92 -2.99 -9.46
C CYS A 90 -1.15 -1.71 -10.22
N LEU A 91 -1.40 -0.66 -9.47
CA LEU A 91 -1.64 0.67 -10.03
C LEU A 91 -0.59 1.04 -11.08
N SER A 92 0.57 0.39 -10.99
CA SER A 92 1.66 0.63 -11.92
C SER A 92 1.48 -0.19 -13.20
N ILE A 93 0.93 -1.39 -13.04
CA ILE A 93 0.70 -2.29 -14.15
C ILE A 93 -0.65 -1.94 -14.80
N PRO A 94 -0.80 -2.16 -16.12
CA PRO A 94 -2.05 -1.84 -16.83
C PRO A 94 -3.20 -2.80 -16.54
N GLU A 95 -3.46 -3.04 -15.25
CA GLU A 95 -4.56 -3.92 -14.82
C GLU A 95 -4.22 -5.40 -15.01
N GLN A 96 -2.94 -5.69 -15.23
CA GLN A 96 -2.52 -7.06 -15.40
C GLN A 96 -2.42 -7.74 -14.05
N ARG A 97 -3.53 -8.32 -13.60
CA ARG A 97 -3.56 -8.97 -12.29
C ARG A 97 -3.07 -10.41 -12.37
N ALA A 98 -2.18 -10.75 -11.43
CA ALA A 98 -1.58 -12.08 -11.34
C ALA A 98 -1.59 -12.54 -9.87
N LEU A 99 -1.56 -13.84 -9.64
CA LEU A 99 -1.61 -14.36 -8.29
C LEU A 99 -0.28 -14.20 -7.57
N VAL A 100 -0.29 -13.39 -6.53
CA VAL A 100 0.92 -13.13 -5.71
C VAL A 100 0.84 -13.82 -4.35
N PRO A 101 1.92 -14.54 -3.94
CA PRO A 101 1.97 -15.23 -2.65
C PRO A 101 2.36 -14.30 -1.50
N ARG A 102 1.53 -14.31 -0.45
CA ARG A 102 1.75 -13.50 0.74
C ARG A 102 1.27 -14.28 1.96
N ALA A 103 1.61 -13.84 3.16
CA ALA A 103 1.20 -14.55 4.37
C ALA A 103 -0.32 -14.44 4.55
N GLU A 104 -0.90 -15.40 5.27
CA GLU A 104 -2.35 -15.46 5.44
C GLU A 104 -2.83 -14.37 6.40
N LYS A 105 -2.08 -14.16 7.48
CA LYS A 105 -2.41 -13.11 8.42
C LYS A 105 -1.14 -12.42 8.88
N VAL A 106 -1.24 -11.11 9.00
CA VAL A 106 -0.11 -10.28 9.41
C VAL A 106 -0.54 -9.08 10.24
N LYS A 107 0.24 -8.77 11.28
CA LYS A 107 -0.08 -7.62 12.13
C LYS A 107 0.93 -6.52 11.82
N ILE A 108 0.43 -5.33 11.52
CA ILE A 108 1.31 -4.22 11.14
C ILE A 108 0.98 -2.90 11.83
N ARG A 109 2.04 -2.12 12.08
CA ARG A 109 1.92 -0.84 12.77
C ARG A 109 2.03 0.31 11.77
N ALA A 110 1.19 1.32 11.97
CA ALA A 110 1.12 2.46 11.08
C ALA A 110 0.45 3.64 11.75
N LEU A 111 0.52 4.80 11.11
CA LEU A 111 -0.14 5.98 11.63
C LEU A 111 -1.20 6.42 10.65
N ASP A 112 -2.23 7.07 11.16
CA ASP A 112 -3.34 7.47 10.30
C ASP A 112 -3.08 8.80 9.62
N ARG A 113 -3.87 9.09 8.59
CA ARG A 113 -3.74 10.33 7.84
C ARG A 113 -3.77 11.54 8.77
N ASP A 114 -4.30 11.34 9.97
CA ASP A 114 -4.40 12.41 10.95
C ASP A 114 -3.07 12.64 11.67
N GLY A 115 -2.23 11.61 11.74
CA GLY A 115 -0.94 11.76 12.40
C GLY A 115 -0.87 11.06 13.75
N LYS A 116 -1.52 9.90 13.87
CA LYS A 116 -1.49 9.15 15.12
C LYS A 116 -1.10 7.69 14.87
N PRO A 117 0.17 7.31 15.17
CA PRO A 117 0.65 5.94 14.90
C PRO A 117 0.10 4.85 15.83
N PHE A 118 -0.64 3.93 15.23
CA PHE A 118 -1.27 2.83 15.95
C PHE A 118 -0.90 1.50 15.32
N GLU A 119 -1.15 0.42 16.03
CA GLU A 119 -0.84 -0.90 15.51
C GLU A 119 -2.12 -1.63 15.13
N LEU A 120 -2.14 -2.18 13.92
CA LEU A 120 -3.31 -2.87 13.43
C LEU A 120 -2.98 -4.29 12.99
N GLU A 121 -3.77 -5.24 13.46
CA GLU A 121 -3.60 -6.63 13.10
C GLU A 121 -4.43 -6.94 11.87
N ALA A 122 -3.79 -7.43 10.82
CA ALA A 122 -4.51 -7.71 9.58
C ALA A 122 -4.50 -9.20 9.23
N ASP A 123 -5.66 -9.71 8.83
CA ASP A 123 -5.80 -11.11 8.41
C ASP A 123 -6.46 -11.13 7.02
N GLY A 124 -6.37 -12.23 6.26
CA GLY A 124 -7.04 -12.24 4.97
C GLY A 124 -6.74 -11.08 4.07
N LEU A 125 -7.78 -10.58 3.42
CA LEU A 125 -7.68 -9.47 2.49
C LEU A 125 -6.99 -8.27 3.12
N LEU A 126 -7.19 -8.08 4.43
CA LEU A 126 -6.56 -6.96 5.10
C LEU A 126 -5.06 -7.19 5.21
N ALA A 127 -4.73 -8.35 5.74
CA ALA A 127 -3.34 -8.76 5.92
C ALA A 127 -2.59 -8.81 4.60
N ILE A 128 -3.26 -9.32 3.57
CA ILE A 128 -2.63 -9.44 2.26
C ILE A 128 -2.33 -8.07 1.65
N CYS A 129 -3.34 -7.22 1.56
CA CYS A 129 -3.16 -5.89 0.97
C CYS A 129 -2.15 -5.06 1.75
N ILE A 130 -2.30 -5.00 3.07
CA ILE A 130 -1.40 -4.23 3.91
C ILE A 130 0.04 -4.73 3.75
N GLN A 131 0.23 -6.05 3.75
CA GLN A 131 1.56 -6.63 3.58
C GLN A 131 2.07 -6.38 2.16
N HIS A 132 1.16 -6.48 1.19
CA HIS A 132 1.51 -6.24 -0.21
C HIS A 132 2.04 -4.82 -0.38
N GLU A 133 1.32 -3.87 0.22
CA GLU A 133 1.71 -2.46 0.14
C GLU A 133 3.08 -2.24 0.74
N MET A 134 3.38 -2.91 1.85
CA MET A 134 4.70 -2.76 2.48
C MET A 134 5.78 -3.16 1.49
N ASP A 135 5.59 -4.30 0.86
CA ASP A 135 6.51 -4.80 -0.14
C ASP A 135 6.58 -3.83 -1.32
N HIS A 136 5.42 -3.40 -1.79
CA HIS A 136 5.35 -2.51 -2.93
C HIS A 136 6.08 -1.21 -2.68
N LEU A 137 5.73 -0.56 -1.57
CA LEU A 137 6.35 0.72 -1.23
C LEU A 137 7.87 0.60 -1.10
N VAL A 138 8.35 -0.58 -0.68
CA VAL A 138 9.81 -0.82 -0.59
C VAL A 138 10.32 -1.29 -1.97
N GLY A 139 9.55 -0.94 -2.99
CA GLY A 139 9.86 -1.23 -4.35
C GLY A 139 10.11 -2.66 -4.60
N LYS A 140 9.32 -3.50 -3.96
CA LYS A 140 9.48 -4.90 -4.14
C LYS A 140 8.13 -5.59 -4.27
N LEU A 141 7.76 -6.06 -5.46
CA LEU A 141 6.50 -6.75 -5.65
C LEU A 141 6.75 -8.04 -6.42
N PHE A 142 6.02 -9.08 -6.10
CA PHE A 142 6.20 -10.37 -6.78
C PHE A 142 5.94 -10.27 -8.27
N MET A 143 4.91 -9.52 -8.65
CA MET A 143 4.55 -9.33 -10.05
C MET A 143 5.68 -8.67 -10.84
N ASP A 144 6.51 -7.90 -10.13
CA ASP A 144 7.62 -7.18 -10.74
C ASP A 144 8.51 -8.10 -11.56
N TYR A 145 8.51 -9.38 -11.20
CA TYR A 145 9.35 -10.36 -11.87
C TYR A 145 8.50 -11.52 -12.38
N LEU A 146 7.39 -11.20 -13.01
CA LEU A 146 6.53 -12.21 -13.59
C LEU A 146 6.87 -12.47 -15.05
N SER A 147 6.72 -13.71 -15.49
CA SER A 147 7.02 -14.07 -16.87
C SER A 147 8.49 -13.81 -17.20
ZN ZN B . 0.65 -3.25 -6.07
C5 BB2 C . -2.37 -4.16 -5.77
C3 BB2 C . -1.48 -2.93 -5.73
O4 BB2 C . -1.35 -2.22 -6.73
N1 BB2 C . -0.86 -2.68 -4.59
O2 BB2 C . 0.01 -1.60 -4.53
C6 BB2 C . -3.64 -4.07 -4.88
C12 BB2 C . -4.80 -3.44 -5.61
O13 BB2 C . -5.64 -2.77 -4.98
C7 BB2 C . -3.44 -3.37 -3.53
C8 BB2 C . -4.12 -4.10 -2.39
C9 BB2 C . -4.62 -3.16 -1.31
C10 BB2 C . -3.48 -2.55 -0.50
C11 BB2 C . -3.92 -2.10 0.87
N14 BB2 C . -5.09 -3.99 -6.77
C15 BB2 C . -6.16 -3.47 -7.59
C16 BB2 C . -5.66 -2.35 -8.52
C18 BB2 C . -6.81 -1.69 -9.26
C17 BB2 C . -4.87 -1.32 -7.74
C19 BB2 C . -6.81 -4.58 -8.42
O20 BB2 C . -6.25 -4.88 -9.49
N21 BB2 C . -7.47 -5.55 -7.75
C22 BB2 C . -7.39 -5.70 -6.29
C23 BB2 C . -8.84 -5.94 -8.20
C24 BB2 C . -9.41 -6.68 -7.02
C25 BB2 C . -8.82 -6.03 -5.85
C26 BB2 C . -6.46 -6.90 -6.09
O27 BB2 C . -6.93 -8.03 -6.80
H51 BB2 C . -2.66 -4.31 -6.80
H52 BB2 C . -1.77 -5.00 -5.48
HN1 BB2 C . -0.99 -3.26 -3.83
HO2 BB2 C . -0.28 -0.96 -3.89
H6 BB2 C . -3.92 -5.10 -4.67
H71 BB2 C . -3.86 -2.37 -3.59
H72 BB2 C . -2.39 -3.29 -3.31
H81 BB2 C . -3.41 -4.79 -1.96
H82 BB2 C . -4.96 -4.65 -2.78
H91 BB2 C . -5.28 -3.69 -0.65
H92 BB2 C . -5.18 -2.37 -1.78
H101 BB2 C . -3.11 -1.69 -1.03
H102 BB2 C . -2.70 -3.29 -0.40
H111 BB2 C . -3.26 -1.33 1.23
H112 BB2 C . -3.89 -2.95 1.55
H113 BB2 C . -4.92 -1.72 0.81
H14 BB2 C . -4.42 -4.57 -7.18
H15 BB2 C . -6.91 -3.05 -6.93
H16 BB2 C . -4.99 -2.79 -9.25
H181 BB2 C . -6.68 -0.61 -9.26
H182 BB2 C . -7.74 -1.94 -8.77
H183 BB2 C . -6.84 -2.05 -10.28
H171 BB2 C . -3.82 -1.45 -7.92
H172 BB2 C . -5.07 -1.44 -6.68
H173 BB2 C . -5.17 -0.34 -8.04
H22 BB2 C . -7.01 -4.82 -5.80
H231 BB2 C . -9.43 -5.05 -8.39
H232 BB2 C . -8.80 -6.57 -9.07
H241 BB2 C . -10.49 -6.59 -7.01
H242 BB2 C . -9.11 -7.72 -7.05
H251 BB2 C . -9.34 -5.12 -5.61
H252 BB2 C . -8.81 -6.68 -4.99
H261 BB2 C . -5.48 -6.64 -6.44
H262 BB2 C . -6.41 -7.15 -5.03
H27 BB2 C . -6.31 -8.75 -6.74
N SER A 1 -8.00 15.84 -7.91
CA SER A 1 -8.06 14.98 -6.71
C SER A 1 -6.97 13.91 -6.74
N VAL A 2 -6.83 13.27 -7.90
CA VAL A 2 -5.83 12.22 -8.07
C VAL A 2 -4.47 12.79 -8.41
N LEU A 3 -3.44 12.28 -7.75
CA LEU A 3 -2.08 12.73 -7.99
C LEU A 3 -1.51 12.10 -9.26
N GLN A 4 -0.19 12.21 -9.43
CA GLN A 4 0.46 11.63 -10.61
C GLN A 4 0.88 10.20 -10.33
N VAL A 5 0.20 9.24 -10.96
CA VAL A 5 0.49 7.83 -10.76
C VAL A 5 1.55 7.31 -11.72
N LEU A 6 2.55 6.64 -11.15
CA LEU A 6 3.66 6.07 -11.91
C LEU A 6 3.31 4.64 -12.33
N HIS A 7 3.73 4.25 -13.53
CA HIS A 7 3.43 2.91 -14.04
C HIS A 7 4.68 2.11 -14.38
N ILE A 8 4.60 0.81 -14.19
CA ILE A 8 5.69 -0.10 -14.50
C ILE A 8 5.97 -0.07 -16.01
N PRO A 9 7.27 -0.03 -16.43
CA PRO A 9 8.42 0.02 -15.53
C PRO A 9 8.67 1.42 -15.01
N ASP A 10 9.09 1.51 -13.77
CA ASP A 10 9.36 2.78 -13.12
C ASP A 10 10.19 2.55 -11.87
N GLU A 11 11.32 3.24 -11.77
CA GLU A 11 12.19 3.07 -10.62
C GLU A 11 11.46 3.39 -9.34
N ARG A 12 10.72 4.49 -9.33
CA ARG A 12 9.96 4.89 -8.15
C ARG A 12 8.99 3.83 -7.67
N LEU A 13 8.46 2.96 -8.54
CA LEU A 13 7.57 1.90 -8.09
C LEU A 13 8.40 0.82 -7.46
N ARG A 14 9.59 0.64 -8.01
CA ARG A 14 10.54 -0.32 -7.55
C ARG A 14 11.49 0.34 -6.56
N LYS A 15 11.12 1.55 -6.11
CA LYS A 15 11.94 2.29 -5.18
C LYS A 15 11.61 1.94 -3.74
N VAL A 16 12.62 1.95 -2.89
CA VAL A 16 12.41 1.65 -1.49
C VAL A 16 11.93 2.91 -0.80
N ALA A 17 10.76 2.83 -0.18
CA ALA A 17 10.18 3.98 0.50
C ALA A 17 10.78 4.12 1.88
N LYS A 18 10.93 5.35 2.34
CA LYS A 18 11.46 5.60 3.68
C LYS A 18 10.35 6.08 4.61
N PRO A 19 10.18 5.46 5.79
CA PRO A 19 9.15 5.89 6.74
C PRO A 19 9.59 7.12 7.51
N VAL A 20 8.91 8.25 7.28
CA VAL A 20 9.31 9.51 7.88
C VAL A 20 9.10 9.55 9.38
N GLU A 21 10.04 10.23 10.02
CA GLU A 21 10.04 10.40 11.45
C GLU A 21 8.80 11.12 11.96
N GLU A 22 8.16 11.91 11.10
CA GLU A 22 6.98 12.65 11.52
C GLU A 22 6.11 13.02 10.32
N VAL A 23 4.79 12.98 10.51
CA VAL A 23 3.86 13.28 9.43
C VAL A 23 3.65 14.77 9.20
N ASN A 24 4.20 15.27 8.11
CA ASN A 24 4.10 16.69 7.77
C ASN A 24 2.87 16.99 6.92
N ALA A 25 2.40 18.24 6.97
CA ALA A 25 1.23 18.66 6.19
C ALA A 25 1.45 18.36 4.71
N GLU A 26 2.72 18.32 4.32
CA GLU A 26 3.07 18.00 2.94
C GLU A 26 2.87 16.50 2.76
N ILE A 27 3.24 15.77 3.81
CA ILE A 27 3.07 14.31 3.86
C ILE A 27 1.59 13.95 3.87
N GLN A 28 0.78 14.77 4.53
CA GLN A 28 -0.65 14.53 4.61
C GLN A 28 -1.29 14.75 3.25
N ARG A 29 -0.83 15.78 2.52
CA ARG A 29 -1.37 16.05 1.20
C ARG A 29 -1.10 14.84 0.31
N ILE A 30 0.08 14.26 0.48
CA ILE A 30 0.49 13.09 -0.27
C ILE A 30 -0.48 11.93 -0.07
N VAL A 31 -0.82 11.65 1.19
CA VAL A 31 -1.73 10.55 1.51
C VAL A 31 -3.15 10.87 1.04
N ASP A 32 -3.57 12.11 1.24
CA ASP A 32 -4.89 12.55 0.86
C ASP A 32 -5.16 12.30 -0.62
N ASP A 33 -4.18 12.59 -1.44
CA ASP A 33 -4.26 12.34 -2.86
C ASP A 33 -4.09 10.86 -3.14
N MET A 34 -3.33 10.16 -2.28
CA MET A 34 -3.07 8.75 -2.48
C MET A 34 -4.37 7.96 -2.48
N PHE A 35 -5.24 8.22 -1.50
CA PHE A 35 -6.53 7.56 -1.46
C PHE A 35 -7.37 8.09 -2.61
N GLU A 36 -7.35 9.41 -2.79
CA GLU A 36 -8.11 10.05 -3.85
C GLU A 36 -7.78 9.38 -5.17
N THR A 37 -6.51 9.07 -5.33
CA THR A 37 -6.10 8.39 -6.54
C THR A 37 -6.64 6.97 -6.50
N MET A 38 -6.18 6.20 -5.50
CA MET A 38 -6.44 4.78 -5.39
C MET A 38 -7.85 4.50 -5.63
N TYR A 39 -8.69 5.32 -5.11
CA TYR A 39 -10.13 5.14 -5.33
C TYR A 39 -10.50 5.47 -6.76
N ALA A 40 -9.93 6.54 -7.28
CA ALA A 40 -10.18 6.96 -8.63
C ALA A 40 -9.72 5.87 -9.59
N GLU A 41 -8.78 5.07 -9.09
CA GLU A 41 -8.27 3.93 -9.84
C GLU A 41 -9.14 2.73 -9.54
N GLU A 42 -9.99 2.89 -8.53
CA GLU A 42 -10.85 1.84 -8.04
C GLU A 42 -10.00 0.70 -7.47
N GLY A 43 -8.80 1.09 -7.04
CA GLY A 43 -7.87 0.18 -6.42
C GLY A 43 -8.25 -0.09 -4.97
N ILE A 44 -8.07 -1.32 -4.50
CA ILE A 44 -8.44 -1.68 -3.14
C ILE A 44 -7.39 -1.22 -2.12
N GLY A 45 -6.32 -0.63 -2.62
CA GLY A 45 -5.23 -0.16 -1.79
C GLY A 45 -4.09 0.43 -2.61
N LEU A 46 -3.54 1.60 -2.24
CA LEU A 46 -2.47 2.19 -3.03
C LEU A 46 -1.22 2.46 -2.19
N ALA A 47 -0.04 2.11 -2.73
CA ALA A 47 1.22 2.33 -2.04
C ALA A 47 1.93 3.58 -2.59
N ALA A 48 2.36 4.45 -1.67
CA ALA A 48 3.05 5.71 -1.98
C ALA A 48 3.86 5.72 -3.28
N THR A 49 4.77 4.77 -3.42
CA THR A 49 5.63 4.70 -4.58
C THR A 49 4.85 4.71 -5.88
N GLN A 50 3.71 4.10 -5.84
CA GLN A 50 2.84 4.02 -7.01
C GLN A 50 2.35 5.40 -7.37
N VAL A 51 1.98 6.18 -6.36
CA VAL A 51 1.51 7.53 -6.60
C VAL A 51 2.64 8.53 -6.78
N ASP A 52 3.85 8.00 -7.00
CA ASP A 52 5.04 8.80 -7.28
C ASP A 52 5.66 9.44 -6.03
N ILE A 53 5.53 8.78 -4.87
CA ILE A 53 6.15 9.34 -3.68
C ILE A 53 7.10 8.33 -3.02
N HIS A 54 8.39 8.64 -3.09
CA HIS A 54 9.42 7.78 -2.53
C HIS A 54 9.47 7.93 -1.01
N GLN A 55 8.35 7.58 -0.38
CA GLN A 55 8.18 7.63 1.07
C GLN A 55 7.16 6.57 1.46
N ARG A 56 7.45 5.79 2.51
CA ARG A 56 6.55 4.70 2.95
C ARG A 56 5.18 5.16 3.44
N ILE A 57 4.37 5.64 2.52
CA ILE A 57 3.03 6.10 2.79
C ILE A 57 2.06 5.13 2.13
N ILE A 58 1.15 4.53 2.88
CA ILE A 58 0.23 3.56 2.28
C ILE A 58 -1.24 3.80 2.64
N VAL A 59 -2.10 3.47 1.70
CA VAL A 59 -3.53 3.64 1.85
C VAL A 59 -4.24 2.33 1.54
N ILE A 60 -5.25 1.99 2.32
CA ILE A 60 -5.99 0.77 2.11
C ILE A 60 -7.42 1.09 1.71
N ASP A 61 -7.99 0.18 0.93
CA ASP A 61 -9.34 0.34 0.41
C ASP A 61 -10.10 -0.99 0.48
N VAL A 62 -9.73 -1.82 1.44
CA VAL A 62 -10.37 -3.11 1.64
C VAL A 62 -11.51 -3.00 2.65
N SER A 63 -12.74 -3.04 2.16
CA SER A 63 -13.96 -2.90 2.97
C SER A 63 -13.88 -3.58 4.34
N GLU A 64 -13.25 -2.89 5.29
CA GLU A 64 -13.12 -3.37 6.66
C GLU A 64 -14.48 -3.37 7.36
N ASN A 65 -15.44 -2.69 6.76
CA ASN A 65 -16.80 -2.61 7.27
C ASN A 65 -17.72 -2.06 6.17
N ARG A 66 -18.66 -1.21 6.54
CA ARG A 66 -19.60 -0.65 5.58
C ARG A 66 -18.92 0.39 4.71
N ASP A 67 -18.28 1.34 5.34
CA ASP A 67 -17.56 2.39 4.62
C ASP A 67 -16.07 2.08 4.46
N GLU A 68 -15.60 2.13 3.21
CA GLU A 68 -14.18 1.88 2.92
C GLU A 68 -13.38 3.17 3.00
N ARG A 69 -12.23 3.13 3.70
CA ARG A 69 -11.38 4.32 3.85
C ARG A 69 -10.22 4.07 4.81
N LEU A 70 -9.23 3.29 4.39
CA LEU A 70 -8.08 3.00 5.24
C LEU A 70 -6.85 3.81 4.83
N VAL A 71 -6.20 4.42 5.82
CA VAL A 71 -4.99 5.21 5.58
C VAL A 71 -3.91 4.84 6.61
N LEU A 72 -2.69 4.64 6.15
CA LEU A 72 -1.58 4.31 7.05
C LEU A 72 -0.29 5.01 6.60
N ILE A 73 0.50 5.50 7.55
CA ILE A 73 1.74 6.17 7.23
C ILE A 73 2.93 5.45 7.86
N ASN A 74 3.98 5.25 7.06
CA ASN A 74 5.21 4.60 7.51
C ASN A 74 4.97 3.25 8.23
N PRO A 75 3.99 2.42 7.78
CA PRO A 75 3.70 1.11 8.40
C PRO A 75 4.92 0.18 8.47
N GLU A 76 4.97 -0.68 9.48
CA GLU A 76 6.07 -1.62 9.63
C GLU A 76 5.51 -2.99 10.00
N LEU A 77 6.13 -4.07 9.54
CA LEU A 77 5.65 -5.42 9.82
C LEU A 77 6.05 -5.89 11.21
N LEU A 78 5.09 -6.54 11.88
CA LEU A 78 5.31 -7.06 13.21
C LEU A 78 5.30 -8.58 13.20
N GLU A 79 4.34 -9.18 12.49
CA GLU A 79 4.23 -10.63 12.41
C GLU A 79 3.45 -11.08 11.17
N LYS A 80 3.84 -12.23 10.65
CA LYS A 80 3.18 -12.81 9.48
C LYS A 80 3.10 -14.33 9.63
N SER A 81 2.04 -14.92 9.09
CA SER A 81 1.85 -16.38 9.18
C SER A 81 0.89 -16.87 8.10
N GLY A 82 1.10 -18.11 7.64
CA GLY A 82 0.25 -18.67 6.60
C GLY A 82 0.67 -18.22 5.22
N GLU A 83 0.22 -18.90 4.17
CA GLU A 83 0.60 -18.50 2.82
C GLU A 83 -0.54 -18.60 1.82
N THR A 84 -0.94 -17.43 1.33
CA THR A 84 -1.97 -17.25 0.35
C THR A 84 -1.48 -16.90 -1.01
N GLY A 85 -2.38 -17.11 -1.94
CA GLY A 85 -2.11 -16.80 -3.33
C GLY A 85 -3.38 -16.33 -4.03
N ILE A 86 -3.42 -15.06 -4.44
CA ILE A 86 -4.60 -14.52 -5.10
C ILE A 86 -4.24 -13.45 -6.11
N GLU A 87 -4.93 -13.47 -7.24
CA GLU A 87 -4.62 -12.54 -8.32
C GLU A 87 -5.05 -11.11 -8.00
N GLU A 88 -4.14 -10.22 -8.37
CA GLU A 88 -4.31 -8.79 -8.16
C GLU A 88 -3.49 -7.98 -9.15
N GLY A 89 -3.85 -6.72 -9.35
CA GLY A 89 -3.10 -5.90 -10.27
C GLY A 89 -2.54 -4.71 -9.55
N CYS A 90 -1.52 -4.08 -10.10
CA CYS A 90 -0.90 -2.97 -9.40
C CYS A 90 -1.09 -1.68 -10.17
N LEU A 91 -1.35 -0.62 -9.42
CA LEU A 91 -1.57 0.70 -10.00
C LEU A 91 -0.44 1.06 -11.00
N SER A 92 0.70 0.40 -10.83
CA SER A 92 1.84 0.60 -11.71
C SER A 92 1.66 -0.16 -13.01
N ILE A 93 1.10 -1.37 -12.90
CA ILE A 93 0.85 -2.21 -14.05
C ILE A 93 -0.51 -1.84 -14.66
N PRO A 94 -0.67 -1.98 -15.98
CA PRO A 94 -1.93 -1.62 -16.66
C PRO A 94 -3.08 -2.61 -16.43
N GLU A 95 -3.38 -2.92 -15.15
CA GLU A 95 -4.49 -3.82 -14.80
C GLU A 95 -4.12 -5.29 -14.98
N GLN A 96 -2.84 -5.56 -15.17
CA GLN A 96 -2.39 -6.93 -15.33
C GLN A 96 -2.31 -7.61 -13.97
N ARG A 97 -3.43 -8.19 -13.54
CA ARG A 97 -3.48 -8.86 -12.23
C ARG A 97 -2.98 -10.30 -12.30
N ALA A 98 -2.10 -10.64 -11.35
CA ALA A 98 -1.50 -11.96 -11.25
C ALA A 98 -1.52 -12.42 -9.79
N LEU A 99 -1.49 -13.73 -9.57
CA LEU A 99 -1.55 -14.27 -8.21
C LEU A 99 -0.22 -14.13 -7.48
N VAL A 100 -0.24 -13.31 -6.42
CA VAL A 100 0.95 -13.08 -5.60
C VAL A 100 0.89 -13.82 -4.27
N PRO A 101 1.99 -14.52 -3.88
CA PRO A 101 2.05 -15.26 -2.62
C PRO A 101 2.44 -14.35 -1.44
N ARG A 102 1.62 -14.37 -0.41
CA ARG A 102 1.82 -13.58 0.79
C ARG A 102 1.35 -14.35 2.02
N ALA A 103 1.70 -13.90 3.21
CA ALA A 103 1.29 -14.58 4.42
C ALA A 103 -0.21 -14.46 4.62
N GLU A 104 -0.79 -15.42 5.35
CA GLU A 104 -2.24 -15.47 5.55
C GLU A 104 -2.70 -14.38 6.51
N LYS A 105 -1.94 -14.18 7.59
CA LYS A 105 -2.27 -13.14 8.54
C LYS A 105 -0.98 -12.44 8.99
N VAL A 106 -1.08 -11.14 9.16
CA VAL A 106 0.04 -10.32 9.58
C VAL A 106 -0.38 -9.10 10.40
N LYS A 107 0.38 -8.80 11.46
CA LYS A 107 0.08 -7.66 12.31
C LYS A 107 1.13 -6.58 12.06
N ILE A 108 0.67 -5.36 11.74
CA ILE A 108 1.60 -4.28 11.42
C ILE A 108 1.26 -2.95 12.07
N ARG A 109 2.31 -2.14 12.28
CA ARG A 109 2.17 -0.83 12.91
C ARG A 109 2.23 0.29 11.88
N ALA A 110 1.36 1.27 12.06
CA ALA A 110 1.24 2.39 11.14
C ALA A 110 0.58 3.57 11.79
N LEU A 111 0.64 4.73 11.15
CA LEU A 111 -0.01 5.91 11.66
C LEU A 111 -1.09 6.36 10.68
N ASP A 112 -2.10 7.03 11.18
CA ASP A 112 -3.21 7.44 10.32
C ASP A 112 -2.94 8.79 9.67
N ARG A 113 -3.69 9.08 8.61
CA ARG A 113 -3.54 10.35 7.88
C ARG A 113 -3.60 11.54 8.82
N ASP A 114 -4.14 11.33 10.02
CA ASP A 114 -4.25 12.39 11.01
C ASP A 114 -2.92 12.63 11.72
N GLY A 115 -2.08 11.60 11.81
CA GLY A 115 -0.79 11.75 12.46
C GLY A 115 -0.71 11.05 13.80
N LYS A 116 -1.35 9.89 13.92
CA LYS A 116 -1.32 9.13 15.16
C LYS A 116 -0.92 7.67 14.89
N PRO A 117 0.35 7.29 15.18
CA PRO A 117 0.84 5.92 14.91
C PRO A 117 0.30 4.84 15.86
N PHE A 118 -0.45 3.91 15.29
CA PHE A 118 -1.06 2.83 16.05
C PHE A 118 -0.70 1.49 15.43
N GLU A 119 -0.95 0.41 16.16
CA GLU A 119 -0.64 -0.92 15.65
C GLU A 119 -1.93 -1.63 15.29
N LEU A 120 -1.95 -2.20 14.09
CA LEU A 120 -3.14 -2.90 13.61
C LEU A 120 -2.81 -4.31 13.13
N GLU A 121 -3.62 -5.25 13.56
CA GLU A 121 -3.44 -6.64 13.15
C GLU A 121 -4.31 -6.94 11.94
N ALA A 122 -3.69 -7.41 10.86
CA ALA A 122 -4.43 -7.70 9.65
C ALA A 122 -4.38 -9.18 9.28
N ASP A 123 -5.54 -9.73 8.92
CA ASP A 123 -5.67 -11.13 8.50
C ASP A 123 -6.35 -11.18 7.15
N GLY A 124 -6.28 -12.29 6.38
CA GLY A 124 -6.99 -12.32 5.11
C GLY A 124 -6.76 -11.14 4.21
N LEU A 125 -7.85 -10.64 3.65
CA LEU A 125 -7.83 -9.51 2.74
C LEU A 125 -7.10 -8.32 3.35
N LEU A 126 -7.25 -8.13 4.66
CA LEU A 126 -6.59 -7.01 5.34
C LEU A 126 -5.10 -7.28 5.39
N ALA A 127 -4.77 -8.46 5.89
CA ALA A 127 -3.40 -8.90 6.03
C ALA A 127 -2.66 -8.89 4.71
N ILE A 128 -3.33 -9.35 3.66
CA ILE A 128 -2.71 -9.44 2.34
C ILE A 128 -2.43 -8.06 1.74
N CYS A 129 -3.45 -7.22 1.63
CA CYS A 129 -3.30 -5.90 1.05
C CYS A 129 -2.26 -5.05 1.79
N ILE A 130 -2.41 -4.97 3.11
CA ILE A 130 -1.50 -4.18 3.92
C ILE A 130 -0.05 -4.68 3.78
N GLN A 131 0.14 -6.01 3.82
CA GLN A 131 1.47 -6.58 3.67
C GLN A 131 1.99 -6.33 2.25
N HIS A 132 1.11 -6.49 1.26
CA HIS A 132 1.47 -6.26 -0.15
C HIS A 132 1.97 -4.83 -0.33
N GLU A 133 1.24 -3.89 0.25
CA GLU A 133 1.60 -2.48 0.16
C GLU A 133 2.98 -2.23 0.75
N MET A 134 3.28 -2.86 1.88
CA MET A 134 4.60 -2.70 2.51
C MET A 134 5.70 -3.10 1.52
N ASP A 135 5.50 -4.26 0.91
CA ASP A 135 6.45 -4.76 -0.08
C ASP A 135 6.51 -3.82 -1.28
N HIS A 136 5.35 -3.42 -1.77
CA HIS A 136 5.27 -2.55 -2.92
C HIS A 136 6.00 -1.22 -2.68
N LEU A 137 5.64 -0.57 -1.58
CA LEU A 137 6.24 0.73 -1.25
C LEU A 137 7.76 0.63 -1.12
N VAL A 138 8.27 -0.53 -0.67
CA VAL A 138 9.72 -0.75 -0.57
C VAL A 138 10.27 -1.23 -1.94
N GLY A 139 9.53 -0.87 -2.96
CA GLY A 139 9.86 -1.15 -4.33
C GLY A 139 10.09 -2.59 -4.58
N LYS A 140 9.40 -3.43 -3.84
CA LYS A 140 9.54 -4.83 -4.02
C LYS A 140 8.17 -5.47 -4.20
N LEU A 141 7.81 -5.90 -5.40
CA LEU A 141 6.53 -6.53 -5.63
C LEU A 141 6.78 -7.92 -6.24
N PHE A 142 6.03 -8.93 -5.82
CA PHE A 142 6.23 -10.29 -6.36
C PHE A 142 6.02 -10.33 -7.88
N MET A 143 5.01 -9.61 -8.36
CA MET A 143 4.70 -9.56 -9.79
C MET A 143 5.87 -8.99 -10.59
N ASP A 144 6.68 -8.18 -9.94
CA ASP A 144 7.83 -7.54 -10.56
C ASP A 144 8.74 -8.54 -11.27
N TYR A 145 8.70 -9.79 -10.83
CA TYR A 145 9.55 -10.81 -11.39
C TYR A 145 8.74 -11.97 -11.91
N LEU A 146 7.64 -11.66 -12.60
CA LEU A 146 6.81 -12.70 -13.19
C LEU A 146 7.24 -13.02 -14.61
N SER A 147 7.18 -14.30 -14.97
CA SER A 147 7.56 -14.74 -16.31
C SER A 147 6.56 -14.24 -17.35
ZN ZN B . 0.62 -3.33 -6.01
C5 BB2 C . -2.39 -4.13 -5.81
C3 BB2 C . -1.47 -2.92 -5.71
O4 BB2 C . -1.29 -2.17 -6.67
N1 BB2 C . -0.87 -2.75 -4.54
O2 BB2 C . 0.04 -1.70 -4.42
C6 BB2 C . -3.66 -4.07 -4.92
C12 BB2 C . -4.83 -3.42 -5.62
O13 BB2 C . -5.66 -2.77 -4.98
C7 BB2 C . -3.46 -3.40 -3.56
C8 BB2 C . -3.96 -4.25 -2.41
C9 BB2 C . -4.74 -3.42 -1.40
C10 BB2 C . -3.82 -2.54 -0.58
C11 BB2 C . -4.52 -1.91 0.60
N14 BB2 C . -5.12 -3.97 -6.79
C15 BB2 C . -6.20 -3.44 -7.60
C16 BB2 C . -5.70 -2.31 -8.53
C18 BB2 C . -6.86 -1.64 -9.25
C17 BB2 C . -4.91 -1.29 -7.73
C19 BB2 C . -6.85 -4.54 -8.44
O20 BB2 C . -6.29 -4.84 -9.51
N21 BB2 C . -7.53 -5.51 -7.79
C22 BB2 C . -7.40 -5.67 -6.32
C23 BB2 C . -8.91 -5.83 -8.17
C24 BB2 C . -9.45 -6.62 -7.02
C25 BB2 C . -8.82 -6.01 -5.84
C26 BB2 C . -6.46 -6.86 -6.15
O27 BB2 C . -6.92 -7.99 -6.86
H51 BB2 C . -2.69 -4.22 -6.85
H52 BB2 C . -1.80 -5.00 -5.57
HN1 BB2 C . -1.04 -3.36 -3.80
HO2 BB2 C . -0.21 -1.10 -3.73
H6 BB2 C . -3.94 -5.10 -4.74
H71 BB2 C . -3.98 -2.46 -3.55
H72 BB2 C . -2.41 -3.22 -3.40
H81 BB2 C . -3.13 -4.71 -1.91
H82 BB2 C . -4.62 -5.01 -2.80
H91 BB2 C . -5.28 -4.08 -0.74
H92 BB2 C . -5.44 -2.80 -1.92
H101 BB2 C . -3.43 -1.75 -1.21
H102 BB2 C . -3.00 -3.13 -0.20
H111 BB2 C . -3.79 -1.58 1.31
H112 BB2 C . -5.17 -2.63 1.06
H113 BB2 C . -5.12 -1.06 0.26
H14 BB2 C . -4.46 -4.53 -7.23
H15 BB2 C . -6.94 -3.03 -6.94
H16 BB2 C . -5.05 -2.74 -9.27
H181 BB2 C . -6.73 -0.56 -9.22
H182 BB2 C . -7.79 -1.89 -8.75
H183 BB2 C . -6.89 -1.97 -10.27
H171 BB2 C . -3.86 -1.44 -7.92
H172 BB2 C . -5.11 -1.41 -6.68
H173 BB2 C . -5.19 -0.29 -8.04
H22 BB2 C . -7.01 -4.80 -5.83
H231 BB2 C . -9.48 -4.92 -8.30
H232 BB2 C . -8.93 -6.41 -9.08
H241 BB2 C . -10.53 -6.52 -6.96
H242 BB2 C . -9.17 -7.66 -7.10
H251 BB2 C . -9.33 -5.12 -5.55
H252 BB2 C . -8.77 -6.70 -5.01
H261 BB2 C . -5.49 -6.59 -6.52
H262 BB2 C . -6.38 -7.12 -5.10
H27 BB2 C . -6.30 -8.72 -6.76
#